data_2DJ0
#
_entry.id   2DJ0
#
_entity_poly.entity_id   1
_entity_poly.type   'polypeptide(L)'
_entity_poly.pdbx_seq_one_letter_code
;GSSGSSGYIKYFNDKTIDEELERDKRVTWIVEFFANWSNDCQSFAPIYADLSLKYNCTGLNFGKVDVGRYTDVSTRYKVS
TSPLTKQLPTLILFQGGKEAMRRPQIDKKGRAVSWTFSEENVIREFNLNELSGPSSG
;
_entity_poly.pdbx_strand_id   A
#
# COMPACT_ATOMS: atom_id res chain seq x y z
N GLY A 1 -2.16 -0.50 -28.30
CA GLY A 1 -0.93 -1.05 -27.76
C GLY A 1 -0.66 -0.58 -26.34
N SER A 2 -1.42 -1.12 -25.39
CA SER A 2 -1.26 -0.74 -23.99
C SER A 2 -1.56 0.74 -23.79
N SER A 3 -2.61 1.22 -24.44
CA SER A 3 -3.00 2.62 -24.34
C SER A 3 -4.48 2.74 -23.97
N GLY A 4 -4.74 3.35 -22.81
CA GLY A 4 -6.12 3.52 -22.37
C GLY A 4 -6.36 2.95 -20.99
N SER A 5 -5.67 3.49 -20.00
CA SER A 5 -5.81 3.03 -18.62
C SER A 5 -6.11 4.18 -17.68
N SER A 6 -7.13 4.01 -16.85
CA SER A 6 -7.53 5.04 -15.89
C SER A 6 -7.82 4.43 -14.53
N GLY A 7 -7.24 5.04 -13.49
CA GLY A 7 -7.44 4.55 -12.14
C GLY A 7 -7.55 3.03 -12.08
N TYR A 8 -6.46 2.35 -12.43
CA TYR A 8 -6.45 0.90 -12.42
C TYR A 8 -5.39 0.37 -11.46
N ILE A 9 -5.81 -0.53 -10.56
CA ILE A 9 -4.89 -1.11 -9.59
C ILE A 9 -4.92 -2.64 -9.65
N LYS A 10 -3.79 -3.25 -9.33
CA LYS A 10 -3.68 -4.71 -9.35
C LYS A 10 -3.94 -5.29 -7.96
N TYR A 11 -5.08 -5.96 -7.82
CA TYR A 11 -5.45 -6.57 -6.54
C TYR A 11 -4.68 -7.87 -6.31
N PHE A 12 -4.64 -8.31 -5.06
CA PHE A 12 -3.94 -9.54 -4.70
C PHE A 12 -4.73 -10.34 -3.68
N ASN A 13 -4.75 -11.66 -3.83
CA ASN A 13 -5.47 -12.53 -2.92
C ASN A 13 -4.67 -12.76 -1.64
N ASP A 14 -5.22 -13.55 -0.73
CA ASP A 14 -4.56 -13.85 0.52
C ASP A 14 -3.42 -14.85 0.33
N LYS A 15 -3.51 -15.62 -0.76
CA LYS A 15 -2.49 -16.62 -1.07
C LYS A 15 -1.57 -16.12 -2.17
N THR A 16 -2.15 -15.65 -3.27
CA THR A 16 -1.37 -15.14 -4.39
C THR A 16 -0.44 -14.02 -3.95
N ILE A 17 -0.94 -13.16 -3.07
CA ILE A 17 -0.15 -12.04 -2.56
C ILE A 17 1.27 -12.47 -2.26
N ASP A 18 1.47 -13.76 -2.02
CA ASP A 18 2.79 -14.29 -1.72
C ASP A 18 3.53 -14.66 -2.99
N GLU A 19 2.96 -15.59 -3.76
CA GLU A 19 3.57 -16.03 -5.00
C GLU A 19 3.98 -14.84 -5.86
N GLU A 20 3.12 -13.84 -5.92
CA GLU A 20 3.39 -12.64 -6.71
C GLU A 20 4.62 -11.91 -6.18
N LEU A 21 4.60 -11.58 -4.89
CA LEU A 21 5.73 -10.88 -4.27
C LEU A 21 6.98 -11.74 -4.28
N GLU A 22 6.82 -13.00 -4.67
CA GLU A 22 7.94 -13.94 -4.72
C GLU A 22 8.57 -13.95 -6.11
N ARG A 23 7.77 -13.65 -7.12
CA ARG A 23 8.25 -13.64 -8.49
C ARG A 23 8.68 -12.23 -8.91
N ASP A 24 8.38 -11.25 -8.05
CA ASP A 24 8.73 -9.87 -8.32
C ASP A 24 9.55 -9.28 -7.17
N LYS A 25 10.20 -10.15 -6.41
CA LYS A 25 11.02 -9.73 -5.28
C LYS A 25 11.86 -8.51 -5.65
N ARG A 26 12.89 -8.75 -6.46
CA ARG A 26 13.79 -7.67 -6.89
C ARG A 26 13.00 -6.40 -7.17
N VAL A 27 11.77 -6.56 -7.65
CA VAL A 27 10.92 -5.42 -7.97
C VAL A 27 10.15 -4.95 -6.73
N THR A 28 10.07 -3.63 -6.57
CA THR A 28 9.36 -3.05 -5.43
C THR A 28 7.85 -3.14 -5.61
N TRP A 29 7.14 -3.37 -4.51
CA TRP A 29 5.69 -3.49 -4.55
C TRP A 29 5.06 -2.80 -3.35
N ILE A 30 4.08 -1.94 -3.61
CA ILE A 30 3.40 -1.21 -2.54
C ILE A 30 1.93 -1.62 -2.45
N VAL A 31 1.58 -2.35 -1.39
CA VAL A 31 0.22 -2.80 -1.19
C VAL A 31 -0.47 -1.99 -0.09
N GLU A 32 -1.68 -1.52 -0.39
CA GLU A 32 -2.45 -0.72 0.56
C GLU A 32 -3.50 -1.59 1.27
N PHE A 33 -3.31 -1.82 2.56
CA PHE A 33 -4.23 -2.62 3.35
C PHE A 33 -5.37 -1.76 3.90
N PHE A 34 -6.55 -1.90 3.29
CA PHE A 34 -7.72 -1.14 3.73
C PHE A 34 -8.90 -2.05 3.99
N ALA A 35 -9.89 -1.55 4.73
CA ALA A 35 -11.07 -2.32 5.05
C ALA A 35 -12.31 -1.77 4.33
N ASN A 36 -13.24 -2.66 4.00
CA ASN A 36 -14.46 -2.27 3.31
C ASN A 36 -15.28 -1.32 4.17
N TRP A 37 -15.12 -1.43 5.48
CA TRP A 37 -15.85 -0.58 6.42
C TRP A 37 -15.01 0.61 6.86
N SER A 38 -13.90 0.82 6.16
CA SER A 38 -12.99 1.93 6.48
C SER A 38 -13.46 3.21 5.80
N ASN A 39 -14.05 4.11 6.59
CA ASN A 39 -14.53 5.38 6.07
C ASN A 39 -13.37 6.31 5.72
N ASP A 40 -12.46 6.48 6.67
CA ASP A 40 -11.31 7.34 6.47
C ASP A 40 -10.59 7.00 5.16
N CYS A 41 -10.80 5.77 4.69
CA CYS A 41 -10.17 5.32 3.44
C CYS A 41 -10.79 6.02 2.24
N GLN A 42 -12.09 6.31 2.33
CA GLN A 42 -12.79 6.98 1.24
C GLN A 42 -12.07 8.26 0.83
N SER A 43 -11.47 8.94 1.79
CA SER A 43 -10.75 10.17 1.54
C SER A 43 -9.47 9.91 0.76
N PHE A 44 -8.97 8.68 0.86
CA PHE A 44 -7.75 8.28 0.18
C PHE A 44 -8.05 7.63 -1.16
N ALA A 45 -9.28 7.13 -1.30
CA ALA A 45 -9.70 6.48 -2.54
C ALA A 45 -9.10 7.17 -3.75
N PRO A 46 -9.42 8.46 -3.93
CA PRO A 46 -8.91 9.25 -5.05
C PRO A 46 -7.42 9.55 -4.93
N ILE A 47 -6.96 9.78 -3.71
CA ILE A 47 -5.56 10.06 -3.46
C ILE A 47 -4.66 8.95 -4.01
N TYR A 48 -4.89 7.73 -3.53
CA TYR A 48 -4.11 6.58 -3.97
C TYR A 48 -4.17 6.43 -5.48
N ALA A 49 -5.38 6.40 -6.01
CA ALA A 49 -5.59 6.27 -7.45
C ALA A 49 -4.66 7.20 -8.23
N ASP A 50 -4.67 8.48 -7.86
CA ASP A 50 -3.83 9.47 -8.52
C ASP A 50 -2.36 9.08 -8.43
N LEU A 51 -1.92 8.71 -7.24
CA LEU A 51 -0.53 8.32 -7.02
C LEU A 51 -0.15 7.14 -7.92
N SER A 52 -0.83 6.02 -7.74
CA SER A 52 -0.56 4.82 -8.53
C SER A 52 -0.37 5.18 -9.99
N LEU A 53 -1.42 5.71 -10.61
CA LEU A 53 -1.38 6.09 -12.01
C LEU A 53 -0.06 6.78 -12.35
N LYS A 54 0.40 7.65 -11.45
CA LYS A 54 1.65 8.37 -11.64
C LYS A 54 2.83 7.41 -11.67
N TYR A 55 2.99 6.64 -10.59
CA TYR A 55 4.08 5.69 -10.48
C TYR A 55 3.72 4.36 -11.15
N ASN A 56 2.67 4.40 -11.98
CA ASN A 56 2.22 3.21 -12.69
C ASN A 56 2.98 3.03 -14.00
N CYS A 57 4.23 2.60 -13.91
CA CYS A 57 5.05 2.40 -15.09
C CYS A 57 6.05 1.26 -14.86
N THR A 58 6.91 1.02 -15.85
CA THR A 58 7.89 -0.04 -15.77
C THR A 58 8.86 0.19 -14.61
N GLY A 59 8.73 -0.62 -13.57
CA GLY A 59 9.59 -0.48 -12.41
C GLY A 59 8.84 -0.66 -11.10
N LEU A 60 7.99 0.30 -10.78
CA LEU A 60 7.21 0.25 -9.55
C LEU A 60 5.75 -0.10 -9.85
N ASN A 61 5.20 -1.01 -9.06
CA ASN A 61 3.82 -1.44 -9.23
C ASN A 61 2.99 -1.13 -7.98
N PHE A 62 1.68 -1.00 -8.16
CA PHE A 62 0.78 -0.70 -7.04
C PHE A 62 -0.25 -1.80 -6.89
N GLY A 63 -0.64 -2.07 -5.64
CA GLY A 63 -1.63 -3.11 -5.37
C GLY A 63 -2.54 -2.74 -4.22
N LYS A 64 -3.58 -3.54 -4.01
CA LYS A 64 -4.53 -3.31 -2.94
C LYS A 64 -5.17 -4.61 -2.47
N VAL A 65 -5.17 -4.84 -1.17
CA VAL A 65 -5.74 -6.04 -0.60
C VAL A 65 -6.66 -5.72 0.58
N ASP A 66 -7.96 -5.71 0.31
CA ASP A 66 -8.95 -5.41 1.35
C ASP A 66 -8.81 -6.37 2.53
N VAL A 67 -8.22 -5.89 3.61
CA VAL A 67 -8.02 -6.71 4.81
C VAL A 67 -9.30 -6.78 5.63
N GLY A 68 -10.07 -5.69 5.63
CA GLY A 68 -11.30 -5.66 6.38
C GLY A 68 -12.10 -6.93 6.25
N ARG A 69 -11.87 -7.68 5.18
CA ARG A 69 -12.57 -8.93 4.93
C ARG A 69 -11.60 -10.11 4.93
N TYR A 70 -10.40 -9.88 4.43
CA TYR A 70 -9.38 -10.92 4.37
C TYR A 70 -8.68 -11.08 5.71
N THR A 71 -9.39 -11.61 6.70
CA THR A 71 -8.84 -11.81 8.03
C THR A 71 -7.61 -12.72 7.99
N ASP A 72 -7.47 -13.46 6.90
CA ASP A 72 -6.34 -14.37 6.73
C ASP A 72 -5.06 -13.58 6.46
N VAL A 73 -5.19 -12.43 5.82
CA VAL A 73 -4.05 -11.59 5.50
C VAL A 73 -3.66 -10.72 6.68
N SER A 74 -4.57 -9.83 7.09
CA SER A 74 -4.31 -8.93 8.21
C SER A 74 -3.60 -9.67 9.34
N THR A 75 -4.14 -10.82 9.74
CA THR A 75 -3.56 -11.61 10.80
C THR A 75 -2.11 -11.99 10.49
N ARG A 76 -1.84 -12.24 9.22
CA ARG A 76 -0.50 -12.61 8.78
C ARG A 76 0.39 -11.38 8.69
N TYR A 77 -0.21 -10.22 8.45
CA TYR A 77 0.52 -8.97 8.33
C TYR A 77 0.37 -8.13 9.59
N LYS A 78 0.05 -8.78 10.70
CA LYS A 78 -0.13 -8.10 11.97
C LYS A 78 -0.83 -6.75 11.77
N VAL A 79 -1.93 -6.77 11.04
CA VAL A 79 -2.69 -5.55 10.77
C VAL A 79 -4.07 -5.60 11.44
N SER A 80 -4.16 -5.00 12.63
CA SER A 80 -5.42 -4.98 13.37
C SER A 80 -6.55 -4.42 12.52
N THR A 81 -7.67 -5.12 12.50
CA THR A 81 -8.83 -4.69 11.72
C THR A 81 -9.97 -4.22 12.63
N SER A 82 -9.64 -3.33 13.57
CA SER A 82 -10.63 -2.81 14.50
C SER A 82 -10.99 -1.37 14.16
N PRO A 83 -12.26 -1.01 14.39
CA PRO A 83 -12.76 0.34 14.12
C PRO A 83 -12.18 1.38 15.07
N LEU A 84 -11.40 0.92 16.04
CA LEU A 84 -10.78 1.81 17.02
C LEU A 84 -9.31 2.03 16.71
N THR A 85 -8.60 0.94 16.40
CA THR A 85 -7.19 1.02 16.08
C THR A 85 -6.92 1.99 14.93
N LYS A 86 -5.65 2.26 14.66
CA LYS A 86 -5.28 3.18 13.59
C LYS A 86 -4.41 2.47 12.54
N GLN A 87 -4.74 1.21 12.27
CA GLN A 87 -3.99 0.42 11.30
C GLN A 87 -4.75 0.35 9.97
N LEU A 88 -5.61 1.33 9.73
CA LEU A 88 -6.39 1.38 8.50
C LEU A 88 -6.78 2.81 8.16
N PRO A 89 -6.42 3.24 6.93
CA PRO A 89 -5.68 2.39 5.98
C PRO A 89 -4.25 2.12 6.43
N THR A 90 -3.53 1.34 5.63
CA THR A 90 -2.15 1.00 5.95
C THR A 90 -1.33 0.79 4.67
N LEU A 91 -0.08 1.24 4.70
CA LEU A 91 0.81 1.10 3.54
C LEU A 91 2.10 0.40 3.94
N ILE A 92 2.56 -0.51 3.08
CA ILE A 92 3.80 -1.24 3.33
C ILE A 92 4.66 -1.31 2.08
N LEU A 93 5.95 -1.02 2.25
CA LEU A 93 6.89 -1.04 1.13
C LEU A 93 7.72 -2.32 1.14
N PHE A 94 7.68 -3.07 0.05
CA PHE A 94 8.43 -4.31 -0.06
C PHE A 94 9.54 -4.19 -1.10
N GLN A 95 10.78 -4.37 -0.66
CA GLN A 95 11.93 -4.27 -1.54
C GLN A 95 12.73 -5.57 -1.54
N GLY A 96 12.67 -6.31 -2.64
CA GLY A 96 13.40 -7.57 -2.73
C GLY A 96 12.81 -8.65 -1.86
N GLY A 97 11.50 -8.56 -1.61
CA GLY A 97 10.84 -9.54 -0.79
C GLY A 97 11.08 -9.31 0.70
N LYS A 98 11.30 -8.05 1.07
CA LYS A 98 11.54 -7.69 2.46
C LYS A 98 10.79 -6.41 2.83
N GLU A 99 10.09 -6.44 3.96
CA GLU A 99 9.34 -5.29 4.42
C GLU A 99 10.28 -4.13 4.75
N ALA A 100 10.55 -3.29 3.74
CA ALA A 100 11.42 -2.14 3.92
C ALA A 100 10.92 -1.23 5.02
N MET A 101 9.65 -0.86 4.96
CA MET A 101 9.04 0.01 5.96
C MET A 101 7.53 0.00 5.85
N ARG A 102 6.86 0.52 6.88
CA ARG A 102 5.41 0.56 6.89
C ARG A 102 4.91 1.74 7.73
N ARG A 103 3.68 2.16 7.47
CA ARG A 103 3.08 3.28 8.20
C ARG A 103 1.58 3.10 8.36
N PRO A 104 1.04 3.53 9.50
CA PRO A 104 1.84 4.18 10.56
C PRO A 104 2.76 3.19 11.26
N GLN A 105 3.83 3.70 11.87
CA GLN A 105 4.79 2.86 12.58
C GLN A 105 4.20 2.36 13.89
N ILE A 106 4.60 1.14 14.29
CA ILE A 106 4.12 0.55 15.53
C ILE A 106 5.07 0.82 16.68
N ASP A 107 4.54 1.31 17.79
CA ASP A 107 5.35 1.61 18.96
C ASP A 107 5.77 0.33 19.67
N LYS A 108 6.74 0.44 20.57
CA LYS A 108 7.24 -0.71 21.32
C LYS A 108 6.08 -1.49 21.93
N LYS A 109 5.26 -0.81 22.71
CA LYS A 109 4.11 -1.45 23.35
C LYS A 109 3.27 -2.21 22.33
N GLY A 110 2.99 -1.57 21.20
CA GLY A 110 2.20 -2.20 20.16
C GLY A 110 1.02 -1.35 19.73
N ARG A 111 1.26 -0.07 19.52
CA ARG A 111 0.22 0.86 19.11
C ARG A 111 0.65 1.67 17.89
N ALA A 112 -0.27 1.87 16.95
CA ALA A 112 0.01 2.62 15.74
C ALA A 112 0.19 4.11 16.05
N VAL A 113 1.35 4.65 15.70
CA VAL A 113 1.63 6.06 15.94
C VAL A 113 0.73 6.95 15.10
N SER A 114 0.18 7.98 15.74
CA SER A 114 -0.71 8.91 15.05
C SER A 114 0.04 9.66 13.93
N TRP A 115 -0.04 9.13 12.72
CA TRP A 115 0.62 9.73 11.57
C TRP A 115 -0.40 10.27 10.58
N THR A 116 -0.09 11.41 9.98
CA THR A 116 -0.99 12.03 9.01
C THR A 116 -0.99 11.25 7.70
N PHE A 117 -2.16 11.19 7.06
CA PHE A 117 -2.30 10.48 5.80
C PHE A 117 -2.48 11.45 4.64
N SER A 118 -1.40 11.73 3.93
CA SER A 118 -1.44 12.66 2.80
C SER A 118 -0.44 12.23 1.72
N GLU A 119 -0.64 12.77 0.51
CA GLU A 119 0.25 12.44 -0.61
C GLU A 119 1.64 13.00 -0.37
N GLU A 120 1.72 14.22 0.16
CA GLU A 120 2.99 14.86 0.42
C GLU A 120 3.79 14.07 1.46
N ASN A 121 3.09 13.55 2.46
CA ASN A 121 3.74 12.78 3.52
C ASN A 121 4.11 11.38 3.02
N VAL A 122 3.23 10.79 2.23
CA VAL A 122 3.47 9.46 1.69
C VAL A 122 4.66 9.46 0.73
N ILE A 123 4.59 10.31 -0.29
CA ILE A 123 5.66 10.42 -1.27
C ILE A 123 7.01 10.66 -0.60
N ARG A 124 7.01 11.54 0.40
CA ARG A 124 8.23 11.86 1.13
C ARG A 124 8.69 10.68 1.98
N GLU A 125 7.85 10.28 2.94
CA GLU A 125 8.16 9.16 3.82
C GLU A 125 8.67 7.96 3.02
N PHE A 126 7.86 7.52 2.06
CA PHE A 126 8.22 6.38 1.23
C PHE A 126 9.29 6.77 0.20
N ASN A 127 9.40 8.07 -0.06
CA ASN A 127 10.36 8.59 -1.02
C ASN A 127 10.08 8.05 -2.42
N LEU A 128 8.79 7.91 -2.74
CA LEU A 128 8.39 7.41 -4.05
C LEU A 128 9.14 8.13 -5.16
N ASN A 129 9.02 9.45 -5.21
CA ASN A 129 9.69 10.24 -6.22
C ASN A 129 11.12 9.75 -6.45
N GLU A 130 11.74 9.26 -5.38
CA GLU A 130 13.10 8.75 -5.46
C GLU A 130 13.13 7.32 -5.96
N LEU A 131 12.26 6.49 -5.39
CA LEU A 131 12.17 5.08 -5.78
C LEU A 131 12.06 4.94 -7.29
N SER A 132 10.89 5.27 -7.82
CA SER A 132 10.64 5.18 -9.26
C SER A 132 11.17 6.42 -9.98
N GLY A 133 12.37 6.85 -9.61
CA GLY A 133 12.97 8.02 -10.22
C GLY A 133 12.06 9.23 -10.14
N PRO A 134 12.61 10.41 -10.49
CA PRO A 134 11.88 11.68 -10.45
C PRO A 134 10.81 11.75 -11.55
N SER A 135 9.80 12.59 -11.32
CA SER A 135 8.72 12.75 -12.28
C SER A 135 9.24 13.32 -13.60
N SER A 136 9.95 14.45 -13.50
CA SER A 136 10.50 15.10 -14.68
C SER A 136 10.96 14.08 -15.72
N GLY A 137 10.45 14.20 -16.93
CA GLY A 137 10.82 13.28 -17.99
C GLY A 137 12.32 13.10 -18.12
N GLY A 1 -5.62 -5.21 -23.80
CA GLY A 1 -5.85 -4.05 -22.97
C GLY A 1 -5.07 -2.84 -23.44
N SER A 2 -5.11 -1.77 -22.64
CA SER A 2 -4.39 -0.54 -22.98
C SER A 2 -3.31 -0.23 -21.95
N SER A 3 -2.12 0.08 -22.44
CA SER A 3 -0.99 0.38 -21.56
C SER A 3 -1.32 1.56 -20.66
N GLY A 4 -2.20 2.44 -21.13
CA GLY A 4 -2.60 3.60 -20.34
C GLY A 4 -4.03 3.54 -19.87
N SER A 5 -4.28 2.71 -18.86
CA SER A 5 -5.62 2.55 -18.32
C SER A 5 -5.93 3.63 -17.28
N SER A 6 -7.19 4.03 -17.19
CA SER A 6 -7.62 5.05 -16.24
C SER A 6 -7.76 4.47 -14.84
N GLY A 7 -7.04 5.04 -13.89
CA GLY A 7 -7.12 4.56 -12.52
C GLY A 7 -7.31 3.06 -12.43
N TYR A 8 -6.22 2.32 -12.54
CA TYR A 8 -6.28 0.85 -12.48
C TYR A 8 -5.35 0.32 -11.40
N ILE A 9 -5.91 -0.49 -10.50
CA ILE A 9 -5.13 -1.07 -9.41
C ILE A 9 -5.15 -2.59 -9.48
N LYS A 10 -4.00 -3.21 -9.27
CA LYS A 10 -3.88 -4.66 -9.30
C LYS A 10 -4.22 -5.26 -7.94
N TYR A 11 -5.45 -5.75 -7.80
CA TYR A 11 -5.90 -6.35 -6.55
C TYR A 11 -5.23 -7.71 -6.33
N PHE A 12 -4.67 -7.89 -5.14
CA PHE A 12 -3.99 -9.14 -4.81
C PHE A 12 -4.83 -9.95 -3.82
N ASN A 13 -4.56 -11.25 -3.75
CA ASN A 13 -5.28 -12.14 -2.85
C ASN A 13 -4.46 -12.43 -1.60
N ASP A 14 -5.02 -13.25 -0.71
CA ASP A 14 -4.34 -13.61 0.53
C ASP A 14 -3.19 -14.58 0.25
N LYS A 15 -3.34 -15.37 -0.81
CA LYS A 15 -2.32 -16.34 -1.18
C LYS A 15 -1.42 -15.79 -2.28
N THR A 16 -2.03 -15.38 -3.38
CA THR A 16 -1.28 -14.83 -4.51
C THR A 16 -0.29 -13.76 -4.06
N ILE A 17 -0.74 -12.90 -3.14
CA ILE A 17 0.11 -11.84 -2.62
C ILE A 17 1.53 -12.32 -2.40
N ASP A 18 1.68 -13.63 -2.18
CA ASP A 18 2.98 -14.22 -1.95
C ASP A 18 3.67 -14.54 -3.27
N GLU A 19 3.02 -15.38 -4.08
CA GLU A 19 3.58 -15.78 -5.37
C GLU A 19 4.00 -14.55 -6.17
N GLU A 20 3.21 -13.49 -6.10
CA GLU A 20 3.50 -12.26 -6.82
C GLU A 20 4.76 -11.61 -6.28
N LEU A 21 4.75 -11.26 -5.00
CA LEU A 21 5.90 -10.63 -4.36
C LEU A 21 7.12 -11.54 -4.41
N GLU A 22 6.88 -12.84 -4.54
CA GLU A 22 7.96 -13.82 -4.60
C GLU A 22 8.68 -13.76 -5.94
N ARG A 23 7.90 -13.81 -7.01
CA ARG A 23 8.46 -13.77 -8.36
C ARG A 23 8.94 -12.36 -8.70
N ASP A 24 8.14 -11.36 -8.34
CA ASP A 24 8.49 -9.97 -8.60
C ASP A 24 9.24 -9.36 -7.43
N LYS A 25 9.92 -10.21 -6.66
CA LYS A 25 10.68 -9.76 -5.50
C LYS A 25 11.53 -8.54 -5.84
N ARG A 26 12.55 -8.75 -6.67
CA ARG A 26 13.44 -7.67 -7.08
C ARG A 26 12.65 -6.39 -7.35
N VAL A 27 11.42 -6.55 -7.83
CA VAL A 27 10.57 -5.41 -8.14
C VAL A 27 9.89 -4.89 -6.88
N THR A 28 9.92 -3.57 -6.70
CA THR A 28 9.31 -2.93 -5.55
C THR A 28 7.80 -2.87 -5.69
N TRP A 29 7.09 -3.60 -4.83
CA TRP A 29 5.64 -3.62 -4.87
C TRP A 29 5.05 -2.88 -3.67
N ILE A 30 4.19 -1.91 -3.94
CA ILE A 30 3.56 -1.12 -2.89
C ILE A 30 2.08 -1.48 -2.74
N VAL A 31 1.75 -2.20 -1.69
CA VAL A 31 0.37 -2.61 -1.43
C VAL A 31 -0.28 -1.69 -0.39
N GLU A 32 -1.59 -1.48 -0.55
CA GLU A 32 -2.33 -0.63 0.37
C GLU A 32 -3.44 -1.42 1.07
N PHE A 33 -3.22 -1.71 2.35
CA PHE A 33 -4.19 -2.45 3.14
C PHE A 33 -5.33 -1.55 3.60
N PHE A 34 -6.56 -2.02 3.42
CA PHE A 34 -7.74 -1.26 3.82
C PHE A 34 -8.89 -2.19 4.19
N ALA A 35 -9.95 -1.61 4.73
CA ALA A 35 -11.13 -2.39 5.12
C ALA A 35 -12.40 -1.80 4.53
N ASN A 36 -13.42 -2.64 4.38
CA ASN A 36 -14.69 -2.20 3.82
C ASN A 36 -15.48 -1.37 4.82
N TRP A 37 -15.39 -1.76 6.09
CA TRP A 37 -16.08 -1.06 7.16
C TRP A 37 -15.26 0.12 7.67
N SER A 38 -14.32 0.58 6.84
CA SER A 38 -13.47 1.71 7.21
C SER A 38 -13.69 2.88 6.27
N ASN A 39 -14.66 3.72 6.61
CA ASN A 39 -14.98 4.90 5.80
C ASN A 39 -13.72 5.73 5.54
N ASP A 40 -12.85 5.82 6.54
CA ASP A 40 -11.61 6.58 6.42
C ASP A 40 -10.97 6.35 5.06
N CYS A 41 -11.01 5.11 4.59
CA CYS A 41 -10.43 4.76 3.29
C CYS A 41 -10.95 5.67 2.20
N GLN A 42 -12.25 5.97 2.24
CA GLN A 42 -12.86 6.83 1.25
C GLN A 42 -12.07 8.12 1.06
N SER A 43 -11.39 8.54 2.13
CA SER A 43 -10.58 9.75 2.08
C SER A 43 -9.37 9.57 1.18
N PHE A 44 -8.62 8.50 1.42
CA PHE A 44 -7.42 8.20 0.63
C PHE A 44 -7.77 7.34 -0.58
N ALA A 45 -9.07 7.24 -0.87
CA ALA A 45 -9.52 6.44 -2.00
C ALA A 45 -8.99 6.99 -3.32
N PRO A 46 -9.33 8.26 -3.61
CA PRO A 46 -8.89 8.93 -4.84
C PRO A 46 -7.40 9.23 -4.83
N ILE A 47 -6.88 9.65 -3.68
CA ILE A 47 -5.47 9.97 -3.56
C ILE A 47 -4.59 8.79 -3.97
N TYR A 48 -4.99 7.59 -3.55
CA TYR A 48 -4.25 6.38 -3.88
C TYR A 48 -4.29 6.11 -5.39
N ALA A 49 -5.46 6.28 -5.98
CA ALA A 49 -5.64 6.06 -7.40
C ALA A 49 -4.73 6.97 -8.22
N ASP A 50 -4.75 8.26 -7.89
CA ASP A 50 -3.94 9.24 -8.59
C ASP A 50 -2.45 8.91 -8.44
N LEU A 51 -2.02 8.70 -7.20
CA LEU A 51 -0.63 8.37 -6.93
C LEU A 51 -0.21 7.10 -7.66
N SER A 52 -0.93 6.02 -7.41
CA SER A 52 -0.64 4.73 -8.05
C SER A 52 -0.35 4.92 -9.54
N LEU A 53 -1.31 5.48 -10.25
CA LEU A 53 -1.17 5.71 -11.69
C LEU A 53 0.19 6.33 -12.00
N LYS A 54 0.48 7.45 -11.35
CA LYS A 54 1.75 8.14 -11.55
C LYS A 54 2.93 7.19 -11.38
N TYR A 55 2.91 6.43 -10.29
CA TYR A 55 3.98 5.47 -10.00
C TYR A 55 3.69 4.13 -10.66
N ASN A 56 2.79 4.13 -11.64
CA ASN A 56 2.43 2.91 -12.35
C ASN A 56 2.50 3.12 -13.86
N CYS A 57 3.66 2.81 -14.44
CA CYS A 57 3.85 2.96 -15.87
C CYS A 57 4.42 1.68 -16.48
N THR A 58 5.46 1.14 -15.85
CA THR A 58 6.10 -0.08 -16.33
C THR A 58 6.34 -1.06 -15.19
N GLY A 59 7.34 -0.78 -14.37
CA GLY A 59 7.65 -1.64 -13.25
C GLY A 59 6.84 -1.31 -12.01
N LEU A 60 7.27 -0.28 -11.28
CA LEU A 60 6.58 0.13 -10.06
C LEU A 60 5.06 0.02 -10.24
N ASN A 61 4.46 -0.89 -9.47
CA ASN A 61 3.02 -1.10 -9.53
C ASN A 61 2.37 -0.78 -8.19
N PHE A 62 1.04 -0.73 -8.18
CA PHE A 62 0.29 -0.44 -6.97
C PHE A 62 -0.81 -1.47 -6.74
N GLY A 63 -0.78 -2.12 -5.58
CA GLY A 63 -1.79 -3.12 -5.27
C GLY A 63 -2.63 -2.74 -4.07
N LYS A 64 -3.86 -3.24 -4.05
CA LYS A 64 -4.79 -2.94 -2.95
C LYS A 64 -5.56 -4.19 -2.54
N VAL A 65 -5.30 -4.65 -1.32
CA VAL A 65 -5.97 -5.84 -0.80
C VAL A 65 -6.84 -5.50 0.40
N ASP A 66 -8.09 -5.95 0.36
CA ASP A 66 -9.03 -5.69 1.45
C ASP A 66 -8.76 -6.61 2.63
N VAL A 67 -8.25 -6.04 3.71
CA VAL A 67 -7.95 -6.81 4.91
C VAL A 67 -9.15 -6.90 5.83
N GLY A 68 -9.92 -5.83 5.89
CA GLY A 68 -11.11 -5.81 6.74
C GLY A 68 -11.91 -7.08 6.64
N ARG A 69 -11.94 -7.67 5.44
CA ARG A 69 -12.67 -8.91 5.23
C ARG A 69 -11.74 -10.12 5.23
N TYR A 70 -10.53 -9.92 4.68
CA TYR A 70 -9.54 -10.99 4.62
C TYR A 70 -8.80 -11.12 5.95
N THR A 71 -9.41 -11.81 6.90
CA THR A 71 -8.81 -12.02 8.21
C THR A 71 -7.49 -12.78 8.10
N ASP A 72 -7.32 -13.51 7.00
CA ASP A 72 -6.11 -14.28 6.77
C ASP A 72 -4.91 -13.36 6.54
N VAL A 73 -5.12 -12.31 5.75
CA VAL A 73 -4.06 -11.35 5.46
C VAL A 73 -3.71 -10.52 6.69
N SER A 74 -4.67 -9.71 7.13
CA SER A 74 -4.47 -8.86 8.30
C SER A 74 -3.57 -9.54 9.33
N THR A 75 -4.09 -10.63 9.90
CA THR A 75 -3.34 -11.38 10.91
C THR A 75 -1.93 -11.69 10.43
N ARG A 76 -1.80 -11.99 9.15
CA ARG A 76 -0.50 -12.30 8.57
C ARG A 76 0.44 -11.10 8.64
N TYR A 77 -0.09 -9.92 8.34
CA TYR A 77 0.69 -8.69 8.37
C TYR A 77 0.45 -7.93 9.67
N LYS A 78 0.15 -8.67 10.74
CA LYS A 78 -0.09 -8.05 12.04
C LYS A 78 -0.88 -6.76 11.89
N VAL A 79 -1.93 -6.79 11.08
CA VAL A 79 -2.76 -5.62 10.86
C VAL A 79 -4.08 -5.73 11.61
N SER A 80 -4.12 -5.15 12.81
CA SER A 80 -5.33 -5.20 13.64
C SER A 80 -6.54 -4.70 12.85
N THR A 81 -7.61 -5.50 12.87
CA THR A 81 -8.83 -5.14 12.17
C THR A 81 -9.92 -4.70 13.13
N SER A 82 -9.51 -4.13 14.26
CA SER A 82 -10.45 -3.66 15.28
C SER A 82 -11.15 -2.39 14.82
N PRO A 83 -12.37 -2.17 15.33
CA PRO A 83 -13.17 -0.98 15.00
C PRO A 83 -12.58 0.30 15.59
N LEU A 84 -11.99 0.19 16.77
CA LEU A 84 -11.38 1.33 17.43
C LEU A 84 -9.86 1.29 17.32
N THR A 85 -9.37 1.16 16.10
CA THR A 85 -7.92 1.11 15.86
C THR A 85 -7.50 2.17 14.84
N LYS A 86 -6.19 2.31 14.66
CA LYS A 86 -5.65 3.29 13.72
C LYS A 86 -4.68 2.62 12.75
N GLN A 87 -5.07 1.47 12.22
CA GLN A 87 -4.22 0.74 11.28
C GLN A 87 -4.91 0.61 9.93
N LEU A 88 -5.72 1.61 9.59
CA LEU A 88 -6.44 1.61 8.30
C LEU A 88 -6.77 3.03 7.87
N PRO A 89 -6.35 3.39 6.65
CA PRO A 89 -5.60 2.49 5.77
C PRO A 89 -4.19 2.22 6.29
N THR A 90 -3.42 1.47 5.51
CA THR A 90 -2.05 1.13 5.88
C THR A 90 -1.18 0.89 4.66
N LEU A 91 -0.15 1.71 4.50
CA LEU A 91 0.75 1.59 3.36
C LEU A 91 2.06 0.92 3.78
N ILE A 92 2.51 -0.04 2.99
CA ILE A 92 3.75 -0.75 3.26
C ILE A 92 4.53 -1.02 1.99
N LEU A 93 5.83 -0.69 2.02
CA LEU A 93 6.70 -0.89 0.87
C LEU A 93 7.39 -2.24 0.94
N PHE A 94 7.27 -3.03 -0.12
CA PHE A 94 7.89 -4.35 -0.17
C PHE A 94 9.09 -4.34 -1.12
N GLN A 95 10.28 -4.59 -0.56
CA GLN A 95 11.50 -4.61 -1.36
C GLN A 95 12.09 -6.01 -1.40
N GLY A 96 11.69 -6.80 -2.40
CA GLY A 96 12.19 -8.15 -2.52
C GLY A 96 11.51 -9.12 -1.58
N GLY A 97 10.19 -9.02 -1.49
CA GLY A 97 9.44 -9.89 -0.61
C GLY A 97 9.73 -9.64 0.85
N LYS A 98 10.12 -8.40 1.17
CA LYS A 98 10.43 -8.03 2.55
C LYS A 98 9.65 -6.79 2.96
N GLU A 99 9.78 -6.41 4.23
CA GLU A 99 9.09 -5.25 4.76
C GLU A 99 10.07 -4.11 5.05
N ALA A 100 10.25 -3.22 4.08
CA ALA A 100 11.16 -2.10 4.24
C ALA A 100 10.65 -1.13 5.30
N MET A 101 9.42 -0.66 5.12
CA MET A 101 8.82 0.28 6.08
C MET A 101 7.30 0.15 6.07
N ARG A 102 6.67 0.59 7.15
CA ARG A 102 5.22 0.53 7.28
C ARG A 102 4.68 1.75 8.02
N ARG A 103 3.52 2.24 7.57
CA ARG A 103 2.91 3.41 8.20
C ARG A 103 1.40 3.22 8.32
N PRO A 104 0.82 3.73 9.42
CA PRO A 104 1.58 4.44 10.45
C PRO A 104 2.48 3.50 11.24
N GLN A 105 3.57 4.05 11.78
CA GLN A 105 4.52 3.27 12.57
C GLN A 105 3.98 3.02 13.97
N ILE A 106 4.31 1.85 14.51
CA ILE A 106 3.87 1.49 15.86
C ILE A 106 4.88 1.90 16.91
N ASP A 107 4.45 2.74 17.84
CA ASP A 107 5.34 3.22 18.90
C ASP A 107 5.76 2.07 19.82
N LYS A 108 6.69 2.35 20.72
CA LYS A 108 7.18 1.34 21.66
C LYS A 108 6.02 0.54 22.25
N LYS A 109 5.26 1.17 23.13
CA LYS A 109 4.12 0.52 23.77
C LYS A 109 3.46 -0.48 22.81
N GLY A 110 3.22 -0.03 21.58
CA GLY A 110 2.60 -0.90 20.60
C GLY A 110 1.33 -0.30 20.01
N ARG A 111 1.35 1.02 19.82
CA ARG A 111 0.19 1.72 19.27
C ARG A 111 0.56 2.44 17.98
N ALA A 112 -0.45 2.74 17.16
CA ALA A 112 -0.24 3.44 15.90
C ALA A 112 0.04 4.92 16.12
N VAL A 113 1.04 5.45 15.43
CA VAL A 113 1.41 6.85 15.56
C VAL A 113 0.54 7.72 14.66
N SER A 114 0.07 8.84 15.21
CA SER A 114 -0.77 9.77 14.47
C SER A 114 0.01 10.44 13.35
N TRP A 115 0.09 9.78 12.21
CA TRP A 115 0.82 10.32 11.06
C TRP A 115 -0.14 10.95 10.05
N THR A 116 0.31 12.01 9.40
CA THR A 116 -0.51 12.71 8.42
C THR A 116 -0.60 11.91 7.12
N PHE A 117 -1.82 11.70 6.65
CA PHE A 117 -2.06 10.95 5.42
C PHE A 117 -2.27 11.89 4.24
N SER A 118 -1.18 12.29 3.60
CA SER A 118 -1.26 13.20 2.46
C SER A 118 -0.33 12.73 1.33
N GLU A 119 -0.44 13.38 0.18
CA GLU A 119 0.37 13.03 -0.97
C GLU A 119 1.86 13.30 -0.69
N GLU A 120 2.19 14.58 -0.50
CA GLU A 120 3.57 14.97 -0.23
C GLU A 120 4.21 14.02 0.79
N ASN A 121 3.54 13.84 1.92
CA ASN A 121 4.06 12.97 2.97
C ASN A 121 4.34 11.56 2.42
N VAL A 122 3.29 10.89 1.99
CA VAL A 122 3.43 9.54 1.44
C VAL A 122 4.65 9.45 0.53
N ILE A 123 4.79 10.40 -0.37
CA ILE A 123 5.91 10.43 -1.30
C ILE A 123 7.23 10.60 -0.56
N ARG A 124 7.23 11.44 0.47
CA ARG A 124 8.42 11.68 1.26
C ARG A 124 8.74 10.48 2.16
N GLU A 125 7.87 10.22 3.13
CA GLU A 125 8.06 9.11 4.05
C GLU A 125 8.57 7.88 3.31
N PHE A 126 7.82 7.45 2.29
CA PHE A 126 8.19 6.28 1.51
C PHE A 126 9.34 6.61 0.56
N ASN A 127 9.46 7.88 0.21
CA ASN A 127 10.52 8.33 -0.69
C ASN A 127 10.38 7.67 -2.06
N LEU A 128 9.14 7.53 -2.53
CA LEU A 128 8.86 6.92 -3.82
C LEU A 128 9.64 7.61 -4.93
N ASN A 129 9.48 8.93 -5.02
CA ASN A 129 10.17 9.72 -6.03
C ASN A 129 11.58 9.17 -6.28
N GLU A 130 12.29 8.90 -5.20
CA GLU A 130 13.65 8.38 -5.30
C GLU A 130 13.65 6.94 -5.81
N LEU A 131 12.67 6.17 -5.37
CA LEU A 131 12.55 4.77 -5.79
C LEU A 131 12.40 4.67 -7.31
N SER A 132 11.38 5.33 -7.83
CA SER A 132 11.12 5.32 -9.27
C SER A 132 12.33 5.81 -10.05
N GLY A 133 12.39 5.46 -11.33
CA GLY A 133 13.50 5.87 -12.17
C GLY A 133 13.27 7.22 -12.81
N PRO A 134 14.29 7.72 -13.53
CA PRO A 134 14.22 9.01 -14.21
C PRO A 134 13.25 9.00 -15.39
N SER A 135 12.65 7.83 -15.65
CA SER A 135 11.71 7.68 -16.75
C SER A 135 10.79 8.90 -16.85
N SER A 136 10.45 9.27 -18.08
CA SER A 136 9.58 10.42 -18.31
C SER A 136 8.20 9.97 -18.79
N GLY A 137 7.17 10.71 -18.36
CA GLY A 137 5.81 10.36 -18.75
C GLY A 137 5.05 11.56 -19.28
N GLY A 1 -7.25 3.63 -25.98
CA GLY A 1 -7.93 3.08 -24.82
C GLY A 1 -9.29 3.71 -24.59
N SER A 2 -10.34 2.99 -24.97
CA SER A 2 -11.70 3.49 -24.79
C SER A 2 -12.06 3.61 -23.31
N SER A 3 -11.70 2.59 -22.54
CA SER A 3 -11.99 2.58 -21.12
C SER A 3 -11.81 3.96 -20.51
N GLY A 4 -12.92 4.58 -20.13
CA GLY A 4 -12.87 5.92 -19.54
C GLY A 4 -11.90 5.99 -18.38
N SER A 5 -12.27 5.36 -17.26
CA SER A 5 -11.43 5.37 -16.07
C SER A 5 -9.98 5.02 -16.41
N SER A 6 -9.05 5.78 -15.84
CA SER A 6 -7.63 5.55 -16.10
C SER A 6 -6.99 4.77 -14.94
N GLY A 7 -7.14 5.30 -13.73
CA GLY A 7 -6.57 4.65 -12.56
C GLY A 7 -6.79 3.15 -12.58
N TYR A 8 -5.69 2.40 -12.61
CA TYR A 8 -5.77 0.94 -12.63
C TYR A 8 -4.97 0.34 -11.47
N ILE A 9 -5.67 -0.31 -10.56
CA ILE A 9 -5.03 -0.93 -9.40
C ILE A 9 -5.07 -2.46 -9.50
N LYS A 10 -3.92 -3.09 -9.31
CA LYS A 10 -3.82 -4.54 -9.38
C LYS A 10 -4.14 -5.17 -8.03
N TYR A 11 -5.24 -5.92 -7.97
CA TYR A 11 -5.66 -6.58 -6.74
C TYR A 11 -4.77 -7.79 -6.45
N PHE A 12 -4.87 -8.30 -5.22
CA PHE A 12 -4.09 -9.46 -4.81
C PHE A 12 -4.83 -10.26 -3.74
N ASN A 13 -4.62 -11.57 -3.76
CA ASN A 13 -5.27 -12.45 -2.79
C ASN A 13 -4.30 -12.81 -1.66
N ASP A 14 -4.87 -13.23 -0.53
CA ASP A 14 -4.07 -13.61 0.63
C ASP A 14 -3.06 -14.70 0.27
N LYS A 15 -3.27 -15.31 -0.90
CA LYS A 15 -2.38 -16.38 -1.36
C LYS A 15 -1.40 -15.85 -2.40
N THR A 16 -1.94 -15.35 -3.52
CA THR A 16 -1.12 -14.81 -4.59
C THR A 16 -0.24 -13.67 -4.10
N ILE A 17 -0.79 -12.85 -3.21
CA ILE A 17 -0.05 -11.72 -2.66
C ILE A 17 1.39 -12.10 -2.35
N ASP A 18 1.61 -13.38 -2.09
CA ASP A 18 2.95 -13.87 -1.78
C ASP A 18 3.69 -14.27 -3.06
N GLU A 19 3.15 -15.27 -3.76
CA GLU A 19 3.76 -15.76 -4.99
C GLU A 19 4.21 -14.58 -5.87
N GLU A 20 3.34 -13.58 -6.00
CA GLU A 20 3.65 -12.41 -6.80
C GLU A 20 4.89 -11.70 -6.28
N LEU A 21 4.86 -11.30 -5.01
CA LEU A 21 5.98 -10.61 -4.40
C LEU A 21 7.24 -11.48 -4.43
N GLU A 22 7.06 -12.77 -4.70
CA GLU A 22 8.17 -13.70 -4.76
C GLU A 22 8.82 -13.69 -6.15
N ARG A 23 8.00 -13.50 -7.17
CA ARG A 23 8.49 -13.47 -8.54
C ARG A 23 8.83 -12.05 -8.96
N ASP A 24 8.45 -11.08 -8.14
CA ASP A 24 8.73 -9.67 -8.42
C ASP A 24 9.66 -9.08 -7.38
N LYS A 25 10.31 -9.95 -6.61
CA LYS A 25 11.24 -9.50 -5.57
C LYS A 25 12.02 -8.29 -6.03
N ARG A 26 12.98 -8.50 -6.93
CA ARG A 26 13.80 -7.42 -7.45
C ARG A 26 12.98 -6.15 -7.62
N VAL A 27 11.78 -6.30 -8.16
CA VAL A 27 10.89 -5.16 -8.38
C VAL A 27 10.16 -4.77 -7.10
N THR A 28 10.10 -3.47 -6.82
CA THR A 28 9.43 -2.98 -5.63
C THR A 28 7.91 -3.01 -5.78
N TRP A 29 7.22 -3.31 -4.70
CA TRP A 29 5.76 -3.37 -4.72
C TRP A 29 5.16 -2.67 -3.49
N ILE A 30 4.10 -1.90 -3.72
CA ILE A 30 3.44 -1.18 -2.64
C ILE A 30 1.98 -1.58 -2.53
N VAL A 31 1.65 -2.34 -1.49
CA VAL A 31 0.28 -2.78 -1.27
C VAL A 31 -0.41 -1.93 -0.21
N GLU A 32 -1.68 -1.62 -0.45
CA GLU A 32 -2.46 -0.81 0.48
C GLU A 32 -3.46 -1.67 1.25
N PHE A 33 -3.33 -1.67 2.58
CA PHE A 33 -4.22 -2.45 3.43
C PHE A 33 -5.41 -1.62 3.88
N PHE A 34 -6.59 -1.97 3.39
CA PHE A 34 -7.82 -1.25 3.74
C PHE A 34 -8.94 -2.23 4.09
N ALA A 35 -10.03 -1.70 4.63
CA ALA A 35 -11.17 -2.52 5.00
C ALA A 35 -12.44 -2.05 4.30
N ASN A 36 -13.51 -2.81 4.47
CA ASN A 36 -14.79 -2.47 3.84
C ASN A 36 -15.65 -1.64 4.79
N TRP A 37 -15.32 -1.66 6.07
CA TRP A 37 -16.06 -0.90 7.07
C TRP A 37 -15.26 0.30 7.55
N SER A 38 -14.10 0.51 6.93
CA SER A 38 -13.24 1.64 7.28
C SER A 38 -13.45 2.81 6.33
N ASN A 39 -14.52 3.56 6.56
CA ASN A 39 -14.84 4.72 5.73
C ASN A 39 -13.61 5.58 5.50
N ASP A 40 -12.79 5.70 6.54
CA ASP A 40 -11.56 6.50 6.46
C ASP A 40 -10.86 6.28 5.12
N CYS A 41 -11.00 5.07 4.58
CA CYS A 41 -10.36 4.73 3.30
C CYS A 41 -10.88 5.63 2.19
N GLN A 42 -12.19 5.86 2.18
CA GLN A 42 -12.80 6.70 1.16
C GLN A 42 -12.03 8.01 0.99
N SER A 43 -11.34 8.43 2.05
CA SER A 43 -10.57 9.66 2.02
C SER A 43 -9.32 9.49 1.17
N PHE A 44 -8.74 8.30 1.20
CA PHE A 44 -7.54 8.01 0.44
C PHE A 44 -7.89 7.34 -0.89
N ALA A 45 -9.18 7.12 -1.12
CA ALA A 45 -9.64 6.49 -2.35
C ALA A 45 -9.02 7.15 -3.57
N PRO A 46 -9.33 8.43 -3.77
CA PRO A 46 -8.82 9.21 -4.90
C PRO A 46 -7.32 9.49 -4.79
N ILE A 47 -6.88 9.80 -3.58
CA ILE A 47 -5.47 10.09 -3.33
C ILE A 47 -4.60 8.92 -3.72
N TYR A 48 -5.15 7.71 -3.64
CA TYR A 48 -4.41 6.50 -4.00
C TYR A 48 -4.42 6.28 -5.50
N ALA A 49 -5.54 6.61 -6.14
CA ALA A 49 -5.67 6.46 -7.58
C ALA A 49 -4.75 7.42 -8.33
N ASP A 50 -4.69 8.65 -7.86
CA ASP A 50 -3.84 9.67 -8.48
C ASP A 50 -2.37 9.27 -8.40
N LEU A 51 -1.93 8.93 -7.19
CA LEU A 51 -0.54 8.55 -6.97
C LEU A 51 -0.16 7.38 -7.87
N SER A 52 -0.98 6.33 -7.87
CA SER A 52 -0.72 5.16 -8.69
C SER A 52 -0.47 5.55 -10.15
N LEU A 53 -1.46 6.21 -10.75
CA LEU A 53 -1.35 6.64 -12.14
C LEU A 53 0.03 7.22 -12.42
N LYS A 54 0.61 7.86 -11.42
CA LYS A 54 1.94 8.46 -11.56
C LYS A 54 3.02 7.39 -11.57
N TYR A 55 3.03 6.56 -10.54
CA TYR A 55 4.02 5.49 -10.44
C TYR A 55 3.57 4.25 -11.21
N ASN A 56 2.49 4.40 -11.99
CA ASN A 56 1.96 3.31 -12.78
C ASN A 56 2.81 3.07 -14.02
N CYS A 57 3.79 2.19 -13.91
CA CYS A 57 4.68 1.87 -15.03
C CYS A 57 5.18 0.44 -14.93
N THR A 58 5.98 0.04 -15.92
CA THR A 58 6.52 -1.31 -15.95
C THR A 58 7.49 -1.55 -14.79
N GLY A 59 7.89 -0.47 -14.13
CA GLY A 59 8.80 -0.57 -13.01
C GLY A 59 8.07 -0.76 -11.69
N LEU A 60 7.62 0.34 -11.10
CA LEU A 60 6.91 0.28 -9.83
C LEU A 60 5.41 0.11 -10.05
N ASN A 61 4.84 -0.91 -9.43
CA ASN A 61 3.41 -1.18 -9.55
C ASN A 61 2.69 -0.93 -8.23
N PHE A 62 1.38 -0.75 -8.31
CA PHE A 62 0.56 -0.51 -7.11
C PHE A 62 -0.46 -1.62 -6.91
N GLY A 63 -0.76 -1.91 -5.65
CA GLY A 63 -1.72 -2.95 -5.34
C GLY A 63 -2.64 -2.57 -4.20
N LYS A 64 -3.72 -3.33 -4.04
CA LYS A 64 -4.68 -3.07 -2.98
C LYS A 64 -5.38 -4.35 -2.54
N VAL A 65 -5.39 -4.60 -1.24
CA VAL A 65 -6.02 -5.80 -0.68
C VAL A 65 -6.95 -5.45 0.47
N ASP A 66 -8.11 -6.09 0.52
CA ASP A 66 -9.07 -5.85 1.58
C ASP A 66 -8.78 -6.74 2.79
N VAL A 67 -8.30 -6.11 3.86
CA VAL A 67 -7.98 -6.84 5.08
C VAL A 67 -9.17 -6.85 6.04
N GLY A 68 -10.12 -5.95 5.80
CA GLY A 68 -11.30 -5.87 6.65
C GLY A 68 -12.15 -7.13 6.58
N ARG A 69 -12.04 -7.86 5.47
CA ARG A 69 -12.80 -9.08 5.28
C ARG A 69 -11.91 -10.31 5.41
N TYR A 70 -10.69 -10.20 4.88
CA TYR A 70 -9.74 -11.31 4.93
C TYR A 70 -8.95 -11.28 6.23
N THR A 71 -9.51 -11.92 7.26
CA THR A 71 -8.86 -11.97 8.56
C THR A 71 -7.47 -12.59 8.46
N ASP A 72 -7.30 -13.49 7.50
CA ASP A 72 -6.01 -14.15 7.30
C ASP A 72 -4.91 -13.14 7.03
N VAL A 73 -5.10 -12.34 5.99
CA VAL A 73 -4.12 -11.32 5.61
C VAL A 73 -3.76 -10.45 6.81
N SER A 74 -4.74 -9.71 7.32
CA SER A 74 -4.51 -8.82 8.47
C SER A 74 -3.57 -9.48 9.47
N THR A 75 -4.00 -10.59 10.04
CA THR A 75 -3.20 -11.32 11.02
C THR A 75 -1.80 -11.60 10.49
N ARG A 76 -1.72 -11.94 9.21
CA ARG A 76 -0.44 -12.23 8.57
C ARG A 76 0.48 -11.01 8.59
N TYR A 77 -0.09 -9.86 8.25
CA TYR A 77 0.68 -8.62 8.22
C TYR A 77 0.56 -7.88 9.56
N LYS A 78 0.13 -8.59 10.59
CA LYS A 78 -0.03 -8.01 11.92
C LYS A 78 -0.69 -6.64 11.83
N VAL A 79 -1.84 -6.59 11.18
CA VAL A 79 -2.58 -5.33 11.03
C VAL A 79 -3.93 -5.41 11.71
N SER A 80 -4.06 -4.74 12.85
CA SER A 80 -5.31 -4.74 13.60
C SER A 80 -6.47 -4.26 12.73
N THR A 81 -7.56 -5.02 12.73
CA THR A 81 -8.73 -4.68 11.94
C THR A 81 -9.89 -4.23 12.82
N SER A 82 -9.57 -3.38 13.80
CA SER A 82 -10.58 -2.87 14.72
C SER A 82 -10.95 -1.43 14.38
N PRO A 83 -12.23 -1.09 14.58
CA PRO A 83 -12.73 0.26 14.31
C PRO A 83 -12.20 1.30 15.29
N LEU A 84 -11.55 0.82 16.35
CA LEU A 84 -10.99 1.70 17.36
C LEU A 84 -9.53 2.02 17.06
N THR A 85 -8.77 1.00 16.66
CA THR A 85 -7.37 1.18 16.34
C THR A 85 -7.18 2.13 15.16
N LYS A 86 -5.93 2.48 14.89
CA LYS A 86 -5.61 3.39 13.79
C LYS A 86 -4.70 2.71 12.77
N GLN A 87 -4.95 1.43 12.51
CA GLN A 87 -4.15 0.67 11.56
C GLN A 87 -4.90 0.48 10.25
N LEU A 88 -5.76 1.44 9.92
CA LEU A 88 -6.55 1.37 8.69
C LEU A 88 -6.98 2.76 8.25
N PRO A 89 -6.61 3.14 7.02
CA PRO A 89 -5.83 2.26 6.12
C PRO A 89 -4.40 2.08 6.61
N THR A 90 -3.61 1.31 5.86
CA THR A 90 -2.23 1.05 6.21
C THR A 90 -1.39 0.79 4.96
N LEU A 91 -0.32 1.56 4.81
CA LEU A 91 0.57 1.41 3.66
C LEU A 91 1.86 0.70 4.06
N ILE A 92 2.32 -0.22 3.21
CA ILE A 92 3.54 -0.97 3.48
C ILE A 92 4.34 -1.16 2.19
N LEU A 93 5.66 -0.94 2.29
CA LEU A 93 6.53 -1.09 1.14
C LEU A 93 7.27 -2.43 1.19
N PHE A 94 7.26 -3.15 0.07
CA PHE A 94 7.94 -4.45 0.00
C PHE A 94 9.09 -4.39 -0.99
N GLN A 95 10.30 -4.65 -0.50
CA GLN A 95 11.49 -4.62 -1.34
C GLN A 95 12.16 -6.00 -1.35
N GLY A 96 11.58 -6.93 -2.11
CA GLY A 96 12.15 -8.27 -2.18
C GLY A 96 11.46 -9.24 -1.25
N GLY A 97 10.13 -9.13 -1.15
CA GLY A 97 9.39 -10.02 -0.28
C GLY A 97 9.52 -9.64 1.18
N LYS A 98 10.30 -8.60 1.46
CA LYS A 98 10.52 -8.14 2.83
C LYS A 98 10.00 -6.72 3.02
N GLU A 99 9.33 -6.48 4.14
CA GLU A 99 8.79 -5.15 4.43
C GLU A 99 9.91 -4.19 4.83
N ALA A 100 10.13 -3.17 3.99
CA ALA A 100 11.16 -2.18 4.25
C ALA A 100 10.68 -1.15 5.28
N MET A 101 9.39 -0.88 5.27
CA MET A 101 8.80 0.08 6.20
C MET A 101 7.29 0.11 6.07
N ARG A 102 6.61 0.55 7.13
CA ARG A 102 5.16 0.62 7.14
C ARG A 102 4.69 2.01 7.56
N ARG A 103 3.43 2.32 7.25
CA ARG A 103 2.86 3.62 7.60
C ARG A 103 1.35 3.52 7.83
N PRO A 104 0.90 3.90 9.02
CA PRO A 104 1.79 4.41 10.08
C PRO A 104 2.69 3.31 10.66
N GLN A 105 3.55 3.70 11.59
CA GLN A 105 4.46 2.75 12.22
C GLN A 105 4.13 2.59 13.70
N ILE A 106 4.33 1.38 14.22
CA ILE A 106 4.05 1.09 15.62
C ILE A 106 5.30 1.27 16.48
N ASP A 107 5.13 1.87 17.64
CA ASP A 107 6.24 2.10 18.56
C ASP A 107 6.51 0.87 19.41
N LYS A 108 6.80 -0.26 18.75
CA LYS A 108 7.08 -1.50 19.45
C LYS A 108 6.21 -1.65 20.68
N LYS A 109 4.98 -1.12 20.60
CA LYS A 109 4.04 -1.20 21.72
C LYS A 109 2.68 -1.71 21.25
N GLY A 110 2.31 -1.36 20.03
CA GLY A 110 1.04 -1.80 19.48
C GLY A 110 0.17 -0.64 19.03
N ARG A 111 0.61 0.58 19.35
CA ARG A 111 -0.14 1.78 18.98
C ARG A 111 0.45 2.42 17.74
N ALA A 112 -0.42 2.86 16.82
CA ALA A 112 0.02 3.50 15.59
C ALA A 112 0.16 5.00 15.77
N VAL A 113 1.37 5.50 15.58
CA VAL A 113 1.65 6.93 15.72
C VAL A 113 0.80 7.75 14.76
N SER A 114 0.15 8.78 15.29
CA SER A 114 -0.71 9.64 14.47
C SER A 114 0.06 10.19 13.28
N TRP A 115 -0.28 9.72 12.09
CA TRP A 115 0.37 10.16 10.86
C TRP A 115 -0.62 10.79 9.91
N THR A 116 -0.17 11.79 9.16
CA THR A 116 -1.04 12.47 8.20
C THR A 116 -1.03 11.76 6.85
N PHE A 117 -2.17 11.17 6.50
CA PHE A 117 -2.30 10.46 5.23
C PHE A 117 -2.42 11.44 4.06
N SER A 118 -1.27 11.85 3.53
CA SER A 118 -1.26 12.78 2.41
C SER A 118 -0.38 12.26 1.28
N GLU A 119 -0.42 12.95 0.14
CA GLU A 119 0.37 12.55 -1.02
C GLU A 119 1.84 12.92 -0.84
N GLU A 120 2.07 14.07 -0.20
CA GLU A 120 3.43 14.55 0.03
C GLU A 120 4.18 13.61 0.98
N ASN A 121 3.57 13.33 2.12
CA ASN A 121 4.18 12.44 3.11
C ASN A 121 4.36 11.04 2.55
N VAL A 122 3.40 10.60 1.75
CA VAL A 122 3.44 9.27 1.14
C VAL A 122 4.67 9.13 0.25
N ILE A 123 4.99 10.18 -0.48
CA ILE A 123 6.14 10.17 -1.38
C ILE A 123 7.45 10.32 -0.61
N ARG A 124 7.46 11.24 0.34
CA ARG A 124 8.65 11.47 1.16
C ARG A 124 8.93 10.28 2.06
N GLU A 125 7.99 9.95 2.92
CA GLU A 125 8.13 8.82 3.83
C GLU A 125 8.63 7.58 3.09
N PHE A 126 7.88 7.18 2.06
CA PHE A 126 8.24 6.01 1.27
C PHE A 126 9.22 6.39 0.15
N ASN A 127 9.77 7.59 0.24
CA ASN A 127 10.73 8.07 -0.75
C ASN A 127 10.37 7.53 -2.15
N LEU A 128 9.08 7.54 -2.46
CA LEU A 128 8.60 7.07 -3.76
C LEU A 128 9.31 7.80 -4.90
N ASN A 129 9.42 9.12 -4.77
CA ASN A 129 10.09 9.93 -5.79
C ASN A 129 11.40 9.31 -6.21
N GLU A 130 12.13 8.74 -5.25
CA GLU A 130 13.42 8.11 -5.52
C GLU A 130 13.22 6.75 -6.19
N LEU A 131 12.55 5.85 -5.49
CA LEU A 131 12.30 4.51 -6.02
C LEU A 131 12.08 4.56 -7.53
N SER A 132 11.03 5.26 -7.94
CA SER A 132 10.70 5.37 -9.36
C SER A 132 11.52 6.49 -10.02
N GLY A 133 12.36 6.10 -10.98
CA GLY A 133 13.19 7.08 -11.66
C GLY A 133 12.39 8.25 -12.17
N PRO A 134 13.10 9.34 -12.55
CA PRO A 134 12.47 10.55 -13.06
C PRO A 134 11.86 10.35 -14.45
N SER A 135 10.57 10.65 -14.58
CA SER A 135 9.87 10.50 -15.84
C SER A 135 9.07 11.75 -16.19
N SER A 136 9.37 12.35 -17.33
CA SER A 136 8.68 13.56 -17.77
C SER A 136 8.29 13.47 -19.24
N GLY A 137 7.03 13.75 -19.53
CA GLY A 137 6.55 13.69 -20.90
C GLY A 137 5.27 14.48 -21.10
N GLY A 1 -2.91 14.49 -27.25
CA GLY A 1 -3.55 14.89 -26.01
C GLY A 1 -4.55 13.86 -25.53
N SER A 2 -4.31 13.31 -24.35
CA SER A 2 -5.20 12.31 -23.77
C SER A 2 -5.48 12.61 -22.30
N SER A 3 -6.53 12.00 -21.77
CA SER A 3 -6.90 12.20 -20.38
C SER A 3 -6.57 10.97 -19.55
N GLY A 4 -6.31 11.19 -18.26
CA GLY A 4 -5.98 10.09 -17.37
C GLY A 4 -7.21 9.50 -16.69
N SER A 5 -8.05 8.85 -17.47
CA SER A 5 -9.27 8.24 -16.93
C SER A 5 -9.13 6.73 -16.85
N SER A 6 -7.97 6.26 -16.40
CA SER A 6 -7.71 4.84 -16.28
C SER A 6 -7.99 4.36 -14.86
N GLY A 7 -7.38 5.03 -13.88
CA GLY A 7 -7.58 4.65 -12.49
C GLY A 7 -7.72 3.15 -12.31
N TYR A 8 -6.61 2.43 -12.45
CA TYR A 8 -6.62 0.98 -12.32
C TYR A 8 -5.54 0.52 -11.34
N ILE A 9 -5.93 -0.28 -10.36
CA ILE A 9 -4.98 -0.80 -9.37
C ILE A 9 -4.85 -2.30 -9.47
N LYS A 10 -3.66 -2.81 -9.11
CA LYS A 10 -3.40 -4.24 -9.15
C LYS A 10 -3.72 -4.90 -7.82
N TYR A 11 -4.92 -5.48 -7.73
CA TYR A 11 -5.35 -6.15 -6.50
C TYR A 11 -4.57 -7.44 -6.27
N PHE A 12 -4.63 -7.96 -5.05
CA PHE A 12 -3.93 -9.19 -4.71
C PHE A 12 -4.72 -9.99 -3.67
N ASN A 13 -4.57 -11.31 -3.72
CA ASN A 13 -5.27 -12.19 -2.79
C ASN A 13 -4.42 -12.42 -1.53
N ASP A 14 -4.96 -13.22 -0.61
CA ASP A 14 -4.26 -13.52 0.63
C ASP A 14 -3.11 -14.48 0.39
N LYS A 15 -3.24 -15.31 -0.64
CA LYS A 15 -2.22 -16.29 -0.99
C LYS A 15 -1.34 -15.77 -2.12
N THR A 16 -1.98 -15.34 -3.21
CA THR A 16 -1.26 -14.83 -4.37
C THR A 16 -0.29 -13.71 -3.97
N ILE A 17 -0.73 -12.86 -3.05
CA ILE A 17 0.10 -11.75 -2.57
C ILE A 17 1.53 -12.20 -2.34
N ASP A 18 1.71 -13.47 -1.98
CA ASP A 18 3.03 -14.03 -1.73
C ASP A 18 3.71 -14.38 -3.05
N GLU A 19 3.18 -15.38 -3.75
CA GLU A 19 3.75 -15.83 -5.01
C GLU A 19 4.20 -14.64 -5.84
N GLU A 20 3.38 -13.60 -5.89
CA GLU A 20 3.70 -12.39 -6.66
C GLU A 20 4.94 -11.71 -6.08
N LEU A 21 4.89 -11.37 -4.79
CA LEU A 21 5.99 -10.70 -4.13
C LEU A 21 7.23 -11.59 -4.11
N GLU A 22 7.04 -12.87 -4.46
CA GLU A 22 8.15 -13.82 -4.49
C GLU A 22 8.82 -13.83 -5.86
N ARG A 23 8.04 -13.57 -6.90
CA ARG A 23 8.56 -13.56 -8.26
C ARG A 23 8.98 -12.15 -8.66
N ASP A 24 8.41 -11.15 -8.01
CA ASP A 24 8.73 -9.76 -8.30
C ASP A 24 9.60 -9.16 -7.20
N LYS A 25 10.26 -10.02 -6.44
CA LYS A 25 11.13 -9.58 -5.35
C LYS A 25 11.96 -8.37 -5.77
N ARG A 26 12.90 -8.58 -6.68
CA ARG A 26 13.76 -7.50 -7.16
C ARG A 26 12.95 -6.23 -7.38
N VAL A 27 11.73 -6.39 -7.90
CA VAL A 27 10.86 -5.25 -8.16
C VAL A 27 10.11 -4.83 -6.90
N THR A 28 10.00 -3.52 -6.69
CA THR A 28 9.32 -2.98 -5.52
C THR A 28 7.81 -2.99 -5.72
N TRP A 29 7.09 -3.57 -4.76
CA TRP A 29 5.64 -3.63 -4.82
C TRP A 29 5.00 -2.92 -3.64
N ILE A 30 4.18 -1.93 -3.92
CA ILE A 30 3.50 -1.17 -2.87
C ILE A 30 2.02 -1.52 -2.81
N VAL A 31 1.66 -2.31 -1.80
CA VAL A 31 0.26 -2.72 -1.62
C VAL A 31 -0.39 -1.97 -0.48
N GLU A 32 -1.62 -1.52 -0.69
CA GLU A 32 -2.36 -0.78 0.33
C GLU A 32 -3.30 -1.70 1.09
N PHE A 33 -3.26 -1.62 2.41
CA PHE A 33 -4.11 -2.44 3.26
C PHE A 33 -5.29 -1.63 3.79
N PHE A 34 -6.49 -1.98 3.34
CA PHE A 34 -7.70 -1.29 3.77
C PHE A 34 -8.84 -2.28 4.03
N ALA A 35 -9.91 -1.78 4.64
CA ALA A 35 -11.06 -2.62 4.95
C ALA A 35 -12.33 -2.07 4.32
N ASN A 36 -13.34 -2.93 4.18
CA ASN A 36 -14.62 -2.53 3.59
C ASN A 36 -15.37 -1.58 4.53
N TRP A 37 -15.11 -1.70 5.82
CA TRP A 37 -15.77 -0.85 6.81
C TRP A 37 -14.88 0.31 7.21
N SER A 38 -13.84 0.56 6.40
CA SER A 38 -12.91 1.66 6.68
C SER A 38 -13.29 2.90 5.90
N ASN A 39 -14.21 3.69 6.45
CA ASN A 39 -14.67 4.91 5.81
C ASN A 39 -13.51 5.89 5.63
N ASP A 40 -12.65 5.98 6.64
CA ASP A 40 -11.50 6.88 6.59
C ASP A 40 -10.70 6.67 5.30
N CYS A 41 -10.81 5.48 4.74
CA CYS A 41 -10.10 5.14 3.51
C CYS A 41 -10.64 5.95 2.33
N GLN A 42 -11.96 6.09 2.28
CA GLN A 42 -12.60 6.84 1.20
C GLN A 42 -11.88 8.15 0.94
N SER A 43 -11.32 8.74 1.99
CA SER A 43 -10.61 10.00 1.88
C SER A 43 -9.33 9.83 1.04
N PHE A 44 -8.69 8.67 1.20
CA PHE A 44 -7.46 8.37 0.47
C PHE A 44 -7.76 7.60 -0.80
N ALA A 45 -8.98 7.08 -0.90
CA ALA A 45 -9.40 6.32 -2.07
C ALA A 45 -8.85 6.93 -3.36
N PRO A 46 -9.25 8.18 -3.62
CA PRO A 46 -8.81 8.92 -4.82
C PRO A 46 -7.33 9.29 -4.76
N ILE A 47 -6.91 9.81 -3.61
CA ILE A 47 -5.52 10.21 -3.43
C ILE A 47 -4.56 9.09 -3.84
N TYR A 48 -4.95 7.86 -3.55
CA TYR A 48 -4.13 6.71 -3.90
C TYR A 48 -4.21 6.40 -5.39
N ALA A 49 -5.40 6.59 -5.96
CA ALA A 49 -5.60 6.33 -7.37
C ALA A 49 -4.69 7.20 -8.24
N ASP A 50 -4.71 8.51 -7.98
CA ASP A 50 -3.88 9.45 -8.72
C ASP A 50 -2.41 9.07 -8.62
N LEU A 51 -1.94 8.80 -7.41
CA LEU A 51 -0.56 8.41 -7.18
C LEU A 51 -0.20 7.17 -7.99
N SER A 52 -0.91 6.08 -7.73
CA SER A 52 -0.66 4.82 -8.44
C SER A 52 -0.49 5.06 -9.93
N LEU A 53 -1.50 5.68 -10.54
CA LEU A 53 -1.47 5.96 -11.97
C LEU A 53 -0.13 6.58 -12.38
N LYS A 54 0.33 7.54 -11.57
CA LYS A 54 1.60 8.21 -11.84
C LYS A 54 2.77 7.24 -11.72
N TYR A 55 2.84 6.54 -10.59
CA TYR A 55 3.91 5.59 -10.34
C TYR A 55 3.55 4.22 -10.91
N ASN A 56 2.56 4.19 -11.80
CA ASN A 56 2.11 2.94 -12.41
C ASN A 56 2.83 2.72 -13.75
N CYS A 57 3.89 1.94 -13.72
CA CYS A 57 4.66 1.64 -14.93
C CYS A 57 5.29 0.26 -14.85
N THR A 58 5.93 -0.16 -15.94
CA THR A 58 6.58 -1.47 -15.99
C THR A 58 7.34 -1.75 -14.70
N GLY A 59 8.04 -0.74 -14.19
CA GLY A 59 8.80 -0.90 -12.97
C GLY A 59 7.93 -0.87 -11.73
N LEU A 60 7.88 0.28 -11.07
CA LEU A 60 7.08 0.44 -9.86
C LEU A 60 5.60 0.26 -10.17
N ASN A 61 4.91 -0.52 -9.34
CA ASN A 61 3.49 -0.78 -9.52
C ASN A 61 2.71 -0.50 -8.23
N PHE A 62 1.39 -0.46 -8.35
CA PHE A 62 0.54 -0.20 -7.19
C PHE A 62 -0.54 -1.28 -7.06
N GLY A 63 -0.82 -1.67 -5.83
CA GLY A 63 -1.83 -2.69 -5.58
C GLY A 63 -2.62 -2.43 -4.32
N LYS A 64 -3.61 -3.28 -4.07
CA LYS A 64 -4.45 -3.14 -2.87
C LYS A 64 -4.92 -4.51 -2.38
N VAL A 65 -5.33 -4.57 -1.11
CA VAL A 65 -5.79 -5.82 -0.52
C VAL A 65 -6.76 -5.54 0.62
N ASP A 66 -8.01 -5.95 0.45
CA ASP A 66 -9.03 -5.75 1.47
C ASP A 66 -8.82 -6.69 2.65
N VAL A 67 -8.28 -6.17 3.73
CA VAL A 67 -8.01 -6.97 4.93
C VAL A 67 -9.25 -7.04 5.82
N GLY A 68 -10.11 -6.04 5.71
CA GLY A 68 -11.32 -6.01 6.51
C GLY A 68 -12.15 -7.27 6.35
N ARG A 69 -11.98 -7.95 5.23
CA ARG A 69 -12.72 -9.18 4.97
C ARG A 69 -11.78 -10.38 4.90
N TYR A 70 -10.50 -10.12 4.67
CA TYR A 70 -9.50 -11.17 4.59
C TYR A 70 -8.79 -11.36 5.93
N THR A 71 -9.57 -11.61 6.97
CA THR A 71 -9.03 -11.80 8.31
C THR A 71 -7.72 -12.58 8.26
N ASP A 72 -7.58 -13.43 7.24
CA ASP A 72 -6.38 -14.24 7.08
C ASP A 72 -5.16 -13.36 6.85
N VAL A 73 -5.31 -12.39 5.94
CA VAL A 73 -4.22 -11.47 5.62
C VAL A 73 -3.81 -10.65 6.84
N SER A 74 -4.70 -9.76 7.27
CA SER A 74 -4.44 -8.92 8.43
C SER A 74 -3.60 -9.65 9.47
N THR A 75 -4.16 -10.72 10.02
CA THR A 75 -3.48 -11.52 11.02
C THR A 75 -2.05 -11.85 10.58
N ARG A 76 -1.92 -12.34 9.36
CA ARG A 76 -0.61 -12.69 8.81
C ARG A 76 0.30 -11.48 8.75
N TYR A 77 -0.28 -10.31 8.45
CA TYR A 77 0.47 -9.08 8.36
C TYR A 77 0.32 -8.24 9.62
N LYS A 78 -0.01 -8.91 10.73
CA LYS A 78 -0.19 -8.23 12.00
C LYS A 78 -0.79 -6.85 11.81
N VAL A 79 -1.82 -6.76 10.96
CA VAL A 79 -2.48 -5.49 10.68
C VAL A 79 -3.85 -5.43 11.33
N SER A 80 -3.89 -5.06 12.61
CA SER A 80 -5.15 -4.97 13.34
C SER A 80 -6.28 -4.51 12.43
N THR A 81 -7.46 -5.08 12.61
CA THR A 81 -8.62 -4.72 11.80
C THR A 81 -9.75 -4.19 12.68
N SER A 82 -9.39 -3.44 13.71
CA SER A 82 -10.38 -2.86 14.62
C SER A 82 -10.80 -1.46 14.16
N PRO A 83 -12.09 -1.15 14.35
CA PRO A 83 -12.65 0.15 13.96
C PRO A 83 -12.15 1.28 14.85
N LEU A 84 -11.46 0.92 15.93
CA LEU A 84 -10.92 1.91 16.86
C LEU A 84 -9.45 2.19 16.56
N THR A 85 -8.67 1.12 16.41
CA THR A 85 -7.25 1.26 16.12
C THR A 85 -7.01 2.16 14.91
N LYS A 86 -5.74 2.47 14.64
CA LYS A 86 -5.39 3.32 13.51
C LYS A 86 -4.50 2.56 12.52
N GLN A 87 -4.76 1.27 12.37
CA GLN A 87 -3.98 0.44 11.46
C GLN A 87 -4.73 0.25 10.14
N LEU A 88 -5.59 1.21 9.80
CA LEU A 88 -6.36 1.14 8.57
C LEU A 88 -6.78 2.54 8.12
N PRO A 89 -6.41 2.91 6.89
CA PRO A 89 -5.64 2.03 6.00
C PRO A 89 -4.20 1.84 6.48
N THR A 90 -3.45 1.01 5.78
CA THR A 90 -2.07 0.74 6.13
C THR A 90 -1.23 0.44 4.89
N LEU A 91 -0.21 1.26 4.67
CA LEU A 91 0.68 1.09 3.52
C LEU A 91 1.93 0.33 3.90
N ILE A 92 2.38 -0.56 3.03
CA ILE A 92 3.57 -1.35 3.27
C ILE A 92 4.45 -1.42 2.02
N LEU A 93 5.74 -1.15 2.19
CA LEU A 93 6.69 -1.18 1.09
C LEU A 93 7.50 -2.48 1.11
N PHE A 94 7.47 -3.22 0.01
CA PHE A 94 8.20 -4.47 -0.10
C PHE A 94 9.33 -4.36 -1.12
N GLN A 95 10.56 -4.57 -0.65
CA GLN A 95 11.73 -4.49 -1.52
C GLN A 95 12.47 -5.82 -1.57
N GLY A 96 11.86 -6.79 -2.26
CA GLY A 96 12.47 -8.11 -2.37
C GLY A 96 11.80 -9.14 -1.49
N GLY A 97 10.52 -8.91 -1.20
CA GLY A 97 9.77 -9.84 -0.36
C GLY A 97 9.87 -9.49 1.11
N LYS A 98 10.76 -8.57 1.44
CA LYS A 98 10.94 -8.15 2.83
C LYS A 98 10.23 -6.82 3.09
N GLU A 99 9.60 -6.72 4.26
CA GLU A 99 8.87 -5.51 4.62
C GLU A 99 9.85 -4.36 4.89
N ALA A 100 10.18 -3.61 3.84
CA ALA A 100 11.11 -2.49 3.97
C ALA A 100 10.62 -1.49 5.01
N MET A 101 9.31 -1.23 5.01
CA MET A 101 8.72 -0.29 5.96
C MET A 101 7.20 -0.40 5.95
N ARG A 102 6.55 0.30 6.88
CA ARG A 102 5.09 0.28 6.97
C ARG A 102 4.58 1.47 7.77
N ARG A 103 3.49 2.06 7.31
CA ARG A 103 2.90 3.22 7.98
C ARG A 103 1.41 3.03 8.16
N PRO A 104 0.88 3.52 9.30
CA PRO A 104 1.69 4.18 10.32
C PRO A 104 2.63 3.21 11.05
N GLN A 105 3.82 3.69 11.38
CA GLN A 105 4.80 2.86 12.07
C GLN A 105 4.39 2.62 13.52
N ILE A 106 4.60 1.41 14.00
CA ILE A 106 4.25 1.05 15.37
C ILE A 106 5.44 1.26 16.31
N ASP A 107 5.17 1.83 17.48
CA ASP A 107 6.22 2.08 18.46
C ASP A 107 6.39 0.88 19.38
N LYS A 108 7.26 1.01 20.38
CA LYS A 108 7.52 -0.06 21.32
C LYS A 108 6.26 -0.45 22.06
N LYS A 109 5.38 0.52 22.29
CA LYS A 109 4.13 0.29 22.99
C LYS A 109 3.04 -0.16 22.02
N GLY A 110 3.44 -0.93 21.01
CA GLY A 110 2.49 -1.42 20.03
C GLY A 110 1.41 -0.40 19.71
N ARG A 111 1.83 0.85 19.51
CA ARG A 111 0.89 1.92 19.19
C ARG A 111 1.18 2.51 17.82
N ALA A 112 0.13 2.92 17.12
CA ALA A 112 0.27 3.51 15.78
C ALA A 112 0.55 5.00 15.88
N VAL A 113 1.74 5.40 15.43
CA VAL A 113 2.14 6.80 15.46
C VAL A 113 1.24 7.64 14.56
N SER A 114 0.63 8.66 15.14
CA SER A 114 -0.26 9.55 14.39
C SER A 114 0.47 10.19 13.22
N TRP A 115 0.17 9.73 12.02
CA TRP A 115 0.79 10.26 10.81
C TRP A 115 -0.26 10.80 9.84
N THR A 116 0.04 11.93 9.21
CA THR A 116 -0.87 12.54 8.26
C THR A 116 -0.92 11.76 6.96
N PHE A 117 -2.12 11.35 6.56
CA PHE A 117 -2.30 10.59 5.33
C PHE A 117 -2.53 11.53 4.14
N SER A 118 -1.44 12.01 3.57
CA SER A 118 -1.51 12.92 2.43
C SER A 118 -0.54 12.49 1.33
N GLU A 119 -0.75 13.01 0.13
CA GLU A 119 0.11 12.68 -1.01
C GLU A 119 1.55 13.03 -0.71
N GLU A 120 1.81 14.33 -0.50
CA GLU A 120 3.16 14.80 -0.21
C GLU A 120 3.84 13.91 0.83
N ASN A 121 3.33 13.94 2.05
CA ASN A 121 3.89 13.13 3.14
C ASN A 121 4.16 11.70 2.67
N VAL A 122 3.15 11.09 2.06
CA VAL A 122 3.29 9.72 1.56
C VAL A 122 4.54 9.57 0.70
N ILE A 123 4.68 10.44 -0.29
CA ILE A 123 5.83 10.41 -1.18
C ILE A 123 7.13 10.41 -0.40
N ARG A 124 7.31 11.41 0.45
CA ARG A 124 8.52 11.52 1.26
C ARG A 124 8.73 10.27 2.10
N GLU A 125 7.65 9.80 2.74
CA GLU A 125 7.71 8.62 3.58
C GLU A 125 8.22 7.42 2.78
N PHE A 126 7.57 7.15 1.65
CA PHE A 126 7.95 6.03 0.79
C PHE A 126 8.94 6.48 -0.28
N ASN A 127 9.53 7.66 -0.09
CA ASN A 127 10.49 8.20 -1.05
C ASN A 127 10.12 7.80 -2.46
N LEU A 128 8.83 7.80 -2.77
CA LEU A 128 8.36 7.44 -4.10
C LEU A 128 9.12 8.19 -5.18
N ASN A 129 9.40 9.46 -4.92
CA ASN A 129 10.13 10.30 -5.87
C ASN A 129 11.47 9.66 -6.24
N GLU A 130 12.10 9.00 -5.26
CA GLU A 130 13.38 8.35 -5.49
C GLU A 130 13.18 7.01 -6.17
N LEU A 131 12.36 6.14 -5.57
CA LEU A 131 12.11 4.82 -6.13
C LEU A 131 12.02 4.88 -7.65
N SER A 132 11.03 5.60 -8.16
CA SER A 132 10.84 5.73 -9.60
C SER A 132 12.02 6.46 -10.23
N GLY A 133 12.37 7.62 -9.66
CA GLY A 133 13.48 8.39 -10.19
C GLY A 133 13.13 9.86 -10.36
N PRO A 134 14.15 10.69 -10.57
CA PRO A 134 13.98 12.13 -10.76
C PRO A 134 13.31 12.48 -12.08
N SER A 135 13.09 11.46 -12.90
CA SER A 135 12.46 11.64 -14.20
C SER A 135 11.05 12.21 -14.05
N SER A 136 10.77 13.30 -14.75
CA SER A 136 9.46 13.94 -14.69
C SER A 136 8.36 12.94 -15.04
N GLY A 137 7.28 12.98 -14.27
CA GLY A 137 6.17 12.07 -14.51
C GLY A 137 5.29 11.90 -13.29
N GLY A 1 -0.22 4.92 -21.69
CA GLY A 1 0.06 4.85 -20.27
C GLY A 1 -0.61 5.95 -19.49
N SER A 2 -1.37 5.57 -18.46
CA SER A 2 -2.08 6.53 -17.63
C SER A 2 -2.60 7.70 -18.47
N SER A 3 -3.14 7.37 -19.64
CA SER A 3 -3.67 8.39 -20.55
C SER A 3 -4.64 9.32 -19.82
N GLY A 4 -5.57 8.72 -19.07
CA GLY A 4 -6.54 9.51 -18.33
C GLY A 4 -7.74 8.68 -17.91
N SER A 5 -8.46 9.16 -16.89
CA SER A 5 -9.63 8.46 -16.39
C SER A 5 -9.37 6.95 -16.31
N SER A 6 -8.16 6.59 -15.90
CA SER A 6 -7.78 5.18 -15.79
C SER A 6 -8.01 4.67 -14.37
N GLY A 7 -7.32 5.29 -13.40
CA GLY A 7 -7.47 4.89 -12.02
C GLY A 7 -7.69 3.40 -11.87
N TYR A 8 -6.62 2.62 -12.07
CA TYR A 8 -6.69 1.18 -11.95
C TYR A 8 -5.64 0.65 -10.98
N ILE A 9 -6.03 -0.33 -10.18
CA ILE A 9 -5.12 -0.93 -9.21
C ILE A 9 -5.18 -2.45 -9.26
N LYS A 10 -4.01 -3.09 -9.29
CA LYS A 10 -3.92 -4.53 -9.34
C LYS A 10 -4.10 -5.14 -7.94
N TYR A 11 -5.25 -5.77 -7.72
CA TYR A 11 -5.54 -6.39 -6.44
C TYR A 11 -4.80 -7.72 -6.29
N PHE A 12 -4.51 -8.09 -5.05
CA PHE A 12 -3.80 -9.33 -4.77
C PHE A 12 -4.62 -10.23 -3.84
N ASN A 13 -4.22 -11.49 -3.73
CA ASN A 13 -4.91 -12.44 -2.87
C ASN A 13 -4.10 -12.76 -1.63
N ASP A 14 -4.64 -13.60 -0.76
CA ASP A 14 -3.96 -13.99 0.46
C ASP A 14 -2.79 -14.92 0.16
N LYS A 15 -2.88 -15.63 -0.96
CA LYS A 15 -1.83 -16.55 -1.36
C LYS A 15 -0.96 -15.95 -2.47
N THR A 16 -1.62 -15.42 -3.50
CA THR A 16 -0.92 -14.82 -4.62
C THR A 16 0.01 -13.70 -4.15
N ILE A 17 -0.51 -12.84 -3.28
CA ILE A 17 0.29 -11.73 -2.74
C ILE A 17 1.71 -12.17 -2.43
N ASP A 18 1.88 -13.45 -2.13
CA ASP A 18 3.19 -14.00 -1.81
C ASP A 18 3.93 -14.41 -3.08
N GLU A 19 3.35 -15.36 -3.83
CA GLU A 19 3.95 -15.84 -5.06
C GLU A 19 4.41 -14.67 -5.94
N GLU A 20 3.58 -13.63 -6.00
CA GLU A 20 3.90 -12.45 -6.80
C GLU A 20 5.16 -11.76 -6.28
N LEU A 21 5.10 -11.30 -5.03
CA LEU A 21 6.24 -10.61 -4.42
C LEU A 21 7.49 -11.49 -4.46
N GLU A 22 7.29 -12.79 -4.71
CA GLU A 22 8.40 -13.73 -4.77
C GLU A 22 9.06 -13.69 -6.14
N ARG A 23 8.26 -13.51 -7.18
CA ARG A 23 8.77 -13.45 -8.55
C ARG A 23 9.12 -12.02 -8.94
N ASP A 24 8.68 -11.07 -8.13
CA ASP A 24 8.94 -9.65 -8.39
C ASP A 24 9.73 -9.03 -7.24
N LYS A 25 10.44 -9.86 -6.49
CA LYS A 25 11.23 -9.39 -5.37
C LYS A 25 12.01 -8.14 -5.74
N ARG A 26 13.02 -8.31 -6.60
CA ARG A 26 13.85 -7.19 -7.03
C ARG A 26 13.00 -5.96 -7.31
N VAL A 27 11.76 -6.18 -7.75
CA VAL A 27 10.84 -5.08 -8.05
C VAL A 27 10.07 -4.67 -6.80
N THR A 28 9.95 -3.35 -6.60
CA THR A 28 9.23 -2.82 -5.44
C THR A 28 7.73 -2.89 -5.65
N TRP A 29 7.01 -3.30 -4.61
CA TRP A 29 5.55 -3.40 -4.68
C TRP A 29 4.90 -2.77 -3.46
N ILE A 30 4.14 -1.71 -3.67
CA ILE A 30 3.45 -1.02 -2.59
C ILE A 30 2.00 -1.49 -2.45
N VAL A 31 1.74 -2.32 -1.45
CA VAL A 31 0.40 -2.83 -1.21
C VAL A 31 -0.31 -2.04 -0.12
N GLU A 32 -1.59 -1.76 -0.35
CA GLU A 32 -2.39 -1.00 0.61
C GLU A 32 -3.44 -1.89 1.26
N PHE A 33 -3.47 -1.91 2.58
CA PHE A 33 -4.43 -2.72 3.33
C PHE A 33 -5.61 -1.87 3.79
N PHE A 34 -6.77 -2.10 3.19
CA PHE A 34 -7.98 -1.36 3.53
C PHE A 34 -9.13 -2.31 3.86
N ALA A 35 -10.18 -1.77 4.46
CA ALA A 35 -11.35 -2.57 4.82
C ALA A 35 -12.62 -2.00 4.19
N ASN A 36 -13.65 -2.82 4.11
CA ASN A 36 -14.92 -2.40 3.53
C ASN A 36 -15.68 -1.49 4.49
N TRP A 37 -15.46 -1.69 5.79
CA TRP A 37 -16.13 -0.90 6.81
C TRP A 37 -15.22 0.22 7.30
N SER A 38 -14.26 0.61 6.46
CA SER A 38 -13.32 1.67 6.80
C SER A 38 -13.59 2.92 5.98
N ASN A 39 -14.43 3.80 6.51
CA ASN A 39 -14.77 5.04 5.82
C ASN A 39 -13.54 5.94 5.66
N ASP A 40 -12.69 5.95 6.69
CA ASP A 40 -11.48 6.77 6.66
C ASP A 40 -10.73 6.59 5.34
N CYS A 41 -10.88 5.41 4.74
CA CYS A 41 -10.21 5.11 3.48
C CYS A 41 -10.73 6.02 2.36
N GLN A 42 -12.03 6.32 2.40
CA GLN A 42 -12.65 7.17 1.39
C GLN A 42 -11.85 8.46 1.22
N SER A 43 -11.20 8.90 2.28
CA SER A 43 -10.40 10.12 2.25
C SER A 43 -9.15 9.93 1.39
N PHE A 44 -8.54 8.76 1.49
CA PHE A 44 -7.34 8.45 0.72
C PHE A 44 -7.68 7.60 -0.50
N ALA A 45 -8.97 7.46 -0.77
CA ALA A 45 -9.43 6.67 -1.91
C ALA A 45 -8.89 7.24 -3.22
N PRO A 46 -9.27 8.49 -3.51
CA PRO A 46 -8.84 9.18 -4.74
C PRO A 46 -7.36 9.52 -4.73
N ILE A 47 -6.84 9.81 -3.54
CA ILE A 47 -5.43 10.15 -3.39
C ILE A 47 -4.53 9.00 -3.85
N TYR A 48 -4.86 7.79 -3.43
CA TYR A 48 -4.10 6.61 -3.79
C TYR A 48 -4.14 6.37 -5.29
N ALA A 49 -5.29 6.65 -5.90
CA ALA A 49 -5.46 6.47 -7.34
C ALA A 49 -4.50 7.35 -8.12
N ASP A 50 -4.52 8.66 -7.82
CA ASP A 50 -3.65 9.61 -8.50
C ASP A 50 -2.19 9.19 -8.38
N LEU A 51 -1.77 8.87 -7.16
CA LEU A 51 -0.39 8.46 -6.92
C LEU A 51 -0.02 7.26 -7.78
N SER A 52 -0.71 6.14 -7.58
CA SER A 52 -0.45 4.93 -8.35
C SER A 52 -0.32 5.25 -9.83
N LEU A 53 -1.41 5.73 -10.42
CA LEU A 53 -1.41 6.08 -11.84
C LEU A 53 -0.12 6.76 -12.25
N LYS A 54 0.25 7.81 -11.50
CA LYS A 54 1.47 8.55 -11.78
C LYS A 54 2.69 7.62 -11.78
N TYR A 55 2.87 6.90 -10.68
CA TYR A 55 3.99 5.97 -10.56
C TYR A 55 3.64 4.61 -11.16
N ASN A 56 2.60 4.58 -11.98
CA ASN A 56 2.16 3.35 -12.62
C ASN A 56 3.02 3.04 -13.84
N CYS A 57 4.05 2.22 -13.64
CA CYS A 57 4.94 1.85 -14.74
C CYS A 57 5.40 0.39 -14.58
N THR A 58 5.92 -0.17 -15.67
CA THR A 58 6.39 -1.56 -15.67
C THR A 58 7.13 -1.87 -14.37
N GLY A 59 7.91 -0.90 -13.88
CA GLY A 59 8.66 -1.11 -12.66
C GLY A 59 7.77 -1.09 -11.42
N LEU A 60 7.69 0.07 -10.78
CA LEU A 60 6.87 0.21 -9.58
C LEU A 60 5.39 0.04 -9.91
N ASN A 61 4.69 -0.74 -9.08
CA ASN A 61 3.27 -0.98 -9.29
C ASN A 61 2.50 -0.75 -7.99
N PHE A 62 1.18 -0.59 -8.12
CA PHE A 62 0.32 -0.37 -6.97
C PHE A 62 -0.77 -1.42 -6.88
N GLY A 63 -0.90 -2.03 -5.71
CA GLY A 63 -1.92 -3.06 -5.51
C GLY A 63 -2.73 -2.85 -4.25
N LYS A 64 -3.85 -3.54 -4.14
CA LYS A 64 -4.72 -3.43 -2.97
C LYS A 64 -5.19 -4.80 -2.50
N VAL A 65 -5.69 -4.86 -1.28
CA VAL A 65 -6.18 -6.12 -0.72
C VAL A 65 -7.06 -5.86 0.50
N ASP A 66 -8.37 -6.04 0.33
CA ASP A 66 -9.31 -5.83 1.42
C ASP A 66 -9.02 -6.78 2.58
N VAL A 67 -8.56 -6.20 3.69
CA VAL A 67 -8.24 -6.99 4.87
C VAL A 67 -9.47 -7.18 5.76
N GLY A 68 -10.29 -6.14 5.85
CA GLY A 68 -11.49 -6.20 6.67
C GLY A 68 -12.23 -7.51 6.48
N ARG A 69 -12.02 -8.16 5.35
CA ARG A 69 -12.68 -9.43 5.05
C ARG A 69 -11.70 -10.58 5.09
N TYR A 70 -10.48 -10.33 4.62
CA TYR A 70 -9.44 -11.36 4.60
C TYR A 70 -8.82 -11.52 5.98
N THR A 71 -9.57 -12.10 6.90
CA THR A 71 -9.10 -12.32 8.26
C THR A 71 -7.73 -12.98 8.27
N ASP A 72 -7.54 -13.94 7.37
CA ASP A 72 -6.27 -14.66 7.26
C ASP A 72 -5.12 -13.69 6.99
N VAL A 73 -5.27 -12.90 5.93
CA VAL A 73 -4.24 -11.94 5.55
C VAL A 73 -3.97 -10.95 6.69
N SER A 74 -5.00 -10.21 7.09
CA SER A 74 -4.88 -9.23 8.15
C SER A 74 -4.00 -9.76 9.28
N THR A 75 -4.47 -10.83 9.93
CA THR A 75 -3.73 -11.44 11.02
C THR A 75 -2.33 -11.84 10.58
N ARG A 76 -2.20 -12.30 9.34
CA ARG A 76 -0.92 -12.72 8.78
C ARG A 76 0.07 -11.56 8.75
N TYR A 77 -0.43 -10.38 8.38
CA TYR A 77 0.41 -9.19 8.30
C TYR A 77 0.33 -8.39 9.59
N LYS A 78 0.06 -9.07 10.69
CA LYS A 78 -0.04 -8.43 12.00
C LYS A 78 -0.89 -7.15 11.91
N VAL A 79 -2.01 -7.24 11.20
CA VAL A 79 -2.90 -6.10 11.05
C VAL A 79 -4.30 -6.41 11.58
N SER A 80 -4.79 -5.55 12.46
CA SER A 80 -6.11 -5.73 13.05
C SER A 80 -7.21 -5.37 12.06
N THR A 81 -8.35 -6.04 12.17
CA THR A 81 -9.47 -5.80 11.28
C THR A 81 -10.66 -5.20 12.04
N SER A 82 -10.35 -4.48 13.12
CA SER A 82 -11.38 -3.85 13.94
C SER A 82 -11.65 -2.43 13.49
N PRO A 83 -12.91 -2.00 13.56
CA PRO A 83 -13.33 -0.65 13.17
C PRO A 83 -12.82 0.41 14.13
N LEU A 84 -12.03 -0.01 15.11
CA LEU A 84 -11.47 0.91 16.09
C LEU A 84 -9.98 1.13 15.85
N THR A 85 -9.26 0.05 15.59
CA THR A 85 -7.82 0.12 15.34
C THR A 85 -7.51 1.18 14.29
N LYS A 86 -6.31 1.76 14.40
CA LYS A 86 -5.89 2.79 13.46
C LYS A 86 -4.97 2.21 12.38
N GLN A 87 -4.91 0.88 12.34
CA GLN A 87 -4.08 0.20 11.36
C GLN A 87 -4.82 0.02 10.04
N LEU A 88 -5.73 0.95 9.76
CA LEU A 88 -6.52 0.90 8.53
C LEU A 88 -6.98 2.29 8.11
N PRO A 89 -6.61 2.69 6.89
CA PRO A 89 -5.82 1.86 5.99
C PRO A 89 -4.37 1.68 6.47
N THR A 90 -3.57 0.99 5.68
CA THR A 90 -2.17 0.75 6.02
C THR A 90 -1.32 0.59 4.77
N LEU A 91 -0.29 1.42 4.66
CA LEU A 91 0.61 1.37 3.51
C LEU A 91 1.97 0.77 3.89
N ILE A 92 2.40 -0.24 3.15
CA ILE A 92 3.67 -0.89 3.42
C ILE A 92 4.51 -1.00 2.14
N LEU A 93 5.81 -0.81 2.28
CA LEU A 93 6.72 -0.90 1.14
C LEU A 93 7.51 -2.19 1.16
N PHE A 94 7.35 -3.01 0.13
CA PHE A 94 8.05 -4.28 0.03
C PHE A 94 9.27 -4.17 -0.88
N GLN A 95 10.46 -4.23 -0.29
CA GLN A 95 11.70 -4.14 -1.06
C GLN A 95 12.62 -5.32 -0.76
N GLY A 96 12.55 -6.34 -1.61
CA GLY A 96 13.38 -7.52 -1.42
C GLY A 96 12.65 -8.63 -0.70
N GLY A 97 11.34 -8.74 -0.93
CA GLY A 97 10.55 -9.76 -0.28
C GLY A 97 10.54 -9.62 1.23
N LYS A 98 10.63 -8.38 1.71
CA LYS A 98 10.63 -8.12 3.14
C LYS A 98 10.04 -6.75 3.44
N GLU A 99 9.30 -6.65 4.55
CA GLU A 99 8.68 -5.41 4.94
C GLU A 99 9.73 -4.38 5.38
N ALA A 100 10.22 -3.61 4.41
CA ALA A 100 11.23 -2.60 4.70
C ALA A 100 10.70 -1.55 5.67
N MET A 101 9.52 -1.03 5.38
CA MET A 101 8.90 -0.02 6.23
C MET A 101 7.38 -0.13 6.20
N ARG A 102 6.72 0.64 7.06
CA ARG A 102 5.26 0.61 7.13
C ARG A 102 4.72 1.90 7.74
N ARG A 103 3.59 2.36 7.25
CA ARG A 103 2.97 3.59 7.74
C ARG A 103 1.45 3.44 7.83
N PRO A 104 0.90 3.64 9.04
CA PRO A 104 1.70 3.98 10.22
C PRO A 104 2.56 2.82 10.70
N GLN A 105 3.47 3.10 11.62
CA GLN A 105 4.36 2.08 12.16
C GLN A 105 4.00 1.76 13.61
N ILE A 106 4.11 0.48 13.98
CA ILE A 106 3.80 0.05 15.33
C ILE A 106 5.06 0.02 16.20
N ASP A 107 5.02 0.76 17.30
CA ASP A 107 6.15 0.82 18.22
C ASP A 107 5.95 -0.15 19.39
N LYS A 108 6.97 -0.24 20.24
CA LYS A 108 6.92 -1.13 21.39
C LYS A 108 5.52 -1.16 21.99
N LYS A 109 4.97 0.01 22.30
CA LYS A 109 3.64 0.11 22.88
C LYS A 109 2.68 -0.88 22.21
N GLY A 110 2.75 -0.95 20.89
CA GLY A 110 1.88 -1.86 20.15
C GLY A 110 0.69 -1.16 19.53
N ARG A 111 0.87 0.11 19.19
CA ARG A 111 -0.20 0.90 18.58
C ARG A 111 0.28 1.61 17.33
N ALA A 112 -0.66 2.11 16.54
CA ALA A 112 -0.33 2.82 15.31
C ALA A 112 -0.13 4.32 15.56
N VAL A 113 1.10 4.78 15.38
CA VAL A 113 1.42 6.19 15.59
C VAL A 113 0.59 7.08 14.68
N SER A 114 -0.12 8.05 15.28
CA SER A 114 -0.95 8.97 14.52
C SER A 114 -0.13 9.73 13.48
N TRP A 115 -0.18 9.27 12.23
CA TRP A 115 0.56 9.90 11.15
C TRP A 115 -0.39 10.47 10.10
N THR A 116 0.08 11.47 9.36
CA THR A 116 -0.73 12.09 8.32
C THR A 116 -0.64 11.31 7.01
N PHE A 117 -1.77 11.15 6.34
CA PHE A 117 -1.82 10.43 5.07
C PHE A 117 -2.16 11.38 3.92
N SER A 118 -1.14 12.05 3.40
CA SER A 118 -1.33 12.99 2.30
C SER A 118 -0.42 12.64 1.13
N GLU A 119 -0.78 13.11 -0.06
CA GLU A 119 0.01 12.84 -1.26
C GLU A 119 1.48 13.09 -1.00
N GLU A 120 1.83 14.33 -0.67
CA GLU A 120 3.22 14.69 -0.39
C GLU A 120 3.82 13.76 0.66
N ASN A 121 3.25 13.79 1.86
CA ASN A 121 3.73 12.95 2.95
C ASN A 121 4.21 11.61 2.44
N VAL A 122 3.32 10.88 1.77
CA VAL A 122 3.65 9.58 1.21
C VAL A 122 4.85 9.66 0.28
N ILE A 123 4.75 10.51 -0.73
CA ILE A 123 5.83 10.69 -1.70
C ILE A 123 7.15 10.99 -1.00
N ARG A 124 7.06 11.57 0.19
CA ARG A 124 8.25 11.91 0.96
C ARG A 124 8.74 10.70 1.75
N GLU A 125 7.93 10.23 2.69
CA GLU A 125 8.29 9.09 3.52
C GLU A 125 8.68 7.89 2.64
N PHE A 126 7.77 7.49 1.76
CA PHE A 126 8.02 6.36 0.87
C PHE A 126 9.04 6.72 -0.20
N ASN A 127 9.37 8.01 -0.28
CA ASN A 127 10.34 8.49 -1.26
C ASN A 127 10.10 7.87 -2.62
N LEU A 128 8.86 7.98 -3.10
CA LEU A 128 8.49 7.42 -4.40
C LEU A 128 9.38 7.99 -5.50
N ASN A 129 9.59 9.29 -5.47
CA ASN A 129 10.42 9.95 -6.48
C ASN A 129 11.75 9.21 -6.66
N GLU A 130 12.23 8.61 -5.58
CA GLU A 130 13.49 7.86 -5.61
C GLU A 130 13.27 6.46 -6.17
N LEU A 131 12.40 5.70 -5.54
CA LEU A 131 12.11 4.33 -5.96
C LEU A 131 11.91 4.28 -7.48
N SER A 132 10.88 4.97 -7.96
CA SER A 132 10.59 4.99 -9.39
C SER A 132 11.73 5.64 -10.17
N GLY A 133 11.83 5.29 -11.46
CA GLY A 133 12.88 5.85 -12.29
C GLY A 133 12.33 6.44 -13.58
N PRO A 134 13.24 7.04 -14.37
CA PRO A 134 12.87 7.67 -15.64
C PRO A 134 12.48 6.64 -16.70
N SER A 135 11.18 6.50 -16.94
CA SER A 135 10.68 5.55 -17.93
C SER A 135 11.15 5.93 -19.33
N SER A 136 11.74 4.96 -20.03
CA SER A 136 12.22 5.18 -21.39
C SER A 136 11.24 6.02 -22.19
N GLY A 137 11.67 7.22 -22.58
CA GLY A 137 10.82 8.10 -23.35
C GLY A 137 9.74 8.76 -22.50
N GLY A 1 0.31 1.71 -18.92
CA GLY A 1 0.22 0.29 -19.18
C GLY A 1 -0.70 -0.04 -20.35
N SER A 2 -1.84 -0.62 -20.04
CA SER A 2 -2.81 -1.00 -21.07
C SER A 2 -3.49 0.24 -21.65
N SER A 3 -3.18 0.53 -22.92
CA SER A 3 -3.75 1.68 -23.59
C SER A 3 -5.22 1.89 -23.18
N GLY A 4 -5.69 3.13 -23.29
CA GLY A 4 -7.05 3.44 -22.92
C GLY A 4 -7.44 2.85 -21.58
N SER A 5 -6.81 3.35 -20.52
CA SER A 5 -7.10 2.86 -19.17
C SER A 5 -6.66 3.88 -18.12
N SER A 6 -7.51 4.10 -17.13
CA SER A 6 -7.20 5.05 -16.06
C SER A 6 -7.59 4.48 -14.70
N GLY A 7 -7.10 5.11 -13.64
CA GLY A 7 -7.40 4.66 -12.30
C GLY A 7 -7.54 3.15 -12.21
N TYR A 8 -6.44 2.45 -12.44
CA TYR A 8 -6.44 0.99 -12.39
C TYR A 8 -5.37 0.47 -11.43
N ILE A 9 -5.74 -0.52 -10.62
CA ILE A 9 -4.82 -1.10 -9.66
C ILE A 9 -4.92 -2.62 -9.64
N LYS A 10 -3.78 -3.29 -9.53
CA LYS A 10 -3.75 -4.75 -9.50
C LYS A 10 -4.03 -5.27 -8.09
N TYR A 11 -5.26 -5.73 -7.88
CA TYR A 11 -5.66 -6.25 -6.57
C TYR A 11 -5.02 -7.62 -6.32
N PHE A 12 -4.54 -7.82 -5.10
CA PHE A 12 -3.91 -9.08 -4.72
C PHE A 12 -4.78 -9.84 -3.73
N ASN A 13 -4.69 -11.17 -3.79
CA ASN A 13 -5.48 -12.03 -2.91
C ASN A 13 -4.67 -12.39 -1.65
N ASP A 14 -5.28 -13.18 -0.78
CA ASP A 14 -4.63 -13.59 0.46
C ASP A 14 -3.46 -14.53 0.17
N LYS A 15 -3.47 -15.13 -1.02
CA LYS A 15 -2.41 -16.04 -1.42
C LYS A 15 -1.45 -15.37 -2.40
N THR A 16 -1.96 -15.05 -3.58
CA THR A 16 -1.15 -14.40 -4.62
C THR A 16 -0.31 -13.27 -4.02
N ILE A 17 -0.89 -12.56 -3.05
CA ILE A 17 -0.20 -11.45 -2.40
C ILE A 17 1.28 -11.75 -2.22
N ASP A 18 1.59 -13.02 -1.95
CA ASP A 18 2.97 -13.44 -1.75
C ASP A 18 3.61 -13.86 -3.08
N GLU A 19 2.93 -14.78 -3.78
CA GLU A 19 3.42 -15.27 -5.07
C GLU A 19 4.05 -14.13 -5.88
N GLU A 20 3.46 -12.94 -5.79
CA GLU A 20 3.96 -11.78 -6.52
C GLU A 20 5.30 -11.33 -5.95
N LEU A 21 5.28 -10.87 -4.70
CA LEU A 21 6.50 -10.40 -4.05
C LEU A 21 7.60 -11.46 -4.12
N GLU A 22 7.21 -12.70 -4.42
CA GLU A 22 8.16 -13.79 -4.52
C GLU A 22 8.88 -13.77 -5.88
N ARG A 23 8.12 -13.44 -6.92
CA ARG A 23 8.68 -13.40 -8.27
C ARG A 23 9.26 -12.01 -8.56
N ASP A 24 8.48 -10.98 -8.27
CA ASP A 24 8.92 -9.60 -8.50
C ASP A 24 9.69 -9.07 -7.30
N LYS A 25 10.32 -9.97 -6.56
CA LYS A 25 11.10 -9.59 -5.38
C LYS A 25 11.89 -8.31 -5.66
N ARG A 26 12.89 -8.41 -6.52
CA ARG A 26 13.73 -7.26 -6.86
C ARG A 26 12.88 -6.01 -7.03
N VAL A 27 11.74 -6.17 -7.70
CA VAL A 27 10.83 -5.04 -7.93
C VAL A 27 10.03 -4.71 -6.68
N THR A 28 9.94 -3.42 -6.36
CA THR A 28 9.21 -2.97 -5.19
C THR A 28 7.70 -3.02 -5.43
N TRP A 29 6.96 -3.36 -4.39
CA TRP A 29 5.50 -3.44 -4.49
C TRP A 29 4.83 -2.73 -3.32
N ILE A 30 4.03 -1.71 -3.64
CA ILE A 30 3.33 -0.94 -2.62
C ILE A 30 1.90 -1.45 -2.42
N VAL A 31 1.69 -2.19 -1.33
CA VAL A 31 0.37 -2.74 -1.03
C VAL A 31 -0.34 -1.91 0.03
N GLU A 32 -1.62 -1.64 -0.19
CA GLU A 32 -2.41 -0.84 0.73
C GLU A 32 -3.52 -1.69 1.36
N PHE A 33 -3.39 -2.00 2.64
CA PHE A 33 -4.37 -2.79 3.36
C PHE A 33 -5.49 -1.92 3.90
N PHE A 34 -6.65 -1.96 3.25
CA PHE A 34 -7.79 -1.17 3.66
C PHE A 34 -9.01 -2.06 3.92
N ALA A 35 -10.01 -1.49 4.58
CA ALA A 35 -11.23 -2.24 4.89
C ALA A 35 -12.46 -1.55 4.30
N ASN A 36 -13.50 -2.35 4.05
CA ASN A 36 -14.73 -1.82 3.47
C ASN A 36 -15.44 -0.89 4.46
N TRP A 37 -15.34 -1.22 5.74
CA TRP A 37 -15.97 -0.42 6.79
C TRP A 37 -15.00 0.63 7.32
N SER A 38 -13.99 0.95 6.52
CA SER A 38 -12.99 1.95 6.92
C SER A 38 -13.20 3.25 6.16
N ASN A 39 -13.83 4.22 6.83
CA ASN A 39 -14.09 5.52 6.22
C ASN A 39 -12.79 6.21 5.81
N ASP A 40 -11.79 6.15 6.69
CA ASP A 40 -10.50 6.77 6.42
C ASP A 40 -10.01 6.40 5.01
N CYS A 41 -10.31 5.18 4.58
CA CYS A 41 -9.90 4.72 3.27
C CYS A 41 -10.55 5.54 2.17
N GLN A 42 -11.81 5.92 2.38
CA GLN A 42 -12.54 6.71 1.40
C GLN A 42 -11.74 7.93 0.98
N SER A 43 -11.42 8.79 1.94
CA SER A 43 -10.65 10.00 1.67
C SER A 43 -9.36 9.66 0.93
N PHE A 44 -8.96 8.39 0.97
CA PHE A 44 -7.75 7.94 0.31
C PHE A 44 -8.06 7.37 -1.07
N ALA A 45 -9.24 6.75 -1.20
CA ALA A 45 -9.65 6.17 -2.47
C ALA A 45 -9.11 6.96 -3.65
N PRO A 46 -9.47 8.26 -3.71
CA PRO A 46 -9.04 9.15 -4.78
C PRO A 46 -7.54 9.47 -4.70
N ILE A 47 -7.04 9.61 -3.48
CA ILE A 47 -5.63 9.91 -3.27
C ILE A 47 -4.74 8.81 -3.84
N TYR A 48 -4.91 7.60 -3.32
CA TYR A 48 -4.12 6.46 -3.78
C TYR A 48 -4.19 6.33 -5.30
N ALA A 49 -5.38 6.49 -5.85
CA ALA A 49 -5.58 6.39 -7.29
C ALA A 49 -4.62 7.32 -8.04
N ASP A 50 -4.60 8.58 -7.65
CA ASP A 50 -3.72 9.56 -8.29
C ASP A 50 -2.26 9.12 -8.20
N LEU A 51 -1.83 8.77 -6.98
CA LEU A 51 -0.45 8.34 -6.77
C LEU A 51 -0.10 7.17 -7.69
N SER A 52 -0.78 6.05 -7.49
CA SER A 52 -0.54 4.86 -8.30
C SER A 52 -0.38 5.23 -9.78
N LEU A 53 -1.46 5.76 -10.37
CA LEU A 53 -1.44 6.15 -11.77
C LEU A 53 -0.18 6.92 -12.11
N LYS A 54 0.13 7.94 -11.31
CA LYS A 54 1.32 8.75 -11.53
C LYS A 54 2.57 7.88 -11.55
N TYR A 55 2.78 7.13 -10.48
CA TYR A 55 3.96 6.25 -10.38
C TYR A 55 3.71 4.93 -11.10
N ASN A 56 2.68 4.91 -11.94
CA ASN A 56 2.33 3.70 -12.70
C ASN A 56 3.24 3.53 -13.91
N CYS A 57 4.36 2.86 -13.71
CA CYS A 57 5.32 2.62 -14.79
C CYS A 57 5.84 1.19 -14.75
N THR A 58 6.28 0.70 -15.91
CA THR A 58 6.81 -0.65 -16.01
C THR A 58 7.64 -1.03 -14.80
N GLY A 59 8.29 -0.03 -14.21
CA GLY A 59 9.12 -0.27 -13.04
C GLY A 59 8.29 -0.52 -11.79
N LEU A 60 7.96 0.56 -11.08
CA LEU A 60 7.17 0.45 -9.85
C LEU A 60 5.72 0.14 -10.18
N ASN A 61 5.10 -0.68 -9.33
CA ASN A 61 3.70 -1.05 -9.53
C ASN A 61 2.89 -0.78 -8.27
N PHE A 62 1.58 -1.04 -8.34
CA PHE A 62 0.69 -0.81 -7.20
C PHE A 62 -0.29 -1.97 -7.05
N GLY A 63 -0.71 -2.22 -5.81
CA GLY A 63 -1.65 -3.29 -5.56
C GLY A 63 -2.49 -3.05 -4.32
N LYS A 64 -3.70 -3.58 -4.31
CA LYS A 64 -4.60 -3.42 -3.18
C LYS A 64 -5.15 -4.77 -2.71
N VAL A 65 -5.47 -4.86 -1.42
CA VAL A 65 -6.00 -6.09 -0.87
C VAL A 65 -6.88 -5.81 0.35
N ASP A 66 -8.16 -6.14 0.24
CA ASP A 66 -9.10 -5.92 1.33
C ASP A 66 -8.77 -6.83 2.52
N VAL A 67 -8.53 -6.20 3.68
CA VAL A 67 -8.21 -6.95 4.89
C VAL A 67 -9.41 -7.00 5.84
N GLY A 68 -10.28 -6.02 5.73
CA GLY A 68 -11.46 -5.97 6.58
C GLY A 68 -12.27 -7.25 6.53
N ARG A 69 -12.22 -7.93 5.38
CA ARG A 69 -12.96 -9.18 5.20
C ARG A 69 -12.01 -10.38 5.28
N TYR A 70 -10.86 -10.25 4.63
CA TYR A 70 -9.88 -11.34 4.62
C TYR A 70 -9.12 -11.38 5.94
N THR A 71 -9.63 -12.17 6.88
CA THR A 71 -9.00 -12.31 8.19
C THR A 71 -7.57 -12.82 8.05
N ASP A 72 -7.42 -13.96 7.38
CA ASP A 72 -6.10 -14.55 7.18
C ASP A 72 -5.04 -13.48 6.96
N VAL A 73 -5.31 -12.56 6.04
CA VAL A 73 -4.39 -11.47 5.76
C VAL A 73 -4.34 -10.46 6.89
N SER A 74 -5.47 -9.79 7.12
CA SER A 74 -5.57 -8.78 8.16
C SER A 74 -4.78 -9.21 9.40
N THR A 75 -4.69 -10.53 9.61
CA THR A 75 -3.97 -11.07 10.75
C THR A 75 -2.53 -11.40 10.38
N ARG A 76 -2.34 -11.96 9.19
CA ARG A 76 -1.01 -12.33 8.72
C ARG A 76 -0.08 -11.13 8.75
N TYR A 77 -0.63 -9.95 8.51
CA TYR A 77 0.16 -8.72 8.50
C TYR A 77 -0.11 -7.90 9.77
N LYS A 78 -0.34 -8.59 10.88
CA LYS A 78 -0.61 -7.93 12.15
C LYS A 78 -1.38 -6.64 11.94
N VAL A 79 -2.45 -6.72 11.14
CA VAL A 79 -3.28 -5.55 10.86
C VAL A 79 -4.64 -5.67 11.55
N SER A 80 -4.80 -4.98 12.66
CA SER A 80 -6.05 -5.01 13.42
C SER A 80 -7.21 -4.53 12.55
N THR A 81 -8.39 -5.12 12.77
CA THR A 81 -9.58 -4.75 12.02
C THR A 81 -10.65 -4.19 12.93
N SER A 82 -10.23 -3.35 13.88
CA SER A 82 -11.16 -2.74 14.82
C SER A 82 -11.48 -1.31 14.41
N PRO A 83 -12.74 -0.89 14.64
CA PRO A 83 -13.20 0.46 14.30
C PRO A 83 -12.58 1.53 15.19
N LEU A 84 -11.72 1.09 16.11
CA LEU A 84 -11.05 2.01 17.03
C LEU A 84 -9.58 2.17 16.67
N THR A 85 -8.91 1.04 16.45
CA THR A 85 -7.50 1.05 16.10
C THR A 85 -7.23 1.97 14.92
N LYS A 86 -5.95 2.27 14.68
CA LYS A 86 -5.57 3.15 13.58
C LYS A 86 -4.65 2.42 12.62
N GLN A 87 -5.03 1.20 12.25
CA GLN A 87 -4.24 0.39 11.32
C GLN A 87 -4.99 0.19 10.01
N LEU A 88 -5.76 1.19 9.62
CA LEU A 88 -6.53 1.11 8.38
C LEU A 88 -6.89 2.51 7.88
N PRO A 89 -6.46 2.83 6.65
CA PRO A 89 -5.70 1.90 5.81
C PRO A 89 -4.29 1.66 6.35
N THR A 90 -3.46 0.98 5.56
CA THR A 90 -2.09 0.70 5.95
C THR A 90 -1.19 0.56 4.73
N LEU A 91 -0.23 1.48 4.60
CA LEU A 91 0.70 1.46 3.48
C LEU A 91 2.04 0.87 3.90
N ILE A 92 2.56 -0.06 3.10
CA ILE A 92 3.83 -0.69 3.38
C ILE A 92 4.69 -0.80 2.12
N LEU A 93 5.99 -0.54 2.27
CA LEU A 93 6.91 -0.63 1.14
C LEU A 93 7.67 -1.94 1.15
N PHE A 94 7.44 -2.76 0.13
CA PHE A 94 8.12 -4.05 0.03
C PHE A 94 9.32 -3.97 -0.92
N GLN A 95 10.52 -4.07 -0.36
CA GLN A 95 11.74 -4.00 -1.15
C GLN A 95 12.47 -5.34 -1.14
N GLY A 96 12.41 -6.06 -2.25
CA GLY A 96 13.06 -7.35 -2.34
C GLY A 96 12.30 -8.45 -1.63
N GLY A 97 10.98 -8.41 -1.74
CA GLY A 97 10.15 -9.42 -1.09
C GLY A 97 10.32 -9.42 0.42
N LYS A 98 10.91 -8.35 0.94
CA LYS A 98 11.14 -8.23 2.38
C LYS A 98 10.55 -6.93 2.92
N GLU A 99 9.71 -7.03 3.94
CA GLU A 99 9.08 -5.86 4.55
C GLU A 99 10.14 -4.83 4.94
N ALA A 100 10.37 -3.85 4.06
CA ALA A 100 11.34 -2.80 4.32
C ALA A 100 10.84 -1.85 5.41
N MET A 101 9.63 -1.35 5.24
CA MET A 101 9.04 -0.43 6.20
C MET A 101 7.52 -0.47 6.14
N ARG A 102 6.87 -0.21 7.27
CA ARG A 102 5.42 -0.22 7.34
C ARG A 102 4.90 1.03 8.04
N ARG A 103 3.73 1.50 7.62
CA ARG A 103 3.12 2.69 8.20
C ARG A 103 1.60 2.54 8.28
N PRO A 104 1.01 3.09 9.35
CA PRO A 104 1.76 3.79 10.39
C PRO A 104 2.62 2.85 11.23
N GLN A 105 3.85 3.26 11.50
CA GLN A 105 4.77 2.44 12.29
C GLN A 105 4.35 2.41 13.76
N ILE A 106 4.71 1.34 14.45
CA ILE A 106 4.37 1.19 15.86
C ILE A 106 5.55 1.56 16.75
N ASP A 107 5.27 2.32 17.80
CA ASP A 107 6.31 2.75 18.73
C ASP A 107 6.71 1.61 19.66
N LYS A 108 7.05 0.47 19.08
CA LYS A 108 7.46 -0.70 19.85
C LYS A 108 6.63 -0.82 21.12
N LYS A 109 5.39 -0.35 21.07
CA LYS A 109 4.49 -0.40 22.22
C LYS A 109 3.23 -1.18 21.89
N GLY A 110 2.71 -0.96 20.69
CA GLY A 110 1.50 -1.65 20.27
C GLY A 110 0.42 -0.70 19.79
N ARG A 111 0.79 0.55 19.56
CA ARG A 111 -0.15 1.56 19.11
C ARG A 111 0.36 2.27 17.86
N ALA A 112 -0.52 2.47 16.89
CA ALA A 112 -0.15 3.13 15.65
C ALA A 112 -0.02 4.64 15.85
N VAL A 113 1.12 5.20 15.44
CA VAL A 113 1.37 6.62 15.58
C VAL A 113 0.53 7.42 14.61
N SER A 114 -0.06 8.51 15.09
CA SER A 114 -0.90 9.38 14.26
C SER A 114 -0.09 9.98 13.11
N TRP A 115 -0.25 9.42 11.92
CA TRP A 115 0.46 9.90 10.74
C TRP A 115 -0.51 10.52 9.74
N THR A 116 -0.08 11.62 9.12
CA THR A 116 -0.91 12.30 8.13
C THR A 116 -0.88 11.58 6.79
N PHE A 117 -2.05 11.17 6.32
CA PHE A 117 -2.16 10.47 5.04
C PHE A 117 -2.37 11.45 3.90
N SER A 118 -1.28 11.86 3.26
CA SER A 118 -1.35 12.80 2.16
C SER A 118 -0.45 12.35 1.01
N GLU A 119 -0.78 12.80 -0.20
CA GLU A 119 0.01 12.44 -1.38
C GLU A 119 1.47 12.86 -1.21
N GLU A 120 1.68 14.03 -0.62
CA GLU A 120 3.03 14.54 -0.39
C GLU A 120 3.77 13.67 0.63
N ASN A 121 3.34 13.73 1.87
CA ASN A 121 3.96 12.96 2.94
C ASN A 121 4.22 11.52 2.50
N VAL A 122 3.21 10.90 1.91
CA VAL A 122 3.33 9.53 1.43
C VAL A 122 4.58 9.35 0.58
N ILE A 123 4.81 10.31 -0.31
CA ILE A 123 5.97 10.26 -1.20
C ILE A 123 7.23 10.69 -0.46
N ARG A 124 7.09 11.63 0.47
CA ARG A 124 8.22 12.13 1.24
C ARG A 124 8.79 11.04 2.14
N GLU A 125 7.89 10.18 2.65
CA GLU A 125 8.30 9.09 3.53
C GLU A 125 8.72 7.86 2.72
N PHE A 126 7.83 7.38 1.88
CA PHE A 126 8.10 6.21 1.05
C PHE A 126 9.11 6.55 -0.05
N ASN A 127 9.44 7.84 -0.16
CA ASN A 127 10.40 8.29 -1.17
C ASN A 127 10.11 7.65 -2.52
N LEU A 128 8.85 7.65 -2.91
CA LEU A 128 8.44 7.07 -4.19
C LEU A 128 9.13 7.77 -5.36
N ASN A 129 9.19 9.10 -5.28
CA ASN A 129 9.83 9.89 -6.33
C ASN A 129 11.19 9.31 -6.70
N GLU A 130 11.98 8.99 -5.68
CA GLU A 130 13.31 8.44 -5.89
C GLU A 130 13.22 7.03 -6.49
N LEU A 131 12.30 6.23 -5.97
CA LEU A 131 12.11 4.87 -6.46
C LEU A 131 11.77 4.87 -7.94
N SER A 132 10.78 5.66 -8.32
CA SER A 132 10.35 5.74 -9.72
C SER A 132 11.45 6.35 -10.59
N GLY A 133 11.69 5.75 -11.75
CA GLY A 133 12.71 6.25 -12.65
C GLY A 133 12.31 7.55 -13.32
N PRO A 134 13.25 8.15 -14.07
CA PRO A 134 13.01 9.41 -14.78
C PRO A 134 12.04 9.24 -15.95
N SER A 135 10.94 9.99 -15.91
CA SER A 135 9.93 9.92 -16.97
C SER A 135 9.55 11.33 -17.43
N SER A 136 8.85 11.39 -18.57
CA SER A 136 8.42 12.67 -19.12
C SER A 136 9.61 13.47 -19.64
N GLY A 137 10.51 12.79 -20.33
CA GLY A 137 11.68 13.45 -20.88
C GLY A 137 12.27 12.72 -22.07
N GLY A 1 -3.00 -4.91 -23.15
CA GLY A 1 -2.81 -3.47 -23.07
C GLY A 1 -4.04 -2.69 -23.47
N SER A 2 -4.45 -1.75 -22.62
CA SER A 2 -5.63 -0.94 -22.89
C SER A 2 -5.24 0.53 -23.08
N SER A 3 -5.85 1.18 -24.06
CA SER A 3 -5.57 2.58 -24.34
C SER A 3 -6.65 3.48 -23.74
N GLY A 4 -7.06 3.17 -22.52
CA GLY A 4 -8.09 3.95 -21.87
C GLY A 4 -8.44 3.43 -20.49
N SER A 5 -7.47 3.52 -19.57
CA SER A 5 -7.68 3.05 -18.20
C SER A 5 -7.43 4.17 -17.20
N SER A 6 -8.39 4.36 -16.28
CA SER A 6 -8.28 5.40 -15.27
C SER A 6 -8.35 4.80 -13.87
N GLY A 7 -7.60 5.39 -12.94
CA GLY A 7 -7.60 4.90 -11.57
C GLY A 7 -7.71 3.39 -11.50
N TYR A 8 -6.63 2.69 -11.82
CA TYR A 8 -6.62 1.24 -11.80
C TYR A 8 -5.50 0.72 -10.91
N ILE A 9 -5.84 -0.22 -10.02
CA ILE A 9 -4.86 -0.80 -9.11
C ILE A 9 -4.77 -2.31 -9.29
N LYS A 10 -3.57 -2.85 -9.09
CA LYS A 10 -3.35 -4.29 -9.22
C LYS A 10 -3.74 -5.02 -7.95
N TYR A 11 -4.97 -5.52 -7.91
CA TYR A 11 -5.48 -6.25 -6.75
C TYR A 11 -4.65 -7.51 -6.49
N PHE A 12 -4.77 -8.06 -5.30
CA PHE A 12 -4.05 -9.27 -4.92
C PHE A 12 -4.83 -10.09 -3.91
N ASN A 13 -4.75 -11.41 -4.04
CA ASN A 13 -5.46 -12.31 -3.14
C ASN A 13 -4.58 -12.71 -1.97
N ASP A 14 -5.13 -13.50 -1.05
CA ASP A 14 -4.39 -13.96 0.11
C ASP A 14 -3.41 -15.06 -0.26
N LYS A 15 -3.65 -15.69 -1.41
CA LYS A 15 -2.79 -16.77 -1.88
C LYS A 15 -1.84 -16.27 -2.96
N THR A 16 -2.24 -15.20 -3.65
CA THR A 16 -1.42 -14.62 -4.70
C THR A 16 -0.51 -13.53 -4.16
N ILE A 17 -1.01 -12.76 -3.19
CA ILE A 17 -0.25 -11.69 -2.58
C ILE A 17 1.18 -12.13 -2.28
N ASP A 18 1.36 -13.43 -2.08
CA ASP A 18 2.68 -13.99 -1.78
C ASP A 18 3.42 -14.34 -3.07
N GLU A 19 2.87 -15.31 -3.81
CA GLU A 19 3.48 -15.75 -5.05
C GLU A 19 3.99 -14.55 -5.86
N GLU A 20 3.20 -13.49 -5.90
CA GLU A 20 3.57 -12.29 -6.63
C GLU A 20 4.83 -11.65 -6.04
N LEU A 21 4.72 -11.20 -4.79
CA LEU A 21 5.85 -10.57 -4.12
C LEU A 21 7.07 -11.48 -4.14
N GLU A 22 6.85 -12.75 -4.46
CA GLU A 22 7.93 -13.72 -4.53
C GLU A 22 8.60 -13.72 -5.91
N ARG A 23 7.77 -13.80 -6.95
CA ARG A 23 8.26 -13.81 -8.31
C ARG A 23 8.71 -12.41 -8.74
N ASP A 24 8.41 -11.42 -7.92
CA ASP A 24 8.78 -10.04 -8.20
C ASP A 24 9.61 -9.45 -7.06
N LYS A 25 10.23 -10.32 -6.28
CA LYS A 25 11.06 -9.89 -5.16
C LYS A 25 11.88 -8.66 -5.54
N ARG A 26 12.85 -8.84 -6.42
CA ARG A 26 13.71 -7.74 -6.85
C ARG A 26 12.89 -6.47 -7.05
N VAL A 27 11.81 -6.57 -7.82
CA VAL A 27 10.95 -5.43 -8.09
C VAL A 27 10.16 -5.03 -6.83
N THR A 28 10.09 -3.73 -6.59
CA THR A 28 9.38 -3.21 -5.42
C THR A 28 7.87 -3.23 -5.65
N TRP A 29 7.14 -3.66 -4.63
CA TRP A 29 5.69 -3.74 -4.72
C TRP A 29 5.03 -3.05 -3.52
N ILE A 30 4.26 -2.00 -3.80
CA ILE A 30 3.58 -1.25 -2.74
C ILE A 30 2.13 -1.72 -2.59
N VAL A 31 1.88 -2.50 -1.54
CA VAL A 31 0.54 -3.01 -1.27
C VAL A 31 -0.14 -2.20 -0.17
N GLU A 32 -1.41 -1.87 -0.39
CA GLU A 32 -2.18 -1.10 0.57
C GLU A 32 -3.20 -1.98 1.28
N PHE A 33 -3.25 -1.87 2.61
CA PHE A 33 -4.19 -2.67 3.40
C PHE A 33 -5.31 -1.79 3.95
N PHE A 34 -6.49 -1.89 3.36
CA PHE A 34 -7.65 -1.10 3.78
C PHE A 34 -8.84 -2.01 4.06
N ALA A 35 -9.89 -1.43 4.64
CA ALA A 35 -11.10 -2.18 4.95
C ALA A 35 -12.29 -1.65 4.17
N ASN A 36 -13.41 -2.37 4.25
CA ASN A 36 -14.62 -1.97 3.54
C ASN A 36 -15.52 -1.12 4.44
N TRP A 37 -15.28 -1.18 5.74
CA TRP A 37 -16.06 -0.42 6.70
C TRP A 37 -15.27 0.78 7.21
N SER A 38 -14.07 0.97 6.66
CA SER A 38 -13.21 2.08 7.07
C SER A 38 -13.51 3.33 6.26
N ASN A 39 -14.17 4.30 6.89
CA ASN A 39 -14.52 5.55 6.22
C ASN A 39 -13.27 6.37 5.91
N ASP A 40 -12.40 6.49 6.91
CA ASP A 40 -11.16 7.25 6.75
C ASP A 40 -10.47 6.89 5.44
N CYS A 41 -10.68 5.67 4.98
CA CYS A 41 -10.08 5.19 3.75
C CYS A 41 -10.69 5.88 2.53
N GLN A 42 -11.99 6.14 2.61
CA GLN A 42 -12.71 6.80 1.52
C GLN A 42 -11.93 8.02 1.03
N SER A 43 -11.29 8.72 1.96
CA SER A 43 -10.51 9.91 1.63
C SER A 43 -9.26 9.55 0.84
N PHE A 44 -8.72 8.37 1.13
CA PHE A 44 -7.51 7.90 0.45
C PHE A 44 -7.86 7.18 -0.84
N ALA A 45 -9.09 6.66 -0.92
CA ALA A 45 -9.54 5.96 -2.11
C ALA A 45 -8.98 6.59 -3.38
N PRO A 46 -9.33 7.86 -3.60
CA PRO A 46 -8.88 8.62 -4.78
C PRO A 46 -7.39 8.93 -4.73
N ILE A 47 -6.94 9.46 -3.60
CA ILE A 47 -5.54 9.80 -3.42
C ILE A 47 -4.63 8.68 -3.91
N TYR A 48 -4.81 7.49 -3.36
CA TYR A 48 -4.01 6.33 -3.73
C TYR A 48 -4.11 6.07 -5.23
N ALA A 49 -5.30 6.29 -5.79
CA ALA A 49 -5.53 6.08 -7.21
C ALA A 49 -4.67 7.02 -8.05
N ASP A 50 -4.69 8.29 -7.70
CA ASP A 50 -3.91 9.30 -8.43
C ASP A 50 -2.42 8.95 -8.39
N LEU A 51 -1.91 8.69 -7.18
CA LEU A 51 -0.50 8.36 -7.01
C LEU A 51 -0.14 7.10 -7.82
N SER A 52 -0.86 6.02 -7.56
CA SER A 52 -0.62 4.76 -8.26
C SER A 52 -0.42 5.00 -9.75
N LEU A 53 -1.41 5.63 -10.38
CA LEU A 53 -1.34 5.91 -11.80
C LEU A 53 -0.03 6.60 -12.17
N LYS A 54 0.47 7.42 -11.26
CA LYS A 54 1.72 8.13 -11.48
C LYS A 54 2.92 7.20 -11.31
N TYR A 55 2.77 6.23 -10.42
CA TYR A 55 3.84 5.27 -10.15
C TYR A 55 3.51 3.91 -10.74
N ASN A 56 2.54 3.88 -11.64
CA ASN A 56 2.11 2.64 -12.28
C ASN A 56 3.02 2.29 -13.46
N CYS A 57 4.30 2.08 -13.16
CA CYS A 57 5.28 1.74 -14.19
C CYS A 57 5.52 0.23 -14.24
N THR A 58 6.29 -0.20 -15.23
CA THR A 58 6.59 -1.62 -15.39
C THR A 58 6.89 -2.28 -14.05
N GLY A 59 8.08 -2.01 -13.53
CA GLY A 59 8.48 -2.58 -12.25
C GLY A 59 7.58 -2.15 -11.12
N LEU A 60 7.80 -0.93 -10.63
CA LEU A 60 7.00 -0.39 -9.54
C LEU A 60 5.51 -0.51 -9.84
N ASN A 61 4.82 -1.35 -9.06
CA ASN A 61 3.39 -1.55 -9.25
C ASN A 61 2.62 -1.32 -7.94
N PHE A 62 1.40 -0.83 -8.06
CA PHE A 62 0.57 -0.56 -6.89
C PHE A 62 -0.47 -1.65 -6.71
N GLY A 63 -0.66 -2.08 -5.47
CA GLY A 63 -1.64 -3.12 -5.18
C GLY A 63 -2.56 -2.74 -4.03
N LYS A 64 -3.85 -3.01 -4.21
CA LYS A 64 -4.84 -2.70 -3.17
C LYS A 64 -5.53 -3.97 -2.69
N VAL A 65 -5.15 -4.43 -1.51
CA VAL A 65 -5.74 -5.63 -0.93
C VAL A 65 -6.62 -5.30 0.26
N ASP A 66 -7.87 -5.75 0.22
CA ASP A 66 -8.83 -5.50 1.29
C ASP A 66 -8.63 -6.50 2.43
N VAL A 67 -8.29 -5.98 3.60
CA VAL A 67 -8.08 -6.83 4.78
C VAL A 67 -9.29 -6.82 5.69
N GLY A 68 -10.00 -5.69 5.71
CA GLY A 68 -11.18 -5.56 6.55
C GLY A 68 -12.09 -6.78 6.45
N ARG A 69 -11.95 -7.52 5.36
CA ARG A 69 -12.77 -8.71 5.15
C ARG A 69 -11.91 -9.97 5.18
N TYR A 70 -10.70 -9.88 4.64
CA TYR A 70 -9.79 -11.01 4.60
C TYR A 70 -9.12 -11.21 5.95
N THR A 71 -9.76 -11.99 6.81
CA THR A 71 -9.22 -12.26 8.14
C THR A 71 -7.85 -12.92 8.06
N ASP A 72 -7.59 -13.59 6.95
CA ASP A 72 -6.32 -14.27 6.73
C ASP A 72 -5.19 -13.25 6.55
N VAL A 73 -5.28 -12.47 5.48
CA VAL A 73 -4.26 -11.46 5.19
C VAL A 73 -4.05 -10.53 6.39
N SER A 74 -5.14 -9.98 6.90
CA SER A 74 -5.07 -9.08 8.04
C SER A 74 -4.17 -9.66 9.13
N THR A 75 -4.57 -10.79 9.69
CA THR A 75 -3.80 -11.44 10.74
C THR A 75 -2.37 -11.72 10.28
N ARG A 76 -2.24 -12.27 9.08
CA ARG A 76 -0.93 -12.58 8.53
C ARG A 76 0.00 -11.38 8.61
N TYR A 77 -0.47 -10.25 8.12
CA TYR A 77 0.33 -9.02 8.13
C TYR A 77 0.15 -8.26 9.45
N LYS A 78 -0.23 -9.00 10.49
CA LYS A 78 -0.43 -8.41 11.81
C LYS A 78 -1.02 -7.00 11.69
N VAL A 79 -2.13 -6.89 10.97
CA VAL A 79 -2.79 -5.60 10.77
C VAL A 79 -4.17 -5.59 11.44
N SER A 80 -4.19 -5.28 12.73
CA SER A 80 -5.45 -5.23 13.48
C SER A 80 -6.58 -4.69 12.61
N THR A 81 -7.75 -5.31 12.72
CA THR A 81 -8.91 -4.90 11.95
C THR A 81 -10.01 -4.35 12.86
N SER A 82 -9.62 -3.57 13.85
CA SER A 82 -10.57 -2.99 14.80
C SER A 82 -10.88 -1.54 14.44
N PRO A 83 -12.14 -1.14 14.65
CA PRO A 83 -12.59 0.23 14.35
C PRO A 83 -12.00 1.25 15.30
N LEU A 84 -11.35 0.79 16.36
CA LEU A 84 -10.73 1.67 17.34
C LEU A 84 -9.27 1.94 16.97
N THR A 85 -8.52 0.88 16.72
CA THR A 85 -7.12 1.00 16.36
C THR A 85 -6.93 1.94 15.17
N LYS A 86 -5.67 2.25 14.85
CA LYS A 86 -5.37 3.13 13.72
C LYS A 86 -4.41 2.46 12.75
N GLN A 87 -4.75 1.23 12.34
CA GLN A 87 -3.93 0.48 11.41
C GLN A 87 -4.65 0.26 10.09
N LEU A 88 -5.59 1.15 9.78
CA LEU A 88 -6.36 1.06 8.55
C LEU A 88 -6.83 2.43 8.10
N PRO A 89 -6.48 2.79 6.85
CA PRO A 89 -5.69 1.93 5.96
C PRO A 89 -4.25 1.78 6.44
N THR A 90 -3.44 1.10 5.64
CA THR A 90 -2.03 0.89 5.97
C THR A 90 -1.19 0.75 4.70
N LEU A 91 0.04 1.26 4.76
CA LEU A 91 0.95 1.19 3.62
C LEU A 91 2.23 0.46 4.00
N ILE A 92 2.70 -0.39 3.10
CA ILE A 92 3.93 -1.15 3.33
C ILE A 92 4.74 -1.29 2.05
N LEU A 93 6.03 -0.97 2.13
CA LEU A 93 6.92 -1.07 0.99
C LEU A 93 7.75 -2.35 1.03
N PHE A 94 7.68 -3.13 -0.04
CA PHE A 94 8.42 -4.39 -0.11
C PHE A 94 9.59 -4.26 -1.07
N GLN A 95 10.79 -4.57 -0.59
CA GLN A 95 11.99 -4.49 -1.41
C GLN A 95 12.81 -5.78 -1.29
N GLY A 96 12.34 -6.83 -1.95
CA GLY A 96 13.05 -8.10 -1.90
C GLY A 96 12.34 -9.13 -1.04
N GLY A 97 11.01 -9.19 -1.15
CA GLY A 97 10.24 -10.13 -0.37
C GLY A 97 10.31 -9.85 1.11
N LYS A 98 10.90 -8.72 1.47
CA LYS A 98 11.03 -8.32 2.86
C LYS A 98 10.44 -6.95 3.11
N GLU A 99 10.07 -6.68 4.36
CA GLU A 99 9.48 -5.39 4.72
C GLU A 99 10.56 -4.35 4.97
N ALA A 100 10.60 -3.32 4.12
CA ALA A 100 11.57 -2.26 4.24
C ALA A 100 11.06 -1.13 5.14
N MET A 101 9.75 -0.88 5.06
CA MET A 101 9.13 0.18 5.86
C MET A 101 7.62 0.08 5.79
N ARG A 102 6.94 0.86 6.62
CA ARG A 102 5.48 0.86 6.67
C ARG A 102 4.96 2.11 7.38
N ARG A 103 3.70 2.45 7.12
CA ARG A 103 3.08 3.61 7.72
C ARG A 103 1.58 3.41 7.89
N PRO A 104 1.05 3.74 9.08
CA PRO A 104 1.87 4.27 10.17
C PRO A 104 2.80 3.22 10.77
N GLN A 105 3.98 3.66 11.20
CA GLN A 105 4.96 2.75 11.79
C GLN A 105 4.53 2.30 13.18
N ILE A 106 4.77 1.03 13.49
CA ILE A 106 4.41 0.47 14.78
C ILE A 106 5.54 0.65 15.79
N ASP A 107 5.22 1.21 16.95
CA ASP A 107 6.20 1.43 18.00
C ASP A 107 6.69 0.10 18.57
N LYS A 108 7.73 0.16 19.40
CA LYS A 108 8.29 -1.04 20.02
C LYS A 108 7.20 -1.86 20.69
N LYS A 109 6.42 -1.21 21.54
CA LYS A 109 5.33 -1.88 22.26
C LYS A 109 4.34 -2.49 21.28
N GLY A 110 3.93 -1.71 20.28
CA GLY A 110 2.99 -2.21 19.30
C GLY A 110 1.79 -1.29 19.15
N ARG A 111 2.05 -0.03 18.83
CA ARG A 111 0.98 0.95 18.65
C ARG A 111 1.19 1.76 17.38
N ALA A 112 0.10 1.98 16.64
CA ALA A 112 0.17 2.74 15.40
C ALA A 112 0.23 4.24 15.67
N VAL A 113 1.37 4.85 15.34
CA VAL A 113 1.57 6.28 15.56
C VAL A 113 0.62 7.10 14.67
N SER A 114 0.08 8.17 15.24
CA SER A 114 -0.83 9.04 14.50
C SER A 114 -0.17 9.61 13.25
N TRP A 115 -0.54 9.08 12.10
CA TRP A 115 0.02 9.53 10.83
C TRP A 115 -1.07 10.05 9.90
N THR A 116 -0.73 11.03 9.08
CA THR A 116 -1.68 11.62 8.14
C THR A 116 -1.51 11.02 6.75
N PHE A 117 -2.64 10.65 6.13
CA PHE A 117 -2.61 10.06 4.80
C PHE A 117 -2.84 11.14 3.74
N SER A 118 -1.74 11.65 3.18
CA SER A 118 -1.82 12.67 2.15
C SER A 118 -1.13 12.22 0.88
N GLU A 119 -1.04 13.13 -0.10
CA GLU A 119 -0.40 12.82 -1.38
C GLU A 119 1.09 13.15 -1.33
N GLU A 120 1.46 14.05 -0.42
CA GLU A 120 2.85 14.46 -0.28
C GLU A 120 3.56 13.63 0.78
N ASN A 121 2.99 13.60 1.98
CA ASN A 121 3.56 12.84 3.09
C ASN A 121 3.89 11.42 2.66
N VAL A 122 3.09 10.88 1.74
CA VAL A 122 3.30 9.53 1.24
C VAL A 122 4.54 9.46 0.36
N ILE A 123 4.65 10.40 -0.57
CA ILE A 123 5.79 10.44 -1.47
C ILE A 123 7.10 10.70 -0.72
N ARG A 124 7.02 11.55 0.29
CA ARG A 124 8.19 11.89 1.10
C ARG A 124 8.53 10.75 2.06
N GLU A 125 7.54 10.34 2.86
CA GLU A 125 7.73 9.26 3.83
C GLU A 125 8.27 8.01 3.14
N PHE A 126 7.78 7.74 1.93
CA PHE A 126 8.19 6.57 1.17
C PHE A 126 9.19 6.96 0.08
N ASN A 127 9.58 8.24 0.07
CA ASN A 127 10.53 8.74 -0.92
C ASN A 127 10.21 8.19 -2.31
N LEU A 128 8.93 7.92 -2.55
CA LEU A 128 8.50 7.38 -3.84
C LEU A 128 9.15 8.14 -4.99
N ASN A 129 9.42 9.42 -4.77
CA ASN A 129 10.04 10.26 -5.78
C ASN A 129 11.39 9.69 -6.21
N GLU A 130 12.19 9.27 -5.24
CA GLU A 130 13.50 8.71 -5.51
C GLU A 130 13.38 7.31 -6.11
N LEU A 131 12.67 6.43 -5.42
CA LEU A 131 12.48 5.06 -5.88
C LEU A 131 12.31 5.01 -7.40
N SER A 132 11.28 5.69 -7.90
CA SER A 132 11.01 5.73 -9.33
C SER A 132 12.14 6.44 -10.07
N GLY A 133 12.49 7.64 -9.60
CA GLY A 133 13.55 8.40 -10.24
C GLY A 133 13.09 9.76 -10.69
N PRO A 134 14.00 10.74 -10.66
CA PRO A 134 13.70 12.12 -11.07
C PRO A 134 13.48 12.24 -12.58
N SER A 135 12.26 12.59 -12.96
CA SER A 135 11.92 12.74 -14.37
C SER A 135 11.71 14.20 -14.73
N SER A 136 12.18 14.59 -15.91
CA SER A 136 12.06 15.97 -16.37
C SER A 136 10.69 16.20 -17.01
N GLY A 137 10.33 15.34 -17.96
CA GLY A 137 9.05 15.46 -18.64
C GLY A 137 8.06 14.42 -18.19
N GLY A 1 2.27 1.48 -29.72
CA GLY A 1 2.04 0.75 -28.48
C GLY A 1 1.89 1.66 -27.28
N SER A 2 0.94 2.59 -27.37
CA SER A 2 0.69 3.54 -26.29
C SER A 2 -0.77 3.48 -25.84
N SER A 3 -1.00 2.77 -24.74
CA SER A 3 -2.35 2.62 -24.19
C SER A 3 -2.32 2.49 -22.68
N GLY A 4 -2.70 3.56 -21.99
CA GLY A 4 -2.71 3.54 -20.54
C GLY A 4 -4.03 3.07 -19.97
N SER A 5 -4.42 3.64 -18.83
CA SER A 5 -5.67 3.26 -18.18
C SER A 5 -6.05 4.27 -17.10
N SER A 6 -7.33 4.31 -16.76
CA SER A 6 -7.83 5.23 -15.75
C SER A 6 -7.99 4.53 -14.40
N GLY A 7 -7.35 5.07 -13.38
CA GLY A 7 -7.44 4.49 -12.05
C GLY A 7 -7.52 2.97 -12.09
N TYR A 8 -6.36 2.33 -12.24
CA TYR A 8 -6.30 0.88 -12.30
C TYR A 8 -5.28 0.33 -11.31
N ILE A 9 -5.71 -0.58 -10.44
CA ILE A 9 -4.84 -1.17 -9.44
C ILE A 9 -4.85 -2.69 -9.55
N LYS A 10 -3.67 -3.30 -9.42
CA LYS A 10 -3.54 -4.74 -9.49
C LYS A 10 -3.87 -5.39 -8.16
N TYR A 11 -5.14 -5.77 -7.98
CA TYR A 11 -5.60 -6.40 -6.75
C TYR A 11 -4.90 -7.74 -6.53
N PHE A 12 -4.64 -8.06 -5.28
CA PHE A 12 -3.97 -9.32 -4.93
C PHE A 12 -4.76 -10.08 -3.86
N ASN A 13 -4.85 -11.40 -4.05
CA ASN A 13 -5.59 -12.24 -3.11
C ASN A 13 -4.77 -12.48 -1.84
N ASP A 14 -5.34 -13.25 -0.91
CA ASP A 14 -4.65 -13.56 0.34
C ASP A 14 -3.52 -14.55 0.11
N LYS A 15 -3.65 -15.37 -0.93
CA LYS A 15 -2.64 -16.36 -1.25
C LYS A 15 -1.69 -15.84 -2.33
N THR A 16 -2.26 -15.25 -3.38
CA THR A 16 -1.46 -14.70 -4.47
C THR A 16 -0.49 -13.64 -3.98
N ILE A 17 -0.98 -12.78 -3.10
CA ILE A 17 -0.17 -11.70 -2.53
C ILE A 17 1.23 -12.20 -2.18
N ASP A 18 1.34 -13.51 -1.91
CA ASP A 18 2.62 -14.11 -1.56
C ASP A 18 3.37 -14.54 -2.81
N GLU A 19 2.79 -15.48 -3.55
CA GLU A 19 3.42 -15.98 -4.77
C GLU A 19 3.96 -14.83 -5.62
N GLU A 20 3.15 -13.78 -5.76
CA GLU A 20 3.56 -12.61 -6.55
C GLU A 20 4.78 -11.94 -5.93
N LEU A 21 4.64 -11.51 -4.68
CA LEU A 21 5.73 -10.84 -3.99
C LEU A 21 6.99 -11.71 -3.98
N GLU A 22 6.80 -13.01 -4.20
CA GLU A 22 7.92 -13.94 -4.24
C GLU A 22 8.59 -13.95 -5.61
N ARG A 23 7.77 -13.92 -6.66
CA ARG A 23 8.28 -13.93 -8.03
C ARG A 23 8.70 -12.53 -8.46
N ASP A 24 8.40 -11.53 -7.62
CA ASP A 24 8.74 -10.16 -7.92
C ASP A 24 9.62 -9.56 -6.82
N LYS A 25 10.15 -10.43 -5.97
CA LYS A 25 11.02 -10.00 -4.88
C LYS A 25 11.88 -8.82 -5.31
N ARG A 26 12.86 -9.07 -6.17
CA ARG A 26 13.76 -8.02 -6.65
C ARG A 26 12.98 -6.74 -6.94
N VAL A 27 11.87 -6.88 -7.65
CA VAL A 27 11.03 -5.73 -7.99
C VAL A 27 10.29 -5.21 -6.78
N THR A 28 10.25 -3.90 -6.63
CA THR A 28 9.56 -3.26 -5.50
C THR A 28 8.05 -3.30 -5.70
N TRP A 29 7.33 -3.50 -4.60
CA TRP A 29 5.87 -3.55 -4.65
C TRP A 29 5.26 -2.82 -3.46
N ILE A 30 4.24 -2.00 -3.72
CA ILE A 30 3.58 -1.25 -2.68
C ILE A 30 2.11 -1.64 -2.57
N VAL A 31 1.78 -2.41 -1.54
CA VAL A 31 0.41 -2.85 -1.32
C VAL A 31 -0.27 -2.04 -0.22
N GLU A 32 -1.52 -1.68 -0.44
CA GLU A 32 -2.28 -0.91 0.53
C GLU A 32 -3.34 -1.77 1.22
N PHE A 33 -3.32 -1.77 2.54
CA PHE A 33 -4.27 -2.56 3.32
C PHE A 33 -5.43 -1.68 3.80
N PHE A 34 -6.59 -1.83 3.16
CA PHE A 34 -7.77 -1.06 3.52
C PHE A 34 -8.95 -1.98 3.84
N ALA A 35 -9.97 -1.43 4.48
CA ALA A 35 -11.16 -2.19 4.84
C ALA A 35 -12.39 -1.64 4.15
N ASN A 36 -13.49 -2.39 4.20
CA ASN A 36 -14.74 -1.98 3.58
C ASN A 36 -15.58 -1.15 4.54
N TRP A 37 -15.25 -1.23 5.83
CA TRP A 37 -15.98 -0.50 6.86
C TRP A 37 -15.15 0.68 7.37
N SER A 38 -13.98 0.89 6.77
CA SER A 38 -13.10 1.97 7.16
C SER A 38 -13.41 3.24 6.39
N ASN A 39 -13.82 4.28 7.11
CA ASN A 39 -14.15 5.57 6.49
C ASN A 39 -12.89 6.35 6.16
N ASP A 40 -11.89 6.25 7.02
CA ASP A 40 -10.63 6.95 6.83
C ASP A 40 -9.98 6.54 5.51
N CYS A 41 -10.28 5.33 5.06
CA CYS A 41 -9.72 4.82 3.82
C CYS A 41 -10.44 5.42 2.61
N GLN A 42 -11.62 5.98 2.84
CA GLN A 42 -12.41 6.59 1.78
C GLN A 42 -11.71 7.82 1.23
N SER A 43 -11.14 8.62 2.12
CA SER A 43 -10.44 9.84 1.73
C SER A 43 -9.16 9.51 0.96
N PHE A 44 -8.72 8.26 1.07
CA PHE A 44 -7.51 7.81 0.39
C PHE A 44 -7.85 7.18 -0.96
N ALA A 45 -9.05 6.62 -1.06
CA ALA A 45 -9.50 5.99 -2.30
C ALA A 45 -8.94 6.71 -3.51
N PRO A 46 -9.31 8.01 -3.65
CA PRO A 46 -8.86 8.84 -4.77
C PRO A 46 -7.37 9.16 -4.69
N ILE A 47 -6.87 9.34 -3.47
CA ILE A 47 -5.46 9.66 -3.26
C ILE A 47 -4.56 8.57 -3.83
N TYR A 48 -4.73 7.35 -3.33
CA TYR A 48 -3.94 6.21 -3.79
C TYR A 48 -4.04 6.06 -5.30
N ALA A 49 -5.25 6.15 -5.82
CA ALA A 49 -5.47 6.02 -7.25
C ALA A 49 -4.61 7.01 -8.03
N ASP A 50 -4.69 8.28 -7.65
CA ASP A 50 -3.91 9.32 -8.31
C ASP A 50 -2.42 9.01 -8.27
N LEU A 51 -1.94 8.60 -7.11
CA LEU A 51 -0.52 8.26 -6.95
C LEU A 51 -0.13 7.09 -7.84
N SER A 52 -0.78 5.94 -7.64
CA SER A 52 -0.50 4.76 -8.43
C SER A 52 -0.40 5.10 -9.92
N LEU A 53 -1.43 5.75 -10.44
CA LEU A 53 -1.46 6.14 -11.84
C LEU A 53 -0.21 6.92 -12.22
N LYS A 54 0.21 7.83 -11.33
CA LYS A 54 1.40 8.63 -11.57
C LYS A 54 2.65 7.76 -11.62
N TYR A 55 2.78 6.85 -10.66
CA TYR A 55 3.93 5.95 -10.60
C TYR A 55 3.63 4.65 -11.32
N ASN A 56 2.58 4.65 -12.14
CA ASN A 56 2.20 3.47 -12.89
C ASN A 56 2.81 3.49 -14.28
N CYS A 57 4.10 3.76 -14.35
CA CYS A 57 4.81 3.81 -15.63
C CYS A 57 5.52 2.50 -15.92
N THR A 58 6.56 2.21 -15.15
CA THR A 58 7.33 0.98 -15.32
C THR A 58 8.31 0.78 -14.18
N GLY A 59 8.35 -0.44 -13.65
CA GLY A 59 9.25 -0.74 -12.55
C GLY A 59 8.55 -0.74 -11.22
N LEU A 60 7.81 0.33 -10.94
CA LEU A 60 7.09 0.45 -9.68
C LEU A 60 5.59 0.19 -9.88
N ASN A 61 5.12 -0.94 -9.37
CA ASN A 61 3.72 -1.30 -9.49
C ASN A 61 2.95 -0.93 -8.22
N PHE A 62 1.62 -0.98 -8.31
CA PHE A 62 0.77 -0.65 -7.17
C PHE A 62 -0.33 -1.70 -7.00
N GLY A 63 -0.54 -2.13 -5.76
CA GLY A 63 -1.56 -3.12 -5.49
C GLY A 63 -2.46 -2.73 -4.33
N LYS A 64 -3.72 -3.15 -4.38
CA LYS A 64 -4.68 -2.84 -3.34
C LYS A 64 -5.44 -4.08 -2.89
N VAL A 65 -5.31 -4.43 -1.62
CA VAL A 65 -5.98 -5.61 -1.08
C VAL A 65 -6.85 -5.23 0.12
N ASP A 66 -8.09 -5.69 0.11
CA ASP A 66 -9.02 -5.42 1.19
C ASP A 66 -8.83 -6.39 2.35
N VAL A 67 -8.44 -5.86 3.51
CA VAL A 67 -8.22 -6.69 4.69
C VAL A 67 -9.44 -6.68 5.61
N GLY A 68 -10.22 -5.61 5.52
CA GLY A 68 -11.41 -5.49 6.36
C GLY A 68 -12.42 -6.60 6.07
N ARG A 69 -12.16 -7.38 5.04
CA ARG A 69 -13.05 -8.47 4.66
C ARG A 69 -12.29 -9.80 4.62
N TYR A 70 -11.00 -9.73 4.36
CA TYR A 70 -10.16 -10.91 4.28
C TYR A 70 -9.36 -11.10 5.57
N THR A 71 -10.02 -11.61 6.61
CA THR A 71 -9.37 -11.84 7.89
C THR A 71 -8.05 -12.58 7.71
N ASP A 72 -7.99 -13.45 6.72
CA ASP A 72 -6.78 -14.22 6.45
C ASP A 72 -5.57 -13.29 6.33
N VAL A 73 -5.62 -12.37 5.37
CA VAL A 73 -4.54 -11.43 5.15
C VAL A 73 -4.20 -10.67 6.43
N SER A 74 -5.15 -9.84 6.88
CA SER A 74 -4.96 -9.06 8.09
C SER A 74 -4.15 -9.82 9.13
N THR A 75 -4.67 -10.98 9.54
CA THR A 75 -4.00 -11.81 10.53
C THR A 75 -2.56 -12.11 10.12
N ARG A 76 -2.36 -12.38 8.83
CA ARG A 76 -1.04 -12.67 8.31
C ARG A 76 -0.13 -11.46 8.41
N TYR A 77 -0.72 -10.28 8.30
CA TYR A 77 0.04 -9.04 8.39
C TYR A 77 -0.15 -8.37 9.74
N LYS A 78 -0.50 -9.16 10.75
CA LYS A 78 -0.72 -8.65 12.09
C LYS A 78 -1.44 -7.31 12.05
N VAL A 79 -2.43 -7.20 11.17
CA VAL A 79 -3.21 -5.97 11.04
C VAL A 79 -4.58 -6.11 11.70
N SER A 80 -4.83 -5.26 12.69
CA SER A 80 -6.10 -5.30 13.40
C SER A 80 -7.23 -4.75 12.54
N THR A 81 -8.41 -5.34 12.65
CA THR A 81 -9.57 -4.92 11.88
C THR A 81 -10.61 -4.26 12.77
N SER A 82 -10.15 -3.47 13.74
CA SER A 82 -11.05 -2.78 14.66
C SER A 82 -11.20 -1.33 14.28
N PRO A 83 -12.43 -0.79 14.46
CA PRO A 83 -12.73 0.61 14.15
C PRO A 83 -12.05 1.59 15.10
N LEU A 84 -11.26 1.05 16.02
CA LEU A 84 -10.55 1.88 17.00
C LEU A 84 -9.07 1.95 16.67
N THR A 85 -8.51 0.84 16.18
CA THR A 85 -7.10 0.78 15.82
C THR A 85 -6.76 1.80 14.75
N LYS A 86 -5.48 2.10 14.61
CA LYS A 86 -5.02 3.06 13.62
C LYS A 86 -4.21 2.37 12.52
N GLN A 87 -4.28 1.04 12.50
CA GLN A 87 -3.55 0.26 11.50
C GLN A 87 -4.36 0.14 10.21
N LEU A 88 -5.25 1.09 9.99
CA LEU A 88 -6.09 1.09 8.79
C LEU A 88 -6.48 2.51 8.40
N PRO A 89 -6.13 2.90 7.16
CA PRO A 89 -5.41 2.02 6.22
C PRO A 89 -3.97 1.76 6.67
N THR A 90 -3.23 1.04 5.84
CA THR A 90 -1.83 0.72 6.14
C THR A 90 -1.03 0.54 4.86
N LEU A 91 0.12 1.21 4.79
CA LEU A 91 0.99 1.12 3.62
C LEU A 91 2.30 0.42 3.97
N ILE A 92 2.71 -0.52 3.12
CA ILE A 92 3.95 -1.25 3.34
C ILE A 92 4.78 -1.32 2.06
N LEU A 93 6.05 -0.98 2.17
CA LEU A 93 6.95 -1.00 1.02
C LEU A 93 7.81 -2.26 1.03
N PHE A 94 7.68 -3.08 0.00
CA PHE A 94 8.45 -4.31 -0.12
C PHE A 94 9.66 -4.12 -1.03
N GLN A 95 10.85 -4.38 -0.49
CA GLN A 95 12.08 -4.24 -1.25
C GLN A 95 12.92 -5.50 -1.17
N GLY A 96 12.86 -6.33 -2.21
CA GLY A 96 13.62 -7.57 -2.23
C GLY A 96 12.94 -8.67 -1.45
N GLY A 97 11.67 -8.48 -1.12
CA GLY A 97 10.93 -9.48 -0.39
C GLY A 97 10.95 -9.22 1.11
N LYS A 98 11.41 -8.04 1.51
CA LYS A 98 11.48 -7.68 2.91
C LYS A 98 10.55 -6.51 3.21
N GLU A 99 10.42 -6.17 4.50
CA GLU A 99 9.57 -5.06 4.91
C GLU A 99 10.39 -3.84 5.27
N ALA A 100 10.78 -3.07 4.26
CA ALA A 100 11.58 -1.87 4.47
C ALA A 100 10.96 -1.00 5.56
N MET A 101 9.71 -0.59 5.36
CA MET A 101 9.02 0.25 6.33
C MET A 101 7.52 0.01 6.28
N ARG A 102 6.78 0.71 7.13
CA ARG A 102 5.33 0.57 7.19
C ARG A 102 4.69 1.74 7.93
N ARG A 103 3.57 2.23 7.39
CA ARG A 103 2.87 3.36 7.99
C ARG A 103 1.42 2.99 8.29
N PRO A 104 0.97 3.31 9.52
CA PRO A 104 1.81 3.97 10.52
C PRO A 104 2.91 3.06 11.05
N GLN A 105 3.90 3.66 11.70
CA GLN A 105 5.01 2.90 12.26
C GLN A 105 4.68 2.41 13.67
N ILE A 106 5.09 1.19 13.97
CA ILE A 106 4.84 0.59 15.28
C ILE A 106 6.02 0.82 16.23
N ASP A 107 5.77 1.55 17.31
CA ASP A 107 6.80 1.85 18.29
C ASP A 107 7.09 0.62 19.14
N LYS A 108 8.20 0.67 19.89
CA LYS A 108 8.60 -0.44 20.75
C LYS A 108 7.41 -0.94 21.56
N LYS A 109 6.74 -0.03 22.25
CA LYS A 109 5.57 -0.38 23.06
C LYS A 109 4.69 -1.39 22.33
N GLY A 110 4.43 -1.12 21.05
CA GLY A 110 3.59 -2.00 20.27
C GLY A 110 2.31 -1.34 19.81
N ARG A 111 2.36 -0.02 19.63
CA ARG A 111 1.19 0.73 19.20
C ARG A 111 1.46 1.42 17.86
N ALA A 112 0.40 1.94 17.26
CA ALA A 112 0.52 2.63 15.98
C ALA A 112 0.67 4.13 16.17
N VAL A 113 1.77 4.69 15.66
CA VAL A 113 2.03 6.12 15.78
C VAL A 113 1.10 6.93 14.89
N SER A 114 0.36 7.85 15.50
CA SER A 114 -0.57 8.69 14.76
C SER A 114 0.14 9.46 13.65
N TRP A 115 0.08 8.91 12.44
CA TRP A 115 0.72 9.54 11.28
C TRP A 115 -0.32 9.96 10.25
N THR A 116 -0.12 11.14 9.66
CA THR A 116 -1.04 11.66 8.65
C THR A 116 -0.91 10.89 7.34
N PHE A 117 -2.02 10.74 6.64
CA PHE A 117 -2.03 10.02 5.37
C PHE A 117 -2.46 10.95 4.22
N SER A 118 -1.49 11.67 3.67
CA SER A 118 -1.76 12.59 2.57
C SER A 118 -1.07 12.13 1.29
N GLU A 119 -1.17 12.95 0.24
CA GLU A 119 -0.55 12.63 -1.03
C GLU A 119 0.93 12.99 -1.04
N GLU A 120 1.30 13.95 -0.20
CA GLU A 120 2.68 14.40 -0.10
C GLU A 120 3.42 13.64 0.99
N ASN A 121 2.89 13.70 2.21
CA ASN A 121 3.51 13.02 3.35
C ASN A 121 3.95 11.61 2.96
N VAL A 122 3.26 11.02 1.99
CA VAL A 122 3.59 9.68 1.52
C VAL A 122 4.80 9.70 0.60
N ILE A 123 4.68 10.42 -0.50
CA ILE A 123 5.77 10.52 -1.47
C ILE A 123 7.06 10.97 -0.80
N ARG A 124 6.93 11.75 0.27
CA ARG A 124 8.09 12.24 1.02
C ARG A 124 8.68 11.14 1.88
N GLU A 125 7.84 10.49 2.68
CA GLU A 125 8.27 9.43 3.56
C GLU A 125 8.77 8.22 2.75
N PHE A 126 7.91 7.69 1.90
CA PHE A 126 8.26 6.55 1.07
C PHE A 126 9.22 6.95 -0.04
N ASN A 127 9.56 8.23 -0.09
CA ASN A 127 10.47 8.76 -1.11
C ASN A 127 10.21 8.09 -2.45
N LEU A 128 8.96 8.10 -2.88
CA LEU A 128 8.58 7.50 -4.15
C LEU A 128 9.31 8.17 -5.31
N ASN A 129 9.16 9.48 -5.41
CA ASN A 129 9.80 10.25 -6.47
C ASN A 129 11.21 9.74 -6.73
N GLU A 130 11.95 9.47 -5.65
CA GLU A 130 13.30 8.98 -5.76
C GLU A 130 13.34 7.62 -6.44
N LEU A 131 12.56 6.67 -5.92
CA LEU A 131 12.50 5.33 -6.48
C LEU A 131 12.29 5.38 -7.99
N SER A 132 11.13 5.88 -8.40
CA SER A 132 10.79 5.98 -9.81
C SER A 132 11.54 7.15 -10.47
N GLY A 133 12.13 6.88 -11.63
CA GLY A 133 12.87 7.91 -12.34
C GLY A 133 11.96 8.96 -12.94
N PRO A 134 12.43 10.22 -12.97
CA PRO A 134 11.66 11.34 -13.53
C PRO A 134 11.53 11.25 -15.04
N SER A 135 12.10 10.20 -15.63
CA SER A 135 12.04 10.01 -17.07
C SER A 135 10.65 10.32 -17.60
N SER A 136 10.52 11.46 -18.27
CA SER A 136 9.23 11.88 -18.83
C SER A 136 8.09 11.49 -17.90
N GLY A 137 8.35 11.51 -16.59
CA GLY A 137 7.33 11.16 -15.62
C GLY A 137 7.58 11.80 -14.27
N GLY A 1 5.15 -2.66 -24.88
CA GLY A 1 5.17 -3.88 -24.09
C GLY A 1 3.83 -4.19 -23.46
N SER A 2 3.13 -3.16 -23.01
CA SER A 2 1.83 -3.33 -22.39
C SER A 2 1.11 -1.99 -22.25
N SER A 3 -0.16 -2.05 -21.85
CA SER A 3 -0.96 -0.85 -21.68
C SER A 3 -1.73 -0.88 -20.37
N GLY A 4 -2.33 0.25 -20.00
CA GLY A 4 -3.08 0.32 -18.77
C GLY A 4 -4.33 1.18 -18.90
N SER A 5 -5.08 1.30 -17.82
CA SER A 5 -6.30 2.10 -17.82
C SER A 5 -6.27 3.16 -16.72
N SER A 6 -7.35 3.92 -16.61
CA SER A 6 -7.43 4.97 -15.60
C SER A 6 -7.84 4.40 -14.25
N GLY A 7 -7.37 5.02 -13.18
CA GLY A 7 -7.69 4.56 -11.84
C GLY A 7 -7.77 3.05 -11.76
N TYR A 8 -6.63 2.39 -11.94
CA TYR A 8 -6.56 0.94 -11.89
C TYR A 8 -5.58 0.47 -10.83
N ILE A 9 -5.89 -0.65 -10.19
CA ILE A 9 -5.03 -1.21 -9.15
C ILE A 9 -5.00 -2.73 -9.22
N LYS A 10 -3.85 -3.31 -8.88
CA LYS A 10 -3.69 -4.76 -8.90
C LYS A 10 -4.28 -5.38 -7.63
N TYR A 11 -5.22 -6.30 -7.82
CA TYR A 11 -5.86 -6.98 -6.69
C TYR A 11 -5.17 -8.31 -6.39
N PHE A 12 -4.46 -8.35 -5.27
CA PHE A 12 -3.75 -9.57 -4.87
C PHE A 12 -4.54 -10.32 -3.80
N ASN A 13 -4.62 -11.64 -3.95
CA ASN A 13 -5.34 -12.48 -3.02
C ASN A 13 -4.53 -12.70 -1.74
N ASP A 14 -5.08 -13.47 -0.82
CA ASP A 14 -4.42 -13.75 0.45
C ASP A 14 -3.15 -14.58 0.22
N LYS A 15 -3.16 -15.38 -0.84
CA LYS A 15 -2.03 -16.23 -1.17
C LYS A 15 -1.21 -15.63 -2.32
N THR A 16 -1.86 -15.42 -3.45
CA THR A 16 -1.20 -14.86 -4.62
C THR A 16 -0.37 -13.65 -4.25
N ILE A 17 -0.80 -12.93 -3.21
CA ILE A 17 -0.09 -11.75 -2.75
C ILE A 17 1.38 -12.06 -2.49
N ASP A 18 1.65 -13.21 -1.88
CA ASP A 18 3.01 -13.62 -1.58
C ASP A 18 3.67 -14.25 -2.81
N GLU A 19 3.08 -15.34 -3.30
CA GLU A 19 3.62 -16.03 -4.47
C GLU A 19 4.17 -15.03 -5.48
N GLU A 20 3.39 -13.99 -5.77
CA GLU A 20 3.81 -12.97 -6.73
C GLU A 20 4.94 -12.12 -6.15
N LEU A 21 4.86 -11.84 -4.86
CA LEU A 21 5.87 -11.04 -4.18
C LEU A 21 7.18 -11.80 -4.05
N GLU A 22 7.14 -13.10 -4.37
CA GLU A 22 8.32 -13.94 -4.28
C GLU A 22 9.12 -13.89 -5.56
N ARG A 23 8.43 -13.79 -6.69
CA ARG A 23 9.08 -13.73 -7.99
C ARG A 23 9.40 -12.29 -8.38
N ASP A 24 8.70 -11.35 -7.76
CA ASP A 24 8.91 -9.93 -8.03
C ASP A 24 9.69 -9.27 -6.90
N LYS A 25 10.44 -10.08 -6.15
CA LYS A 25 11.23 -9.57 -5.03
C LYS A 25 12.02 -8.33 -5.44
N ARG A 26 13.07 -8.55 -6.23
CA ARG A 26 13.91 -7.44 -6.70
C ARG A 26 13.07 -6.23 -7.07
N VAL A 27 11.85 -6.50 -7.55
CA VAL A 27 10.94 -5.43 -7.95
C VAL A 27 10.24 -4.82 -6.74
N THR A 28 10.20 -3.49 -6.69
CA THR A 28 9.57 -2.79 -5.59
C THR A 28 8.04 -2.80 -5.72
N TRP A 29 7.37 -3.36 -4.73
CA TRP A 29 5.91 -3.44 -4.75
C TRP A 29 5.32 -2.69 -3.56
N ILE A 30 4.26 -1.93 -3.82
CA ILE A 30 3.60 -1.17 -2.76
C ILE A 30 2.13 -1.57 -2.62
N VAL A 31 1.83 -2.32 -1.57
CA VAL A 31 0.46 -2.78 -1.33
C VAL A 31 -0.21 -1.93 -0.25
N GLU A 32 -1.46 -1.53 -0.51
CA GLU A 32 -2.21 -0.73 0.43
C GLU A 32 -3.33 -1.54 1.08
N PHE A 33 -3.17 -1.85 2.36
CA PHE A 33 -4.17 -2.62 3.09
C PHE A 33 -5.28 -1.72 3.61
N PHE A 34 -6.48 -1.89 3.05
CA PHE A 34 -7.63 -1.10 3.43
C PHE A 34 -8.83 -1.99 3.74
N ALA A 35 -9.94 -1.36 4.15
CA ALA A 35 -11.15 -2.11 4.47
C ALA A 35 -12.37 -1.46 3.82
N ASN A 36 -13.51 -2.16 3.88
CA ASN A 36 -14.74 -1.65 3.30
C ASN A 36 -15.49 -0.77 4.30
N TRP A 37 -15.38 -1.10 5.58
CA TRP A 37 -16.04 -0.34 6.63
C TRP A 37 -15.15 0.80 7.12
N SER A 38 -14.05 1.03 6.41
CA SER A 38 -13.12 2.09 6.78
C SER A 38 -13.53 3.42 6.14
N ASN A 39 -14.19 4.26 6.93
CA ASN A 39 -14.65 5.56 6.44
C ASN A 39 -13.46 6.47 6.14
N ASP A 40 -12.58 6.62 7.11
CA ASP A 40 -11.39 7.48 6.95
C ASP A 40 -10.67 7.14 5.65
N CYS A 41 -10.74 5.88 5.25
CA CYS A 41 -10.08 5.43 4.03
C CYS A 41 -10.65 6.16 2.81
N GLN A 42 -11.95 6.44 2.84
CA GLN A 42 -12.61 7.14 1.74
C GLN A 42 -11.80 8.35 1.30
N SER A 43 -11.12 8.98 2.25
CA SER A 43 -10.32 10.16 1.96
C SER A 43 -9.11 9.79 1.10
N PHE A 44 -8.56 8.60 1.34
CA PHE A 44 -7.41 8.14 0.59
C PHE A 44 -7.84 7.42 -0.69
N ALA A 45 -9.08 6.93 -0.70
CA ALA A 45 -9.62 6.23 -1.86
C ALA A 45 -9.09 6.83 -3.15
N PRO A 46 -9.40 8.13 -3.37
CA PRO A 46 -8.97 8.85 -4.57
C PRO A 46 -7.47 9.11 -4.60
N ILE A 47 -6.95 9.60 -3.48
CA ILE A 47 -5.52 9.89 -3.38
C ILE A 47 -4.68 8.75 -3.93
N TYR A 48 -5.01 7.53 -3.50
CA TYR A 48 -4.29 6.35 -3.95
C TYR A 48 -4.37 6.19 -5.46
N ALA A 49 -5.58 6.35 -6.00
CA ALA A 49 -5.79 6.23 -7.43
C ALA A 49 -4.92 7.21 -8.20
N ASP A 50 -4.91 8.47 -7.76
CA ASP A 50 -4.12 9.50 -8.40
C ASP A 50 -2.64 9.13 -8.39
N LEU A 51 -2.14 8.70 -7.25
CA LEU A 51 -0.75 8.30 -7.12
C LEU A 51 -0.40 7.17 -8.07
N SER A 52 -1.09 6.04 -7.91
CA SER A 52 -0.86 4.88 -8.75
C SER A 52 -0.66 5.29 -10.20
N LEU A 53 -1.69 5.93 -10.78
CA LEU A 53 -1.63 6.38 -12.16
C LEU A 53 -0.31 7.09 -12.45
N LYS A 54 0.15 7.89 -11.49
CA LYS A 54 1.39 8.63 -11.64
C LYS A 54 2.58 7.68 -11.76
N TYR A 55 2.76 6.85 -10.74
CA TYR A 55 3.86 5.89 -10.73
C TYR A 55 3.50 4.63 -11.53
N ASN A 56 2.46 4.75 -12.34
CA ASN A 56 2.01 3.62 -13.16
C ASN A 56 2.72 3.61 -14.51
N CYS A 57 4.01 3.94 -14.50
CA CYS A 57 4.81 3.97 -15.72
C CYS A 57 6.10 3.19 -15.54
N THR A 58 6.90 3.58 -14.55
CA THR A 58 8.17 2.93 -14.27
C THR A 58 7.95 1.52 -13.73
N GLY A 59 9.04 0.87 -13.34
CA GLY A 59 8.95 -0.48 -12.81
C GLY A 59 8.43 -0.50 -11.39
N LEU A 60 7.36 0.24 -11.14
CA LEU A 60 6.75 0.30 -9.82
C LEU A 60 5.25 0.07 -9.89
N ASN A 61 4.82 -1.13 -9.48
CA ASN A 61 3.41 -1.47 -9.50
C ASN A 61 2.73 -1.11 -8.17
N PHE A 62 1.41 -1.02 -8.19
CA PHE A 62 0.66 -0.67 -6.99
C PHE A 62 -0.43 -1.71 -6.72
N GLY A 63 -0.43 -2.27 -5.52
CA GLY A 63 -1.42 -3.27 -5.16
C GLY A 63 -2.30 -2.82 -4.01
N LYS A 64 -3.46 -3.45 -3.87
CA LYS A 64 -4.40 -3.11 -2.81
C LYS A 64 -5.21 -4.34 -2.38
N VAL A 65 -4.93 -4.84 -1.19
CA VAL A 65 -5.64 -6.01 -0.68
C VAL A 65 -6.57 -5.63 0.48
N ASP A 66 -7.87 -5.77 0.26
CA ASP A 66 -8.85 -5.44 1.28
C ASP A 66 -8.71 -6.36 2.49
N VAL A 67 -8.07 -5.87 3.54
CA VAL A 67 -7.87 -6.64 4.75
C VAL A 67 -9.14 -6.71 5.58
N GLY A 68 -9.88 -5.60 5.60
CA GLY A 68 -11.12 -5.55 6.36
C GLY A 68 -12.07 -6.66 5.98
N ARG A 69 -11.92 -7.18 4.78
CA ARG A 69 -12.79 -8.25 4.30
C ARG A 69 -12.03 -9.57 4.24
N TYR A 70 -10.73 -9.49 4.02
CA TYR A 70 -9.89 -10.68 3.94
C TYR A 70 -9.16 -10.93 5.25
N THR A 71 -9.91 -11.35 6.27
CA THR A 71 -9.34 -11.62 7.58
C THR A 71 -8.07 -12.46 7.47
N ASP A 72 -8.02 -13.29 6.43
CA ASP A 72 -6.86 -14.16 6.22
C ASP A 72 -5.58 -13.33 6.10
N VAL A 73 -5.64 -12.27 5.29
CA VAL A 73 -4.48 -11.40 5.10
C VAL A 73 -4.14 -10.63 6.38
N SER A 74 -5.11 -9.87 6.87
CA SER A 74 -4.92 -9.08 8.08
C SER A 74 -4.10 -9.87 9.11
N THR A 75 -4.67 -10.97 9.58
CA THR A 75 -4.00 -11.81 10.57
C THR A 75 -2.60 -12.20 10.11
N ARG A 76 -2.46 -12.42 8.81
CA ARG A 76 -1.16 -12.80 8.24
C ARG A 76 -0.16 -11.65 8.37
N TYR A 77 -0.63 -10.43 8.11
CA TYR A 77 0.22 -9.25 8.19
C TYR A 77 0.03 -8.54 9.53
N LYS A 78 -0.32 -9.30 10.56
CA LYS A 78 -0.54 -8.74 11.89
C LYS A 78 -1.16 -7.34 11.80
N VAL A 79 -2.06 -7.17 10.84
CA VAL A 79 -2.73 -5.89 10.64
C VAL A 79 -4.12 -5.90 11.27
N SER A 80 -4.25 -5.27 12.43
CA SER A 80 -5.52 -5.21 13.14
C SER A 80 -6.61 -4.62 12.25
N THR A 81 -7.72 -5.32 12.13
CA THR A 81 -8.84 -4.87 11.31
C THR A 81 -9.98 -4.34 12.18
N SER A 82 -9.62 -3.55 13.20
CA SER A 82 -10.61 -2.98 14.10
C SER A 82 -10.88 -1.52 13.76
N PRO A 83 -12.15 -1.10 13.92
CA PRO A 83 -12.56 0.28 13.63
C PRO A 83 -12.00 1.28 14.64
N LEU A 84 -11.32 0.76 15.66
CA LEU A 84 -10.73 1.60 16.69
C LEU A 84 -9.24 1.79 16.46
N THR A 85 -8.55 0.68 16.17
CA THR A 85 -7.11 0.71 15.92
C THR A 85 -6.78 1.64 14.76
N LYS A 86 -5.54 2.12 14.73
CA LYS A 86 -5.08 3.01 13.68
C LYS A 86 -4.26 2.26 12.64
N GLN A 87 -4.67 1.02 12.35
CA GLN A 87 -3.97 0.20 11.37
C GLN A 87 -4.71 0.18 10.04
N LEU A 88 -5.44 1.25 9.76
CA LEU A 88 -6.20 1.36 8.51
C LEU A 88 -6.47 2.81 8.16
N PRO A 89 -6.05 3.22 6.95
CA PRO A 89 -5.37 2.33 6.02
C PRO A 89 -3.97 1.96 6.49
N THR A 90 -3.24 1.24 5.64
CA THR A 90 -1.88 0.82 5.97
C THR A 90 -1.04 0.65 4.71
N LEU A 91 0.02 1.44 4.60
CA LEU A 91 0.92 1.38 3.44
C LEU A 91 2.25 0.73 3.81
N ILE A 92 2.57 -0.37 3.15
CA ILE A 92 3.82 -1.08 3.41
C ILE A 92 4.64 -1.24 2.13
N LEU A 93 5.91 -0.88 2.19
CA LEU A 93 6.80 -0.98 1.04
C LEU A 93 7.65 -2.24 1.12
N PHE A 94 7.70 -2.98 0.01
CA PHE A 94 8.48 -4.21 -0.04
C PHE A 94 9.68 -4.05 -0.97
N GLN A 95 10.86 -4.46 -0.49
CA GLN A 95 12.08 -4.36 -1.27
C GLN A 95 13.02 -5.53 -0.96
N GLY A 96 13.09 -6.48 -1.88
CA GLY A 96 13.96 -7.63 -1.69
C GLY A 96 13.27 -8.75 -0.94
N GLY A 97 11.96 -8.88 -1.14
CA GLY A 97 11.20 -9.92 -0.47
C GLY A 97 11.20 -9.75 1.04
N LYS A 98 11.09 -8.50 1.49
CA LYS A 98 11.07 -8.21 2.92
C LYS A 98 10.29 -6.93 3.19
N GLU A 99 10.10 -6.62 4.48
CA GLU A 99 9.37 -5.42 4.87
C GLU A 99 10.34 -4.29 5.23
N ALA A 100 10.58 -3.41 4.27
CA ALA A 100 11.48 -2.28 4.47
C ALA A 100 10.90 -1.29 5.49
N MET A 101 9.68 -0.84 5.24
CA MET A 101 9.02 0.11 6.12
C MET A 101 7.51 -0.09 6.10
N ARG A 102 6.82 0.44 7.11
CA ARG A 102 5.37 0.31 7.21
C ARG A 102 4.78 1.46 8.02
N ARG A 103 3.72 2.05 7.50
CA ARG A 103 3.05 3.16 8.18
C ARG A 103 1.56 2.91 8.31
N PRO A 104 1.01 3.26 9.48
CA PRO A 104 1.77 3.86 10.58
C PRO A 104 2.72 2.87 11.22
N GLN A 105 3.89 3.36 11.65
CA GLN A 105 4.89 2.51 12.28
C GLN A 105 4.46 2.13 13.70
N ILE A 106 4.82 0.92 14.12
CA ILE A 106 4.48 0.43 15.44
C ILE A 106 5.57 0.77 16.44
N ASP A 107 5.18 1.30 17.60
CA ASP A 107 6.12 1.67 18.65
C ASP A 107 6.37 0.48 19.58
N LYS A 108 7.22 0.69 20.58
CA LYS A 108 7.55 -0.35 21.54
C LYS A 108 6.29 -0.87 22.24
N LYS A 109 5.39 0.04 22.58
CA LYS A 109 4.15 -0.32 23.25
C LYS A 109 3.10 -0.78 22.24
N GLY A 110 3.54 -1.56 21.26
CA GLY A 110 2.63 -2.06 20.24
C GLY A 110 1.55 -1.06 19.89
N ARG A 111 1.95 0.18 19.62
CA ARG A 111 1.01 1.23 19.27
C ARG A 111 1.30 1.79 17.88
N ALA A 112 0.25 2.22 17.19
CA ALA A 112 0.39 2.77 15.84
C ALA A 112 0.64 4.28 15.90
N VAL A 113 1.82 4.70 15.48
CA VAL A 113 2.18 6.11 15.48
C VAL A 113 1.24 6.91 14.58
N SER A 114 0.48 7.81 15.20
CA SER A 114 -0.47 8.64 14.46
C SER A 114 0.23 9.36 13.30
N TRP A 115 0.02 8.87 12.09
CA TRP A 115 0.62 9.47 10.90
C TRP A 115 -0.45 9.93 9.92
N THR A 116 -0.27 11.12 9.37
CA THR A 116 -1.21 11.68 8.41
C THR A 116 -1.17 10.91 7.10
N PHE A 117 -2.35 10.56 6.58
CA PHE A 117 -2.45 9.83 5.32
C PHE A 117 -2.74 10.77 4.16
N SER A 118 -1.68 11.32 3.58
CA SER A 118 -1.81 12.24 2.45
C SER A 118 -0.88 11.84 1.31
N GLU A 119 -1.07 12.49 0.16
CA GLU A 119 -0.24 12.20 -1.01
C GLU A 119 1.20 12.64 -0.79
N GLU A 120 1.40 13.95 -0.63
CA GLU A 120 2.73 14.50 -0.42
C GLU A 120 3.52 13.64 0.57
N ASN A 121 3.01 13.55 1.80
CA ASN A 121 3.66 12.76 2.85
C ASN A 121 4.12 11.41 2.29
N VAL A 122 3.17 10.56 1.95
CA VAL A 122 3.47 9.24 1.42
C VAL A 122 4.66 9.29 0.48
N ILE A 123 4.63 10.22 -0.47
CA ILE A 123 5.71 10.37 -1.44
C ILE A 123 7.02 10.70 -0.73
N ARG A 124 6.95 11.54 0.29
CA ARG A 124 8.13 11.94 1.05
C ARG A 124 8.65 10.78 1.89
N GLU A 125 7.84 10.35 2.86
CA GLU A 125 8.22 9.26 3.74
C GLU A 125 8.79 8.09 2.95
N PHE A 126 8.03 7.62 1.96
CA PHE A 126 8.45 6.51 1.12
C PHE A 126 9.43 6.98 0.05
N ASN A 127 9.61 8.30 -0.05
CA ASN A 127 10.52 8.87 -1.03
C ASN A 127 10.33 8.22 -2.40
N LEU A 128 9.08 8.11 -2.83
CA LEU A 128 8.77 7.51 -4.12
C LEU A 128 9.53 8.20 -5.25
N ASN A 129 9.44 9.53 -5.28
CA ASN A 129 10.11 10.32 -6.30
C ASN A 129 11.49 9.73 -6.62
N GLU A 130 12.24 9.42 -5.57
CA GLU A 130 13.58 8.85 -5.74
C GLU A 130 13.50 7.42 -6.27
N LEU A 131 12.63 6.62 -5.65
CA LEU A 131 12.46 5.23 -6.05
C LEU A 131 12.24 5.12 -7.56
N SER A 132 11.28 5.90 -8.07
CA SER A 132 10.97 5.89 -9.49
C SER A 132 11.90 6.82 -10.26
N GLY A 133 13.20 6.62 -10.09
CA GLY A 133 14.17 7.45 -10.78
C GLY A 133 13.74 8.90 -10.86
N PRO A 134 14.24 9.60 -11.88
CA PRO A 134 13.92 11.02 -12.11
C PRO A 134 12.47 11.22 -12.55
N SER A 135 11.78 12.13 -11.87
CA SER A 135 10.38 12.41 -12.19
C SER A 135 10.21 13.85 -12.69
N SER A 136 9.19 14.08 -13.49
CA SER A 136 8.93 15.41 -14.04
C SER A 136 8.23 16.29 -12.99
N GLY A 137 8.25 17.60 -13.23
CA GLY A 137 7.62 18.52 -12.31
C GLY A 137 8.34 19.85 -12.24
N GLY A 1 -7.62 -3.72 -22.28
CA GLY A 1 -8.97 -4.08 -21.86
C GLY A 1 -9.95 -2.92 -22.01
N SER A 2 -10.02 -2.08 -20.98
CA SER A 2 -10.93 -0.94 -21.00
C SER A 2 -10.19 0.33 -21.42
N SER A 3 -10.74 1.02 -22.42
CA SER A 3 -10.13 2.24 -22.92
C SER A 3 -11.09 3.42 -22.75
N GLY A 4 -10.68 4.38 -21.92
CA GLY A 4 -11.51 5.55 -21.68
C GLY A 4 -11.39 6.07 -20.26
N SER A 5 -11.67 5.19 -19.29
CA SER A 5 -11.59 5.57 -17.89
C SER A 5 -10.17 5.44 -17.36
N SER A 6 -9.98 5.80 -16.10
CA SER A 6 -8.66 5.73 -15.48
C SER A 6 -8.77 5.36 -14.00
N GLY A 7 -7.73 4.74 -13.46
CA GLY A 7 -7.74 4.35 -12.06
C GLY A 7 -7.87 2.86 -11.88
N TYR A 8 -6.79 2.13 -12.18
CA TYR A 8 -6.78 0.68 -12.05
C TYR A 8 -5.62 0.22 -11.18
N ILE A 9 -5.93 -0.51 -10.11
CA ILE A 9 -4.92 -1.01 -9.20
C ILE A 9 -4.78 -2.52 -9.31
N LYS A 10 -3.56 -3.02 -9.11
CA LYS A 10 -3.29 -4.45 -9.20
C LYS A 10 -3.69 -5.14 -7.89
N TYR A 11 -4.89 -5.70 -7.86
CA TYR A 11 -5.39 -6.40 -6.69
C TYR A 11 -4.59 -7.68 -6.44
N PHE A 12 -4.77 -8.26 -5.26
CA PHE A 12 -4.08 -9.48 -4.89
C PHE A 12 -4.90 -10.31 -3.91
N ASN A 13 -4.67 -11.63 -3.90
CA ASN A 13 -5.38 -12.52 -3.01
C ASN A 13 -4.51 -12.93 -1.83
N ASP A 14 -5.15 -13.45 -0.78
CA ASP A 14 -4.43 -13.89 0.41
C ASP A 14 -3.35 -14.90 0.05
N LYS A 15 -3.46 -15.47 -1.14
CA LYS A 15 -2.49 -16.46 -1.61
C LYS A 15 -1.53 -15.84 -2.61
N THR A 16 -2.05 -15.44 -3.76
CA THR A 16 -1.23 -14.84 -4.81
C THR A 16 -0.41 -13.67 -4.25
N ILE A 17 -1.00 -12.94 -3.31
CA ILE A 17 -0.32 -11.80 -2.71
C ILE A 17 1.15 -12.11 -2.44
N ASP A 18 1.43 -13.34 -2.03
CA ASP A 18 2.79 -13.77 -1.75
C ASP A 18 3.50 -14.21 -3.02
N GLU A 19 3.03 -15.31 -3.60
CA GLU A 19 3.62 -15.83 -4.83
C GLU A 19 4.02 -14.70 -5.77
N GLU A 20 3.29 -13.59 -5.69
CA GLU A 20 3.57 -12.43 -6.53
C GLU A 20 4.80 -11.67 -6.04
N LEU A 21 4.83 -11.41 -4.74
CA LEU A 21 5.94 -10.69 -4.13
C LEU A 21 7.22 -11.54 -4.16
N GLU A 22 7.04 -12.85 -4.15
CA GLU A 22 8.17 -13.78 -4.16
C GLU A 22 8.84 -13.79 -5.54
N ARG A 23 8.03 -13.64 -6.58
CA ARG A 23 8.54 -13.63 -7.95
C ARG A 23 8.94 -12.23 -8.38
N ASP A 24 8.43 -11.24 -7.67
CA ASP A 24 8.74 -9.84 -7.97
C ASP A 24 9.57 -9.21 -6.85
N LYS A 25 10.26 -10.05 -6.09
CA LYS A 25 11.08 -9.57 -4.99
C LYS A 25 11.90 -8.35 -5.40
N ARG A 26 12.95 -8.59 -6.20
CA ARG A 26 13.81 -7.51 -6.68
C ARG A 26 12.99 -6.26 -6.97
N VAL A 27 11.88 -6.42 -7.67
CA VAL A 27 11.02 -5.31 -8.02
C VAL A 27 10.31 -4.75 -6.78
N THR A 28 10.11 -3.44 -6.76
CA THR A 28 9.45 -2.78 -5.64
C THR A 28 7.94 -2.88 -5.77
N TRP A 29 7.27 -3.17 -4.66
CA TRP A 29 5.82 -3.29 -4.64
C TRP A 29 5.23 -2.58 -3.43
N ILE A 30 4.09 -1.93 -3.63
CA ILE A 30 3.42 -1.21 -2.55
C ILE A 30 1.95 -1.60 -2.46
N VAL A 31 1.62 -2.40 -1.44
CA VAL A 31 0.25 -2.85 -1.24
C VAL A 31 -0.46 -1.99 -0.18
N GLU A 32 -1.66 -1.54 -0.51
CA GLU A 32 -2.45 -0.71 0.40
C GLU A 32 -3.56 -1.52 1.05
N PHE A 33 -3.46 -1.70 2.37
CA PHE A 33 -4.45 -2.46 3.11
C PHE A 33 -5.59 -1.56 3.57
N PHE A 34 -6.81 -1.90 3.18
CA PHE A 34 -7.98 -1.11 3.56
C PHE A 34 -9.16 -2.03 3.91
N ALA A 35 -10.31 -1.43 4.19
CA ALA A 35 -11.51 -2.18 4.53
C ALA A 35 -12.75 -1.55 3.92
N ASN A 36 -13.90 -2.20 4.11
CA ASN A 36 -15.16 -1.70 3.57
C ASN A 36 -15.83 -0.74 4.56
N TRP A 37 -15.35 -0.74 5.79
CA TRP A 37 -15.90 0.13 6.83
C TRP A 37 -14.88 1.18 7.26
N SER A 38 -13.70 1.14 6.64
CA SER A 38 -12.65 2.08 6.96
C SER A 38 -12.95 3.46 6.39
N ASN A 39 -13.12 4.44 7.27
CA ASN A 39 -13.42 5.81 6.85
C ASN A 39 -12.15 6.51 6.35
N ASP A 40 -11.02 6.21 6.98
CA ASP A 40 -9.76 6.82 6.59
C ASP A 40 -9.38 6.43 5.16
N CYS A 41 -10.12 5.48 4.60
CA CYS A 41 -9.87 5.02 3.23
C CYS A 41 -10.67 5.84 2.23
N GLN A 42 -11.89 6.20 2.60
CA GLN A 42 -12.75 6.98 1.73
C GLN A 42 -12.13 8.32 1.39
N SER A 43 -11.24 8.79 2.28
CA SER A 43 -10.57 10.07 2.07
C SER A 43 -9.28 9.89 1.27
N PHE A 44 -8.74 8.67 1.30
CA PHE A 44 -7.51 8.36 0.58
C PHE A 44 -7.79 7.48 -0.64
N ALA A 45 -9.07 7.26 -0.92
CA ALA A 45 -9.49 6.44 -2.03
C ALA A 45 -8.93 6.99 -3.35
N PRO A 46 -9.33 8.22 -3.69
CA PRO A 46 -8.88 8.89 -4.91
C PRO A 46 -7.42 9.28 -4.86
N ILE A 47 -6.93 9.59 -3.66
CA ILE A 47 -5.53 9.98 -3.48
C ILE A 47 -4.60 8.82 -3.82
N TYR A 48 -5.10 7.59 -3.69
CA TYR A 48 -4.32 6.40 -3.97
C TYR A 48 -4.29 6.11 -5.47
N ALA A 49 -5.46 6.22 -6.10
CA ALA A 49 -5.57 5.97 -7.53
C ALA A 49 -4.71 6.95 -8.33
N ASP A 50 -4.75 8.22 -7.93
CA ASP A 50 -3.98 9.26 -8.61
C ASP A 50 -2.49 8.96 -8.53
N LEU A 51 -2.01 8.63 -7.33
CA LEU A 51 -0.60 8.32 -7.13
C LEU A 51 -0.20 7.07 -7.91
N SER A 52 -0.98 6.01 -7.76
CA SER A 52 -0.70 4.75 -8.45
C SER A 52 -0.59 4.98 -9.95
N LEU A 53 -1.65 5.52 -10.54
CA LEU A 53 -1.69 5.77 -11.98
C LEU A 53 -0.42 6.49 -12.42
N LYS A 54 0.11 7.36 -11.56
CA LYS A 54 1.32 8.09 -11.87
C LYS A 54 2.54 7.17 -11.88
N TYR A 55 2.70 6.40 -10.81
CA TYR A 55 3.82 5.48 -10.70
C TYR A 55 3.48 4.12 -11.32
N ASN A 56 2.37 4.08 -12.04
CA ASN A 56 1.93 2.85 -12.69
C ASN A 56 2.85 2.50 -13.86
N CYS A 57 3.85 1.67 -13.58
CA CYS A 57 4.80 1.25 -14.60
C CYS A 57 5.41 -0.10 -14.26
N THR A 58 6.03 -0.74 -15.24
CA THR A 58 6.66 -2.04 -15.04
C THR A 58 7.45 -2.08 -13.74
N GLY A 59 8.39 -1.14 -13.60
CA GLY A 59 9.20 -1.07 -12.40
C GLY A 59 8.37 -1.03 -11.13
N LEU A 60 7.91 0.17 -10.77
CA LEU A 60 7.10 0.34 -9.58
C LEU A 60 5.64 0.00 -9.85
N ASN A 61 5.08 -0.90 -9.04
CA ASN A 61 3.69 -1.32 -9.20
C ASN A 61 2.89 -1.02 -7.93
N PHE A 62 1.59 -0.83 -8.11
CA PHE A 62 0.70 -0.53 -6.98
C PHE A 62 -0.37 -1.61 -6.83
N GLY A 63 -0.63 -2.00 -5.59
CA GLY A 63 -1.63 -3.02 -5.33
C GLY A 63 -2.63 -2.60 -4.28
N LYS A 64 -3.63 -3.45 -4.03
CA LYS A 64 -4.65 -3.15 -3.04
C LYS A 64 -5.32 -4.44 -2.56
N VAL A 65 -5.23 -4.69 -1.26
CA VAL A 65 -5.83 -5.88 -0.67
C VAL A 65 -6.70 -5.53 0.53
N ASP A 66 -7.99 -5.79 0.43
CA ASP A 66 -8.92 -5.50 1.51
C ASP A 66 -8.79 -6.53 2.63
N VAL A 67 -8.34 -6.08 3.80
CA VAL A 67 -8.17 -6.97 4.95
C VAL A 67 -9.44 -7.02 5.78
N GLY A 68 -10.15 -5.90 5.86
CA GLY A 68 -11.37 -5.85 6.63
C GLY A 68 -12.27 -7.03 6.38
N ARG A 69 -12.19 -7.59 5.18
CA ARG A 69 -13.01 -8.74 4.81
C ARG A 69 -12.20 -10.03 4.88
N TYR A 70 -10.92 -9.94 4.52
CA TYR A 70 -10.03 -11.10 4.55
C TYR A 70 -9.29 -11.18 5.88
N THR A 71 -9.67 -12.16 6.70
CA THR A 71 -9.03 -12.35 8.00
C THR A 71 -7.65 -12.98 7.85
N ASP A 72 -7.54 -13.93 6.92
CA ASP A 72 -6.28 -14.62 6.68
C ASP A 72 -5.14 -13.62 6.48
N VAL A 73 -5.32 -12.72 5.51
CA VAL A 73 -4.32 -11.71 5.21
C VAL A 73 -4.01 -10.85 6.43
N SER A 74 -5.03 -10.16 6.93
CA SER A 74 -4.88 -9.30 8.11
C SER A 74 -3.94 -9.94 9.12
N THR A 75 -4.37 -11.07 9.69
CA THR A 75 -3.57 -11.78 10.68
C THR A 75 -2.16 -12.04 10.17
N ARG A 76 -2.07 -12.52 8.93
CA ARG A 76 -0.77 -12.81 8.32
C ARG A 76 0.10 -11.56 8.29
N TYR A 77 -0.53 -10.40 8.24
CA TYR A 77 0.19 -9.13 8.20
C TYR A 77 0.03 -8.37 9.51
N LYS A 78 -0.28 -9.09 10.58
CA LYS A 78 -0.46 -8.49 11.89
C LYS A 78 -1.16 -7.14 11.78
N VAL A 79 -2.26 -7.10 11.04
CA VAL A 79 -3.02 -5.87 10.85
C VAL A 79 -4.46 -6.03 11.35
N SER A 80 -4.70 -5.58 12.58
CA SER A 80 -6.03 -5.67 13.17
C SER A 80 -7.10 -5.19 12.20
N THR A 81 -8.34 -5.61 12.43
CA THR A 81 -9.45 -5.23 11.57
C THR A 81 -10.62 -4.71 12.40
N SER A 82 -10.34 -4.19 13.59
CA SER A 82 -11.36 -3.67 14.47
C SER A 82 -11.38 -2.14 14.45
N PRO A 83 -12.54 -1.56 14.73
CA PRO A 83 -12.72 -0.10 14.75
C PRO A 83 -12.00 0.55 15.92
N LEU A 84 -11.30 -0.26 16.71
CA LEU A 84 -10.56 0.24 17.86
C LEU A 84 -9.06 0.18 17.61
N THR A 85 -8.64 0.66 16.44
CA THR A 85 -7.22 0.67 16.09
C THR A 85 -6.97 1.60 14.91
N LYS A 86 -5.73 2.08 14.79
CA LYS A 86 -5.35 2.98 13.71
C LYS A 86 -4.43 2.26 12.72
N GLN A 87 -4.79 1.04 12.36
CA GLN A 87 -3.99 0.27 11.42
C GLN A 87 -4.74 0.06 10.10
N LEU A 88 -5.66 0.97 9.82
CA LEU A 88 -6.46 0.90 8.59
C LEU A 88 -6.94 2.28 8.17
N PRO A 89 -6.62 2.68 6.94
CA PRO A 89 -5.82 1.85 6.03
C PRO A 89 -4.37 1.72 6.48
N THR A 90 -3.57 0.99 5.69
CA THR A 90 -2.17 0.78 6.02
C THR A 90 -1.33 0.65 4.75
N LEU A 91 -0.23 1.39 4.71
CA LEU A 91 0.66 1.36 3.56
C LEU A 91 1.95 0.60 3.89
N ILE A 92 2.35 -0.29 2.99
CA ILE A 92 3.57 -1.07 3.18
C ILE A 92 4.40 -1.13 1.90
N LEU A 93 5.71 -0.93 2.04
CA LEU A 93 6.61 -0.96 0.90
C LEU A 93 7.54 -2.16 0.97
N PHE A 94 7.34 -3.12 0.07
CA PHE A 94 8.16 -4.33 0.02
C PHE A 94 9.30 -4.17 -0.97
N GLN A 95 10.53 -4.40 -0.50
CA GLN A 95 11.71 -4.28 -1.35
C GLN A 95 12.59 -5.52 -1.23
N GLY A 96 12.10 -6.63 -1.78
CA GLY A 96 12.86 -7.87 -1.73
C GLY A 96 12.22 -8.90 -0.83
N GLY A 97 10.88 -8.97 -0.87
CA GLY A 97 10.17 -9.93 -0.04
C GLY A 97 10.23 -9.59 1.43
N LYS A 98 10.81 -8.44 1.74
CA LYS A 98 10.93 -7.99 3.12
C LYS A 98 10.17 -6.68 3.35
N GLU A 99 9.68 -6.48 4.56
CA GLU A 99 8.93 -5.27 4.90
C GLU A 99 9.89 -4.11 5.19
N ALA A 100 10.27 -3.40 4.14
CA ALA A 100 11.17 -2.26 4.28
C ALA A 100 10.63 -1.25 5.28
N MET A 101 9.41 -0.80 5.08
CA MET A 101 8.78 0.17 5.98
C MET A 101 7.26 0.07 5.90
N ARG A 102 6.59 0.51 6.97
CA ARG A 102 5.14 0.48 7.03
C ARG A 102 4.60 1.60 7.90
N ARG A 103 3.47 2.17 7.49
CA ARG A 103 2.85 3.26 8.23
C ARG A 103 1.34 3.09 8.30
N PRO A 104 0.74 3.48 9.43
CA PRO A 104 1.48 4.06 10.56
C PRO A 104 2.35 3.03 11.27
N GLN A 105 3.58 3.41 11.59
CA GLN A 105 4.51 2.52 12.27
C GLN A 105 4.10 2.31 13.72
N ILE A 106 4.29 1.09 14.21
CA ILE A 106 3.94 0.77 15.59
C ILE A 106 5.09 1.06 16.54
N ASP A 107 4.79 1.77 17.62
CA ASP A 107 5.81 2.12 18.61
C ASP A 107 6.16 0.92 19.48
N LYS A 108 7.02 1.13 20.47
CA LYS A 108 7.44 0.06 21.37
C LYS A 108 6.25 -0.46 22.17
N LYS A 109 5.33 0.45 22.52
CA LYS A 109 4.15 0.07 23.29
C LYS A 109 3.27 -0.89 22.50
N GLY A 110 3.02 -0.56 21.24
CA GLY A 110 2.19 -1.41 20.40
C GLY A 110 1.01 -0.67 19.81
N ARG A 111 1.20 0.61 19.51
CA ARG A 111 0.13 1.43 18.94
C ARG A 111 0.64 2.22 17.74
N ALA A 112 -0.23 2.41 16.75
CA ALA A 112 0.13 3.16 15.55
C ALA A 112 0.31 4.63 15.86
N VAL A 113 1.41 5.21 15.38
CA VAL A 113 1.70 6.62 15.60
C VAL A 113 0.77 7.50 14.78
N SER A 114 0.35 8.62 15.37
CA SER A 114 -0.53 9.55 14.69
C SER A 114 0.16 10.22 13.51
N TRP A 115 0.03 9.63 12.34
CA TRP A 115 0.65 10.17 11.14
C TRP A 115 -0.41 10.62 10.14
N THR A 116 -0.07 11.61 9.31
CA THR A 116 -0.98 12.13 8.31
C THR A 116 -0.97 11.28 7.06
N PHE A 117 -2.08 11.29 6.32
CA PHE A 117 -2.19 10.52 5.08
C PHE A 117 -2.52 11.43 3.90
N SER A 118 -1.48 12.03 3.33
CA SER A 118 -1.66 12.93 2.19
C SER A 118 -0.79 12.49 1.02
N GLU A 119 -0.80 13.28 -0.05
CA GLU A 119 -0.02 12.97 -1.24
C GLU A 119 1.46 13.22 -0.99
N GLU A 120 1.82 14.48 -0.75
CA GLU A 120 3.21 14.85 -0.49
C GLU A 120 3.83 13.92 0.54
N ASN A 121 3.24 13.88 1.73
CA ASN A 121 3.74 13.04 2.81
C ASN A 121 4.06 11.63 2.30
N VAL A 122 3.04 10.94 1.81
CA VAL A 122 3.21 9.58 1.28
C VAL A 122 4.46 9.49 0.41
N ILE A 123 4.58 10.40 -0.54
CA ILE A 123 5.73 10.42 -1.44
C ILE A 123 7.02 10.69 -0.68
N ARG A 124 6.90 11.34 0.47
CA ARG A 124 8.06 11.65 1.30
C ARG A 124 8.47 10.45 2.14
N GLU A 125 7.56 9.99 3.00
CA GLU A 125 7.83 8.86 3.86
C GLU A 125 8.33 7.66 3.05
N PHE A 126 7.76 7.50 1.85
CA PHE A 126 8.14 6.40 0.98
C PHE A 126 9.08 6.87 -0.12
N ASN A 127 9.49 8.13 -0.03
CA ASN A 127 10.40 8.71 -1.01
C ASN A 127 10.11 8.17 -2.40
N LEU A 128 8.83 8.10 -2.75
CA LEU A 128 8.42 7.60 -4.06
C LEU A 128 9.17 8.32 -5.18
N ASN A 129 9.52 9.58 -4.94
CA ASN A 129 10.23 10.37 -5.93
C ASN A 129 11.60 9.76 -6.23
N GLU A 130 12.25 9.23 -5.20
CA GLU A 130 13.56 8.61 -5.36
C GLU A 130 13.44 7.25 -6.02
N LEU A 131 12.66 6.37 -5.42
CA LEU A 131 12.46 5.02 -5.95
C LEU A 131 12.30 5.07 -7.47
N SER A 132 11.26 5.76 -7.94
CA SER A 132 11.00 5.88 -9.36
C SER A 132 11.28 7.30 -9.85
N GLY A 133 12.49 7.51 -10.37
CA GLY A 133 12.87 8.81 -10.87
C GLY A 133 13.09 8.82 -12.38
N PRO A 134 12.78 9.95 -13.01
CA PRO A 134 12.93 10.11 -14.46
C PRO A 134 14.39 10.15 -14.89
N SER A 135 14.79 9.18 -15.71
CA SER A 135 16.16 9.11 -16.19
C SER A 135 16.23 9.37 -17.69
N SER A 136 15.58 8.50 -18.46
CA SER A 136 15.57 8.62 -19.91
C SER A 136 16.97 8.47 -20.48
N GLY A 137 17.71 7.48 -19.98
CA GLY A 137 19.06 7.26 -20.45
C GLY A 137 19.10 6.76 -21.88
N GLY A 1 -5.31 0.91 -29.66
CA GLY A 1 -6.40 1.42 -28.85
C GLY A 1 -6.17 1.19 -27.36
N SER A 2 -6.77 2.05 -26.54
CA SER A 2 -6.62 1.94 -25.09
C SER A 2 -7.84 2.52 -24.38
N SER A 3 -7.84 2.42 -23.05
CA SER A 3 -8.95 2.92 -22.26
C SER A 3 -8.97 4.45 -22.27
N GLY A 4 -10.18 5.02 -22.18
CA GLY A 4 -10.32 6.46 -22.19
C GLY A 4 -10.40 7.04 -20.79
N SER A 5 -9.73 6.39 -19.84
CA SER A 5 -9.73 6.85 -18.45
C SER A 5 -8.43 6.49 -17.75
N SER A 6 -8.25 7.00 -16.54
CA SER A 6 -7.04 6.73 -15.78
C SER A 6 -7.37 6.45 -14.31
N GLY A 7 -6.98 5.27 -13.83
CA GLY A 7 -7.25 4.91 -12.45
C GLY A 7 -7.42 3.41 -12.28
N TYR A 8 -6.33 2.67 -12.38
CA TYR A 8 -6.37 1.22 -12.23
C TYR A 8 -5.39 0.75 -11.17
N ILE A 9 -5.76 -0.30 -10.44
CA ILE A 9 -4.92 -0.85 -9.40
C ILE A 9 -4.88 -2.38 -9.46
N LYS A 10 -3.74 -2.95 -9.05
CA LYS A 10 -3.58 -4.39 -9.07
C LYS A 10 -4.18 -5.02 -7.81
N TYR A 11 -5.02 -6.02 -8.01
CA TYR A 11 -5.66 -6.71 -6.88
C TYR A 11 -4.94 -8.01 -6.56
N PHE A 12 -4.62 -8.19 -5.28
CA PHE A 12 -3.92 -9.39 -4.82
C PHE A 12 -4.72 -10.10 -3.73
N ASN A 13 -4.59 -11.42 -3.69
CA ASN A 13 -5.31 -12.22 -2.70
C ASN A 13 -4.36 -12.67 -1.58
N ASP A 14 -4.94 -13.19 -0.52
CA ASP A 14 -4.15 -13.66 0.62
C ASP A 14 -3.09 -14.66 0.17
N LYS A 15 -3.31 -15.26 -0.99
CA LYS A 15 -2.37 -16.24 -1.54
C LYS A 15 -1.47 -15.60 -2.59
N THR A 16 -2.08 -15.17 -3.69
CA THR A 16 -1.33 -14.54 -4.77
C THR A 16 -0.44 -13.42 -4.25
N ILE A 17 -0.97 -12.62 -3.33
CA ILE A 17 -0.22 -11.52 -2.75
C ILE A 17 1.23 -11.90 -2.52
N ASP A 18 1.46 -13.15 -2.14
CA ASP A 18 2.81 -13.65 -1.89
C ASP A 18 3.47 -14.09 -3.20
N GLU A 19 2.96 -15.17 -3.78
CA GLU A 19 3.50 -15.70 -5.03
C GLU A 19 3.91 -14.57 -5.96
N GLU A 20 3.21 -13.43 -5.86
CA GLU A 20 3.51 -12.27 -6.69
C GLU A 20 4.77 -11.56 -6.20
N LEU A 21 4.86 -11.37 -4.89
CA LEU A 21 6.00 -10.69 -4.29
C LEU A 21 7.20 -11.62 -4.20
N GLU A 22 6.97 -12.90 -4.48
CA GLU A 22 8.04 -13.89 -4.45
C GLU A 22 8.70 -14.05 -5.81
N ARG A 23 7.95 -13.74 -6.86
CA ARG A 23 8.45 -13.85 -8.22
C ARG A 23 9.03 -12.51 -8.69
N ASP A 24 8.51 -11.42 -8.13
CA ASP A 24 8.96 -10.08 -8.49
C ASP A 24 9.66 -9.41 -7.31
N LYS A 25 10.21 -10.23 -6.40
CA LYS A 25 10.90 -9.70 -5.23
C LYS A 25 11.69 -8.44 -5.58
N ARG A 26 12.73 -8.61 -6.38
CA ARG A 26 13.57 -7.49 -6.79
C ARG A 26 12.73 -6.24 -7.02
N VAL A 27 11.68 -6.38 -7.83
CA VAL A 27 10.79 -5.26 -8.14
C VAL A 27 10.04 -4.81 -6.90
N THR A 28 10.04 -3.50 -6.67
CA THR A 28 9.36 -2.92 -5.51
C THR A 28 7.85 -2.95 -5.69
N TRP A 29 7.13 -3.32 -4.64
CA TRP A 29 5.68 -3.40 -4.69
C TRP A 29 5.07 -2.71 -3.47
N ILE A 30 4.23 -1.71 -3.72
CA ILE A 30 3.57 -0.98 -2.64
C ILE A 30 2.11 -1.41 -2.50
N VAL A 31 1.83 -2.20 -1.47
CA VAL A 31 0.47 -2.68 -1.22
C VAL A 31 -0.21 -1.84 -0.14
N GLU A 32 -1.46 -1.48 -0.39
CA GLU A 32 -2.23 -0.67 0.56
C GLU A 32 -3.35 -1.51 1.19
N PHE A 33 -3.14 -1.91 2.43
CA PHE A 33 -4.13 -2.70 3.15
C PHE A 33 -5.25 -1.83 3.70
N PHE A 34 -6.48 -2.08 3.26
CA PHE A 34 -7.63 -1.31 3.70
C PHE A 34 -8.84 -2.21 3.91
N ALA A 35 -9.83 -1.70 4.63
CA ALA A 35 -11.05 -2.46 4.90
C ALA A 35 -12.25 -1.85 4.19
N ASN A 36 -13.24 -2.67 3.88
CA ASN A 36 -14.45 -2.22 3.20
C ASN A 36 -15.26 -1.30 4.11
N TRP A 37 -15.22 -1.57 5.40
CA TRP A 37 -15.96 -0.77 6.38
C TRP A 37 -15.09 0.36 6.93
N SER A 38 -14.05 0.71 6.17
CA SER A 38 -13.14 1.78 6.59
C SER A 38 -13.55 3.12 5.97
N ASN A 39 -13.69 4.13 6.82
CA ASN A 39 -14.07 5.46 6.36
C ASN A 39 -12.84 6.29 6.00
N ASP A 40 -11.73 6.02 6.68
CA ASP A 40 -10.49 6.73 6.44
C ASP A 40 -9.99 6.49 5.01
N CYS A 41 -10.42 5.38 4.43
CA CYS A 41 -10.01 5.03 3.07
C CYS A 41 -10.76 5.87 2.04
N GLN A 42 -12.02 6.15 2.32
CA GLN A 42 -12.84 6.94 1.41
C GLN A 42 -12.20 8.30 1.15
N SER A 43 -11.45 8.80 2.13
CA SER A 43 -10.78 10.08 2.00
C SER A 43 -9.49 9.95 1.20
N PHE A 44 -8.89 8.75 1.25
CA PHE A 44 -7.65 8.49 0.53
C PHE A 44 -7.89 7.59 -0.66
N ALA A 45 -9.16 7.34 -0.96
CA ALA A 45 -9.53 6.48 -2.09
C ALA A 45 -9.05 7.06 -3.41
N PRO A 46 -9.54 8.27 -3.73
CA PRO A 46 -9.17 8.96 -4.97
C PRO A 46 -7.72 9.45 -4.95
N ILE A 47 -7.21 9.73 -3.75
CA ILE A 47 -5.84 10.20 -3.61
C ILE A 47 -4.83 9.11 -3.96
N TYR A 48 -5.16 7.87 -3.62
CA TYR A 48 -4.30 6.74 -3.91
C TYR A 48 -4.28 6.44 -5.40
N ALA A 49 -5.44 6.53 -6.03
CA ALA A 49 -5.56 6.27 -7.47
C ALA A 49 -4.66 7.19 -8.26
N ASP A 50 -4.83 8.49 -8.06
CA ASP A 50 -4.03 9.49 -8.77
C ASP A 50 -2.55 9.23 -8.58
N LEU A 51 -2.14 8.98 -7.33
CA LEU A 51 -0.75 8.71 -7.02
C LEU A 51 -0.24 7.48 -7.77
N SER A 52 -0.87 6.34 -7.50
CA SER A 52 -0.49 5.09 -8.15
C SER A 52 -0.20 5.32 -9.63
N LEU A 53 -1.20 5.74 -10.38
CA LEU A 53 -1.06 5.99 -11.81
C LEU A 53 0.24 6.75 -12.09
N LYS A 54 0.43 7.86 -11.38
CA LYS A 54 1.64 8.67 -11.56
C LYS A 54 2.90 7.83 -11.40
N TYR A 55 2.79 6.79 -10.59
CA TYR A 55 3.93 5.90 -10.35
C TYR A 55 3.66 4.50 -10.91
N ASN A 56 2.63 4.40 -11.74
CA ASN A 56 2.26 3.12 -12.34
C ASN A 56 2.64 3.08 -13.81
N CYS A 57 3.91 3.36 -14.09
CA CYS A 57 4.41 3.36 -15.46
C CYS A 57 5.39 2.22 -15.69
N THR A 58 6.51 2.25 -14.98
CA THR A 58 7.53 1.22 -15.09
C THR A 58 8.49 1.25 -13.91
N GLY A 59 8.63 0.10 -13.25
CA GLY A 59 9.51 0.01 -12.10
C GLY A 59 8.76 -0.01 -10.78
N LEU A 60 7.70 0.78 -10.70
CA LEU A 60 6.89 0.85 -9.49
C LEU A 60 5.44 0.45 -9.78
N ASN A 61 4.90 -0.44 -8.95
CA ASN A 61 3.53 -0.90 -9.11
C ASN A 61 2.73 -0.67 -7.83
N PHE A 62 1.41 -0.55 -7.99
CA PHE A 62 0.53 -0.33 -6.85
C PHE A 62 -0.54 -1.41 -6.77
N GLY A 63 -0.76 -1.93 -5.56
CA GLY A 63 -1.75 -2.97 -5.37
C GLY A 63 -2.62 -2.73 -4.16
N LYS A 64 -3.71 -3.50 -4.04
CA LYS A 64 -4.62 -3.36 -2.92
C LYS A 64 -5.13 -4.72 -2.45
N VAL A 65 -5.40 -4.84 -1.17
CA VAL A 65 -5.90 -6.09 -0.60
C VAL A 65 -6.81 -5.84 0.59
N ASP A 66 -8.09 -6.15 0.42
CA ASP A 66 -9.07 -5.94 1.49
C ASP A 66 -8.82 -6.90 2.64
N VAL A 67 -8.44 -6.35 3.79
CA VAL A 67 -8.17 -7.16 4.98
C VAL A 67 -9.39 -7.21 5.90
N GLY A 68 -10.16 -6.13 5.91
CA GLY A 68 -11.35 -6.08 6.75
C GLY A 68 -12.21 -7.33 6.62
N ARG A 69 -12.04 -8.05 5.52
CA ARG A 69 -12.82 -9.26 5.28
C ARG A 69 -11.90 -10.48 5.25
N TYR A 70 -10.63 -10.27 4.96
CA TYR A 70 -9.66 -11.34 4.90
C TYR A 70 -8.92 -11.50 6.22
N THR A 71 -9.49 -12.29 7.13
CA THR A 71 -8.89 -12.52 8.44
C THR A 71 -7.54 -13.21 8.31
N ASP A 72 -7.30 -13.81 7.15
CA ASP A 72 -6.04 -14.52 6.90
C ASP A 72 -4.88 -13.54 6.81
N VAL A 73 -4.97 -12.60 5.87
CA VAL A 73 -3.93 -11.61 5.68
C VAL A 73 -3.78 -10.71 6.91
N SER A 74 -4.91 -10.16 7.36
CA SER A 74 -4.91 -9.28 8.53
C SER A 74 -4.12 -9.90 9.67
N THR A 75 -4.21 -11.22 9.80
CA THR A 75 -3.50 -11.94 10.85
C THR A 75 -2.11 -12.36 10.39
N ARG A 76 -1.96 -12.58 9.09
CA ARG A 76 -0.68 -13.00 8.53
C ARG A 76 0.36 -11.89 8.68
N TYR A 77 0.01 -10.69 8.24
CA TYR A 77 0.92 -9.55 8.33
C TYR A 77 0.76 -8.82 9.66
N LYS A 78 0.18 -9.51 10.63
CA LYS A 78 -0.03 -8.93 11.96
C LYS A 78 -0.64 -7.55 11.85
N VAL A 79 -1.61 -7.39 10.95
CA VAL A 79 -2.27 -6.11 10.75
C VAL A 79 -3.68 -6.11 11.34
N SER A 80 -3.84 -5.43 12.47
CA SER A 80 -5.15 -5.37 13.13
C SER A 80 -6.16 -4.63 12.27
N THR A 81 -7.02 -5.38 11.58
CA THR A 81 -8.03 -4.80 10.72
C THR A 81 -9.38 -4.73 11.43
N SER A 82 -9.37 -4.20 12.65
CA SER A 82 -10.60 -4.07 13.43
C SER A 82 -11.11 -2.64 13.44
N PRO A 83 -12.40 -2.46 13.75
CA PRO A 83 -13.02 -1.14 13.80
C PRO A 83 -12.52 -0.31 14.98
N LEU A 84 -11.83 -0.95 15.90
CA LEU A 84 -11.29 -0.27 17.08
C LEU A 84 -9.78 -0.14 16.98
N THR A 85 -9.29 0.29 15.83
CA THR A 85 -7.86 0.46 15.61
C THR A 85 -7.59 1.54 14.58
N LYS A 86 -6.32 1.92 14.45
CA LYS A 86 -5.92 2.96 13.50
C LYS A 86 -5.03 2.36 12.41
N GLN A 87 -4.97 1.04 12.34
CA GLN A 87 -4.15 0.35 11.35
C GLN A 87 -4.91 0.21 10.03
N LEU A 88 -5.72 1.20 9.71
CA LEU A 88 -6.50 1.20 8.49
C LEU A 88 -6.85 2.61 8.04
N PRO A 89 -6.45 2.97 6.82
CA PRO A 89 -5.71 2.05 5.94
C PRO A 89 -4.30 1.79 6.43
N THR A 90 -3.52 1.06 5.63
CA THR A 90 -2.15 0.73 5.99
C THR A 90 -1.27 0.59 4.76
N LEU A 91 -0.20 1.36 4.70
CA LEU A 91 0.71 1.32 3.56
C LEU A 91 2.02 0.64 3.94
N ILE A 92 2.39 -0.38 3.17
CA ILE A 92 3.61 -1.13 3.42
C ILE A 92 4.43 -1.30 2.15
N LEU A 93 5.74 -1.05 2.25
CA LEU A 93 6.63 -1.18 1.10
C LEU A 93 7.40 -2.49 1.15
N PHE A 94 7.26 -3.30 0.10
CA PHE A 94 7.93 -4.58 0.02
C PHE A 94 9.11 -4.52 -0.96
N GLN A 95 10.32 -4.44 -0.42
CA GLN A 95 11.52 -4.36 -1.25
C GLN A 95 12.30 -5.67 -1.19
N GLY A 96 11.88 -6.65 -1.99
CA GLY A 96 12.55 -7.93 -2.02
C GLY A 96 11.84 -8.96 -1.16
N GLY A 97 10.54 -9.10 -1.35
CA GLY A 97 9.77 -10.07 -0.58
C GLY A 97 9.99 -9.92 0.91
N LYS A 98 10.15 -8.69 1.37
CA LYS A 98 10.37 -8.42 2.78
C LYS A 98 9.74 -7.09 3.19
N GLU A 99 9.64 -6.86 4.49
CA GLU A 99 9.05 -5.62 5.01
C GLU A 99 10.13 -4.61 5.37
N ALA A 100 10.21 -3.54 4.62
CA ALA A 100 11.20 -2.49 4.86
C ALA A 100 10.64 -1.40 5.77
N MET A 101 9.43 -0.94 5.45
CA MET A 101 8.79 0.10 6.24
C MET A 101 7.26 0.02 6.11
N ARG A 102 6.56 0.51 7.12
CA ARG A 102 5.11 0.49 7.11
C ARG A 102 4.54 1.75 7.78
N ARG A 103 3.39 2.20 7.29
CA ARG A 103 2.75 3.39 7.84
C ARG A 103 1.25 3.17 8.02
N PRO A 104 0.72 3.58 9.17
CA PRO A 104 1.52 4.23 10.22
C PRO A 104 2.48 3.25 10.91
N GLN A 105 3.62 3.77 11.36
CA GLN A 105 4.61 2.94 12.04
C GLN A 105 4.16 2.57 13.44
N ILE A 106 4.25 1.29 13.77
CA ILE A 106 3.84 0.80 15.08
C ILE A 106 5.02 0.84 16.06
N ASP A 107 4.81 1.49 17.20
CA ASP A 107 5.85 1.60 18.22
C ASP A 107 6.01 0.28 18.97
N LYS A 108 6.90 0.27 19.95
CA LYS A 108 7.15 -0.93 20.74
C LYS A 108 5.95 -1.26 21.62
N LYS A 109 4.93 -0.40 21.57
CA LYS A 109 3.72 -0.61 22.36
C LYS A 109 2.69 -1.42 21.59
N GLY A 110 2.46 -1.03 20.33
CA GLY A 110 1.49 -1.74 19.51
C GLY A 110 0.32 -0.87 19.11
N ARG A 111 0.59 0.40 18.84
CA ARG A 111 -0.45 1.34 18.46
C ARG A 111 -0.06 2.09 17.19
N ALA A 112 -1.05 2.41 16.37
CA ALA A 112 -0.81 3.14 15.11
C ALA A 112 -0.65 4.63 15.38
N VAL A 113 0.58 5.12 15.19
CA VAL A 113 0.87 6.53 15.41
C VAL A 113 0.06 7.41 14.47
N SER A 114 -0.39 8.56 14.97
CA SER A 114 -1.18 9.49 14.18
C SER A 114 -0.35 10.06 13.03
N TRP A 115 -0.59 9.56 11.82
CA TRP A 115 0.13 10.02 10.64
C TRP A 115 -0.83 10.61 9.62
N THR A 116 -0.45 11.75 9.06
CA THR A 116 -1.28 12.42 8.06
C THR A 116 -1.22 11.70 6.73
N PHE A 117 -2.38 11.47 6.14
CA PHE A 117 -2.48 10.78 4.85
C PHE A 117 -2.66 11.78 3.71
N SER A 118 -1.55 12.21 3.12
CA SER A 118 -1.60 13.17 2.02
C SER A 118 -0.88 12.63 0.79
N GLU A 119 -1.01 13.34 -0.32
CA GLU A 119 -0.37 12.93 -1.56
C GLU A 119 1.13 13.21 -1.52
N GLU A 120 1.55 14.05 -0.58
CA GLU A 120 2.95 14.41 -0.43
C GLU A 120 3.64 13.49 0.58
N ASN A 121 3.21 13.57 1.83
CA ASN A 121 3.79 12.76 2.89
C ASN A 121 4.08 11.34 2.39
N VAL A 122 3.20 10.84 1.52
CA VAL A 122 3.36 9.50 0.97
C VAL A 122 4.62 9.42 0.11
N ILE A 123 4.83 10.43 -0.72
CA ILE A 123 6.00 10.46 -1.59
C ILE A 123 7.26 10.86 -0.82
N ARG A 124 7.08 11.69 0.20
CA ARG A 124 8.19 12.15 1.02
C ARG A 124 8.62 11.06 2.00
N GLU A 125 7.66 10.29 2.49
CA GLU A 125 7.93 9.22 3.44
C GLU A 125 8.48 7.99 2.72
N PHE A 126 7.74 7.50 1.74
CA PHE A 126 8.16 6.32 0.99
C PHE A 126 9.22 6.69 -0.05
N ASN A 127 9.53 7.97 -0.15
CA ASN A 127 10.53 8.46 -1.09
C ASN A 127 10.28 7.88 -2.48
N LEU A 128 9.01 7.62 -2.79
CA LEU A 128 8.65 7.08 -4.09
C LEU A 128 9.35 7.83 -5.22
N ASN A 129 9.79 9.04 -4.94
CA ASN A 129 10.48 9.86 -5.92
C ASN A 129 11.83 9.24 -6.29
N GLU A 130 12.66 9.02 -5.27
CA GLU A 130 13.99 8.44 -5.48
C GLU A 130 13.88 7.06 -6.14
N LEU A 131 12.80 6.36 -5.85
CA LEU A 131 12.57 5.03 -6.41
C LEU A 131 12.16 5.13 -7.87
N SER A 132 11.01 5.74 -8.12
CA SER A 132 10.49 5.90 -9.48
C SER A 132 10.32 7.37 -9.82
N GLY A 133 11.13 7.84 -10.77
CA GLY A 133 11.05 9.24 -11.19
C GLY A 133 10.41 9.40 -12.54
N PRO A 134 9.86 10.60 -12.80
CA PRO A 134 9.19 10.91 -14.07
C PRO A 134 10.17 11.01 -15.23
N SER A 135 11.45 10.75 -14.95
CA SER A 135 12.48 10.82 -15.97
C SER A 135 12.57 12.21 -16.57
N SER A 136 12.67 13.22 -15.71
CA SER A 136 12.75 14.60 -16.17
C SER A 136 14.15 15.15 -15.98
N GLY A 137 14.53 16.12 -16.82
CA GLY A 137 15.85 16.71 -16.73
C GLY A 137 16.62 16.62 -18.03
N GLY A 1 -1.03 0.79 -28.37
CA GLY A 1 -1.32 2.14 -28.80
C GLY A 1 -2.63 2.67 -28.23
N SER A 2 -2.84 3.97 -28.35
CA SER A 2 -4.06 4.59 -27.83
C SER A 2 -4.43 4.01 -26.47
N SER A 3 -3.43 3.80 -25.63
CA SER A 3 -3.66 3.25 -24.30
C SER A 3 -4.08 4.34 -23.32
N GLY A 4 -4.98 3.99 -22.40
CA GLY A 4 -5.46 4.95 -21.42
C GLY A 4 -6.18 4.28 -20.27
N SER A 5 -5.53 4.24 -19.11
CA SER A 5 -6.11 3.62 -17.93
C SER A 5 -6.58 4.68 -16.94
N SER A 6 -7.65 4.36 -16.20
CA SER A 6 -8.20 5.29 -15.23
C SER A 6 -8.25 4.65 -13.83
N GLY A 7 -7.52 5.25 -12.90
CA GLY A 7 -7.49 4.73 -11.54
C GLY A 7 -7.59 3.22 -11.50
N TYR A 8 -6.50 2.54 -11.88
CA TYR A 8 -6.47 1.09 -11.88
C TYR A 8 -5.46 0.56 -10.88
N ILE A 9 -5.85 -0.46 -10.12
CA ILE A 9 -4.96 -1.06 -9.13
C ILE A 9 -4.95 -2.58 -9.26
N LYS A 10 -3.74 -3.16 -9.22
CA LYS A 10 -3.59 -4.60 -9.33
C LYS A 10 -3.84 -5.28 -7.98
N TYR A 11 -5.08 -5.73 -7.79
CA TYR A 11 -5.46 -6.40 -6.55
C TYR A 11 -4.70 -7.70 -6.38
N PHE A 12 -4.66 -8.20 -5.15
CA PHE A 12 -3.96 -9.44 -4.84
C PHE A 12 -4.73 -10.27 -3.82
N ASN A 13 -4.62 -11.59 -3.92
CA ASN A 13 -5.31 -12.49 -3.01
C ASN A 13 -4.49 -12.70 -1.74
N ASP A 14 -5.07 -13.43 -0.78
CA ASP A 14 -4.39 -13.70 0.48
C ASP A 14 -3.18 -14.61 0.25
N LYS A 15 -3.18 -15.32 -0.87
CA LYS A 15 -2.09 -16.22 -1.20
C LYS A 15 -1.17 -15.60 -2.24
N THR A 16 -1.71 -15.35 -3.43
CA THR A 16 -0.94 -14.76 -4.52
C THR A 16 -0.11 -13.57 -4.02
N ILE A 17 -0.70 -12.79 -3.12
CA ILE A 17 -0.02 -11.62 -2.57
C ILE A 17 1.46 -11.91 -2.33
N ASP A 18 1.78 -13.16 -2.02
CA ASP A 18 3.15 -13.57 -1.78
C ASP A 18 3.86 -13.92 -3.09
N GLU A 19 3.44 -15.02 -3.70
CA GLU A 19 4.03 -15.47 -4.96
C GLU A 19 4.36 -14.28 -5.86
N GLU A 20 3.42 -13.35 -5.96
CA GLU A 20 3.61 -12.17 -6.79
C GLU A 20 4.82 -11.36 -6.32
N LEU A 21 4.86 -11.10 -5.02
CA LEU A 21 5.96 -10.34 -4.43
C LEU A 21 7.28 -11.08 -4.58
N GLU A 22 7.20 -12.38 -4.83
CA GLU A 22 8.38 -13.22 -4.99
C GLU A 22 8.87 -13.20 -6.43
N ARG A 23 8.00 -13.63 -7.35
CA ARG A 23 8.34 -13.66 -8.77
C ARG A 23 8.87 -12.32 -9.24
N ASP A 24 8.32 -11.24 -8.69
CA ASP A 24 8.74 -9.89 -9.05
C ASP A 24 9.40 -9.19 -7.86
N LYS A 25 9.97 -9.99 -6.96
CA LYS A 25 10.63 -9.44 -5.78
C LYS A 25 11.59 -8.31 -6.17
N ARG A 26 12.34 -8.52 -7.24
CA ARG A 26 13.29 -7.51 -7.70
C ARG A 26 12.67 -6.12 -7.70
N VAL A 27 11.48 -6.00 -8.29
CA VAL A 27 10.78 -4.73 -8.35
C VAL A 27 10.03 -4.46 -7.05
N THR A 28 10.10 -3.21 -6.58
CA THR A 28 9.43 -2.82 -5.35
C THR A 28 7.92 -2.81 -5.52
N TRP A 29 7.22 -3.41 -4.57
CA TRP A 29 5.76 -3.47 -4.61
C TRP A 29 5.15 -2.83 -3.38
N ILE A 30 4.19 -1.93 -3.60
CA ILE A 30 3.52 -1.24 -2.51
C ILE A 30 2.06 -1.65 -2.40
N VAL A 31 1.74 -2.44 -1.37
CA VAL A 31 0.38 -2.92 -1.15
C VAL A 31 -0.33 -2.05 -0.11
N GLU A 32 -1.59 -1.70 -0.41
CA GLU A 32 -2.37 -0.89 0.50
C GLU A 32 -3.51 -1.70 1.12
N PHE A 33 -3.55 -1.73 2.45
CA PHE A 33 -4.59 -2.48 3.17
C PHE A 33 -5.65 -1.53 3.72
N PHE A 34 -6.90 -1.81 3.39
CA PHE A 34 -8.01 -0.99 3.84
C PHE A 34 -9.25 -1.85 4.14
N ALA A 35 -10.23 -1.25 4.80
CA ALA A 35 -11.46 -1.97 5.13
C ALA A 35 -12.68 -1.24 4.58
N ASN A 36 -13.63 -2.01 4.06
CA ASN A 36 -14.85 -1.44 3.49
C ASN A 36 -15.57 -0.57 4.52
N TRP A 37 -15.54 -1.00 5.78
CA TRP A 37 -16.19 -0.26 6.85
C TRP A 37 -15.24 0.79 7.44
N SER A 38 -14.35 1.31 6.60
CA SER A 38 -13.39 2.31 7.04
C SER A 38 -13.67 3.66 6.37
N ASN A 39 -13.64 4.72 7.16
CA ASN A 39 -13.88 6.06 6.64
C ASN A 39 -12.60 6.69 6.09
N ASP A 40 -11.48 6.31 6.69
CA ASP A 40 -10.18 6.83 6.26
C ASP A 40 -9.87 6.40 4.84
N CYS A 41 -10.33 5.22 4.47
CA CYS A 41 -10.10 4.70 3.12
C CYS A 41 -10.81 5.54 2.07
N GLN A 42 -11.82 6.29 2.51
CA GLN A 42 -12.59 7.14 1.61
C GLN A 42 -11.74 8.30 1.10
N SER A 43 -11.23 9.10 2.03
CA SER A 43 -10.39 10.25 1.67
C SER A 43 -9.15 9.80 0.92
N PHE A 44 -8.87 8.50 0.95
CA PHE A 44 -7.70 7.95 0.28
C PHE A 44 -8.09 7.35 -1.06
N ALA A 45 -9.33 6.87 -1.17
CA ALA A 45 -9.82 6.27 -2.40
C ALA A 45 -9.20 6.93 -3.62
N PRO A 46 -9.42 8.26 -3.75
CA PRO A 46 -8.89 9.04 -4.87
C PRO A 46 -7.37 9.20 -4.80
N ILE A 47 -6.86 9.48 -3.61
CA ILE A 47 -5.43 9.66 -3.41
C ILE A 47 -4.66 8.46 -3.94
N TYR A 48 -4.95 7.28 -3.41
CA TYR A 48 -4.28 6.06 -3.83
C TYR A 48 -4.33 5.90 -5.34
N ALA A 49 -5.46 6.28 -5.93
CA ALA A 49 -5.64 6.18 -7.37
C ALA A 49 -4.68 7.10 -8.10
N ASP A 50 -4.67 8.37 -7.71
CA ASP A 50 -3.80 9.36 -8.33
C ASP A 50 -2.34 8.92 -8.25
N LEU A 51 -1.86 8.68 -7.04
CA LEU A 51 -0.48 8.26 -6.83
C LEU A 51 -0.11 7.10 -7.77
N SER A 52 -0.90 6.04 -7.72
CA SER A 52 -0.67 4.87 -8.56
C SER A 52 -0.54 5.28 -10.03
N LEU A 53 -1.60 5.90 -10.55
CA LEU A 53 -1.62 6.33 -11.94
C LEU A 53 -0.32 7.05 -12.30
N LYS A 54 0.20 7.83 -11.36
CA LYS A 54 1.44 8.56 -11.57
C LYS A 54 2.63 7.61 -11.72
N TYR A 55 2.87 6.83 -10.67
CA TYR A 55 3.97 5.87 -10.68
C TYR A 55 3.55 4.56 -11.33
N ASN A 56 2.45 4.60 -12.07
CA ASN A 56 1.93 3.41 -12.74
C ASN A 56 2.46 3.32 -14.17
N CYS A 57 2.89 2.13 -14.56
CA CYS A 57 3.42 1.92 -15.90
C CYS A 57 4.78 2.57 -16.06
N THR A 58 5.56 2.60 -14.98
CA THR A 58 6.88 3.21 -15.00
C THR A 58 7.91 2.30 -14.33
N GLY A 59 7.90 2.28 -13.00
CA GLY A 59 8.83 1.44 -12.27
C GLY A 59 8.31 1.05 -10.90
N LEU A 60 7.03 1.29 -10.67
CA LEU A 60 6.41 0.96 -9.40
C LEU A 60 5.01 0.39 -9.61
N ASN A 61 4.75 -0.78 -9.03
CA ASN A 61 3.45 -1.43 -9.15
C ASN A 61 2.64 -1.27 -7.87
N PHE A 62 1.35 -0.95 -8.03
CA PHE A 62 0.47 -0.77 -6.89
C PHE A 62 -0.55 -1.90 -6.81
N GLY A 63 -0.86 -2.32 -5.59
CA GLY A 63 -1.82 -3.40 -5.38
C GLY A 63 -2.65 -3.21 -4.13
N LYS A 64 -3.97 -3.27 -4.29
CA LYS A 64 -4.88 -3.10 -3.17
C LYS A 64 -5.50 -4.44 -2.76
N VAL A 65 -5.60 -4.66 -1.45
CA VAL A 65 -6.16 -5.90 -0.93
C VAL A 65 -7.00 -5.63 0.31
N ASP A 66 -8.28 -6.01 0.24
CA ASP A 66 -9.20 -5.81 1.36
C ASP A 66 -8.91 -6.81 2.48
N VAL A 67 -8.56 -6.30 3.64
CA VAL A 67 -8.26 -7.15 4.79
C VAL A 67 -9.48 -7.31 5.70
N GLY A 68 -10.19 -6.20 5.90
CA GLY A 68 -11.38 -6.24 6.74
C GLY A 68 -12.16 -7.52 6.58
N ARG A 69 -12.10 -8.11 5.39
CA ARG A 69 -12.81 -9.35 5.11
C ARG A 69 -11.85 -10.54 5.08
N TYR A 70 -10.64 -10.30 4.58
CA TYR A 70 -9.63 -11.36 4.49
C TYR A 70 -8.84 -11.45 5.79
N THR A 71 -9.49 -11.95 6.85
CA THR A 71 -8.84 -12.08 8.14
C THR A 71 -7.44 -12.69 8.00
N ASP A 72 -7.33 -13.71 7.16
CA ASP A 72 -6.05 -14.37 6.93
C ASP A 72 -4.94 -13.34 6.67
N VAL A 73 -5.18 -12.47 5.70
CA VAL A 73 -4.21 -11.43 5.36
C VAL A 73 -3.83 -10.60 6.58
N SER A 74 -4.80 -9.86 7.11
CA SER A 74 -4.57 -9.02 8.27
C SER A 74 -3.83 -9.79 9.36
N THR A 75 -4.19 -11.06 9.54
CA THR A 75 -3.57 -11.90 10.54
C THR A 75 -2.12 -12.21 10.18
N ARG A 76 -1.83 -12.20 8.88
CA ARG A 76 -0.48 -12.49 8.40
C ARG A 76 0.38 -11.23 8.46
N TYR A 77 -0.25 -10.07 8.26
CA TYR A 77 0.46 -8.80 8.29
C TYR A 77 0.25 -8.08 9.61
N LYS A 78 -0.09 -8.84 10.64
CA LYS A 78 -0.32 -8.28 11.98
C LYS A 78 -1.06 -6.95 11.87
N VAL A 79 -2.02 -6.88 10.96
CA VAL A 79 -2.80 -5.66 10.76
C VAL A 79 -4.14 -5.76 11.47
N SER A 80 -4.49 -4.71 12.21
CA SER A 80 -5.75 -4.67 12.94
C SER A 80 -6.89 -4.23 12.03
N THR A 81 -7.92 -5.08 11.92
CA THR A 81 -9.07 -4.77 11.08
C THR A 81 -10.29 -4.44 11.93
N SER A 82 -10.08 -3.61 12.95
CA SER A 82 -11.17 -3.21 13.84
C SER A 82 -11.64 -1.79 13.52
N PRO A 83 -12.90 -1.51 13.84
CA PRO A 83 -13.51 -0.20 13.60
C PRO A 83 -12.93 0.89 14.52
N LEU A 84 -12.25 0.45 15.58
CA LEU A 84 -11.66 1.38 16.53
C LEU A 84 -10.17 1.58 16.24
N THR A 85 -9.48 0.47 15.97
CA THR A 85 -8.04 0.53 15.67
C THR A 85 -7.75 1.47 14.52
N LYS A 86 -6.58 2.11 14.56
CA LYS A 86 -6.19 3.03 13.51
C LYS A 86 -5.20 2.38 12.54
N GLN A 87 -5.44 1.12 12.22
CA GLN A 87 -4.57 0.39 11.30
C GLN A 87 -5.25 0.20 9.95
N LEU A 88 -6.12 1.13 9.59
CA LEU A 88 -6.82 1.07 8.32
C LEU A 88 -7.21 2.47 7.84
N PRO A 89 -6.78 2.82 6.62
CA PRO A 89 -5.98 1.93 5.77
C PRO A 89 -4.57 1.73 6.32
N THR A 90 -3.73 1.03 5.56
CA THR A 90 -2.36 0.76 5.97
C THR A 90 -1.45 0.60 4.75
N LEU A 91 -0.39 1.40 4.71
CA LEU A 91 0.56 1.35 3.60
C LEU A 91 1.86 0.66 4.02
N ILE A 92 2.28 -0.33 3.24
CA ILE A 92 3.50 -1.07 3.54
C ILE A 92 4.36 -1.23 2.29
N LEU A 93 5.64 -0.87 2.41
CA LEU A 93 6.57 -0.98 1.29
C LEU A 93 7.34 -2.29 1.35
N PHE A 94 7.31 -3.04 0.25
CA PHE A 94 8.02 -4.31 0.18
C PHE A 94 9.19 -4.24 -0.80
N GLN A 95 10.40 -4.41 -0.27
CA GLN A 95 11.60 -4.35 -1.09
C GLN A 95 12.17 -5.75 -1.32
N GLY A 96 11.47 -6.55 -2.11
CA GLY A 96 11.92 -7.91 -2.39
C GLY A 96 11.33 -8.93 -1.43
N GLY A 97 10.09 -8.70 -1.03
CA GLY A 97 9.43 -9.62 -0.11
C GLY A 97 9.54 -9.16 1.34
N LYS A 98 10.53 -8.31 1.61
CA LYS A 98 10.74 -7.81 2.96
C LYS A 98 10.14 -6.42 3.12
N GLU A 99 9.55 -6.16 4.29
CA GLU A 99 8.93 -4.87 4.56
C GLU A 99 9.97 -3.86 5.05
N ALA A 100 10.21 -2.83 4.23
CA ALA A 100 11.18 -1.80 4.57
C ALA A 100 10.58 -0.77 5.53
N MET A 101 9.30 -0.47 5.34
CA MET A 101 8.61 0.48 6.20
C MET A 101 7.10 0.36 6.04
N ARG A 102 6.36 0.91 7.00
CA ARG A 102 4.90 0.86 6.97
C ARG A 102 4.30 2.02 7.75
N ARG A 103 3.31 2.68 7.15
CA ARG A 103 2.65 3.82 7.79
C ARG A 103 1.17 3.51 8.05
N PRO A 104 0.70 3.86 9.26
CA PRO A 104 1.53 4.49 10.28
C PRO A 104 2.57 3.53 10.85
N GLN A 105 3.55 4.08 11.57
CA GLN A 105 4.60 3.27 12.17
C GLN A 105 4.12 2.59 13.45
N ILE A 106 4.56 1.36 13.66
CA ILE A 106 4.16 0.61 14.86
C ILE A 106 5.29 0.60 15.89
N ASP A 107 4.98 1.08 17.09
CA ASP A 107 5.96 1.11 18.18
C ASP A 107 6.17 -0.27 18.76
N LYS A 108 7.08 -0.37 19.73
CA LYS A 108 7.38 -1.64 20.38
C LYS A 108 6.11 -2.28 20.94
N LYS A 109 5.41 -1.53 21.80
CA LYS A 109 4.18 -2.02 22.40
C LYS A 109 3.26 -2.64 21.35
N GLY A 110 3.07 -1.92 20.25
CA GLY A 110 2.22 -2.42 19.18
C GLY A 110 1.01 -1.54 18.95
N ARG A 111 1.22 -0.22 18.94
CA ARG A 111 0.13 0.73 18.73
C ARG A 111 0.39 1.57 17.49
N ALA A 112 -0.70 2.07 16.90
CA ALA A 112 -0.60 2.89 15.71
C ALA A 112 -0.44 4.37 16.06
N VAL A 113 0.77 4.89 15.86
CA VAL A 113 1.06 6.28 16.16
C VAL A 113 0.34 7.22 15.20
N SER A 114 -0.58 8.01 15.72
CA SER A 114 -1.34 8.95 14.91
C SER A 114 -0.45 9.62 13.88
N TRP A 115 -0.52 9.14 12.63
CA TRP A 115 0.28 9.70 11.55
C TRP A 115 -0.59 10.48 10.58
N THR A 116 0.04 11.38 9.82
CA THR A 116 -0.68 12.19 8.85
C THR A 116 -0.72 11.51 7.48
N PHE A 117 -1.93 11.19 7.03
CA PHE A 117 -2.10 10.53 5.73
C PHE A 117 -2.31 11.56 4.62
N SER A 118 -1.23 11.89 3.92
CA SER A 118 -1.28 12.86 2.83
C SER A 118 -0.29 12.50 1.73
N GLU A 119 -0.74 12.60 0.48
CA GLU A 119 0.11 12.29 -0.66
C GLU A 119 1.55 12.73 -0.40
N GLU A 120 1.75 14.02 -0.19
CA GLU A 120 3.08 14.57 0.07
C GLU A 120 3.83 13.70 1.06
N ASN A 121 3.32 13.64 2.29
CA ASN A 121 3.95 12.84 3.34
C ASN A 121 4.30 11.45 2.84
N VAL A 122 3.39 10.87 2.06
CA VAL A 122 3.60 9.54 1.51
C VAL A 122 4.79 9.51 0.57
N ILE A 123 4.74 10.32 -0.48
CA ILE A 123 5.82 10.39 -1.46
C ILE A 123 7.16 10.67 -0.76
N ARG A 124 7.11 11.45 0.32
CA ARG A 124 8.32 11.79 1.06
C ARG A 124 8.79 10.60 1.90
N GLU A 125 7.98 10.23 2.89
CA GLU A 125 8.33 9.11 3.77
C GLU A 125 8.76 7.90 2.96
N PHE A 126 7.89 7.47 2.04
CA PHE A 126 8.18 6.32 1.20
C PHE A 126 9.24 6.66 0.14
N ASN A 127 9.44 7.95 -0.09
CA ASN A 127 10.42 8.41 -1.07
C ASN A 127 10.21 7.73 -2.41
N LEU A 128 8.94 7.65 -2.83
CA LEU A 128 8.60 7.01 -4.11
C LEU A 128 9.46 7.58 -5.24
N ASN A 129 9.59 8.90 -5.27
CA ASN A 129 10.38 9.56 -6.30
C ASN A 129 11.66 8.78 -6.59
N GLU A 130 12.29 8.28 -5.53
CA GLU A 130 13.53 7.52 -5.68
C GLU A 130 13.23 6.08 -6.11
N LEU A 131 12.32 5.43 -5.39
CA LEU A 131 11.94 4.06 -5.70
C LEU A 131 11.63 3.90 -7.17
N SER A 132 10.60 4.60 -7.64
CA SER A 132 10.19 4.53 -9.04
C SER A 132 11.22 5.22 -9.94
N GLY A 133 11.29 6.54 -9.84
CA GLY A 133 12.24 7.30 -10.64
C GLY A 133 11.65 8.61 -11.13
N PRO A 134 12.35 9.25 -12.08
CA PRO A 134 11.92 10.53 -12.64
C PRO A 134 10.67 10.39 -13.51
N SER A 135 9.84 11.42 -13.51
CA SER A 135 8.62 11.42 -14.30
C SER A 135 8.90 11.13 -15.77
N SER A 136 8.21 10.15 -16.33
CA SER A 136 8.40 9.77 -17.72
C SER A 136 7.46 10.55 -18.63
N GLY A 137 6.16 10.39 -18.39
CA GLY A 137 5.17 11.09 -19.20
C GLY A 137 3.75 10.78 -18.77
N GLY A 1 -9.24 -6.24 -20.44
CA GLY A 1 -9.30 -4.93 -21.06
C GLY A 1 -8.03 -4.13 -20.86
N SER A 2 -7.59 -3.44 -21.91
CA SER A 2 -6.38 -2.64 -21.84
C SER A 2 -6.65 -1.20 -22.30
N SER A 3 -7.36 -1.07 -23.42
CA SER A 3 -7.69 0.23 -23.97
C SER A 3 -8.14 1.19 -22.87
N GLY A 4 -7.91 2.48 -23.09
CA GLY A 4 -8.31 3.48 -22.11
C GLY A 4 -8.05 3.01 -20.68
N SER A 5 -6.84 3.25 -20.20
CA SER A 5 -6.46 2.85 -18.85
C SER A 5 -6.60 4.02 -17.88
N SER A 6 -7.60 3.94 -17.00
CA SER A 6 -7.84 5.00 -16.03
C SER A 6 -7.88 4.43 -14.61
N GLY A 7 -7.09 5.03 -13.72
CA GLY A 7 -7.06 4.57 -12.34
C GLY A 7 -7.24 3.07 -12.23
N TYR A 8 -6.14 2.34 -12.40
CA TYR A 8 -6.18 0.87 -12.32
C TYR A 8 -5.17 0.36 -11.30
N ILE A 9 -5.65 -0.42 -10.34
CA ILE A 9 -4.80 -0.98 -9.30
C ILE A 9 -4.74 -2.50 -9.39
N LYS A 10 -3.55 -3.05 -9.20
CA LYS A 10 -3.36 -4.50 -9.27
C LYS A 10 -3.76 -5.14 -7.94
N TYR A 11 -4.95 -5.75 -7.92
CA TYR A 11 -5.45 -6.40 -6.72
C TYR A 11 -4.62 -7.65 -6.39
N PHE A 12 -4.81 -8.17 -5.19
CA PHE A 12 -4.07 -9.37 -4.76
C PHE A 12 -4.89 -10.16 -3.75
N ASN A 13 -4.67 -11.47 -3.71
CA ASN A 13 -5.38 -12.34 -2.80
C ASN A 13 -4.55 -12.61 -1.54
N ASP A 14 -5.10 -13.41 -0.63
CA ASP A 14 -4.42 -13.74 0.61
C ASP A 14 -3.25 -14.69 0.35
N LYS A 15 -3.32 -15.42 -0.76
CA LYS A 15 -2.28 -16.36 -1.12
C LYS A 15 -1.38 -15.78 -2.22
N THR A 16 -1.98 -15.45 -3.36
CA THR A 16 -1.24 -14.89 -4.48
C THR A 16 -0.30 -13.79 -4.02
N ILE A 17 -0.79 -12.92 -3.14
CA ILE A 17 0.01 -11.82 -2.62
C ILE A 17 1.45 -12.26 -2.34
N ASP A 18 1.62 -13.55 -2.07
CA ASP A 18 2.94 -14.11 -1.79
C ASP A 18 3.64 -14.52 -3.08
N GLU A 19 3.13 -15.55 -3.73
CA GLU A 19 3.71 -16.04 -4.97
C GLU A 19 4.15 -14.88 -5.86
N GLU A 20 3.31 -13.85 -5.94
CA GLU A 20 3.61 -12.68 -6.76
C GLU A 20 4.82 -11.93 -6.20
N LEU A 21 4.66 -11.39 -5.00
CA LEU A 21 5.75 -10.65 -4.35
C LEU A 21 7.04 -11.46 -4.33
N GLU A 22 6.90 -12.78 -4.46
CA GLU A 22 8.05 -13.67 -4.45
C GLU A 22 8.78 -13.62 -5.79
N ARG A 23 8.10 -14.06 -6.85
CA ARG A 23 8.68 -14.08 -8.19
C ARG A 23 9.04 -12.66 -8.64
N ASP A 24 8.17 -11.71 -8.33
CA ASP A 24 8.41 -10.32 -8.71
C ASP A 24 8.99 -9.53 -7.54
N LYS A 25 9.64 -10.24 -6.62
CA LYS A 25 10.24 -9.60 -5.45
C LYS A 25 11.19 -8.49 -5.86
N ARG A 26 12.06 -8.78 -6.82
CA ARG A 26 13.02 -7.80 -7.31
C ARG A 26 12.35 -6.47 -7.58
N VAL A 27 11.04 -6.49 -7.79
CA VAL A 27 10.27 -5.28 -8.05
C VAL A 27 9.69 -4.71 -6.76
N THR A 28 9.72 -3.38 -6.64
CA THR A 28 9.20 -2.71 -5.46
C THR A 28 7.68 -2.62 -5.52
N TRP A 29 7.00 -3.56 -4.86
CA TRP A 29 5.55 -3.56 -4.84
C TRP A 29 5.02 -2.88 -3.59
N ILE A 30 4.07 -1.97 -3.78
CA ILE A 30 3.48 -1.24 -2.67
C ILE A 30 1.99 -1.53 -2.54
N VAL A 31 1.64 -2.32 -1.52
CA VAL A 31 0.25 -2.68 -1.28
C VAL A 31 -0.38 -1.80 -0.20
N GLU A 32 -1.66 -1.49 -0.38
CA GLU A 32 -2.37 -0.65 0.58
C GLU A 32 -3.52 -1.42 1.23
N PHE A 33 -3.30 -1.85 2.47
CA PHE A 33 -4.31 -2.59 3.20
C PHE A 33 -5.41 -1.66 3.74
N PHE A 34 -6.66 -2.03 3.51
CA PHE A 34 -7.79 -1.24 3.96
C PHE A 34 -8.96 -2.13 4.39
N ALA A 35 -10.01 -1.51 4.92
CA ALA A 35 -11.18 -2.25 5.36
C ALA A 35 -12.46 -1.66 4.75
N ASN A 36 -13.46 -2.51 4.58
CA ASN A 36 -14.74 -2.08 4.01
C ASN A 36 -15.48 -1.16 4.98
N TRP A 37 -15.33 -1.42 6.27
CA TRP A 37 -15.99 -0.62 7.30
C TRP A 37 -15.08 0.52 7.76
N SER A 38 -14.10 0.85 6.94
CA SER A 38 -13.17 1.92 7.26
C SER A 38 -13.41 3.14 6.39
N ASN A 39 -14.25 4.06 6.88
CA ASN A 39 -14.57 5.27 6.15
C ASN A 39 -13.31 6.09 5.84
N ASP A 40 -12.44 6.21 6.84
CA ASP A 40 -11.21 6.95 6.67
C ASP A 40 -10.57 6.67 5.31
N CYS A 41 -10.68 5.43 4.87
CA CYS A 41 -10.12 5.01 3.58
C CYS A 41 -10.67 5.87 2.45
N GLN A 42 -11.97 6.12 2.50
CA GLN A 42 -12.63 6.92 1.47
C GLN A 42 -11.84 8.20 1.18
N SER A 43 -11.15 8.70 2.20
CA SER A 43 -10.36 9.92 2.07
C SER A 43 -9.16 9.69 1.15
N PHE A 44 -8.43 8.60 1.41
CA PHE A 44 -7.27 8.26 0.61
C PHE A 44 -7.64 7.33 -0.54
N ALA A 45 -8.94 7.24 -0.82
CA ALA A 45 -9.43 6.38 -1.89
C ALA A 45 -8.97 6.90 -3.25
N PRO A 46 -9.35 8.13 -3.57
CA PRO A 46 -8.98 8.76 -4.85
C PRO A 46 -7.50 9.08 -4.93
N ILE A 47 -6.95 9.64 -3.85
CA ILE A 47 -5.54 10.00 -3.81
C ILE A 47 -4.66 8.83 -4.26
N TYR A 48 -4.93 7.66 -3.70
CA TYR A 48 -4.17 6.46 -4.04
C TYR A 48 -4.21 6.20 -5.54
N ALA A 49 -5.40 6.34 -6.13
CA ALA A 49 -5.57 6.12 -7.55
C ALA A 49 -4.66 7.01 -8.37
N ASP A 50 -4.59 8.28 -7.99
CA ASP A 50 -3.73 9.24 -8.69
C ASP A 50 -2.26 8.87 -8.53
N LEU A 51 -1.83 8.71 -7.29
CA LEU A 51 -0.44 8.35 -7.01
C LEU A 51 -0.01 7.13 -7.83
N SER A 52 -0.83 6.08 -7.77
CA SER A 52 -0.53 4.85 -8.49
C SER A 52 -0.26 5.14 -9.97
N LEU A 53 -1.30 5.58 -10.68
CA LEU A 53 -1.18 5.90 -12.09
C LEU A 53 0.14 6.61 -12.38
N LYS A 54 0.41 7.66 -11.63
CA LYS A 54 1.64 8.43 -11.79
C LYS A 54 2.86 7.54 -11.68
N TYR A 55 2.88 6.70 -10.65
CA TYR A 55 4.00 5.79 -10.42
C TYR A 55 3.72 4.43 -11.04
N ASN A 56 2.76 4.38 -11.95
CA ASN A 56 2.39 3.14 -12.62
C ASN A 56 2.50 3.29 -14.14
N CYS A 57 3.69 3.64 -14.60
CA CYS A 57 3.93 3.82 -16.03
C CYS A 57 5.22 3.14 -16.46
N THR A 58 6.25 3.25 -15.62
CA THR A 58 7.55 2.66 -15.91
C THR A 58 7.60 1.21 -15.41
N GLY A 59 7.75 1.05 -14.11
CA GLY A 59 7.82 -0.29 -13.53
C GLY A 59 7.11 -0.38 -12.20
N LEU A 60 7.33 0.61 -11.34
CA LEU A 60 6.70 0.64 -10.02
C LEU A 60 5.21 0.33 -10.12
N ASN A 61 4.77 -0.71 -9.43
CA ASN A 61 3.36 -1.10 -9.44
C ASN A 61 2.69 -0.78 -8.11
N PHE A 62 1.37 -0.64 -8.14
CA PHE A 62 0.61 -0.33 -6.93
C PHE A 62 -0.47 -1.37 -6.69
N GLY A 63 -0.43 -1.99 -5.51
CA GLY A 63 -1.41 -3.01 -5.17
C GLY A 63 -2.36 -2.55 -4.07
N LYS A 64 -3.42 -3.32 -3.86
CA LYS A 64 -4.41 -2.99 -2.84
C LYS A 64 -5.23 -4.22 -2.45
N VAL A 65 -5.33 -4.48 -1.15
CA VAL A 65 -6.09 -5.62 -0.67
C VAL A 65 -6.91 -5.25 0.57
N ASP A 66 -8.11 -5.81 0.66
CA ASP A 66 -8.99 -5.55 1.79
C ASP A 66 -8.75 -6.54 2.92
N VAL A 67 -8.37 -6.03 4.09
CA VAL A 67 -8.11 -6.87 5.24
C VAL A 67 -9.34 -6.96 6.14
N GLY A 68 -10.10 -5.87 6.21
CA GLY A 68 -11.29 -5.85 7.04
C GLY A 68 -12.10 -7.11 6.91
N ARG A 69 -12.17 -7.65 5.70
CA ARG A 69 -12.93 -8.87 5.45
C ARG A 69 -12.03 -10.10 5.51
N TYR A 70 -10.86 -10.01 4.89
CA TYR A 70 -9.91 -11.11 4.88
C TYR A 70 -9.19 -11.23 6.22
N THR A 71 -9.59 -12.21 7.02
CA THR A 71 -8.99 -12.42 8.33
C THR A 71 -7.57 -12.99 8.19
N ASP A 72 -7.40 -13.92 7.25
CA ASP A 72 -6.10 -14.54 7.02
C ASP A 72 -5.02 -13.47 6.84
N VAL A 73 -5.23 -12.57 5.89
CA VAL A 73 -4.28 -11.50 5.61
C VAL A 73 -4.19 -10.53 6.80
N SER A 74 -5.32 -9.92 7.14
CA SER A 74 -5.36 -8.97 8.24
C SER A 74 -4.44 -9.40 9.37
N THR A 75 -4.51 -10.69 9.72
CA THR A 75 -3.69 -11.24 10.80
C THR A 75 -2.29 -11.59 10.29
N ARG A 76 -2.24 -12.19 9.10
CA ARG A 76 -0.97 -12.58 8.51
C ARG A 76 0.05 -11.46 8.62
N TYR A 77 -0.33 -10.27 8.15
CA TYR A 77 0.55 -9.12 8.19
C TYR A 77 0.43 -8.38 9.52
N LYS A 78 0.06 -9.11 10.56
CA LYS A 78 -0.09 -8.54 11.89
C LYS A 78 -0.83 -7.20 11.82
N VAL A 79 -1.84 -7.13 10.96
CA VAL A 79 -2.62 -5.92 10.81
C VAL A 79 -3.95 -6.02 11.56
N SER A 80 -4.03 -5.31 12.69
CA SER A 80 -5.24 -5.32 13.51
C SER A 80 -6.41 -4.72 12.74
N THR A 81 -7.55 -5.40 12.79
CA THR A 81 -8.75 -4.94 12.11
C THR A 81 -9.86 -4.62 13.10
N SER A 82 -9.49 -4.07 14.24
CA SER A 82 -10.45 -3.71 15.28
C SER A 82 -10.87 -2.25 15.16
N PRO A 83 -12.09 -1.94 15.61
CA PRO A 83 -12.64 -0.58 15.57
C PRO A 83 -11.94 0.34 16.55
N LEU A 84 -10.93 -0.17 17.24
CA LEU A 84 -10.18 0.61 18.21
C LEU A 84 -8.68 0.54 17.94
N THR A 85 -8.30 0.84 16.70
CA THR A 85 -6.90 0.81 16.30
C THR A 85 -6.66 1.66 15.07
N LYS A 86 -5.47 2.25 14.97
CA LYS A 86 -5.11 3.09 13.84
C LYS A 86 -4.23 2.34 12.86
N GLN A 87 -4.67 1.14 12.46
CA GLN A 87 -3.92 0.32 11.52
C GLN A 87 -4.67 0.17 10.20
N LEU A 88 -5.50 1.16 9.89
CA LEU A 88 -6.28 1.14 8.65
C LEU A 88 -6.63 2.56 8.20
N PRO A 89 -6.25 2.88 6.96
CA PRO A 89 -5.54 1.96 6.07
C PRO A 89 -4.11 1.68 6.54
N THR A 90 -3.36 0.95 5.73
CA THR A 90 -1.98 0.61 6.06
C THR A 90 -1.15 0.40 4.80
N LEU A 91 -0.05 1.16 4.68
CA LEU A 91 0.83 1.05 3.53
C LEU A 91 2.13 0.34 3.89
N ILE A 92 2.55 -0.57 3.03
CA ILE A 92 3.78 -1.32 3.27
C ILE A 92 4.59 -1.47 1.98
N LEU A 93 5.90 -1.21 2.08
CA LEU A 93 6.78 -1.32 0.92
C LEU A 93 7.57 -2.62 0.95
N PHE A 94 7.46 -3.39 -0.13
CA PHE A 94 8.16 -4.68 -0.23
C PHE A 94 9.28 -4.60 -1.26
N GLN A 95 10.52 -4.77 -0.78
CA GLN A 95 11.68 -4.73 -1.67
C GLN A 95 12.63 -5.89 -1.37
N GLY A 96 12.61 -6.89 -2.24
CA GLY A 96 13.46 -8.05 -2.06
C GLY A 96 12.74 -9.21 -1.42
N GLY A 97 11.43 -9.31 -1.66
CA GLY A 97 10.65 -10.39 -1.10
C GLY A 97 10.52 -10.28 0.40
N LYS A 98 10.45 -9.06 0.91
CA LYS A 98 10.32 -8.82 2.34
C LYS A 98 9.76 -7.43 2.63
N GLU A 99 9.60 -7.10 3.90
CA GLU A 99 9.07 -5.81 4.30
C GLU A 99 10.20 -4.83 4.57
N ALA A 100 10.20 -3.71 3.83
CA ALA A 100 11.23 -2.70 4.00
C ALA A 100 10.77 -1.60 4.95
N MET A 101 9.47 -1.29 4.92
CA MET A 101 8.90 -0.27 5.78
C MET A 101 7.38 -0.29 5.71
N ARG A 102 6.74 0.32 6.71
CA ARG A 102 5.29 0.36 6.77
C ARG A 102 4.80 1.65 7.45
N ARG A 103 3.61 2.08 7.10
CA ARG A 103 3.04 3.30 7.66
C ARG A 103 1.52 3.18 7.80
N PRO A 104 0.99 3.65 8.94
CA PRO A 104 1.80 4.25 10.00
C PRO A 104 2.68 3.23 10.72
N GLN A 105 3.61 3.71 11.53
CA GLN A 105 4.51 2.84 12.27
C GLN A 105 4.00 2.61 13.68
N ILE A 106 4.48 1.55 14.32
CA ILE A 106 4.07 1.22 15.68
C ILE A 106 4.92 1.96 16.70
N ASP A 107 4.41 2.05 17.94
CA ASP A 107 5.12 2.73 19.01
C ASP A 107 5.56 1.74 20.08
N LYS A 108 4.60 1.22 20.83
CA LYS A 108 4.87 0.26 21.89
C LYS A 108 3.90 -0.90 21.85
N LYS A 109 2.65 -0.64 22.21
CA LYS A 109 1.62 -1.67 22.21
C LYS A 109 0.87 -1.69 20.87
N GLY A 110 1.51 -2.21 19.84
CA GLY A 110 0.89 -2.28 18.54
C GLY A 110 0.07 -1.04 18.21
N ARG A 111 0.48 0.09 18.78
CA ARG A 111 -0.22 1.35 18.56
C ARG A 111 0.38 2.10 17.38
N ALA A 112 -0.48 2.57 16.48
CA ALA A 112 -0.03 3.31 15.31
C ALA A 112 -0.03 4.81 15.57
N VAL A 113 1.14 5.42 15.46
CA VAL A 113 1.28 6.85 15.69
C VAL A 113 0.46 7.66 14.69
N SER A 114 -0.44 8.48 15.20
CA SER A 114 -1.30 9.30 14.35
C SER A 114 -0.48 10.04 13.29
N TRP A 115 -0.59 9.59 12.05
CA TRP A 115 0.14 10.21 10.94
C TRP A 115 -0.82 10.80 9.92
N THR A 116 -0.33 11.75 9.13
CA THR A 116 -1.14 12.40 8.10
C THR A 116 -1.17 11.58 6.83
N PHE A 117 -2.35 11.50 6.20
CA PHE A 117 -2.51 10.74 4.96
C PHE A 117 -2.66 11.68 3.77
N SER A 118 -1.54 12.14 3.24
CA SER A 118 -1.55 13.05 2.09
C SER A 118 -0.56 12.60 1.03
N GLU A 119 -0.74 13.09 -0.19
CA GLU A 119 0.14 12.74 -1.30
C GLU A 119 1.57 13.23 -1.03
N GLU A 120 1.70 14.53 -0.79
CA GLU A 120 3.02 15.13 -0.52
C GLU A 120 3.75 14.36 0.58
N ASN A 121 3.05 14.13 1.69
CA ASN A 121 3.64 13.40 2.80
C ASN A 121 4.01 11.98 2.41
N VAL A 122 3.04 11.23 1.90
CA VAL A 122 3.28 9.86 1.47
C VAL A 122 4.56 9.74 0.66
N ILE A 123 4.73 10.63 -0.31
CA ILE A 123 5.91 10.62 -1.15
C ILE A 123 7.19 10.78 -0.31
N ARG A 124 7.23 11.85 0.48
CA ARG A 124 8.38 12.11 1.33
C ARG A 124 8.65 10.93 2.26
N GLU A 125 7.58 10.32 2.75
CA GLU A 125 7.72 9.17 3.66
C GLU A 125 8.31 7.97 2.93
N PHE A 126 7.65 7.55 1.85
CA PHE A 126 8.11 6.41 1.06
C PHE A 126 9.06 6.86 -0.04
N ASN A 127 9.62 8.06 0.11
CA ASN A 127 10.54 8.61 -0.88
C ASN A 127 10.16 8.17 -2.28
N LEU A 128 8.85 8.09 -2.54
CA LEU A 128 8.35 7.69 -3.85
C LEU A 128 9.08 8.43 -4.97
N ASN A 129 9.27 9.73 -4.78
CA ASN A 129 9.96 10.56 -5.77
C ASN A 129 11.31 9.95 -6.13
N GLU A 130 12.03 9.48 -5.12
CA GLU A 130 13.34 8.88 -5.33
C GLU A 130 13.22 7.44 -5.84
N LEU A 131 12.47 6.62 -5.10
CA LEU A 131 12.27 5.22 -5.47
C LEU A 131 12.19 5.07 -6.98
N SER A 132 11.18 5.70 -7.58
CA SER A 132 10.99 5.63 -9.03
C SER A 132 12.14 6.32 -9.76
N GLY A 133 12.55 7.47 -9.26
CA GLY A 133 13.64 8.21 -9.87
C GLY A 133 13.16 9.45 -10.61
N PRO A 134 13.86 10.57 -10.39
CA PRO A 134 13.52 11.85 -11.02
C PRO A 134 13.80 11.85 -12.53
N SER A 135 14.24 10.71 -13.04
CA SER A 135 14.56 10.57 -14.46
C SER A 135 15.87 11.28 -14.79
N SER A 136 16.85 11.14 -13.91
CA SER A 136 18.15 11.77 -14.12
C SER A 136 19.24 10.72 -14.34
N GLY A 137 19.77 10.69 -15.56
CA GLY A 137 20.81 9.73 -15.90
C GLY A 137 20.50 8.34 -15.36
N GLY A 1 -3.59 0.80 -23.13
CA GLY A 1 -3.91 0.50 -21.73
C GLY A 1 -5.33 0.84 -21.38
N SER A 2 -5.52 1.51 -20.24
CA SER A 2 -6.85 1.90 -19.79
C SER A 2 -7.51 2.86 -20.77
N SER A 3 -8.22 2.32 -21.75
CA SER A 3 -8.90 3.14 -22.75
C SER A 3 -10.27 3.58 -22.25
N GLY A 4 -10.31 4.69 -21.52
CA GLY A 4 -11.56 5.20 -21.00
C GLY A 4 -11.36 6.14 -19.83
N SER A 5 -11.26 5.58 -18.62
CA SER A 5 -11.07 6.38 -17.42
C SER A 5 -9.83 5.92 -16.65
N SER A 6 -8.70 6.57 -16.92
CA SER A 6 -7.45 6.22 -16.26
C SER A 6 -7.69 5.86 -14.79
N GLY A 7 -6.91 4.90 -14.29
CA GLY A 7 -7.06 4.48 -12.91
C GLY A 7 -7.22 2.98 -12.77
N TYR A 8 -6.11 2.26 -12.85
CA TYR A 8 -6.14 0.81 -12.74
C TYR A 8 -5.14 0.32 -11.68
N ILE A 9 -5.65 -0.40 -10.69
CA ILE A 9 -4.81 -0.92 -9.62
C ILE A 9 -4.72 -2.44 -9.68
N LYS A 10 -3.56 -2.97 -9.32
CA LYS A 10 -3.35 -4.41 -9.32
C LYS A 10 -3.70 -5.03 -7.98
N TYR A 11 -4.91 -5.56 -7.87
CA TYR A 11 -5.38 -6.18 -6.64
C TYR A 11 -4.65 -7.48 -6.37
N PHE A 12 -4.78 -8.00 -5.15
CA PHE A 12 -4.13 -9.25 -4.77
C PHE A 12 -4.95 -9.99 -3.72
N ASN A 13 -4.79 -11.31 -3.67
CA ASN A 13 -5.52 -12.12 -2.71
C ASN A 13 -4.64 -12.46 -1.51
N ASP A 14 -5.20 -13.24 -0.58
CA ASP A 14 -4.46 -13.64 0.61
C ASP A 14 -3.33 -14.61 0.26
N LYS A 15 -3.50 -15.32 -0.84
CA LYS A 15 -2.50 -16.28 -1.29
C LYS A 15 -1.68 -15.72 -2.44
N THR A 16 -2.37 -15.35 -3.53
CA THR A 16 -1.71 -14.80 -4.70
C THR A 16 -0.71 -13.70 -4.31
N ILE A 17 -1.15 -12.79 -3.46
CA ILE A 17 -0.30 -11.71 -3.00
C ILE A 17 1.12 -12.19 -2.72
N ASP A 18 1.25 -13.46 -2.39
CA ASP A 18 2.55 -14.06 -2.11
C ASP A 18 3.23 -14.50 -3.41
N GLU A 19 2.60 -15.42 -4.13
CA GLU A 19 3.14 -15.93 -5.38
C GLU A 19 3.58 -14.78 -6.28
N GLU A 20 2.77 -13.72 -6.32
CA GLU A 20 3.08 -12.56 -7.15
C GLU A 20 4.31 -11.83 -6.63
N LEU A 21 4.24 -11.39 -5.37
CA LEU A 21 5.35 -10.68 -4.74
C LEU A 21 6.63 -11.51 -4.79
N GLU A 22 6.48 -12.83 -4.78
CA GLU A 22 7.62 -13.73 -4.82
C GLU A 22 8.30 -13.68 -6.18
N ARG A 23 7.49 -13.65 -7.24
CA ARG A 23 8.02 -13.60 -8.61
C ARG A 23 8.49 -12.18 -8.96
N ASP A 24 7.82 -11.19 -8.37
CA ASP A 24 8.16 -9.79 -8.63
C ASP A 24 9.00 -9.22 -7.49
N LYS A 25 9.69 -10.11 -6.77
CA LYS A 25 10.53 -9.69 -5.66
C LYS A 25 11.45 -8.55 -6.06
N ARG A 26 12.35 -8.84 -7.00
CA ARG A 26 13.29 -7.83 -7.48
C ARG A 26 12.60 -6.49 -7.68
N VAL A 27 11.29 -6.53 -7.93
CA VAL A 27 10.51 -5.31 -8.14
C VAL A 27 9.82 -4.88 -6.85
N THR A 28 9.83 -3.57 -6.60
CA THR A 28 9.21 -3.03 -5.40
C THR A 28 7.69 -2.96 -5.56
N TRP A 29 6.96 -3.57 -4.62
CA TRP A 29 5.51 -3.56 -4.66
C TRP A 29 4.93 -2.89 -3.42
N ILE A 30 4.04 -1.93 -3.63
CA ILE A 30 3.41 -1.21 -2.52
C ILE A 30 1.93 -1.55 -2.42
N VAL A 31 1.57 -2.30 -1.39
CA VAL A 31 0.18 -2.70 -1.16
C VAL A 31 -0.45 -1.87 -0.04
N GLU A 32 -1.66 -1.37 -0.29
CA GLU A 32 -2.37 -0.57 0.70
C GLU A 32 -3.48 -1.38 1.35
N PHE A 33 -3.26 -1.76 2.61
CA PHE A 33 -4.25 -2.53 3.35
C PHE A 33 -5.41 -1.66 3.81
N PHE A 34 -6.62 -2.00 3.37
CA PHE A 34 -7.81 -1.25 3.73
C PHE A 34 -8.95 -2.18 4.13
N ALA A 35 -9.97 -1.62 4.77
CA ALA A 35 -11.12 -2.40 5.20
C ALA A 35 -12.41 -1.81 4.66
N ASN A 36 -13.37 -2.68 4.35
CA ASN A 36 -14.66 -2.24 3.82
C ASN A 36 -15.36 -1.33 4.81
N TRP A 37 -15.21 -1.62 6.09
CA TRP A 37 -15.84 -0.82 7.14
C TRP A 37 -14.93 0.33 7.56
N SER A 38 -14.10 0.79 6.64
CA SER A 38 -13.18 1.88 6.92
C SER A 38 -13.50 3.09 6.04
N ASN A 39 -14.31 4.00 6.56
CA ASN A 39 -14.70 5.20 5.83
C ASN A 39 -13.48 6.10 5.57
N ASP A 40 -12.62 6.20 6.57
CA ASP A 40 -11.42 7.02 6.46
C ASP A 40 -10.65 6.70 5.17
N CYS A 41 -10.70 5.43 4.77
CA CYS A 41 -10.01 4.98 3.57
C CYS A 41 -10.61 5.65 2.33
N GLN A 42 -11.91 5.88 2.36
CA GLN A 42 -12.60 6.51 1.24
C GLN A 42 -11.94 7.83 0.86
N SER A 43 -11.30 8.47 1.83
CA SER A 43 -10.63 9.74 1.61
C SER A 43 -9.33 9.54 0.82
N PHE A 44 -8.76 8.35 0.95
CA PHE A 44 -7.52 8.02 0.25
C PHE A 44 -7.79 7.21 -1.01
N ALA A 45 -9.08 6.96 -1.28
CA ALA A 45 -9.47 6.21 -2.45
C ALA A 45 -8.95 6.86 -3.73
N PRO A 46 -9.35 8.12 -3.95
CA PRO A 46 -8.92 8.88 -5.13
C PRO A 46 -7.45 9.25 -5.09
N ILE A 47 -7.00 9.75 -3.94
CA ILE A 47 -5.60 10.13 -3.76
C ILE A 47 -4.66 9.00 -4.17
N TYR A 48 -5.02 7.78 -3.80
CA TYR A 48 -4.22 6.61 -4.11
C TYR A 48 -4.22 6.34 -5.61
N ALA A 49 -5.39 6.46 -6.22
CA ALA A 49 -5.54 6.24 -7.65
C ALA A 49 -4.54 7.07 -8.45
N ASP A 50 -4.47 8.36 -8.12
CA ASP A 50 -3.56 9.27 -8.80
C ASP A 50 -2.11 8.81 -8.64
N LEU A 51 -1.69 8.62 -7.39
CA LEU A 51 -0.33 8.18 -7.10
C LEU A 51 0.02 6.92 -7.87
N SER A 52 -0.76 5.86 -7.65
CA SER A 52 -0.54 4.58 -8.32
C SER A 52 -0.23 4.80 -9.80
N LEU A 53 -1.20 5.33 -10.53
CA LEU A 53 -1.02 5.58 -11.95
C LEU A 53 0.35 6.17 -12.25
N LYS A 54 0.66 7.29 -11.60
CA LYS A 54 1.95 7.96 -11.78
C LYS A 54 3.10 6.97 -11.57
N TYR A 55 3.12 6.35 -10.39
CA TYR A 55 4.17 5.40 -10.05
C TYR A 55 3.85 4.02 -10.63
N ASN A 56 2.93 3.98 -11.59
CA ASN A 56 2.54 2.73 -12.23
C ASN A 56 2.71 2.81 -13.74
N CYS A 57 3.93 3.08 -14.17
CA CYS A 57 4.24 3.19 -15.60
C CYS A 57 4.59 1.82 -16.18
N THR A 58 5.79 1.34 -15.88
CA THR A 58 6.25 0.05 -16.38
C THR A 58 6.90 -0.76 -15.27
N GLY A 59 7.57 -0.08 -14.35
CA GLY A 59 8.24 -0.75 -13.25
C GLY A 59 7.39 -0.77 -12.00
N LEU A 60 7.63 0.18 -11.10
CA LEU A 60 6.88 0.27 -9.85
C LEU A 60 5.38 0.10 -10.10
N ASN A 61 4.76 -0.79 -9.33
CA ASN A 61 3.33 -1.06 -9.46
C ASN A 61 2.61 -0.81 -8.13
N PHE A 62 1.31 -0.59 -8.21
CA PHE A 62 0.50 -0.34 -7.02
C PHE A 62 -0.59 -1.40 -6.88
N GLY A 63 -0.69 -1.97 -5.68
CA GLY A 63 -1.69 -2.99 -5.43
C GLY A 63 -2.49 -2.73 -4.17
N LYS A 64 -3.51 -3.55 -3.94
CA LYS A 64 -4.35 -3.39 -2.75
C LYS A 64 -4.88 -4.75 -2.29
N VAL A 65 -5.47 -4.78 -1.10
CA VAL A 65 -6.03 -6.01 -0.54
C VAL A 65 -6.93 -5.72 0.65
N ASP A 66 -8.20 -6.04 0.51
CA ASP A 66 -9.17 -5.81 1.57
C ASP A 66 -8.90 -6.72 2.76
N VAL A 67 -8.34 -6.16 3.82
CA VAL A 67 -8.03 -6.93 5.02
C VAL A 67 -9.26 -7.08 5.91
N GLY A 68 -10.15 -6.10 5.84
CA GLY A 68 -11.35 -6.14 6.65
C GLY A 68 -12.19 -7.39 6.40
N ARG A 69 -11.97 -8.01 5.24
CA ARG A 69 -12.71 -9.22 4.89
C ARG A 69 -11.81 -10.45 4.98
N TYR A 70 -10.52 -10.25 4.72
CA TYR A 70 -9.55 -11.34 4.76
C TYR A 70 -8.77 -11.33 6.07
N THR A 71 -9.38 -11.87 7.12
CA THR A 71 -8.74 -11.93 8.43
C THR A 71 -7.42 -12.71 8.37
N ASP A 72 -7.31 -13.58 7.39
CA ASP A 72 -6.10 -14.39 7.22
C ASP A 72 -4.90 -13.51 6.91
N VAL A 73 -5.11 -12.48 6.11
CA VAL A 73 -4.04 -11.56 5.73
C VAL A 73 -3.66 -10.65 6.90
N SER A 74 -4.60 -9.82 7.33
CA SER A 74 -4.36 -8.90 8.44
C SER A 74 -3.43 -9.53 9.48
N THR A 75 -3.91 -10.59 10.13
CA THR A 75 -3.12 -11.28 11.14
C THR A 75 -1.75 -11.64 10.62
N ARG A 76 -1.67 -11.99 9.33
CA ARG A 76 -0.41 -12.35 8.70
C ARG A 76 0.53 -11.15 8.63
N TYR A 77 -0.04 -9.98 8.32
CA TYR A 77 0.75 -8.77 8.22
C TYR A 77 0.72 -7.98 9.53
N LYS A 78 0.51 -8.68 10.63
CA LYS A 78 0.45 -8.06 11.94
C LYS A 78 -0.42 -6.80 11.91
N VAL A 79 -1.52 -6.87 11.16
CA VAL A 79 -2.44 -5.76 11.05
C VAL A 79 -3.74 -6.03 11.80
N SER A 80 -4.18 -5.07 12.59
CA SER A 80 -5.41 -5.21 13.37
C SER A 80 -6.62 -4.75 12.57
N THR A 81 -7.58 -5.66 12.41
CA THR A 81 -8.79 -5.36 11.65
C THR A 81 -9.90 -4.86 12.58
N SER A 82 -9.52 -4.38 13.75
CA SER A 82 -10.48 -3.88 14.72
C SER A 82 -10.92 -2.46 14.37
N PRO A 83 -12.23 -2.20 14.47
CA PRO A 83 -12.81 -0.89 14.17
C PRO A 83 -12.43 0.16 15.20
N LEU A 84 -11.79 -0.28 16.28
CA LEU A 84 -11.36 0.62 17.34
C LEU A 84 -9.84 0.72 17.41
N THR A 85 -9.20 0.56 16.25
CA THR A 85 -7.74 0.63 16.18
C THR A 85 -7.29 1.61 15.10
N LYS A 86 -6.03 2.01 15.16
CA LYS A 86 -5.47 2.95 14.19
C LYS A 86 -4.49 2.25 13.26
N GLN A 87 -4.94 1.15 12.67
CA GLN A 87 -4.09 0.38 11.75
C GLN A 87 -4.73 0.30 10.37
N LEU A 88 -5.55 1.29 10.05
CA LEU A 88 -6.23 1.33 8.75
C LEU A 88 -6.58 2.76 8.36
N PRO A 89 -6.19 3.14 7.14
CA PRO A 89 -5.47 2.26 6.22
C PRO A 89 -4.05 1.97 6.68
N THR A 90 -3.29 1.25 5.86
CA THR A 90 -1.91 0.91 6.18
C THR A 90 -1.09 0.72 4.91
N LEU A 91 0.08 1.38 4.88
CA LEU A 91 0.97 1.28 3.72
C LEU A 91 2.25 0.55 4.10
N ILE A 92 2.64 -0.40 3.25
CA ILE A 92 3.86 -1.17 3.50
C ILE A 92 4.65 -1.35 2.21
N LEU A 93 5.93 -0.98 2.25
CA LEU A 93 6.80 -1.09 1.08
C LEU A 93 7.59 -2.40 1.13
N PHE A 94 7.49 -3.18 0.05
CA PHE A 94 8.19 -4.45 -0.04
C PHE A 94 9.36 -4.37 -1.02
N GLN A 95 10.57 -4.51 -0.50
CA GLN A 95 11.77 -4.44 -1.32
C GLN A 95 12.36 -5.84 -1.54
N GLY A 96 11.63 -6.67 -2.27
CA GLY A 96 12.09 -8.02 -2.54
C GLY A 96 11.56 -9.03 -1.54
N GLY A 97 10.30 -8.89 -1.17
CA GLY A 97 9.70 -9.80 -0.20
C GLY A 97 9.89 -9.33 1.23
N LYS A 98 10.85 -8.45 1.44
CA LYS A 98 11.13 -7.93 2.77
C LYS A 98 10.38 -6.62 3.01
N GLU A 99 10.12 -6.31 4.27
CA GLU A 99 9.41 -5.09 4.63
C GLU A 99 10.40 -3.95 4.93
N ALA A 100 10.39 -2.94 4.07
CA ALA A 100 11.29 -1.80 4.23
C ALA A 100 10.74 -0.84 5.28
N MET A 101 9.43 -0.65 5.28
CA MET A 101 8.78 0.26 6.23
C MET A 101 7.28 0.02 6.27
N ARG A 102 6.66 0.42 7.37
CA ARG A 102 5.21 0.25 7.54
C ARG A 102 4.61 1.41 8.33
N ARG A 103 3.49 1.92 7.85
CA ARG A 103 2.82 3.04 8.51
C ARG A 103 1.33 2.76 8.66
N PRO A 104 0.76 3.18 9.80
CA PRO A 104 1.50 3.88 10.85
C PRO A 104 2.48 2.96 11.57
N GLN A 105 3.55 3.54 12.12
CA GLN A 105 4.54 2.76 12.84
C GLN A 105 4.08 2.44 14.26
N ILE A 106 4.43 1.26 14.73
CA ILE A 106 4.05 0.83 16.08
C ILE A 106 5.15 1.15 17.08
N ASP A 107 4.75 1.79 18.19
CA ASP A 107 5.70 2.14 19.23
C ASP A 107 5.91 0.98 20.20
N LYS A 108 7.01 1.03 20.96
CA LYS A 108 7.33 -0.02 21.92
C LYS A 108 6.07 -0.44 22.69
N LYS A 109 5.47 0.49 23.41
CA LYS A 109 4.28 0.22 24.19
C LYS A 109 3.30 -0.66 23.39
N GLY A 110 3.14 -0.34 22.11
CA GLY A 110 2.25 -1.10 21.26
C GLY A 110 1.10 -0.26 20.73
N ARG A 111 1.40 0.99 20.36
CA ARG A 111 0.39 1.89 19.85
C ARG A 111 0.75 2.37 18.44
N ALA A 112 -0.27 2.61 17.62
CA ALA A 112 -0.04 3.07 16.25
C ALA A 112 0.09 4.59 16.20
N VAL A 113 1.28 5.06 15.89
CA VAL A 113 1.54 6.50 15.81
C VAL A 113 0.66 7.15 14.74
N SER A 114 -0.15 8.11 15.17
CA SER A 114 -1.05 8.81 14.25
C SER A 114 -0.26 9.62 13.22
N TRP A 115 -0.15 9.08 12.01
CA TRP A 115 0.58 9.76 10.95
C TRP A 115 -0.38 10.35 9.91
N THR A 116 -0.06 11.54 9.43
CA THR A 116 -0.89 12.20 8.43
C THR A 116 -0.88 11.46 7.11
N PHE A 117 -2.05 11.04 6.65
CA PHE A 117 -2.17 10.31 5.39
C PHE A 117 -2.47 11.26 4.24
N SER A 118 -1.42 11.70 3.56
CA SER A 118 -1.56 12.61 2.44
C SER A 118 -0.68 12.19 1.27
N GLU A 119 -0.95 12.75 0.08
CA GLU A 119 -0.17 12.43 -1.10
C GLU A 119 1.29 12.81 -0.92
N GLU A 120 1.53 14.09 -0.63
CA GLU A 120 2.89 14.58 -0.43
C GLU A 120 3.62 13.76 0.62
N ASN A 121 3.16 13.88 1.87
CA ASN A 121 3.77 13.15 2.98
C ASN A 121 4.18 11.75 2.55
N VAL A 122 3.20 10.95 2.13
CA VAL A 122 3.46 9.58 1.69
C VAL A 122 4.75 9.50 0.89
N ILE A 123 4.81 10.26 -0.20
CA ILE A 123 6.00 10.27 -1.05
C ILE A 123 7.26 10.41 -0.22
N ARG A 124 7.37 11.53 0.51
CA ARG A 124 8.53 11.78 1.34
C ARG A 124 8.81 10.61 2.27
N GLU A 125 7.75 10.05 2.85
CA GLU A 125 7.89 8.92 3.76
C GLU A 125 8.52 7.73 3.05
N PHE A 126 7.89 7.29 1.96
CA PHE A 126 8.40 6.16 1.20
C PHE A 126 9.36 6.63 0.10
N ASN A 127 9.88 7.83 0.26
CA ASN A 127 10.81 8.39 -0.71
C ASN A 127 10.45 7.95 -2.12
N LEU A 128 9.16 7.96 -2.44
CA LEU A 128 8.68 7.56 -3.76
C LEU A 128 9.34 8.39 -4.84
N ASN A 129 9.54 9.68 -4.57
CA ASN A 129 10.17 10.58 -5.53
C ASN A 129 11.52 10.03 -5.99
N GLU A 130 12.27 9.49 -5.05
CA GLU A 130 13.59 8.94 -5.36
C GLU A 130 13.46 7.65 -6.17
N LEU A 131 12.72 6.68 -5.63
CA LEU A 131 12.51 5.41 -6.31
C LEU A 131 12.21 5.62 -7.78
N SER A 132 11.12 6.32 -8.08
CA SER A 132 10.72 6.59 -9.45
C SER A 132 11.40 7.86 -9.97
N GLY A 133 12.62 7.69 -10.47
CA GLY A 133 13.36 8.83 -10.99
C GLY A 133 12.59 9.58 -12.06
N PRO A 134 12.62 10.91 -11.98
CA PRO A 134 11.92 11.79 -12.93
C PRO A 134 12.56 11.75 -14.32
N SER A 135 11.90 12.40 -15.28
CA SER A 135 12.42 12.44 -16.65
C SER A 135 12.31 13.86 -17.22
N SER A 136 13.44 14.40 -17.65
CA SER A 136 13.48 15.73 -18.21
C SER A 136 14.68 15.89 -19.15
N GLY A 137 14.42 16.38 -20.36
CA GLY A 137 15.48 16.56 -21.34
C GLY A 137 14.96 17.05 -22.68
N GLY A 1 -8.23 4.05 -27.57
CA GLY A 1 -8.24 3.81 -26.13
C GLY A 1 -9.63 3.78 -25.55
N SER A 2 -10.16 2.58 -25.36
CA SER A 2 -11.51 2.42 -24.81
C SER A 2 -11.44 1.91 -23.37
N SER A 3 -11.47 2.84 -22.42
CA SER A 3 -11.41 2.49 -21.01
C SER A 3 -12.06 3.57 -20.15
N GLY A 4 -13.07 3.18 -19.37
CA GLY A 4 -13.76 4.12 -18.51
C GLY A 4 -12.86 4.66 -17.41
N SER A 5 -13.13 4.24 -16.18
CA SER A 5 -12.34 4.68 -15.03
C SER A 5 -10.86 4.43 -15.26
N SER A 6 -10.05 5.47 -15.03
CA SER A 6 -8.61 5.37 -15.21
C SER A 6 -7.96 4.68 -14.01
N GLY A 7 -8.32 5.13 -12.81
CA GLY A 7 -7.76 4.56 -11.61
C GLY A 7 -7.79 3.04 -11.62
N TYR A 8 -6.65 2.43 -11.92
CA TYR A 8 -6.55 0.98 -11.97
C TYR A 8 -5.46 0.47 -11.03
N ILE A 9 -5.84 -0.38 -10.09
CA ILE A 9 -4.90 -0.94 -9.13
C ILE A 9 -4.78 -2.45 -9.29
N LYS A 10 -3.58 -2.97 -9.10
CA LYS A 10 -3.33 -4.40 -9.22
C LYS A 10 -3.68 -5.12 -7.92
N TYR A 11 -4.91 -5.61 -7.82
CA TYR A 11 -5.37 -6.32 -6.62
C TYR A 11 -4.58 -7.61 -6.42
N PHE A 12 -4.69 -8.18 -5.23
CA PHE A 12 -3.99 -9.42 -4.91
C PHE A 12 -4.79 -10.25 -3.92
N ASN A 13 -4.54 -11.56 -3.91
CA ASN A 13 -5.23 -12.47 -3.01
C ASN A 13 -4.37 -12.80 -1.79
N ASP A 14 -4.92 -13.62 -0.90
CA ASP A 14 -4.20 -14.02 0.30
C ASP A 14 -3.05 -14.95 -0.03
N LYS A 15 -3.15 -15.63 -1.18
CA LYS A 15 -2.11 -16.55 -1.62
C LYS A 15 -1.25 -15.92 -2.71
N THR A 16 -1.89 -15.44 -3.77
CA THR A 16 -1.18 -14.81 -4.88
C THR A 16 -0.27 -13.69 -4.39
N ILE A 17 -0.79 -12.89 -3.46
CA ILE A 17 -0.01 -11.78 -2.90
C ILE A 17 1.41 -12.22 -2.58
N ASP A 18 1.59 -13.50 -2.31
CA ASP A 18 2.90 -14.05 -1.99
C ASP A 18 3.67 -14.41 -3.25
N GLU A 19 3.16 -15.38 -3.99
CA GLU A 19 3.79 -15.82 -5.23
C GLU A 19 4.27 -14.63 -6.05
N GLU A 20 3.41 -13.62 -6.17
CA GLU A 20 3.74 -12.42 -6.93
C GLU A 20 4.93 -11.68 -6.29
N LEU A 21 4.91 -11.59 -4.97
CA LEU A 21 5.98 -10.91 -4.24
C LEU A 21 7.25 -11.75 -4.23
N GLU A 22 7.12 -13.02 -4.59
CA GLU A 22 8.26 -13.93 -4.63
C GLU A 22 8.95 -13.88 -5.98
N ARG A 23 8.18 -13.59 -7.03
CA ARG A 23 8.73 -13.52 -8.38
C ARG A 23 9.17 -12.09 -8.71
N ASP A 24 8.62 -11.12 -7.98
CA ASP A 24 8.94 -9.73 -8.20
C ASP A 24 9.71 -9.16 -7.01
N LYS A 25 10.33 -10.05 -6.23
CA LYS A 25 11.10 -9.64 -5.07
C LYS A 25 12.01 -8.47 -5.40
N ARG A 26 12.99 -8.72 -6.28
CA ARG A 26 13.93 -7.68 -6.68
C ARG A 26 13.23 -6.34 -6.87
N VAL A 27 12.01 -6.39 -7.41
CA VAL A 27 11.23 -5.19 -7.65
C VAL A 27 10.40 -4.83 -6.42
N THR A 28 10.27 -3.52 -6.16
CA THR A 28 9.51 -3.04 -5.02
C THR A 28 8.01 -3.08 -5.31
N TRP A 29 7.22 -3.42 -4.29
CA TRP A 29 5.77 -3.49 -4.45
C TRP A 29 5.07 -2.86 -3.26
N ILE A 30 4.29 -1.81 -3.52
CA ILE A 30 3.57 -1.11 -2.47
C ILE A 30 2.09 -1.48 -2.47
N VAL A 31 1.69 -2.28 -1.48
CA VAL A 31 0.30 -2.71 -1.37
C VAL A 31 -0.45 -1.90 -0.31
N GLU A 32 -1.72 -1.62 -0.58
CA GLU A 32 -2.54 -0.85 0.35
C GLU A 32 -3.64 -1.72 0.95
N PHE A 33 -3.67 -1.80 2.28
CA PHE A 33 -4.66 -2.60 2.97
C PHE A 33 -5.79 -1.72 3.52
N PHE A 34 -7.01 -2.04 3.13
CA PHE A 34 -8.18 -1.28 3.57
C PHE A 34 -9.35 -2.20 3.89
N ALA A 35 -10.39 -1.64 4.50
CA ALA A 35 -11.57 -2.42 4.85
C ALA A 35 -12.81 -1.88 4.15
N ASN A 36 -13.89 -2.67 4.17
CA ASN A 36 -15.13 -2.27 3.53
C ASN A 36 -15.96 -1.39 4.45
N TRP A 37 -15.50 -1.23 5.69
CA TRP A 37 -16.20 -0.41 6.68
C TRP A 37 -15.31 0.71 7.18
N SER A 38 -14.10 0.80 6.62
CA SER A 38 -13.15 1.83 7.02
C SER A 38 -13.38 3.12 6.25
N ASN A 39 -13.72 4.18 6.97
CA ASN A 39 -13.97 5.48 6.35
C ASN A 39 -12.68 6.15 5.94
N ASP A 40 -11.63 5.96 6.74
CA ASP A 40 -10.33 6.55 6.47
C ASP A 40 -9.91 6.29 5.02
N CYS A 41 -10.50 5.27 4.42
CA CYS A 41 -10.19 4.91 3.04
C CYS A 41 -10.89 5.86 2.06
N GLN A 42 -12.18 6.09 2.29
CA GLN A 42 -12.96 6.98 1.44
C GLN A 42 -12.27 8.32 1.27
N SER A 43 -11.40 8.67 2.23
CA SER A 43 -10.68 9.93 2.19
C SER A 43 -9.37 9.78 1.42
N PHE A 44 -8.88 8.55 1.34
CA PHE A 44 -7.63 8.28 0.64
C PHE A 44 -7.89 7.48 -0.63
N ALA A 45 -9.16 7.31 -0.97
CA ALA A 45 -9.55 6.57 -2.17
C ALA A 45 -8.94 7.20 -3.42
N PRO A 46 -9.30 8.47 -3.68
CA PRO A 46 -8.79 9.20 -4.84
C PRO A 46 -7.31 9.54 -4.72
N ILE A 47 -6.87 9.78 -3.50
CA ILE A 47 -5.46 10.12 -3.25
C ILE A 47 -4.54 8.96 -3.65
N TYR A 48 -4.96 7.74 -3.33
CA TYR A 48 -4.19 6.55 -3.66
C TYR A 48 -4.25 6.25 -5.15
N ALA A 49 -5.41 6.52 -5.75
CA ALA A 49 -5.60 6.27 -7.18
C ALA A 49 -4.77 7.26 -8.01
N ASP A 50 -4.92 8.54 -7.72
CA ASP A 50 -4.19 9.57 -8.44
C ASP A 50 -2.68 9.31 -8.40
N LEU A 51 -2.20 8.86 -7.25
CA LEU A 51 -0.78 8.56 -7.08
C LEU A 51 -0.37 7.34 -7.91
N SER A 52 -1.05 6.22 -7.67
CA SER A 52 -0.75 4.99 -8.39
C SER A 52 -0.63 5.25 -9.89
N LEU A 53 -1.69 5.80 -10.47
CA LEU A 53 -1.71 6.10 -11.89
C LEU A 53 -0.46 6.87 -12.30
N LYS A 54 -0.01 7.77 -11.44
CA LYS A 54 1.19 8.55 -11.72
C LYS A 54 2.44 7.70 -11.65
N TYR A 55 2.56 6.92 -10.58
CA TYR A 55 3.71 6.04 -10.40
C TYR A 55 3.47 4.67 -11.04
N ASN A 56 2.43 4.59 -11.85
CA ASN A 56 2.08 3.33 -12.53
C ASN A 56 2.82 3.22 -13.85
N CYS A 57 4.07 2.74 -13.79
CA CYS A 57 4.88 2.57 -14.99
C CYS A 57 5.95 1.50 -14.77
N THR A 58 6.61 1.09 -15.85
CA THR A 58 7.64 0.08 -15.78
C THR A 58 8.61 0.36 -14.65
N GLY A 59 8.64 -0.52 -13.65
CA GLY A 59 9.52 -0.35 -12.52
C GLY A 59 8.80 -0.45 -11.19
N LEU A 60 7.98 0.56 -10.90
CA LEU A 60 7.23 0.58 -9.64
C LEU A 60 5.73 0.40 -9.91
N ASN A 61 5.13 -0.55 -9.20
CA ASN A 61 3.71 -0.82 -9.35
C ASN A 61 2.95 -0.53 -8.06
N PHE A 62 1.63 -0.66 -8.12
CA PHE A 62 0.79 -0.39 -6.95
C PHE A 62 -0.28 -1.47 -6.79
N GLY A 63 -0.55 -1.87 -5.55
CA GLY A 63 -1.55 -2.89 -5.30
C GLY A 63 -2.48 -2.50 -4.16
N LYS A 64 -3.51 -3.32 -3.96
CA LYS A 64 -4.49 -3.06 -2.91
C LYS A 64 -5.21 -4.35 -2.51
N VAL A 65 -5.22 -4.65 -1.22
CA VAL A 65 -5.88 -5.85 -0.71
C VAL A 65 -6.79 -5.51 0.46
N ASP A 66 -8.06 -5.90 0.35
CA ASP A 66 -9.04 -5.66 1.41
C ASP A 66 -8.87 -6.65 2.55
N VAL A 67 -8.38 -6.17 3.68
CA VAL A 67 -8.17 -7.02 4.85
C VAL A 67 -9.44 -7.11 5.69
N GLY A 68 -10.23 -6.05 5.69
CA GLY A 68 -11.46 -6.03 6.46
C GLY A 68 -12.29 -7.28 6.25
N ARG A 69 -12.02 -7.99 5.17
CA ARG A 69 -12.75 -9.22 4.86
C ARG A 69 -11.83 -10.44 4.98
N TYR A 70 -10.59 -10.28 4.53
CA TYR A 70 -9.62 -11.37 4.58
C TYR A 70 -8.86 -11.36 5.90
N THR A 71 -9.36 -12.12 6.88
CA THR A 71 -8.72 -12.20 8.18
C THR A 71 -7.34 -12.83 8.09
N ASP A 72 -7.21 -13.85 7.24
CA ASP A 72 -5.94 -14.53 7.06
C ASP A 72 -4.81 -13.54 6.83
N VAL A 73 -5.01 -12.64 5.86
CA VAL A 73 -4.00 -11.63 5.54
C VAL A 73 -3.72 -10.73 6.74
N SER A 74 -4.75 -10.04 7.21
CA SER A 74 -4.61 -9.14 8.35
C SER A 74 -3.74 -9.77 9.43
N THR A 75 -4.18 -10.91 9.93
CA THR A 75 -3.45 -11.62 10.98
C THR A 75 -2.03 -11.96 10.53
N ARG A 76 -1.87 -12.18 9.22
CA ARG A 76 -0.57 -12.51 8.65
C ARG A 76 0.36 -11.31 8.69
N TYR A 77 -0.20 -10.13 8.46
CA TYR A 77 0.58 -8.89 8.46
C TYR A 77 0.37 -8.11 9.75
N LYS A 78 -0.08 -8.81 10.79
CA LYS A 78 -0.32 -8.18 12.08
C LYS A 78 -1.07 -6.86 11.91
N VAL A 79 -1.94 -6.80 10.92
CA VAL A 79 -2.72 -5.59 10.65
C VAL A 79 -4.13 -5.72 11.22
N SER A 80 -4.46 -4.84 12.16
CA SER A 80 -5.78 -4.86 12.78
C SER A 80 -6.87 -4.54 11.76
N THR A 81 -8.02 -5.18 11.92
CA THR A 81 -9.14 -4.97 11.01
C THR A 81 -10.39 -4.52 11.76
N SER A 82 -10.20 -3.57 12.68
CA SER A 82 -11.31 -3.05 13.48
C SER A 82 -11.64 -1.62 13.08
N PRO A 83 -12.94 -1.27 13.13
CA PRO A 83 -13.42 0.06 12.78
C PRO A 83 -13.00 1.12 13.80
N LEU A 84 -12.23 0.69 14.80
CA LEU A 84 -11.75 1.60 15.84
C LEU A 84 -10.26 1.86 15.69
N THR A 85 -9.50 0.80 15.38
CA THR A 85 -8.06 0.92 15.22
C THR A 85 -7.71 1.82 14.05
N LYS A 86 -6.49 2.36 14.06
CA LYS A 86 -6.04 3.24 13.00
C LYS A 86 -5.17 2.48 11.99
N GLN A 87 -5.26 1.15 12.03
CA GLN A 87 -4.49 0.31 11.12
C GLN A 87 -5.20 0.16 9.79
N LEU A 88 -5.99 1.16 9.42
CA LEU A 88 -6.73 1.13 8.16
C LEU A 88 -7.07 2.54 7.70
N PRO A 89 -6.65 2.89 6.48
CA PRO A 89 -5.88 1.98 5.62
C PRO A 89 -4.48 1.72 6.15
N THR A 90 -3.66 1.03 5.35
CA THR A 90 -2.30 0.72 5.74
C THR A 90 -1.39 0.59 4.52
N LEU A 91 -0.29 1.34 4.52
CA LEU A 91 0.66 1.30 3.40
C LEU A 91 1.95 0.64 3.82
N ILE A 92 2.32 -0.43 3.13
CA ILE A 92 3.56 -1.15 3.43
C ILE A 92 4.43 -1.29 2.19
N LEU A 93 5.72 -0.99 2.34
CA LEU A 93 6.66 -1.08 1.23
C LEU A 93 7.48 -2.36 1.32
N PHE A 94 7.27 -3.25 0.35
CA PHE A 94 7.98 -4.52 0.32
C PHE A 94 9.21 -4.43 -0.60
N GLN A 95 10.40 -4.45 0.01
CA GLN A 95 11.63 -4.37 -0.75
C GLN A 95 12.45 -5.66 -0.61
N GLY A 96 12.16 -6.63 -1.47
CA GLY A 96 12.86 -7.89 -1.43
C GLY A 96 12.14 -8.94 -0.60
N GLY A 97 10.80 -8.93 -0.68
CA GLY A 97 10.02 -9.89 0.07
C GLY A 97 10.14 -9.70 1.56
N LYS A 98 10.28 -8.45 1.99
CA LYS A 98 10.42 -8.13 3.41
C LYS A 98 9.74 -6.81 3.74
N GLU A 99 9.22 -6.69 4.95
CA GLU A 99 8.54 -5.48 5.39
C GLU A 99 9.56 -4.43 5.86
N ALA A 100 10.00 -3.59 4.93
CA ALA A 100 10.97 -2.55 5.24
C ALA A 100 10.34 -1.46 6.12
N MET A 101 9.16 -1.01 5.73
CA MET A 101 8.47 0.03 6.48
C MET A 101 6.95 -0.11 6.32
N ARG A 102 6.21 0.64 7.13
CA ARG A 102 4.75 0.59 7.08
C ARG A 102 4.15 1.81 7.77
N ARG A 103 3.28 2.52 7.05
CA ARG A 103 2.62 3.70 7.59
C ARG A 103 1.13 3.47 7.79
N PRO A 104 0.66 3.69 9.02
CA PRO A 104 1.51 4.14 10.13
C PRO A 104 2.47 3.05 10.59
N GLN A 105 3.43 3.43 11.42
CA GLN A 105 4.42 2.49 11.94
C GLN A 105 4.23 2.27 13.44
N ILE A 106 4.24 1.00 13.85
CA ILE A 106 4.08 0.65 15.25
C ILE A 106 5.41 0.67 15.99
N ASP A 107 5.45 1.38 17.11
CA ASP A 107 6.66 1.47 17.91
C ASP A 107 6.88 0.21 18.73
N LYS A 108 6.80 -0.93 18.08
CA LYS A 108 6.99 -2.22 18.75
C LYS A 108 6.28 -2.23 20.10
N LYS A 109 5.15 -1.54 20.18
CA LYS A 109 4.38 -1.48 21.42
C LYS A 109 2.94 -1.95 21.18
N GLY A 110 2.42 -1.69 19.98
CA GLY A 110 1.07 -2.09 19.66
C GLY A 110 0.15 -0.91 19.43
N ARG A 111 0.73 0.22 19.04
CA ARG A 111 -0.04 1.43 18.79
C ARG A 111 0.47 2.15 17.55
N ALA A 112 -0.43 2.40 16.61
CA ALA A 112 -0.07 3.10 15.37
C ALA A 112 0.08 4.60 15.61
N VAL A 113 1.24 5.14 15.23
CA VAL A 113 1.51 6.57 15.41
C VAL A 113 0.59 7.40 14.52
N SER A 114 -0.01 8.43 15.11
CA SER A 114 -0.91 9.32 14.37
C SER A 114 -0.17 10.02 13.23
N TRP A 115 -0.23 9.42 12.05
CA TRP A 115 0.43 9.99 10.87
C TRP A 115 -0.59 10.38 9.81
N THR A 116 -0.36 11.51 9.16
CA THR A 116 -1.25 11.98 8.11
C THR A 116 -0.98 11.29 6.78
N PHE A 117 -2.04 10.84 6.12
CA PHE A 117 -1.92 10.15 4.84
C PHE A 117 -2.10 11.13 3.68
N SER A 118 -1.18 12.09 3.57
CA SER A 118 -1.25 13.09 2.52
C SER A 118 -0.24 12.77 1.40
N GLU A 119 -0.69 12.86 0.16
CA GLU A 119 0.17 12.58 -0.98
C GLU A 119 1.59 13.05 -0.72
N GLU A 120 1.76 14.36 -0.58
CA GLU A 120 3.08 14.94 -0.33
C GLU A 120 3.89 14.05 0.62
N ASN A 121 3.39 13.89 1.84
CA ASN A 121 4.06 13.08 2.84
C ASN A 121 4.41 11.71 2.28
N VAL A 122 3.40 11.00 1.78
CA VAL A 122 3.59 9.67 1.22
C VAL A 122 4.79 9.64 0.27
N ILE A 123 4.78 10.54 -0.71
CA ILE A 123 5.87 10.64 -1.67
C ILE A 123 7.21 10.87 -0.97
N ARG A 124 7.15 11.49 0.19
CA ARG A 124 8.36 11.77 0.96
C ARG A 124 8.80 10.55 1.76
N GLU A 125 7.97 10.16 2.73
CA GLU A 125 8.27 9.01 3.57
C GLU A 125 8.68 7.81 2.72
N PHE A 126 7.79 7.42 1.80
CA PHE A 126 8.06 6.29 0.93
C PHE A 126 9.06 6.66 -0.15
N ASN A 127 9.45 7.93 -0.19
CA ASN A 127 10.40 8.41 -1.18
C ASN A 127 10.16 7.75 -2.53
N LEU A 128 8.93 7.78 -2.99
CA LEU A 128 8.56 7.19 -4.28
C LEU A 128 9.38 7.80 -5.41
N ASN A 129 9.59 9.12 -5.33
CA ASN A 129 10.36 9.83 -6.35
C ASN A 129 11.63 9.06 -6.71
N GLU A 130 12.37 8.64 -5.70
CA GLU A 130 13.60 7.88 -5.91
C GLU A 130 13.30 6.50 -6.48
N LEU A 131 12.46 5.76 -5.78
CA LEU A 131 12.10 4.40 -6.22
C LEU A 131 11.84 4.37 -7.72
N SER A 132 11.03 5.31 -8.19
CA SER A 132 10.70 5.38 -9.61
C SER A 132 11.37 6.59 -10.27
N GLY A 133 12.63 6.82 -9.92
CA GLY A 133 13.36 7.95 -10.48
C GLY A 133 14.68 7.53 -11.11
N PRO A 134 15.28 8.45 -11.88
CA PRO A 134 16.56 8.19 -12.56
C PRO A 134 17.72 8.11 -11.58
N SER A 135 18.90 7.75 -12.09
CA SER A 135 20.08 7.62 -11.27
C SER A 135 20.87 8.94 -11.23
N SER A 136 21.00 9.57 -12.39
CA SER A 136 21.72 10.83 -12.49
C SER A 136 20.75 11.99 -12.73
N GLY A 137 20.52 12.78 -11.68
CA GLY A 137 19.61 13.91 -11.80
C GLY A 137 19.11 14.40 -10.45
N GLY A 1 1.94 -2.63 -21.86
CA GLY A 1 0.69 -2.36 -22.55
C GLY A 1 0.55 -0.89 -22.90
N SER A 2 -0.46 -0.57 -23.72
CA SER A 2 -0.70 0.79 -24.13
C SER A 2 -0.45 1.77 -22.98
N SER A 3 0.32 2.82 -23.26
CA SER A 3 0.64 3.82 -22.26
C SER A 3 -0.48 4.84 -22.12
N GLY A 4 -1.10 4.88 -20.94
CA GLY A 4 -2.19 5.81 -20.70
C GLY A 4 -3.42 5.13 -20.13
N SER A 5 -3.21 4.25 -19.16
CA SER A 5 -4.30 3.53 -18.52
C SER A 5 -4.89 4.34 -17.37
N SER A 6 -6.22 4.43 -17.34
CA SER A 6 -6.90 5.18 -16.29
C SER A 6 -6.73 4.50 -14.93
N GLY A 7 -7.24 5.13 -13.88
CA GLY A 7 -7.14 4.57 -12.55
C GLY A 7 -7.29 3.06 -12.54
N TYR A 8 -6.18 2.35 -12.59
CA TYR A 8 -6.19 0.89 -12.59
C TYR A 8 -5.25 0.33 -11.53
N ILE A 9 -5.81 -0.43 -10.60
CA ILE A 9 -5.02 -1.02 -9.52
C ILE A 9 -5.09 -2.54 -9.57
N LYS A 10 -3.95 -3.19 -9.39
CA LYS A 10 -3.88 -4.64 -9.40
C LYS A 10 -4.08 -5.22 -8.00
N TYR A 11 -5.26 -5.75 -7.75
CA TYR A 11 -5.58 -6.33 -6.46
C TYR A 11 -4.89 -7.68 -6.27
N PHE A 12 -4.55 -8.01 -5.03
CA PHE A 12 -3.88 -9.26 -4.72
C PHE A 12 -4.60 -10.01 -3.61
N ASN A 13 -4.75 -11.32 -3.79
CA ASN A 13 -5.44 -12.16 -2.80
C ASN A 13 -4.50 -12.49 -1.64
N ASP A 14 -5.02 -13.27 -0.69
CA ASP A 14 -4.23 -13.68 0.47
C ASP A 14 -3.19 -14.72 0.08
N LYS A 15 -3.38 -15.34 -1.08
CA LYS A 15 -2.45 -16.36 -1.56
C LYS A 15 -1.52 -15.78 -2.62
N THR A 16 -2.09 -15.13 -3.62
CA THR A 16 -1.30 -14.54 -4.69
C THR A 16 -0.39 -13.44 -4.16
N ILE A 17 -0.84 -12.76 -3.11
CA ILE A 17 -0.06 -11.68 -2.51
C ILE A 17 1.38 -12.12 -2.27
N ASP A 18 1.56 -13.37 -1.85
CA ASP A 18 2.89 -13.91 -1.60
C ASP A 18 3.53 -14.41 -2.88
N GLU A 19 2.95 -15.45 -3.47
CA GLU A 19 3.46 -16.02 -4.71
C GLU A 19 3.93 -14.92 -5.66
N GLU A 20 3.19 -13.83 -5.71
CA GLU A 20 3.53 -12.71 -6.59
C GLU A 20 4.72 -11.93 -6.03
N LEU A 21 4.64 -11.55 -4.75
CA LEU A 21 5.72 -10.82 -4.11
C LEU A 21 6.99 -11.65 -4.06
N GLU A 22 6.87 -12.95 -4.33
CA GLU A 22 8.01 -13.84 -4.31
C GLU A 22 8.71 -13.87 -5.66
N ARG A 23 7.91 -13.90 -6.73
CA ARG A 23 8.46 -13.93 -8.09
C ARG A 23 8.81 -12.52 -8.56
N ASP A 24 8.38 -11.52 -7.79
CA ASP A 24 8.65 -10.13 -8.13
C ASP A 24 9.56 -9.49 -7.09
N LYS A 25 10.14 -10.31 -6.22
CA LYS A 25 11.03 -9.81 -5.18
C LYS A 25 11.87 -8.64 -5.69
N ARG A 26 12.78 -8.92 -6.62
CA ARG A 26 13.64 -7.88 -7.18
C ARG A 26 12.84 -6.60 -7.43
N VAL A 27 11.68 -6.74 -8.06
CA VAL A 27 10.84 -5.59 -8.37
C VAL A 27 10.07 -5.14 -7.13
N THR A 28 10.02 -3.83 -6.92
CA THR A 28 9.33 -3.26 -5.77
C THR A 28 7.82 -3.32 -5.97
N TRP A 29 7.08 -3.51 -4.87
CA TRP A 29 5.63 -3.58 -4.92
C TRP A 29 5.00 -2.84 -3.75
N ILE A 30 4.11 -1.90 -4.05
CA ILE A 30 3.45 -1.11 -3.02
C ILE A 30 1.98 -1.51 -2.89
N VAL A 31 1.66 -2.24 -1.84
CA VAL A 31 0.28 -2.67 -1.60
C VAL A 31 -0.35 -1.89 -0.47
N GLU A 32 -1.63 -1.51 -0.64
CA GLU A 32 -2.35 -0.76 0.37
C GLU A 32 -3.43 -1.61 1.01
N PHE A 33 -3.30 -1.85 2.31
CA PHE A 33 -4.26 -2.66 3.05
C PHE A 33 -5.40 -1.79 3.58
N PHE A 34 -6.60 -1.98 3.03
CA PHE A 34 -7.76 -1.22 3.46
C PHE A 34 -8.94 -2.14 3.76
N ALA A 35 -10.02 -1.56 4.25
CA ALA A 35 -11.22 -2.33 4.58
C ALA A 35 -12.44 -1.79 3.84
N ASN A 36 -13.57 -2.46 4.01
CA ASN A 36 -14.81 -2.05 3.36
C ASN A 36 -15.59 -1.08 4.23
N TRP A 37 -15.39 -1.18 5.54
CA TRP A 37 -16.07 -0.31 6.49
C TRP A 37 -15.17 0.85 6.91
N SER A 38 -13.97 0.90 6.34
CA SER A 38 -13.02 1.96 6.66
C SER A 38 -13.38 3.24 5.92
N ASN A 39 -14.09 4.13 6.60
CA ASN A 39 -14.50 5.40 6.01
C ASN A 39 -13.28 6.28 5.73
N ASP A 40 -12.35 6.31 6.68
CA ASP A 40 -11.14 7.11 6.53
C ASP A 40 -10.49 6.86 5.19
N CYS A 41 -10.66 5.66 4.66
CA CYS A 41 -10.08 5.29 3.37
C CYS A 41 -10.73 6.08 2.23
N GLN A 42 -12.00 6.41 2.41
CA GLN A 42 -12.74 7.15 1.40
C GLN A 42 -12.00 8.43 1.02
N SER A 43 -11.24 8.98 1.97
CA SER A 43 -10.49 10.21 1.74
C SER A 43 -9.25 9.92 0.89
N PHE A 44 -8.78 8.68 0.93
CA PHE A 44 -7.61 8.29 0.16
C PHE A 44 -8.01 7.63 -1.15
N ALA A 45 -9.22 7.08 -1.18
CA ALA A 45 -9.74 6.43 -2.38
C ALA A 45 -9.20 7.10 -3.64
N PRO A 46 -9.50 8.39 -3.81
CA PRO A 46 -9.06 9.17 -4.97
C PRO A 46 -7.55 9.43 -4.95
N ILE A 47 -7.05 9.86 -3.80
CA ILE A 47 -5.62 10.14 -3.66
C ILE A 47 -4.78 8.98 -4.17
N TYR A 48 -4.97 7.80 -3.57
CA TYR A 48 -4.23 6.61 -3.96
C TYR A 48 -4.28 6.40 -5.47
N ALA A 49 -5.46 6.60 -6.05
CA ALA A 49 -5.64 6.44 -7.48
C ALA A 49 -4.68 7.32 -8.26
N ASP A 50 -4.63 8.60 -7.91
CA ASP A 50 -3.74 9.54 -8.59
C ASP A 50 -2.29 9.10 -8.44
N LEU A 51 -1.87 8.82 -7.21
CA LEU A 51 -0.50 8.41 -6.94
C LEU A 51 -0.11 7.21 -7.82
N SER A 52 -0.80 6.10 -7.63
CA SER A 52 -0.53 4.89 -8.41
C SER A 52 -0.42 5.22 -9.90
N LEU A 53 -1.50 5.71 -10.47
CA LEU A 53 -1.52 6.07 -11.89
C LEU A 53 -0.25 6.80 -12.29
N LYS A 54 0.42 7.40 -11.30
CA LYS A 54 1.66 8.13 -11.54
C LYS A 54 2.86 7.20 -11.47
N TYR A 55 3.00 6.50 -10.35
CA TYR A 55 4.11 5.57 -10.15
C TYR A 55 3.84 4.25 -10.86
N ASN A 56 2.70 4.17 -11.54
CA ASN A 56 2.32 2.96 -12.26
C ASN A 56 2.64 3.08 -13.74
N CYS A 57 3.64 3.89 -14.06
CA CYS A 57 4.04 4.10 -15.45
C CYS A 57 4.89 2.93 -15.95
N THR A 58 6.06 2.76 -15.36
CA THR A 58 6.97 1.69 -15.75
C THR A 58 7.99 1.40 -14.65
N GLY A 59 8.01 0.15 -14.18
CA GLY A 59 8.93 -0.24 -13.14
C GLY A 59 8.24 -0.49 -11.81
N LEU A 60 7.54 0.52 -11.31
CA LEU A 60 6.83 0.41 -10.04
C LEU A 60 5.32 0.21 -10.27
N ASN A 61 4.76 -0.78 -9.59
CA ASN A 61 3.32 -1.06 -9.72
C ASN A 61 2.62 -0.92 -8.38
N PHE A 62 1.33 -0.62 -8.42
CA PHE A 62 0.54 -0.46 -7.21
C PHE A 62 -0.48 -1.58 -7.06
N GLY A 63 -0.70 -2.01 -5.83
CA GLY A 63 -1.65 -3.09 -5.58
C GLY A 63 -2.52 -2.82 -4.37
N LYS A 64 -3.45 -3.73 -4.09
CA LYS A 64 -4.35 -3.59 -2.95
C LYS A 64 -4.70 -4.95 -2.36
N VAL A 65 -5.25 -4.95 -1.16
CA VAL A 65 -5.63 -6.19 -0.48
C VAL A 65 -6.51 -5.90 0.73
N ASP A 66 -7.81 -6.18 0.60
CA ASP A 66 -8.75 -5.95 1.68
C ASP A 66 -8.44 -6.86 2.87
N VAL A 67 -8.39 -6.28 4.06
CA VAL A 67 -8.11 -7.03 5.28
C VAL A 67 -9.32 -7.06 6.21
N GLY A 68 -10.20 -6.08 6.05
CA GLY A 68 -11.39 -6.00 6.88
C GLY A 68 -12.24 -7.26 6.79
N ARG A 69 -12.08 -7.99 5.70
CA ARG A 69 -12.84 -9.22 5.50
C ARG A 69 -11.92 -10.44 5.48
N TYR A 70 -10.70 -10.25 4.99
CA TYR A 70 -9.72 -11.33 4.92
C TYR A 70 -8.98 -11.49 6.25
N THR A 71 -9.61 -12.19 7.19
CA THR A 71 -9.02 -12.42 8.50
C THR A 71 -7.66 -13.08 8.37
N ASP A 72 -7.45 -13.82 7.29
CA ASP A 72 -6.18 -14.51 7.06
C ASP A 72 -5.05 -13.51 6.90
N VAL A 73 -5.26 -12.50 6.06
CA VAL A 73 -4.25 -11.48 5.82
C VAL A 73 -4.03 -10.62 7.07
N SER A 74 -5.08 -9.98 7.53
CA SER A 74 -5.00 -9.13 8.72
C SER A 74 -4.16 -9.79 9.81
N THR A 75 -4.20 -11.12 9.84
CA THR A 75 -3.44 -11.87 10.83
C THR A 75 -2.05 -12.23 10.30
N ARG A 76 -1.95 -12.41 8.99
CA ARG A 76 -0.68 -12.76 8.36
C ARG A 76 0.25 -11.56 8.32
N TYR A 77 -0.28 -10.39 8.67
CA TYR A 77 0.51 -9.16 8.67
C TYR A 77 0.30 -8.38 9.96
N LYS A 78 -0.13 -9.08 11.00
CA LYS A 78 -0.37 -8.46 12.30
C LYS A 78 -1.12 -7.14 12.14
N VAL A 79 -1.91 -7.04 11.07
CA VAL A 79 -2.68 -5.83 10.79
C VAL A 79 -4.00 -5.85 11.55
N SER A 80 -4.20 -4.85 12.41
CA SER A 80 -5.42 -4.75 13.19
C SER A 80 -6.60 -4.36 12.31
N THR A 81 -7.76 -4.96 12.58
CA THR A 81 -8.97 -4.66 11.82
C THR A 81 -10.08 -4.13 12.72
N SER A 82 -9.70 -3.64 13.90
CA SER A 82 -10.67 -3.11 14.84
C SER A 82 -11.12 -1.71 14.43
N PRO A 83 -12.37 -1.37 14.77
CA PRO A 83 -12.96 -0.07 14.45
C PRO A 83 -12.32 1.07 15.24
N LEU A 84 -11.47 0.72 16.20
CA LEU A 84 -10.80 1.70 17.03
C LEU A 84 -9.32 1.81 16.66
N THR A 85 -8.71 0.67 16.36
CA THR A 85 -7.30 0.64 15.99
C THR A 85 -7.00 1.64 14.87
N LYS A 86 -5.71 1.88 14.63
CA LYS A 86 -5.30 2.81 13.60
C LYS A 86 -4.42 2.12 12.56
N GLN A 87 -4.83 0.93 12.14
CA GLN A 87 -4.08 0.17 11.16
C GLN A 87 -4.85 0.07 9.85
N LEU A 88 -5.66 1.09 9.55
CA LEU A 88 -6.44 1.12 8.34
C LEU A 88 -6.81 2.56 7.96
N PRO A 89 -6.43 2.97 6.75
CA PRO A 89 -5.68 2.11 5.81
C PRO A 89 -4.26 1.85 6.29
N THR A 90 -3.49 1.14 5.47
CA THR A 90 -2.11 0.80 5.80
C THR A 90 -1.27 0.63 4.54
N LEU A 91 -0.17 1.36 4.47
CA LEU A 91 0.73 1.28 3.31
C LEU A 91 2.05 0.62 3.69
N ILE A 92 2.46 -0.37 2.89
CA ILE A 92 3.70 -1.08 3.15
C ILE A 92 4.54 -1.17 1.87
N LEU A 93 5.83 -0.88 2.01
CA LEU A 93 6.75 -0.93 0.88
C LEU A 93 7.61 -2.20 0.92
N PHE A 94 7.51 -3.01 -0.11
CA PHE A 94 8.28 -4.25 -0.19
C PHE A 94 9.45 -4.10 -1.16
N GLN A 95 10.67 -4.19 -0.62
CA GLN A 95 11.87 -4.06 -1.42
C GLN A 95 12.74 -5.32 -1.30
N GLY A 96 12.51 -6.27 -2.21
CA GLY A 96 13.29 -7.50 -2.18
C GLY A 96 12.66 -8.56 -1.29
N GLY A 97 11.33 -8.60 -1.26
CA GLY A 97 10.64 -9.57 -0.43
C GLY A 97 10.72 -9.25 1.04
N LYS A 98 11.35 -8.11 1.37
CA LYS A 98 11.50 -7.69 2.75
C LYS A 98 10.74 -6.40 3.01
N GLU A 99 10.04 -6.33 4.13
CA GLU A 99 9.27 -5.15 4.50
C GLU A 99 10.19 -3.95 4.76
N ALA A 100 10.54 -3.25 3.69
CA ALA A 100 11.42 -2.08 3.80
C ALA A 100 10.92 -1.13 4.89
N MET A 101 9.64 -0.82 4.87
CA MET A 101 9.04 0.08 5.85
C MET A 101 7.52 0.03 5.79
N ARG A 102 6.88 0.38 6.90
CA ARG A 102 5.42 0.37 6.98
C ARG A 102 4.91 1.55 7.79
N ARG A 103 3.76 2.08 7.39
CA ARG A 103 3.16 3.22 8.07
C ARG A 103 1.65 3.03 8.22
N PRO A 104 1.13 3.36 9.41
CA PRO A 104 1.94 3.86 10.53
C PRO A 104 2.85 2.79 11.10
N GLN A 105 4.06 3.19 11.51
CA GLN A 105 5.02 2.27 12.08
C GLN A 105 4.60 1.83 13.48
N ILE A 106 4.82 0.56 13.79
CA ILE A 106 4.46 0.03 15.10
C ILE A 106 5.61 0.21 16.10
N ASP A 107 5.26 0.71 17.28
CA ASP A 107 6.26 0.93 18.33
C ASP A 107 6.62 -0.38 19.02
N LYS A 108 7.82 -0.43 19.59
CA LYS A 108 8.28 -1.63 20.28
C LYS A 108 7.22 -2.16 21.23
N LYS A 109 6.30 -1.28 21.63
CA LYS A 109 5.23 -1.66 22.54
C LYS A 109 4.15 -2.45 21.80
N GLY A 110 3.74 -1.97 20.63
CA GLY A 110 2.73 -2.64 19.86
C GLY A 110 1.52 -1.77 19.59
N ARG A 111 1.76 -0.51 19.26
CA ARG A 111 0.68 0.43 18.98
C ARG A 111 0.89 1.13 17.65
N ALA A 112 -0.18 1.67 17.09
CA ALA A 112 -0.12 2.37 15.81
C ALA A 112 0.06 3.87 16.01
N VAL A 113 1.20 4.40 15.60
CA VAL A 113 1.50 5.81 15.74
C VAL A 113 0.61 6.65 14.82
N SER A 114 0.03 7.71 15.37
CA SER A 114 -0.85 8.58 14.60
C SER A 114 -0.06 9.32 13.52
N TRP A 115 -0.11 8.80 12.30
CA TRP A 115 0.60 9.41 11.18
C TRP A 115 -0.39 9.90 10.12
N THR A 116 -0.16 11.11 9.63
CA THR A 116 -1.03 11.69 8.61
C THR A 116 -0.89 10.96 7.28
N PHE A 117 -2.02 10.75 6.60
CA PHE A 117 -2.03 10.05 5.32
C PHE A 117 -2.33 11.01 4.18
N SER A 118 -1.28 11.51 3.53
CA SER A 118 -1.44 12.44 2.43
C SER A 118 -0.37 12.21 1.37
N GLU A 119 -0.63 12.69 0.15
CA GLU A 119 0.32 12.53 -0.95
C GLU A 119 1.67 13.13 -0.60
N GLU A 120 1.66 14.33 -0.02
CA GLU A 120 2.88 15.01 0.36
C GLU A 120 3.70 14.14 1.32
N ASN A 121 3.04 13.60 2.33
CA ASN A 121 3.71 12.76 3.32
C ASN A 121 4.12 11.42 2.70
N VAL A 122 3.13 10.65 2.28
CA VAL A 122 3.40 9.35 1.66
C VAL A 122 4.60 9.41 0.72
N ILE A 123 4.55 10.36 -0.21
CA ILE A 123 5.63 10.54 -1.18
C ILE A 123 6.95 10.84 -0.47
N ARG A 124 6.87 11.48 0.70
CA ARG A 124 8.05 11.83 1.46
C ARG A 124 8.57 10.62 2.23
N GLU A 125 7.77 10.15 3.19
CA GLU A 125 8.15 8.99 4.00
C GLU A 125 8.62 7.84 3.12
N PHE A 126 7.79 7.46 2.16
CA PHE A 126 8.12 6.36 1.25
C PHE A 126 9.15 6.82 0.22
N ASN A 127 9.47 8.10 0.23
CA ASN A 127 10.44 8.65 -0.71
C ASN A 127 10.28 8.02 -2.09
N LEU A 128 9.04 7.88 -2.52
CA LEU A 128 8.76 7.28 -3.83
C LEU A 128 9.51 8.01 -4.94
N ASN A 129 9.35 9.32 -4.99
CA ASN A 129 10.03 10.13 -6.00
C ASN A 129 11.44 9.61 -6.27
N GLU A 130 12.14 9.23 -5.20
CA GLU A 130 13.49 8.71 -5.32
C GLU A 130 13.49 7.32 -5.94
N LEU A 131 12.65 6.44 -5.40
CA LEU A 131 12.56 5.07 -5.90
C LEU A 131 12.37 5.06 -7.41
N SER A 132 11.25 5.59 -7.88
CA SER A 132 10.95 5.64 -9.30
C SER A 132 12.08 6.33 -10.07
N GLY A 133 12.05 6.21 -11.39
CA GLY A 133 13.07 6.82 -12.22
C GLY A 133 12.68 8.21 -12.68
N PRO A 134 13.44 8.75 -13.65
CA PRO A 134 13.18 10.08 -14.21
C PRO A 134 11.91 10.13 -15.03
N SER A 135 10.85 10.69 -14.45
CA SER A 135 9.57 10.79 -15.13
C SER A 135 8.82 12.06 -14.70
N SER A 136 8.65 12.97 -15.65
CA SER A 136 7.96 14.24 -15.36
C SER A 136 6.45 14.08 -15.53
N GLY A 137 6.04 13.48 -16.64
CA GLY A 137 4.62 13.27 -16.90
C GLY A 137 4.16 11.88 -16.50
N GLY A 1 -0.75 -3.15 -22.98
CA GLY A 1 -0.23 -2.08 -23.81
C GLY A 1 -1.33 -1.15 -24.29
N SER A 2 -1.86 -0.34 -23.39
CA SER A 2 -2.92 0.61 -23.73
C SER A 2 -2.42 2.05 -23.60
N SER A 3 -3.24 2.98 -24.08
CA SER A 3 -2.88 4.40 -24.03
C SER A 3 -4.00 5.21 -23.38
N GLY A 4 -3.90 5.39 -22.07
CA GLY A 4 -4.90 6.15 -21.35
C GLY A 4 -5.86 5.26 -20.57
N SER A 5 -5.56 5.05 -19.29
CA SER A 5 -6.41 4.21 -18.45
C SER A 5 -6.80 4.95 -17.18
N SER A 6 -7.90 4.52 -16.56
CA SER A 6 -8.40 5.13 -15.34
C SER A 6 -7.75 4.50 -14.11
N GLY A 7 -8.04 5.07 -12.95
CA GLY A 7 -7.47 4.54 -11.71
C GLY A 7 -7.60 3.03 -11.61
N TYR A 8 -6.56 2.32 -12.02
CA TYR A 8 -6.56 0.87 -11.97
C TYR A 8 -5.46 0.35 -11.05
N ILE A 9 -5.85 -0.44 -10.06
CA ILE A 9 -4.90 -1.01 -9.11
C ILE A 9 -4.82 -2.52 -9.25
N LYS A 10 -3.61 -3.06 -9.10
CA LYS A 10 -3.40 -4.50 -9.21
C LYS A 10 -3.71 -5.19 -7.89
N TYR A 11 -4.95 -5.65 -7.75
CA TYR A 11 -5.37 -6.34 -6.53
C TYR A 11 -4.61 -7.65 -6.35
N PHE A 12 -4.61 -8.15 -5.12
CA PHE A 12 -3.91 -9.40 -4.81
C PHE A 12 -4.79 -10.30 -3.94
N ASN A 13 -4.38 -11.56 -3.82
CA ASN A 13 -5.13 -12.52 -3.01
C ASN A 13 -4.31 -12.98 -1.81
N ASP A 14 -4.99 -13.40 -0.76
CA ASP A 14 -4.34 -13.87 0.46
C ASP A 14 -3.23 -14.86 0.13
N LYS A 15 -3.35 -15.51 -1.02
CA LYS A 15 -2.36 -16.49 -1.46
C LYS A 15 -1.41 -15.88 -2.48
N THR A 16 -1.93 -15.52 -3.64
CA THR A 16 -1.13 -14.92 -4.70
C THR A 16 -0.25 -13.80 -4.16
N ILE A 17 -0.84 -12.96 -3.31
CA ILE A 17 -0.10 -11.85 -2.72
C ILE A 17 1.33 -12.25 -2.37
N ASP A 18 1.51 -13.53 -2.05
CA ASP A 18 2.83 -14.05 -1.71
C ASP A 18 3.63 -14.40 -2.96
N GLU A 19 3.14 -15.38 -3.72
CA GLU A 19 3.82 -15.80 -4.94
C GLU A 19 4.24 -14.59 -5.77
N GLU A 20 3.44 -13.54 -5.72
CA GLU A 20 3.73 -12.32 -6.48
C GLU A 20 4.95 -11.62 -5.91
N LEU A 21 4.97 -11.43 -4.60
CA LEU A 21 6.08 -10.76 -3.94
C LEU A 21 7.31 -11.67 -3.88
N GLU A 22 7.13 -12.92 -4.30
CA GLU A 22 8.22 -13.88 -4.30
C GLU A 22 8.86 -13.99 -5.69
N ARG A 23 8.03 -13.82 -6.71
CA ARG A 23 8.51 -13.90 -8.09
C ARG A 23 8.95 -12.53 -8.59
N ASP A 24 8.66 -11.50 -7.80
CA ASP A 24 9.03 -10.13 -8.17
C ASP A 24 9.78 -9.45 -7.02
N LYS A 25 10.35 -10.25 -6.14
CA LYS A 25 11.08 -9.72 -4.99
C LYS A 25 11.92 -8.52 -5.40
N ARG A 26 12.90 -8.75 -6.26
CA ARG A 26 13.78 -7.69 -6.73
C ARG A 26 13.02 -6.37 -6.85
N VAL A 27 11.99 -6.36 -7.70
CA VAL A 27 11.18 -5.16 -7.91
C VAL A 27 10.44 -4.78 -6.64
N THR A 28 10.17 -3.49 -6.49
CA THR A 28 9.47 -2.98 -5.31
C THR A 28 7.96 -3.04 -5.51
N TRP A 29 7.24 -3.36 -4.44
CA TRP A 29 5.79 -3.46 -4.49
C TRP A 29 5.15 -2.75 -3.29
N ILE A 30 4.26 -1.82 -3.57
CA ILE A 30 3.58 -1.07 -2.52
C ILE A 30 2.10 -1.45 -2.45
N VAL A 31 1.75 -2.25 -1.44
CA VAL A 31 0.37 -2.69 -1.25
C VAL A 31 -0.32 -1.85 -0.18
N GLU A 32 -1.62 -1.61 -0.38
CA GLU A 32 -2.39 -0.82 0.57
C GLU A 32 -3.50 -1.67 1.19
N PHE A 33 -3.37 -1.96 2.47
CA PHE A 33 -4.35 -2.77 3.18
C PHE A 33 -5.46 -1.89 3.75
N PHE A 34 -6.65 -2.00 3.16
CA PHE A 34 -7.80 -1.22 3.60
C PHE A 34 -8.99 -2.11 3.91
N ALA A 35 -10.04 -1.53 4.48
CA ALA A 35 -11.24 -2.28 4.82
C ALA A 35 -12.48 -1.64 4.21
N ASN A 36 -13.50 -2.45 3.97
CA ASN A 36 -14.75 -1.96 3.39
C ASN A 36 -15.45 -0.98 4.33
N TRP A 37 -15.05 -1.02 5.60
CA TRP A 37 -15.64 -0.13 6.60
C TRP A 37 -14.63 0.93 7.05
N SER A 38 -13.49 0.98 6.36
CA SER A 38 -12.44 1.94 6.70
C SER A 38 -12.81 3.34 6.20
N ASN A 39 -12.97 4.27 7.13
CA ASN A 39 -13.33 5.64 6.78
C ASN A 39 -12.15 6.35 6.12
N ASP A 40 -11.02 6.40 6.83
CA ASP A 40 -9.83 7.06 6.32
C ASP A 40 -9.64 6.75 4.83
N CYS A 41 -10.10 5.57 4.41
CA CYS A 41 -9.97 5.15 3.02
C CYS A 41 -10.75 6.10 2.10
N GLN A 42 -11.97 6.45 2.51
CA GLN A 42 -12.81 7.34 1.72
C GLN A 42 -12.01 8.53 1.21
N SER A 43 -11.58 9.38 2.13
CA SER A 43 -10.81 10.57 1.77
C SER A 43 -9.46 10.18 1.18
N PHE A 44 -9.17 8.88 1.20
CA PHE A 44 -7.90 8.38 0.67
C PHE A 44 -8.13 7.51 -0.56
N ALA A 45 -9.38 7.46 -1.02
CA ALA A 45 -9.74 6.67 -2.19
C ALA A 45 -9.11 7.24 -3.45
N PRO A 46 -9.44 8.51 -3.75
CA PRO A 46 -8.92 9.21 -4.93
C PRO A 46 -7.44 9.52 -4.82
N ILE A 47 -6.97 9.68 -3.59
CA ILE A 47 -5.56 9.98 -3.34
C ILE A 47 -4.67 8.81 -3.73
N TYR A 48 -5.17 7.59 -3.52
CA TYR A 48 -4.41 6.38 -3.85
C TYR A 48 -4.43 6.14 -5.36
N ALA A 49 -5.58 6.35 -5.98
CA ALA A 49 -5.72 6.15 -7.42
C ALA A 49 -4.77 7.06 -8.19
N ASP A 50 -4.89 8.36 -7.95
CA ASP A 50 -4.04 9.34 -8.62
C ASP A 50 -2.57 8.98 -8.49
N LEU A 51 -2.14 8.68 -7.26
CA LEU A 51 -0.75 8.32 -7.00
C LEU A 51 -0.34 7.10 -7.83
N SER A 52 -1.04 5.99 -7.63
CA SER A 52 -0.75 4.76 -8.37
C SER A 52 -0.57 5.04 -9.85
N LEU A 53 -1.63 5.57 -10.48
CA LEU A 53 -1.59 5.88 -11.91
C LEU A 53 -0.27 6.54 -12.28
N LYS A 54 0.14 7.53 -11.49
CA LYS A 54 1.39 8.24 -11.74
C LYS A 54 2.57 7.28 -11.69
N TYR A 55 2.61 6.44 -10.67
CA TYR A 55 3.69 5.47 -10.50
C TYR A 55 3.32 4.13 -11.11
N ASN A 56 2.28 4.13 -11.94
CA ASN A 56 1.82 2.91 -12.59
C ASN A 56 2.61 2.63 -13.86
N CYS A 57 3.85 2.18 -13.70
CA CYS A 57 4.71 1.87 -14.83
C CYS A 57 5.87 0.97 -14.41
N THR A 58 6.50 0.34 -15.39
CA THR A 58 7.63 -0.55 -15.13
C THR A 58 8.49 -0.02 -13.99
N GLY A 59 9.05 -0.93 -13.19
CA GLY A 59 9.89 -0.52 -12.08
C GLY A 59 9.14 -0.50 -10.76
N LEU A 60 8.06 0.28 -10.71
CA LEU A 60 7.25 0.39 -9.51
C LEU A 60 5.78 0.16 -9.81
N ASN A 61 5.12 -0.67 -9.00
CA ASN A 61 3.71 -0.97 -9.19
C ASN A 61 2.93 -0.74 -7.89
N PHE A 62 1.60 -0.70 -8.00
CA PHE A 62 0.75 -0.50 -6.84
C PHE A 62 -0.28 -1.61 -6.72
N GLY A 63 -0.54 -2.02 -5.48
CA GLY A 63 -1.51 -3.09 -5.25
C GLY A 63 -2.45 -2.78 -4.09
N LYS A 64 -3.67 -3.30 -4.17
CA LYS A 64 -4.66 -3.07 -3.13
C LYS A 64 -5.32 -4.38 -2.71
N VAL A 65 -5.46 -4.58 -1.41
CA VAL A 65 -6.08 -5.79 -0.88
C VAL A 65 -6.90 -5.50 0.37
N ASP A 66 -8.15 -5.94 0.37
CA ASP A 66 -9.04 -5.72 1.51
C ASP A 66 -8.75 -6.72 2.62
N VAL A 67 -8.39 -6.20 3.80
CA VAL A 67 -8.08 -7.04 4.94
C VAL A 67 -9.27 -7.11 5.90
N GLY A 68 -10.12 -6.09 5.86
CA GLY A 68 -11.28 -6.06 6.73
C GLY A 68 -12.18 -7.27 6.54
N ARG A 69 -11.97 -7.99 5.45
CA ARG A 69 -12.76 -9.18 5.16
C ARG A 69 -11.89 -10.44 5.14
N TYR A 70 -10.69 -10.30 4.59
CA TYR A 70 -9.75 -11.41 4.50
C TYR A 70 -9.00 -11.59 5.81
N THR A 71 -9.63 -12.27 6.76
CA THR A 71 -9.01 -12.52 8.06
C THR A 71 -7.69 -13.26 7.91
N ASP A 72 -7.50 -13.89 6.76
CA ASP A 72 -6.28 -14.65 6.50
C ASP A 72 -5.10 -13.70 6.28
N VAL A 73 -5.34 -12.62 5.53
CA VAL A 73 -4.30 -11.63 5.25
C VAL A 73 -3.94 -10.85 6.50
N SER A 74 -4.90 -10.08 7.01
CA SER A 74 -4.68 -9.27 8.21
C SER A 74 -3.77 -10.00 9.19
N THR A 75 -4.24 -11.15 9.68
CA THR A 75 -3.47 -11.94 10.63
C THR A 75 -2.07 -12.25 10.10
N ARG A 76 -1.98 -12.50 8.80
CA ARG A 76 -0.71 -12.81 8.17
C ARG A 76 0.22 -11.61 8.22
N TYR A 77 -0.34 -10.42 8.11
CA TYR A 77 0.45 -9.19 8.14
C TYR A 77 0.27 -8.46 9.48
N LYS A 78 -0.07 -9.23 10.51
CA LYS A 78 -0.27 -8.66 11.85
C LYS A 78 -0.90 -7.28 11.75
N VAL A 79 -1.91 -7.14 10.90
CA VAL A 79 -2.60 -5.88 10.71
C VAL A 79 -4.00 -5.92 11.32
N SER A 80 -4.14 -5.34 12.51
CA SER A 80 -5.44 -5.32 13.19
C SER A 80 -6.51 -4.67 12.32
N THR A 81 -7.61 -5.39 12.11
CA THR A 81 -8.70 -4.89 11.30
C THR A 81 -9.85 -4.38 12.17
N SER A 82 -9.53 -3.50 13.10
CA SER A 82 -10.53 -2.94 14.00
C SER A 82 -10.75 -1.46 13.72
N PRO A 83 -12.02 -1.02 13.83
CA PRO A 83 -12.39 0.37 13.59
C PRO A 83 -11.87 1.31 14.67
N LEU A 84 -11.42 0.74 15.78
CA LEU A 84 -10.89 1.52 16.89
C LEU A 84 -9.43 1.86 16.67
N THR A 85 -8.68 0.90 16.13
CA THR A 85 -7.25 1.09 15.86
C THR A 85 -7.04 2.02 14.66
N LYS A 86 -5.79 2.39 14.43
CA LYS A 86 -5.45 3.27 13.31
C LYS A 86 -4.53 2.57 12.32
N GLN A 87 -4.86 1.32 12.00
CA GLN A 87 -4.07 0.53 11.06
C GLN A 87 -4.83 0.30 9.76
N LEU A 88 -5.77 1.19 9.47
CA LEU A 88 -6.58 1.08 8.26
C LEU A 88 -7.09 2.46 7.83
N PRO A 89 -6.77 2.84 6.58
CA PRO A 89 -5.97 2.00 5.67
C PRO A 89 -4.52 1.88 6.12
N THR A 90 -3.71 1.19 5.32
CA THR A 90 -2.30 1.01 5.63
C THR A 90 -1.45 0.99 4.37
N LEU A 91 -0.18 1.36 4.50
CA LEU A 91 0.73 1.39 3.37
C LEU A 91 2.10 0.83 3.75
N ILE A 92 2.44 -0.33 3.21
CA ILE A 92 3.72 -0.96 3.49
C ILE A 92 4.58 -1.05 2.24
N LEU A 93 5.89 -0.94 2.43
CA LEU A 93 6.83 -1.01 1.31
C LEU A 93 7.62 -2.31 1.34
N PHE A 94 7.35 -3.19 0.37
CA PHE A 94 8.04 -4.47 0.29
C PHE A 94 9.25 -4.37 -0.63
N GLN A 95 10.44 -4.60 -0.06
CA GLN A 95 11.67 -4.54 -0.83
C GLN A 95 12.56 -5.75 -0.53
N GLY A 96 12.54 -6.73 -1.42
CA GLY A 96 13.34 -7.93 -1.24
C GLY A 96 12.50 -9.12 -0.81
N GLY A 97 11.19 -8.94 -0.76
CA GLY A 97 10.31 -10.01 -0.36
C GLY A 97 9.90 -9.92 1.11
N LYS A 98 10.32 -8.84 1.75
CA LYS A 98 10.00 -8.63 3.16
C LYS A 98 9.40 -7.25 3.39
N GLU A 99 9.13 -6.91 4.64
CA GLU A 99 8.56 -5.63 4.99
C GLU A 99 9.65 -4.62 5.38
N ALA A 100 10.05 -3.80 4.43
CA ALA A 100 11.09 -2.80 4.67
C ALA A 100 10.60 -1.75 5.67
N MET A 101 9.41 -1.20 5.43
CA MET A 101 8.84 -0.20 6.31
C MET A 101 7.31 -0.17 6.21
N ARG A 102 6.66 0.32 7.24
CA ARG A 102 5.20 0.40 7.26
C ARG A 102 4.73 1.80 7.66
N ARG A 103 3.58 2.19 7.15
CA ARG A 103 3.02 3.50 7.44
C ARG A 103 1.50 3.43 7.57
N PRO A 104 0.98 3.86 8.73
CA PRO A 104 1.81 4.38 9.82
C PRO A 104 2.64 3.28 10.48
N GLN A 105 3.54 3.68 11.38
CA GLN A 105 4.39 2.74 12.09
C GLN A 105 3.87 2.48 13.49
N ILE A 106 4.02 1.23 13.96
CA ILE A 106 3.56 0.86 15.29
C ILE A 106 4.68 1.01 16.31
N ASP A 107 4.36 1.63 17.45
CA ASP A 107 5.33 1.83 18.51
C ASP A 107 5.64 0.52 19.23
N LYS A 108 6.59 0.56 20.16
CA LYS A 108 6.98 -0.62 20.91
C LYS A 108 5.79 -1.19 21.68
N LYS A 109 5.00 -0.30 22.28
CA LYS A 109 3.83 -0.72 23.05
C LYS A 109 2.84 -1.47 22.16
N GLY A 110 2.53 -0.90 21.00
CA GLY A 110 1.60 -1.53 20.08
C GLY A 110 0.50 -0.59 19.63
N ARG A 111 0.88 0.63 19.30
CA ARG A 111 -0.08 1.63 18.85
C ARG A 111 0.40 2.32 17.57
N ALA A 112 -0.51 2.53 16.63
CA ALA A 112 -0.18 3.17 15.37
C ALA A 112 -0.06 4.68 15.54
N VAL A 113 1.14 5.21 15.31
CA VAL A 113 1.37 6.65 15.44
C VAL A 113 0.49 7.44 14.47
N SER A 114 -0.05 8.55 14.96
CA SER A 114 -0.91 9.39 14.13
C SER A 114 -0.13 10.00 12.97
N TRP A 115 -0.36 9.47 11.78
CA TRP A 115 0.33 9.96 10.58
C TRP A 115 -0.67 10.51 9.57
N THR A 116 -0.39 11.72 9.08
CA THR A 116 -1.26 12.37 8.11
C THR A 116 -1.23 11.64 6.77
N PHE A 117 -2.40 11.20 6.31
CA PHE A 117 -2.51 10.49 5.05
C PHE A 117 -2.72 11.46 3.89
N SER A 118 -1.63 11.94 3.32
CA SER A 118 -1.69 12.88 2.21
C SER A 118 -0.92 12.35 1.01
N GLU A 119 -0.88 13.16 -0.06
CA GLU A 119 -0.17 12.77 -1.27
C GLU A 119 1.29 13.20 -1.21
N GLU A 120 1.61 14.07 -0.26
CA GLU A 120 2.96 14.58 -0.10
C GLU A 120 3.74 13.73 0.91
N ASN A 121 3.20 13.64 2.13
CA ASN A 121 3.84 12.86 3.18
C ASN A 121 4.14 11.44 2.72
N VAL A 122 3.28 10.92 1.84
CA VAL A 122 3.44 9.58 1.30
C VAL A 122 4.64 9.50 0.37
N ILE A 123 4.75 10.47 -0.53
CA ILE A 123 5.85 10.51 -1.48
C ILE A 123 7.19 10.76 -0.78
N ARG A 124 7.15 11.59 0.25
CA ARG A 124 8.35 11.91 1.02
C ARG A 124 8.75 10.74 1.91
N GLU A 125 7.79 10.22 2.66
CA GLU A 125 8.05 9.10 3.57
C GLU A 125 8.56 7.89 2.80
N PHE A 126 7.80 7.46 1.81
CA PHE A 126 8.17 6.30 0.99
C PHE A 126 9.15 6.71 -0.10
N ASN A 127 9.51 7.99 -0.12
CA ASN A 127 10.45 8.51 -1.12
C ASN A 127 10.12 7.95 -2.50
N LEU A 128 8.86 8.04 -2.89
CA LEU A 128 8.42 7.55 -4.19
C LEU A 128 9.17 8.26 -5.32
N ASN A 129 9.21 9.58 -5.27
CA ASN A 129 9.91 10.36 -6.28
C ASN A 129 11.25 9.73 -6.64
N GLU A 130 11.99 9.32 -5.63
CA GLU A 130 13.29 8.70 -5.84
C GLU A 130 13.14 7.30 -6.42
N LEU A 131 12.46 6.43 -5.69
CA LEU A 131 12.23 5.06 -6.13
C LEU A 131 11.97 5.01 -7.63
N SER A 132 11.00 5.80 -8.09
CA SER A 132 10.65 5.85 -9.50
C SER A 132 11.77 6.50 -10.32
N GLY A 133 11.96 6.01 -11.54
CA GLY A 133 12.99 6.55 -12.40
C GLY A 133 14.25 5.70 -12.38
N PRO A 134 14.92 5.61 -13.54
CA PRO A 134 16.15 4.83 -13.70
C PRO A 134 17.34 5.47 -12.96
N SER A 135 17.56 6.76 -13.22
CA SER A 135 18.65 7.49 -12.59
C SER A 135 18.27 8.94 -12.35
N SER A 136 18.77 9.51 -11.26
CA SER A 136 18.48 10.89 -10.90
C SER A 136 18.62 11.80 -12.13
N GLY A 137 19.80 11.81 -12.72
CA GLY A 137 20.04 12.64 -13.89
C GLY A 137 19.99 11.85 -15.18
N GLY A 1 -3.41 -3.91 -23.70
CA GLY A 1 -3.08 -2.50 -23.51
C GLY A 1 -3.73 -1.61 -24.54
N SER A 2 -3.43 -0.32 -24.48
CA SER A 2 -4.00 0.64 -25.42
C SER A 2 -5.52 0.74 -25.24
N SER A 3 -5.96 0.91 -24.00
CA SER A 3 -7.38 1.01 -23.71
C SER A 3 -7.73 2.39 -23.15
N GLY A 4 -8.92 2.87 -23.47
CA GLY A 4 -9.35 4.17 -22.99
C GLY A 4 -9.88 4.12 -21.56
N SER A 5 -8.97 4.10 -20.60
CA SER A 5 -9.35 4.05 -19.19
C SER A 5 -8.34 4.80 -18.32
N SER A 6 -8.64 4.89 -17.04
CA SER A 6 -7.76 5.58 -16.10
C SER A 6 -7.82 4.93 -14.71
N GLY A 7 -6.97 5.42 -13.81
CA GLY A 7 -6.95 4.87 -12.46
C GLY A 7 -7.16 3.38 -12.44
N TYR A 8 -6.07 2.62 -12.50
CA TYR A 8 -6.15 1.16 -12.48
C TYR A 8 -5.23 0.57 -11.41
N ILE A 9 -5.81 -0.22 -10.51
CA ILE A 9 -5.04 -0.84 -9.45
C ILE A 9 -5.18 -2.36 -9.49
N LYS A 10 -4.04 -3.05 -9.53
CA LYS A 10 -4.04 -4.51 -9.56
C LYS A 10 -4.22 -5.09 -8.17
N TYR A 11 -5.42 -5.61 -7.90
CA TYR A 11 -5.73 -6.19 -6.60
C TYR A 11 -4.96 -7.50 -6.39
N PHE A 12 -4.95 -7.98 -5.16
CA PHE A 12 -4.25 -9.22 -4.82
C PHE A 12 -5.03 -10.02 -3.79
N ASN A 13 -4.95 -11.34 -3.88
CA ASN A 13 -5.64 -12.22 -2.94
C ASN A 13 -4.80 -12.47 -1.70
N ASP A 14 -5.34 -13.25 -0.78
CA ASP A 14 -4.64 -13.57 0.46
C ASP A 14 -3.52 -14.58 0.20
N LYS A 15 -3.62 -15.29 -0.91
CA LYS A 15 -2.61 -16.29 -1.27
C LYS A 15 -1.69 -15.77 -2.36
N THR A 16 -2.28 -15.31 -3.46
CA THR A 16 -1.51 -14.78 -4.58
C THR A 16 -0.57 -13.67 -4.13
N ILE A 17 -1.04 -12.86 -3.18
CA ILE A 17 -0.24 -11.75 -2.65
C ILE A 17 1.19 -12.19 -2.39
N ASP A 18 1.37 -13.49 -2.13
CA ASP A 18 2.70 -14.04 -1.87
C ASP A 18 3.37 -14.48 -3.17
N GLU A 19 2.78 -15.47 -3.83
CA GLU A 19 3.32 -15.99 -5.08
C GLU A 19 3.79 -14.84 -5.99
N GLU A 20 3.04 -13.75 -5.97
CA GLU A 20 3.37 -12.59 -6.79
C GLU A 20 4.66 -11.94 -6.32
N LEU A 21 4.63 -11.36 -5.12
CA LEU A 21 5.81 -10.71 -4.56
C LEU A 21 7.03 -11.61 -4.65
N GLU A 22 6.84 -12.90 -4.40
CA GLU A 22 7.93 -13.86 -4.48
C GLU A 22 8.65 -13.78 -5.82
N ARG A 23 7.87 -13.71 -6.89
CA ARG A 23 8.43 -13.63 -8.24
C ARG A 23 8.81 -12.20 -8.58
N ASP A 24 8.14 -11.24 -7.95
CA ASP A 24 8.41 -9.83 -8.19
C ASP A 24 9.24 -9.24 -7.05
N LYS A 25 10.00 -10.08 -6.37
CA LYS A 25 10.83 -9.65 -5.26
C LYS A 25 11.67 -8.45 -5.66
N ARG A 26 12.56 -8.64 -6.63
CA ARG A 26 13.43 -7.58 -7.11
C ARG A 26 12.66 -6.28 -7.26
N VAL A 27 11.53 -6.35 -7.94
CA VAL A 27 10.69 -5.17 -8.16
C VAL A 27 9.99 -4.75 -6.88
N THR A 28 9.78 -3.44 -6.72
CA THR A 28 9.12 -2.91 -5.53
C THR A 28 7.60 -2.89 -5.71
N TRP A 29 6.90 -3.47 -4.74
CA TRP A 29 5.44 -3.51 -4.78
C TRP A 29 4.84 -2.86 -3.54
N ILE A 30 4.00 -1.85 -3.76
CA ILE A 30 3.36 -1.14 -2.67
C ILE A 30 1.89 -1.54 -2.54
N VAL A 31 1.59 -2.37 -1.53
CA VAL A 31 0.23 -2.82 -1.30
C VAL A 31 -0.43 -2.04 -0.17
N GLU A 32 -1.72 -1.74 -0.32
CA GLU A 32 -2.45 -1.01 0.69
C GLU A 32 -3.53 -1.88 1.32
N PHE A 33 -3.46 -2.06 2.64
CA PHE A 33 -4.42 -2.88 3.35
C PHE A 33 -5.53 -2.01 3.94
N PHE A 34 -6.70 -2.04 3.31
CA PHE A 34 -7.83 -1.25 3.77
C PHE A 34 -9.06 -2.14 3.99
N ALA A 35 -10.04 -1.61 4.70
CA ALA A 35 -11.27 -2.36 4.97
C ALA A 35 -12.48 -1.67 4.34
N ASN A 36 -13.40 -2.48 3.82
CA ASN A 36 -14.60 -1.94 3.18
C ASN A 36 -15.38 -1.06 4.14
N TRP A 37 -15.41 -1.46 5.42
CA TRP A 37 -16.12 -0.71 6.44
C TRP A 37 -15.23 0.36 7.04
N SER A 38 -14.22 0.78 6.29
CA SER A 38 -13.29 1.80 6.76
C SER A 38 -13.48 3.11 5.99
N ASN A 39 -13.68 4.20 6.73
CA ASN A 39 -13.88 5.51 6.12
C ASN A 39 -12.55 6.15 5.76
N ASP A 40 -11.57 6.02 6.65
CA ASP A 40 -10.25 6.59 6.44
C ASP A 40 -9.75 6.29 5.03
N CYS A 41 -10.11 5.11 4.52
CA CYS A 41 -9.69 4.69 3.19
C CYS A 41 -10.35 5.57 2.12
N GLN A 42 -11.65 5.80 2.27
CA GLN A 42 -12.40 6.62 1.33
C GLN A 42 -11.66 7.93 1.04
N SER A 43 -11.17 8.56 2.10
CA SER A 43 -10.45 9.82 1.97
C SER A 43 -9.18 9.63 1.16
N PHE A 44 -8.55 8.47 1.30
CA PHE A 44 -7.32 8.17 0.58
C PHE A 44 -7.59 7.20 -0.56
N ALA A 45 -8.86 7.00 -0.89
CA ALA A 45 -9.24 6.11 -1.97
C ALA A 45 -8.76 6.63 -3.32
N PRO A 46 -9.21 7.84 -3.68
CA PRO A 46 -8.84 8.47 -4.94
C PRO A 46 -7.37 8.90 -4.97
N ILE A 47 -6.86 9.32 -3.82
CA ILE A 47 -5.47 9.75 -3.71
C ILE A 47 -4.52 8.62 -4.09
N TYR A 48 -4.90 7.40 -3.75
CA TYR A 48 -4.08 6.24 -4.05
C TYR A 48 -4.01 5.99 -5.56
N ALA A 49 -5.14 6.12 -6.22
CA ALA A 49 -5.22 5.92 -7.66
C ALA A 49 -4.30 6.89 -8.40
N ASP A 50 -4.29 8.13 -7.96
CA ASP A 50 -3.45 9.16 -8.57
C ASP A 50 -1.97 8.80 -8.45
N LEU A 51 -1.55 8.44 -7.24
CA LEU A 51 -0.16 8.07 -7.00
C LEU A 51 0.26 6.92 -7.89
N SER A 52 -0.53 5.85 -7.89
CA SER A 52 -0.24 4.67 -8.70
C SER A 52 0.01 5.06 -10.14
N LEU A 53 -1.00 5.64 -10.79
CA LEU A 53 -0.89 6.06 -12.18
C LEU A 53 0.42 6.80 -12.42
N LYS A 54 0.73 7.75 -11.54
CA LYS A 54 1.95 8.54 -11.64
C LYS A 54 3.18 7.63 -11.63
N TYR A 55 3.32 6.85 -10.57
CA TYR A 55 4.45 5.94 -10.44
C TYR A 55 4.20 4.63 -11.19
N ASN A 56 3.22 4.66 -12.09
CA ASN A 56 2.87 3.48 -12.88
C ASN A 56 3.34 3.63 -14.32
N CYS A 57 4.66 3.66 -14.50
CA CYS A 57 5.24 3.80 -15.83
C CYS A 57 6.32 2.75 -16.07
N THR A 58 7.38 2.81 -15.29
CA THR A 58 8.49 1.86 -15.41
C THR A 58 8.08 0.48 -14.90
N GLY A 59 8.03 0.34 -13.57
CA GLY A 59 7.66 -0.93 -12.98
C GLY A 59 6.81 -0.76 -11.73
N LEU A 60 7.21 0.16 -10.87
CA LEU A 60 6.49 0.41 -9.64
C LEU A 60 4.98 0.31 -9.86
N ASN A 61 4.36 -0.69 -9.22
CA ASN A 61 2.92 -0.89 -9.35
C ASN A 61 2.22 -0.67 -8.02
N PHE A 62 0.90 -0.58 -8.06
CA PHE A 62 0.10 -0.37 -6.85
C PHE A 62 -1.02 -1.39 -6.74
N GLY A 63 -1.07 -2.09 -5.61
CA GLY A 63 -2.10 -3.10 -5.41
C GLY A 63 -2.90 -2.85 -4.15
N LYS A 64 -4.17 -3.26 -4.16
CA LYS A 64 -5.04 -3.08 -3.01
C LYS A 64 -5.58 -4.43 -2.52
N VAL A 65 -5.56 -4.62 -1.22
CA VAL A 65 -6.05 -5.87 -0.62
C VAL A 65 -6.99 -5.58 0.54
N ASP A 66 -8.28 -5.82 0.34
CA ASP A 66 -9.27 -5.60 1.37
C ASP A 66 -9.10 -6.58 2.52
N VAL A 67 -8.40 -6.15 3.56
CA VAL A 67 -8.16 -7.00 4.73
C VAL A 67 -9.43 -7.14 5.57
N GLY A 68 -10.25 -6.10 5.57
CA GLY A 68 -11.49 -6.13 6.34
C GLY A 68 -12.24 -7.43 6.18
N ARG A 69 -12.20 -8.00 4.98
CA ARG A 69 -12.89 -9.25 4.70
C ARG A 69 -11.94 -10.44 4.85
N TYR A 70 -10.71 -10.26 4.39
CA TYR A 70 -9.71 -11.32 4.47
C TYR A 70 -8.90 -11.20 5.75
N THR A 71 -9.45 -11.73 6.85
CA THR A 71 -8.78 -11.68 8.14
C THR A 71 -7.47 -12.45 8.11
N ASP A 72 -7.48 -13.60 7.45
CA ASP A 72 -6.29 -14.44 7.35
C ASP A 72 -5.08 -13.60 6.95
N VAL A 73 -5.29 -12.65 6.04
CA VAL A 73 -4.22 -11.78 5.58
C VAL A 73 -3.79 -10.80 6.66
N SER A 74 -4.71 -9.92 7.05
CA SER A 74 -4.42 -8.93 8.08
C SER A 74 -3.47 -9.49 9.14
N THR A 75 -3.96 -10.47 9.91
CA THR A 75 -3.16 -11.09 10.95
C THR A 75 -1.79 -11.48 10.42
N ARG A 76 -1.74 -11.97 9.19
CA ARG A 76 -0.49 -12.39 8.57
C ARG A 76 0.45 -11.21 8.42
N TYR A 77 -0.12 -10.02 8.24
CA TYR A 77 0.67 -8.80 8.06
C TYR A 77 0.59 -7.92 9.31
N LYS A 78 0.47 -8.56 10.47
CA LYS A 78 0.38 -7.83 11.73
C LYS A 78 -0.66 -6.73 11.65
N VAL A 79 -1.76 -7.00 10.96
CA VAL A 79 -2.83 -6.02 10.81
C VAL A 79 -4.13 -6.52 11.44
N SER A 80 -4.99 -5.59 11.82
CA SER A 80 -6.27 -5.94 12.44
C SER A 80 -7.44 -5.54 11.54
N THR A 81 -8.53 -6.29 11.64
CA THR A 81 -9.71 -6.03 10.83
C THR A 81 -10.87 -5.54 11.70
N SER A 82 -10.55 -4.71 12.69
CA SER A 82 -11.57 -4.18 13.60
C SER A 82 -11.77 -2.68 13.37
N PRO A 83 -13.02 -2.23 13.45
CA PRO A 83 -13.38 -0.82 13.27
C PRO A 83 -12.88 0.06 14.41
N LEU A 84 -12.15 -0.54 15.34
CA LEU A 84 -11.62 0.19 16.48
C LEU A 84 -10.12 0.45 16.32
N THR A 85 -9.37 -0.60 16.01
CA THR A 85 -7.93 -0.50 15.82
C THR A 85 -7.59 0.68 14.92
N LYS A 86 -6.37 1.20 15.07
CA LYS A 86 -5.91 2.33 14.26
C LYS A 86 -4.94 1.87 13.19
N GLN A 87 -5.16 0.67 12.67
CA GLN A 87 -4.31 0.12 11.63
C GLN A 87 -5.06 0.00 10.30
N LEU A 88 -5.91 0.98 10.02
CA LEU A 88 -6.69 0.99 8.78
C LEU A 88 -7.06 2.41 8.39
N PRO A 89 -6.70 2.78 7.15
CA PRO A 89 -6.00 1.89 6.22
C PRO A 89 -4.56 1.63 6.66
N THR A 90 -3.79 0.98 5.79
CA THR A 90 -2.40 0.67 6.09
C THR A 90 -1.57 0.59 4.81
N LEU A 91 -0.34 1.07 4.88
CA LEU A 91 0.56 1.05 3.73
C LEU A 91 1.87 0.36 4.08
N ILE A 92 2.34 -0.51 3.18
CA ILE A 92 3.58 -1.23 3.39
C ILE A 92 4.38 -1.34 2.10
N LEU A 93 5.63 -0.88 2.14
CA LEU A 93 6.50 -0.93 0.97
C LEU A 93 7.36 -2.19 0.99
N PHE A 94 7.34 -2.93 -0.13
CA PHE A 94 8.12 -4.15 -0.24
C PHE A 94 9.29 -3.97 -1.20
N GLN A 95 10.50 -4.00 -0.65
CA GLN A 95 11.70 -3.83 -1.45
C GLN A 95 12.65 -5.02 -1.26
N GLY A 96 12.42 -6.08 -2.02
CA GLY A 96 13.26 -7.26 -1.92
C GLY A 96 12.74 -8.26 -0.91
N GLY A 97 11.44 -8.53 -0.96
CA GLY A 97 10.85 -9.48 -0.03
C GLY A 97 11.14 -9.13 1.41
N LYS A 98 11.11 -7.84 1.72
CA LYS A 98 11.37 -7.38 3.08
C LYS A 98 10.63 -6.08 3.38
N GLU A 99 9.88 -6.07 4.47
CA GLU A 99 9.11 -4.89 4.86
C GLU A 99 10.05 -3.72 5.20
N ALA A 100 10.43 -2.96 4.18
CA ALA A 100 11.32 -1.82 4.38
C ALA A 100 10.70 -0.79 5.33
N MET A 101 9.40 -0.54 5.15
CA MET A 101 8.70 0.42 5.99
C MET A 101 7.19 0.24 5.87
N ARG A 102 6.45 0.94 6.72
CA ARG A 102 4.98 0.85 6.71
C ARG A 102 4.36 2.04 7.42
N ARG A 103 3.26 2.55 6.87
CA ARG A 103 2.57 3.69 7.46
C ARG A 103 1.11 3.35 7.78
N PRO A 104 0.65 3.77 8.96
CA PRO A 104 1.47 4.53 9.90
C PRO A 104 2.56 3.67 10.54
N GLN A 105 3.50 4.32 11.21
CA GLN A 105 4.60 3.61 11.86
C GLN A 105 4.17 3.09 13.23
N ILE A 106 4.74 1.96 13.62
CA ILE A 106 4.42 1.35 14.91
C ILE A 106 5.34 1.87 16.01
N ASP A 107 4.77 2.16 17.16
CA ASP A 107 5.54 2.67 18.30
C ASP A 107 5.98 1.52 19.21
N LYS A 108 6.82 1.84 20.18
CA LYS A 108 7.31 0.84 21.13
C LYS A 108 6.17 -0.03 21.63
N LYS A 109 5.12 0.61 22.11
CA LYS A 109 3.96 -0.11 22.63
C LYS A 109 3.04 -0.56 21.50
N GLY A 110 3.64 -1.02 20.41
CA GLY A 110 2.86 -1.48 19.27
C GLY A 110 1.65 -0.60 19.00
N ARG A 111 1.86 0.72 19.04
CA ARG A 111 0.79 1.66 18.80
C ARG A 111 0.99 2.39 17.47
N ALA A 112 -0.08 2.49 16.69
CA ALA A 112 -0.02 3.16 15.39
C ALA A 112 0.11 4.67 15.57
N VAL A 113 1.28 5.20 15.20
CA VAL A 113 1.54 6.63 15.32
C VAL A 113 0.64 7.42 14.37
N SER A 114 -0.29 8.19 14.93
CA SER A 114 -1.21 8.99 14.14
C SER A 114 -0.48 9.60 12.94
N TRP A 115 -0.66 8.99 11.78
CA TRP A 115 -0.02 9.48 10.55
C TRP A 115 -1.08 9.85 9.52
N THR A 116 -1.04 11.11 9.06
CA THR A 116 -1.98 11.60 8.07
C THR A 116 -1.76 10.92 6.72
N PHE A 117 -2.79 10.26 6.22
CA PHE A 117 -2.71 9.57 4.93
C PHE A 117 -2.88 10.55 3.78
N SER A 118 -1.76 11.10 3.31
CA SER A 118 -1.79 12.06 2.21
C SER A 118 -0.61 11.84 1.27
N GLU A 119 -0.73 12.35 0.05
CA GLU A 119 0.32 12.21 -0.95
C GLU A 119 1.65 12.76 -0.43
N GLU A 120 1.68 14.06 -0.18
CA GLU A 120 2.88 14.71 0.32
C GLU A 120 3.59 13.84 1.36
N ASN A 121 2.87 13.50 2.42
CA ASN A 121 3.43 12.67 3.48
C ASN A 121 4.00 11.39 2.92
N VAL A 122 3.17 10.63 2.21
CA VAL A 122 3.60 9.37 1.62
C VAL A 122 4.85 9.56 0.77
N ILE A 123 4.72 10.32 -0.31
CA ILE A 123 5.85 10.59 -1.19
C ILE A 123 7.08 11.02 -0.40
N ARG A 124 6.86 11.58 0.78
CA ARG A 124 7.95 12.03 1.64
C ARG A 124 8.59 10.86 2.37
N GLU A 125 7.79 10.17 3.18
CA GLU A 125 8.29 9.03 3.95
C GLU A 125 8.74 7.91 3.02
N PHE A 126 7.84 7.49 2.13
CA PHE A 126 8.16 6.42 1.18
C PHE A 126 9.23 6.86 0.20
N ASN A 127 9.35 8.18 0.02
CA ASN A 127 10.34 8.72 -0.90
C ASN A 127 10.23 8.09 -2.28
N LEU A 128 9.01 8.01 -2.78
CA LEU A 128 8.76 7.42 -4.10
C LEU A 128 9.51 8.18 -5.19
N ASN A 129 9.40 9.50 -5.17
CA ASN A 129 10.07 10.34 -6.16
C ASN A 129 11.48 9.83 -6.44
N GLU A 130 12.22 9.53 -5.37
CA GLU A 130 13.58 9.03 -5.50
C GLU A 130 13.58 7.63 -6.10
N LEU A 131 12.73 6.76 -5.58
CA LEU A 131 12.63 5.39 -6.07
C LEU A 131 12.53 5.36 -7.59
N SER A 132 11.55 6.09 -8.13
CA SER A 132 11.34 6.14 -9.57
C SER A 132 12.34 7.09 -10.24
N GLY A 133 12.26 7.19 -11.56
CA GLY A 133 13.17 8.05 -12.29
C GLY A 133 12.71 9.51 -12.27
N PRO A 134 13.36 10.34 -13.11
CA PRO A 134 13.03 11.76 -13.20
C PRO A 134 11.67 12.00 -13.85
N SER A 135 11.15 13.21 -13.69
CA SER A 135 9.85 13.58 -14.27
C SER A 135 9.80 13.20 -15.75
N SER A 136 8.62 12.81 -16.20
CA SER A 136 8.43 12.43 -17.59
C SER A 136 8.40 13.67 -18.50
N GLY A 137 8.69 13.46 -19.78
CA GLY A 137 8.70 14.55 -20.72
C GLY A 137 9.41 14.20 -22.01
N GLY A 1 -7.07 -5.71 -22.20
CA GLY A 1 -7.69 -4.64 -22.97
C GLY A 1 -7.63 -3.31 -22.26
N SER A 2 -8.22 -2.29 -22.86
CA SER A 2 -8.24 -0.95 -22.28
C SER A 2 -9.51 -0.71 -21.49
N SER A 3 -9.92 -1.72 -20.72
CA SER A 3 -11.14 -1.62 -19.92
C SER A 3 -10.94 -0.64 -18.77
N GLY A 4 -11.74 0.44 -18.79
CA GLY A 4 -11.64 1.44 -17.75
C GLY A 4 -11.19 2.80 -18.28
N SER A 5 -11.55 3.86 -17.58
CA SER A 5 -11.17 5.21 -17.98
C SER A 5 -9.84 5.61 -17.37
N SER A 6 -9.73 5.45 -16.06
CA SER A 6 -8.51 5.81 -15.35
C SER A 6 -8.57 5.38 -13.89
N GLY A 7 -7.44 5.42 -13.20
CA GLY A 7 -7.39 5.02 -11.81
C GLY A 7 -7.63 3.54 -11.61
N TYR A 8 -6.62 2.74 -11.91
CA TYR A 8 -6.72 1.29 -11.77
C TYR A 8 -5.60 0.75 -10.89
N ILE A 9 -5.93 -0.23 -10.06
CA ILE A 9 -4.95 -0.84 -9.17
C ILE A 9 -4.93 -2.35 -9.32
N LYS A 10 -3.75 -2.95 -9.15
CA LYS A 10 -3.60 -4.40 -9.27
C LYS A 10 -4.01 -5.10 -7.98
N TYR A 11 -5.16 -5.75 -8.00
CA TYR A 11 -5.66 -6.46 -6.82
C TYR A 11 -4.81 -7.68 -6.53
N PHE A 12 -4.98 -8.25 -5.33
CA PHE A 12 -4.23 -9.43 -4.92
C PHE A 12 -5.04 -10.29 -3.96
N ASN A 13 -4.60 -11.51 -3.76
CA ASN A 13 -5.29 -12.44 -2.86
C ASN A 13 -4.46 -12.68 -1.60
N ASP A 14 -4.99 -13.51 -0.71
CA ASP A 14 -4.30 -13.83 0.55
C ASP A 14 -3.05 -14.65 0.28
N LYS A 15 -3.05 -15.40 -0.81
CA LYS A 15 -1.91 -16.23 -1.18
C LYS A 15 -1.11 -15.59 -2.31
N THR A 16 -1.78 -15.35 -3.44
CA THR A 16 -1.13 -14.73 -4.59
C THR A 16 -0.27 -13.55 -4.17
N ILE A 17 -0.84 -12.67 -3.36
CA ILE A 17 -0.12 -11.49 -2.88
C ILE A 17 1.33 -11.81 -2.59
N ASP A 18 1.59 -13.06 -2.21
CA ASP A 18 2.95 -13.50 -1.91
C ASP A 18 3.72 -13.81 -3.19
N GLU A 19 3.30 -14.86 -3.88
CA GLU A 19 3.96 -15.27 -5.12
C GLU A 19 4.36 -14.04 -5.96
N GLU A 20 3.48 -13.04 -5.98
CA GLU A 20 3.74 -11.82 -6.73
C GLU A 20 4.98 -11.11 -6.20
N LEU A 21 5.03 -10.92 -4.89
CA LEU A 21 6.16 -10.25 -4.26
C LEU A 21 7.42 -11.13 -4.31
N GLU A 22 7.21 -12.44 -4.37
CA GLU A 22 8.32 -13.38 -4.43
C GLU A 22 8.97 -13.38 -5.80
N ARG A 23 8.18 -13.08 -6.82
CA ARG A 23 8.67 -13.04 -8.20
C ARG A 23 9.14 -11.64 -8.57
N ASP A 24 8.54 -10.63 -7.94
CA ASP A 24 8.89 -9.24 -8.20
C ASP A 24 9.71 -8.67 -7.06
N LYS A 25 10.22 -9.55 -6.20
CA LYS A 25 11.02 -9.13 -5.06
C LYS A 25 11.86 -7.89 -5.40
N ARG A 26 12.86 -8.08 -6.25
CA ARG A 26 13.72 -6.98 -6.67
C ARG A 26 12.93 -5.70 -6.88
N VAL A 27 11.79 -5.82 -7.57
CA VAL A 27 10.94 -4.67 -7.83
C VAL A 27 10.13 -4.29 -6.60
N THR A 28 10.10 -2.99 -6.29
CA THR A 28 9.37 -2.50 -5.14
C THR A 28 7.86 -2.56 -5.38
N TRP A 29 7.13 -2.95 -4.35
CA TRP A 29 5.67 -3.07 -4.44
C TRP A 29 5.00 -2.38 -3.24
N ILE A 30 3.99 -1.59 -3.52
CA ILE A 30 3.26 -0.88 -2.47
C ILE A 30 1.79 -1.28 -2.46
N VAL A 31 1.41 -2.11 -1.48
CA VAL A 31 0.03 -2.56 -1.36
C VAL A 31 -0.70 -1.79 -0.27
N GLU A 32 -1.94 -1.41 -0.55
CA GLU A 32 -2.76 -0.66 0.40
C GLU A 32 -3.77 -1.57 1.08
N PHE A 33 -3.72 -1.65 2.40
CA PHE A 33 -4.63 -2.49 3.16
C PHE A 33 -5.79 -1.66 3.71
N PHE A 34 -6.99 -1.96 3.23
CA PHE A 34 -8.19 -1.25 3.67
C PHE A 34 -9.31 -2.23 4.00
N ALA A 35 -10.32 -1.73 4.70
CA ALA A 35 -11.46 -2.56 5.10
C ALA A 35 -12.77 -1.97 4.57
N ASN A 36 -13.76 -2.84 4.37
CA ASN A 36 -15.05 -2.42 3.85
C ASN A 36 -15.77 -1.54 4.88
N TRP A 37 -15.49 -1.76 6.15
CA TRP A 37 -16.11 -0.99 7.22
C TRP A 37 -15.17 0.13 7.69
N SER A 38 -14.13 0.38 6.92
CA SER A 38 -13.17 1.42 7.25
C SER A 38 -13.36 2.65 6.37
N ASN A 39 -14.26 3.53 6.79
CA ASN A 39 -14.55 4.74 6.03
C ASN A 39 -13.27 5.54 5.77
N ASP A 40 -12.36 5.52 6.75
CA ASP A 40 -11.10 6.23 6.62
C ASP A 40 -10.49 6.03 5.23
N CYS A 41 -10.64 4.83 4.68
CA CYS A 41 -10.12 4.51 3.36
C CYS A 41 -10.66 5.48 2.32
N GLN A 42 -11.94 5.82 2.45
CA GLN A 42 -12.59 6.73 1.51
C GLN A 42 -11.77 8.00 1.33
N SER A 43 -10.98 8.34 2.35
CA SER A 43 -10.15 9.53 2.32
C SER A 43 -8.98 9.35 1.36
N PHE A 44 -8.24 8.26 1.54
CA PHE A 44 -7.09 7.97 0.68
C PHE A 44 -7.52 7.18 -0.55
N ALA A 45 -8.83 7.11 -0.78
CA ALA A 45 -9.37 6.39 -1.93
C ALA A 45 -8.84 6.96 -3.24
N PRO A 46 -9.14 8.25 -3.48
CA PRO A 46 -8.70 8.95 -4.70
C PRO A 46 -7.20 9.19 -4.71
N ILE A 47 -6.66 9.69 -3.60
CA ILE A 47 -5.24 9.97 -3.49
C ILE A 47 -4.41 8.76 -3.95
N TYR A 48 -4.68 7.61 -3.37
CA TYR A 48 -3.96 6.39 -3.71
C TYR A 48 -4.07 6.10 -5.21
N ALA A 49 -5.23 6.40 -5.78
CA ALA A 49 -5.47 6.17 -7.20
C ALA A 49 -4.59 7.08 -8.05
N ASP A 50 -4.59 8.37 -7.75
CA ASP A 50 -3.80 9.35 -8.48
C ASP A 50 -2.32 8.98 -8.43
N LEU A 51 -1.84 8.68 -7.22
CA LEU A 51 -0.44 8.32 -7.03
C LEU A 51 -0.07 7.11 -7.88
N SER A 52 -0.82 6.04 -7.74
CA SER A 52 -0.58 4.81 -8.49
C SER A 52 -0.47 5.10 -9.99
N LEU A 53 -1.46 5.83 -10.51
CA LEU A 53 -1.47 6.18 -11.93
C LEU A 53 -0.19 6.92 -12.32
N LYS A 54 0.12 7.97 -11.59
CA LYS A 54 1.32 8.76 -11.86
C LYS A 54 2.57 7.89 -11.78
N TYR A 55 2.58 6.96 -10.85
CA TYR A 55 3.72 6.06 -10.66
C TYR A 55 3.47 4.72 -11.36
N ASN A 56 2.49 4.71 -12.25
CA ASN A 56 2.16 3.49 -12.99
C ASN A 56 3.08 3.31 -14.19
N CYS A 57 4.37 3.56 -13.99
CA CYS A 57 5.35 3.43 -15.06
C CYS A 57 6.27 2.24 -14.80
N THR A 58 6.96 1.79 -15.85
CA THR A 58 7.88 0.67 -15.74
C THR A 58 8.87 0.86 -14.60
N GLY A 59 8.71 0.07 -13.54
CA GLY A 59 9.61 0.17 -12.40
C GLY A 59 8.88 0.00 -11.08
N LEU A 60 7.87 0.83 -10.85
CA LEU A 60 7.10 0.77 -9.61
C LEU A 60 5.67 0.30 -9.90
N ASN A 61 5.11 -0.45 -8.95
CA ASN A 61 3.75 -0.96 -9.10
C ASN A 61 2.90 -0.61 -7.87
N PHE A 62 1.60 -0.85 -7.97
CA PHE A 62 0.69 -0.57 -6.87
C PHE A 62 -0.33 -1.69 -6.70
N GLY A 63 -0.60 -2.05 -5.44
CA GLY A 63 -1.56 -3.10 -5.17
C GLY A 63 -2.56 -2.73 -4.10
N LYS A 64 -3.67 -3.44 -4.04
CA LYS A 64 -4.71 -3.17 -3.06
C LYS A 64 -5.38 -4.47 -2.61
N VAL A 65 -5.40 -4.68 -1.30
CA VAL A 65 -6.02 -5.89 -0.73
C VAL A 65 -6.91 -5.55 0.45
N ASP A 66 -8.18 -5.94 0.37
CA ASP A 66 -9.12 -5.67 1.45
C ASP A 66 -8.91 -6.63 2.61
N VAL A 67 -8.57 -6.08 3.77
CA VAL A 67 -8.33 -6.89 4.95
C VAL A 67 -9.58 -6.95 5.83
N GLY A 68 -10.36 -5.88 5.82
CA GLY A 68 -11.57 -5.84 6.62
C GLY A 68 -12.40 -7.09 6.47
N ARG A 69 -12.20 -7.80 5.37
CA ARG A 69 -12.94 -9.04 5.11
C ARG A 69 -12.05 -10.26 5.25
N TYR A 70 -10.83 -10.16 4.71
CA TYR A 70 -9.88 -11.26 4.78
C TYR A 70 -9.21 -11.33 6.15
N THR A 71 -9.66 -12.27 6.97
CA THR A 71 -9.12 -12.45 8.31
C THR A 71 -7.73 -13.10 8.26
N ASP A 72 -7.52 -13.96 7.28
CA ASP A 72 -6.24 -14.63 7.12
C ASP A 72 -5.13 -13.64 6.83
N VAL A 73 -5.44 -12.63 6.03
CA VAL A 73 -4.46 -11.60 5.68
C VAL A 73 -4.23 -10.64 6.82
N SER A 74 -5.32 -10.08 7.35
CA SER A 74 -5.25 -9.13 8.46
C SER A 74 -4.38 -9.69 9.58
N THR A 75 -4.29 -11.01 9.65
CA THR A 75 -3.50 -11.67 10.68
C THR A 75 -2.10 -11.98 10.18
N ARG A 76 -1.99 -12.30 8.89
CA ARG A 76 -0.70 -12.62 8.29
C ARG A 76 0.21 -11.40 8.27
N TYR A 77 -0.40 -10.22 8.16
CA TYR A 77 0.36 -8.97 8.11
C TYR A 77 0.35 -8.29 9.48
N LYS A 78 -0.29 -8.93 10.45
CA LYS A 78 -0.38 -8.38 11.80
C LYS A 78 -1.19 -7.09 11.81
N VAL A 79 -2.16 -7.00 10.92
CA VAL A 79 -3.02 -5.81 10.83
C VAL A 79 -4.26 -5.97 11.70
N SER A 80 -4.47 -5.02 12.59
CA SER A 80 -5.63 -5.04 13.49
C SER A 80 -6.87 -4.53 12.77
N THR A 81 -7.94 -5.34 12.79
CA THR A 81 -9.19 -4.97 12.14
C THR A 81 -10.23 -4.53 13.17
N SER A 82 -9.81 -3.70 14.11
CA SER A 82 -10.70 -3.21 15.15
C SER A 82 -11.32 -1.87 14.76
N PRO A 83 -12.58 -1.65 15.15
CA PRO A 83 -13.30 -0.42 14.85
C PRO A 83 -12.76 0.77 15.63
N LEU A 84 -11.72 0.53 16.43
CA LEU A 84 -11.10 1.59 17.23
C LEU A 84 -9.66 1.82 16.81
N THR A 85 -8.95 0.72 16.51
CA THR A 85 -7.56 0.81 16.09
C THR A 85 -7.39 1.75 14.90
N LYS A 86 -6.17 2.21 14.68
CA LYS A 86 -5.87 3.12 13.58
C LYS A 86 -4.95 2.46 12.57
N GLN A 87 -5.11 1.16 12.37
CA GLN A 87 -4.29 0.40 11.43
C GLN A 87 -5.02 0.21 10.11
N LEU A 88 -5.88 1.17 9.76
CA LEU A 88 -6.64 1.11 8.52
C LEU A 88 -7.02 2.50 8.05
N PRO A 89 -6.61 2.83 6.81
CA PRO A 89 -5.85 1.92 5.95
C PRO A 89 -4.43 1.69 6.46
N THR A 90 -3.63 0.98 5.68
CA THR A 90 -2.25 0.70 6.04
C THR A 90 -1.37 0.52 4.81
N LEU A 91 -0.34 1.37 4.70
CA LEU A 91 0.57 1.30 3.56
C LEU A 91 1.83 0.53 3.93
N ILE A 92 2.22 -0.39 3.07
CA ILE A 92 3.42 -1.19 3.30
C ILE A 92 4.32 -1.22 2.06
N LEU A 93 5.60 -0.93 2.25
CA LEU A 93 6.56 -0.92 1.15
C LEU A 93 7.42 -2.17 1.18
N PHE A 94 7.38 -2.93 0.09
CA PHE A 94 8.17 -4.15 -0.02
C PHE A 94 9.38 -3.96 -0.94
N GLN A 95 10.56 -3.86 -0.35
CA GLN A 95 11.78 -3.67 -1.13
C GLN A 95 12.71 -4.87 -1.00
N GLY A 96 12.59 -5.81 -1.94
CA GLY A 96 13.40 -7.00 -1.92
C GLY A 96 12.79 -8.12 -1.11
N GLY A 97 11.52 -8.39 -1.36
CA GLY A 97 10.82 -9.45 -0.63
C GLY A 97 10.95 -9.29 0.87
N LYS A 98 10.99 -8.06 1.33
CA LYS A 98 11.12 -7.77 2.76
C LYS A 98 10.30 -6.54 3.15
N GLU A 99 9.85 -6.50 4.40
CA GLU A 99 9.06 -5.38 4.88
C GLU A 99 9.97 -4.26 5.40
N ALA A 100 10.14 -3.23 4.58
CA ALA A 100 10.98 -2.10 4.96
C ALA A 100 10.32 -1.25 6.04
N MET A 101 9.07 -0.85 5.79
CA MET A 101 8.33 -0.05 6.76
C MET A 101 6.83 -0.31 6.64
N ARG A 102 6.07 0.19 7.61
CA ARG A 102 4.62 0.00 7.63
C ARG A 102 3.92 1.20 8.25
N ARG A 103 3.00 1.80 7.50
CA ARG A 103 2.26 2.96 7.97
C ARG A 103 0.81 2.60 8.25
N PRO A 104 0.28 3.08 9.39
CA PRO A 104 1.06 3.90 10.33
C PRO A 104 2.15 3.10 11.04
N GLN A 105 3.26 3.77 11.34
CA GLN A 105 4.37 3.11 12.02
C GLN A 105 4.03 2.84 13.48
N ILE A 106 4.36 1.64 13.95
CA ILE A 106 4.09 1.25 15.33
C ILE A 106 5.32 1.45 16.21
N ASP A 107 5.10 1.97 17.41
CA ASP A 107 6.20 2.20 18.35
C ASP A 107 6.66 0.89 18.98
N LYS A 108 6.88 -0.11 18.14
CA LYS A 108 7.34 -1.42 18.62
C LYS A 108 6.63 -1.79 19.92
N LYS A 109 5.43 -1.26 20.12
CA LYS A 109 4.66 -1.54 21.31
C LYS A 109 3.32 -2.19 20.96
N GLY A 110 2.74 -1.76 19.83
CA GLY A 110 1.47 -2.31 19.40
C GLY A 110 0.40 -1.26 19.24
N ARG A 111 0.83 0.00 19.09
CA ARG A 111 -0.11 1.10 18.93
C ARG A 111 0.21 1.91 17.68
N ALA A 112 -0.83 2.30 16.95
CA ALA A 112 -0.66 3.08 15.72
C ALA A 112 -0.47 4.55 16.03
N VAL A 113 0.55 5.16 15.43
CA VAL A 113 0.84 6.57 15.65
C VAL A 113 0.03 7.45 14.68
N SER A 114 -0.47 8.56 15.19
CA SER A 114 -1.26 9.48 14.39
C SER A 114 -0.38 10.20 13.37
N TRP A 115 -0.32 9.63 12.17
CA TRP A 115 0.49 10.22 11.09
C TRP A 115 -0.40 10.87 10.04
N THR A 116 0.14 11.90 9.38
CA THR A 116 -0.61 12.60 8.34
C THR A 116 -0.53 11.87 7.01
N PHE A 117 -1.64 11.27 6.60
CA PHE A 117 -1.70 10.54 5.34
C PHE A 117 -1.92 11.50 4.17
N SER A 118 -0.83 12.02 3.62
CA SER A 118 -0.91 12.95 2.49
C SER A 118 0.13 12.60 1.43
N GLU A 119 -0.25 12.78 0.16
CA GLU A 119 0.64 12.48 -0.95
C GLU A 119 2.03 13.07 -0.71
N GLU A 120 2.10 14.39 -0.66
CA GLU A 120 3.37 15.08 -0.44
C GLU A 120 4.19 14.37 0.62
N ASN A 121 3.59 14.13 1.79
CA ASN A 121 4.27 13.46 2.88
C ASN A 121 4.69 12.05 2.48
N VAL A 122 3.86 11.40 1.66
CA VAL A 122 4.15 10.05 1.20
C VAL A 122 5.32 10.03 0.22
N ILE A 123 5.10 10.58 -0.96
CA ILE A 123 6.14 10.64 -1.98
C ILE A 123 7.50 10.94 -1.37
N ARG A 124 7.49 11.65 -0.24
CA ARG A 124 8.72 12.00 0.45
C ARG A 124 9.17 10.87 1.36
N GLU A 125 8.40 10.62 2.42
CA GLU A 125 8.73 9.56 3.36
C GLU A 125 9.05 8.26 2.64
N PHE A 126 8.11 7.78 1.83
CA PHE A 126 8.29 6.55 1.07
C PHE A 126 9.22 6.77 -0.12
N ASN A 127 9.61 8.02 -0.33
CA ASN A 127 10.50 8.37 -1.43
C ASN A 127 10.08 7.64 -2.71
N LEU A 128 8.80 7.72 -3.05
CA LEU A 128 8.28 7.06 -4.25
C LEU A 128 9.06 7.50 -5.48
N ASN A 129 9.24 8.81 -5.63
CA ASN A 129 9.97 9.35 -6.77
C ASN A 129 11.22 8.52 -7.07
N GLU A 130 12.05 8.34 -6.05
CA GLU A 130 13.28 7.59 -6.20
C GLU A 130 12.99 6.16 -6.67
N LEU A 131 12.14 5.46 -5.91
CA LEU A 131 11.77 4.10 -6.25
C LEU A 131 11.63 3.92 -7.76
N SER A 132 10.77 4.74 -8.36
CA SER A 132 10.55 4.67 -9.80
C SER A 132 11.66 5.37 -10.56
N GLY A 133 12.64 4.59 -11.01
CA GLY A 133 13.76 5.15 -11.74
C GLY A 133 15.02 5.26 -10.90
N PRO A 134 16.13 4.69 -11.40
CA PRO A 134 17.41 4.71 -10.69
C PRO A 134 18.02 6.12 -10.66
N SER A 135 17.62 6.95 -11.60
CA SER A 135 18.14 8.31 -11.69
C SER A 135 17.25 9.18 -12.58
N SER A 136 17.12 10.45 -12.21
CA SER A 136 16.29 11.38 -12.98
C SER A 136 17.12 12.10 -14.03
N GLY A 137 17.10 11.56 -15.25
CA GLY A 137 17.86 12.15 -16.33
C GLY A 137 18.19 11.16 -17.43
N GLY A 1 3.21 3.70 -25.63
CA GLY A 1 2.85 3.23 -24.31
C GLY A 1 1.44 2.67 -24.27
N SER A 2 0.67 3.11 -23.28
CA SER A 2 -0.71 2.64 -23.13
C SER A 2 -1.65 3.81 -22.85
N SER A 3 -2.72 3.90 -23.63
CA SER A 3 -3.69 4.97 -23.47
C SER A 3 -5.12 4.42 -23.59
N GLY A 4 -6.05 5.07 -22.91
CA GLY A 4 -7.44 4.65 -22.95
C GLY A 4 -8.06 4.56 -21.57
N SER A 5 -7.84 3.45 -20.89
CA SER A 5 -8.39 3.23 -19.55
C SER A 5 -7.55 3.97 -18.50
N SER A 6 -8.20 4.34 -17.40
CA SER A 6 -7.52 5.05 -16.33
C SER A 6 -7.82 4.41 -14.97
N GLY A 7 -7.26 4.98 -13.91
CA GLY A 7 -7.47 4.45 -12.58
C GLY A 7 -7.55 2.94 -12.56
N TYR A 8 -6.38 2.30 -12.58
CA TYR A 8 -6.32 0.84 -12.56
C TYR A 8 -5.39 0.35 -11.46
N ILE A 9 -5.92 -0.48 -10.57
CA ILE A 9 -5.15 -1.02 -9.46
C ILE A 9 -5.15 -2.55 -9.49
N LYS A 10 -4.04 -3.14 -9.08
CA LYS A 10 -3.91 -4.59 -9.04
C LYS A 10 -4.47 -5.17 -7.75
N TYR A 11 -5.36 -6.14 -7.88
CA TYR A 11 -5.97 -6.78 -6.71
C TYR A 11 -5.29 -8.11 -6.39
N PHE A 12 -4.61 -8.16 -5.26
CA PHE A 12 -3.93 -9.38 -4.83
C PHE A 12 -4.71 -10.10 -3.74
N ASN A 13 -4.69 -11.43 -3.79
CA ASN A 13 -5.40 -12.25 -2.80
C ASN A 13 -4.53 -12.50 -1.58
N ASP A 14 -5.08 -13.20 -0.60
CA ASP A 14 -4.36 -13.51 0.62
C ASP A 14 -3.15 -14.40 0.33
N LYS A 15 -3.18 -15.07 -0.83
CA LYS A 15 -2.10 -15.95 -1.22
C LYS A 15 -1.21 -15.28 -2.27
N THR A 16 -1.77 -15.04 -3.45
CA THR A 16 -1.03 -14.41 -4.54
C THR A 16 -0.23 -13.21 -4.03
N ILE A 17 -0.79 -12.49 -3.07
CA ILE A 17 -0.14 -11.33 -2.50
C ILE A 17 1.37 -11.56 -2.37
N ASP A 18 1.75 -12.79 -2.05
CA ASP A 18 3.16 -13.13 -1.91
C ASP A 18 3.75 -13.59 -3.24
N GLU A 19 3.08 -14.56 -3.87
CA GLU A 19 3.55 -15.09 -5.15
C GLU A 19 4.12 -13.97 -6.03
N GLU A 20 3.50 -12.80 -5.97
CA GLU A 20 3.96 -11.66 -6.75
C GLU A 20 5.25 -11.08 -6.17
N LEU A 21 5.18 -10.64 -4.92
CA LEU A 21 6.34 -10.07 -4.25
C LEU A 21 7.52 -11.03 -4.28
N GLU A 22 7.25 -12.29 -4.61
CA GLU A 22 8.27 -13.32 -4.66
C GLU A 22 9.01 -13.27 -6.01
N ARG A 23 8.26 -13.03 -7.07
CA ARG A 23 8.85 -12.96 -8.41
C ARG A 23 9.13 -11.52 -8.80
N ASP A 24 8.60 -10.58 -8.04
CA ASP A 24 8.79 -9.16 -8.31
C ASP A 24 9.67 -8.53 -7.23
N LYS A 25 10.52 -9.33 -6.61
CA LYS A 25 11.41 -8.85 -5.56
C LYS A 25 12.18 -7.63 -6.03
N ARG A 26 13.09 -7.82 -6.98
CA ARG A 26 13.89 -6.73 -7.51
C ARG A 26 13.03 -5.50 -7.78
N VAL A 27 11.74 -5.73 -7.98
CA VAL A 27 10.80 -4.64 -8.24
C VAL A 27 10.09 -4.21 -6.98
N THR A 28 9.89 -2.91 -6.82
CA THR A 28 9.22 -2.36 -5.64
C THR A 28 7.70 -2.52 -5.76
N TRP A 29 7.07 -2.97 -4.68
CA TRP A 29 5.62 -3.16 -4.66
C TRP A 29 5.01 -2.49 -3.44
N ILE A 30 4.00 -1.65 -3.68
CA ILE A 30 3.32 -0.96 -2.59
C ILE A 30 1.86 -1.40 -2.48
N VAL A 31 1.58 -2.20 -1.46
CA VAL A 31 0.23 -2.70 -1.23
C VAL A 31 -0.50 -1.86 -0.19
N GLU A 32 -1.81 -1.70 -0.38
CA GLU A 32 -2.61 -0.91 0.56
C GLU A 32 -3.61 -1.80 1.29
N PHE A 33 -3.64 -1.68 2.61
CA PHE A 33 -4.55 -2.48 3.43
C PHE A 33 -5.71 -1.62 3.95
N PHE A 34 -6.92 -1.95 3.52
CA PHE A 34 -8.10 -1.21 3.93
C PHE A 34 -9.24 -2.17 4.29
N ALA A 35 -10.17 -1.70 5.12
CA ALA A 35 -11.31 -2.50 5.52
C ALA A 35 -12.61 -1.96 4.95
N ASN A 36 -13.52 -2.86 4.60
CA ASN A 36 -14.81 -2.46 4.04
C ASN A 36 -15.55 -1.52 4.98
N TRP A 37 -15.37 -1.72 6.27
CA TRP A 37 -16.01 -0.89 7.28
C TRP A 37 -15.12 0.29 7.67
N SER A 38 -14.27 0.71 6.75
CA SER A 38 -13.35 1.81 7.00
C SER A 38 -13.66 2.99 6.08
N ASN A 39 -14.75 3.70 6.40
CA ASN A 39 -15.16 4.85 5.60
C ASN A 39 -14.00 5.82 5.40
N ASP A 40 -13.28 6.10 6.48
CA ASP A 40 -12.13 7.01 6.42
C ASP A 40 -11.30 6.75 5.17
N CYS A 41 -11.24 5.48 4.76
CA CYS A 41 -10.47 5.11 3.57
C CYS A 41 -10.91 5.91 2.35
N GLN A 42 -12.22 6.07 2.20
CA GLN A 42 -12.78 6.82 1.08
C GLN A 42 -11.99 8.10 0.83
N SER A 43 -11.39 8.63 1.89
CA SER A 43 -10.60 9.85 1.79
C SER A 43 -9.34 9.63 0.97
N PHE A 44 -8.69 8.49 1.18
CA PHE A 44 -7.48 8.16 0.45
C PHE A 44 -7.80 7.40 -0.84
N ALA A 45 -9.02 6.87 -0.91
CA ALA A 45 -9.46 6.14 -2.08
C ALA A 45 -8.88 6.74 -3.36
N PRO A 46 -9.22 8.01 -3.62
CA PRO A 46 -8.75 8.73 -4.81
C PRO A 46 -7.25 9.04 -4.74
N ILE A 47 -6.81 9.61 -3.63
CA ILE A 47 -5.41 9.95 -3.44
C ILE A 47 -4.50 8.81 -3.89
N TYR A 48 -4.91 7.58 -3.59
CA TYR A 48 -4.13 6.42 -3.98
C TYR A 48 -4.16 6.21 -5.48
N ALA A 49 -5.32 6.44 -6.08
CA ALA A 49 -5.49 6.27 -7.52
C ALA A 49 -4.56 7.21 -8.29
N ASP A 50 -4.50 8.46 -7.85
CA ASP A 50 -3.66 9.46 -8.50
C ASP A 50 -2.18 9.11 -8.33
N LEU A 51 -1.80 8.76 -7.10
CA LEU A 51 -0.42 8.40 -6.80
C LEU A 51 0.03 7.21 -7.64
N SER A 52 -0.83 6.20 -7.72
CA SER A 52 -0.52 4.99 -8.49
C SER A 52 -0.33 5.33 -9.96
N LEU A 53 -1.40 5.76 -10.62
CA LEU A 53 -1.34 6.11 -12.04
C LEU A 53 -0.07 6.90 -12.35
N LYS A 54 0.36 7.72 -11.39
CA LYS A 54 1.57 8.52 -11.57
C LYS A 54 2.82 7.64 -11.61
N TYR A 55 2.98 6.81 -10.59
CA TYR A 55 4.13 5.91 -10.52
C TYR A 55 3.81 4.55 -11.14
N ASN A 56 2.72 4.51 -11.92
CA ASN A 56 2.30 3.27 -12.57
C ASN A 56 2.69 3.28 -14.04
N CYS A 57 3.92 2.86 -14.33
CA CYS A 57 4.41 2.82 -15.70
C CYS A 57 5.73 2.08 -15.78
N THR A 58 5.70 0.85 -16.29
CA THR A 58 6.91 0.04 -16.42
C THR A 58 7.87 0.32 -15.28
N GLY A 59 7.39 0.19 -14.04
CA GLY A 59 8.23 0.43 -12.88
C GLY A 59 7.54 0.04 -11.59
N LEU A 60 6.96 1.03 -10.91
CA LEU A 60 6.28 0.79 -9.64
C LEU A 60 4.82 0.42 -9.89
N ASN A 61 4.36 -0.61 -9.18
CA ASN A 61 2.98 -1.06 -9.31
C ASN A 61 2.23 -0.93 -7.99
N PHE A 62 0.99 -0.46 -8.06
CA PHE A 62 0.17 -0.28 -6.87
C PHE A 62 -0.86 -1.41 -6.74
N GLY A 63 -0.92 -2.01 -5.57
CA GLY A 63 -1.86 -3.10 -5.33
C GLY A 63 -2.73 -2.86 -4.11
N LYS A 64 -3.89 -3.49 -4.09
CA LYS A 64 -4.82 -3.35 -2.98
C LYS A 64 -5.36 -4.70 -2.54
N VAL A 65 -5.64 -4.84 -1.24
CA VAL A 65 -6.16 -6.09 -0.70
C VAL A 65 -7.01 -5.83 0.54
N ASP A 66 -8.28 -6.20 0.47
CA ASP A 66 -9.20 -6.01 1.59
C ASP A 66 -8.82 -6.91 2.76
N VAL A 67 -8.73 -6.32 3.95
CA VAL A 67 -8.38 -7.06 5.15
C VAL A 67 -9.58 -7.23 6.07
N GLY A 68 -10.31 -6.13 6.28
CA GLY A 68 -11.48 -6.16 7.14
C GLY A 68 -12.33 -7.39 6.91
N ARG A 69 -12.21 -7.98 5.72
CA ARG A 69 -12.98 -9.17 5.37
C ARG A 69 -12.10 -10.41 5.35
N TYR A 70 -10.86 -10.23 4.88
CA TYR A 70 -9.91 -11.34 4.80
C TYR A 70 -9.06 -11.43 6.06
N THR A 71 -9.57 -12.13 7.07
CA THR A 71 -8.86 -12.29 8.32
C THR A 71 -7.54 -13.02 8.12
N ASP A 72 -7.36 -13.59 6.94
CA ASP A 72 -6.13 -14.32 6.61
C ASP A 72 -4.97 -13.36 6.41
N VAL A 73 -5.20 -12.31 5.63
CA VAL A 73 -4.16 -11.33 5.34
C VAL A 73 -3.80 -10.56 6.61
N SER A 74 -4.76 -9.81 7.14
CA SER A 74 -4.54 -9.02 8.35
C SER A 74 -3.63 -9.76 9.33
N THR A 75 -4.15 -10.86 9.89
CA THR A 75 -3.39 -11.66 10.83
C THR A 75 -2.00 -11.97 10.31
N ARG A 76 -1.90 -12.20 9.00
CA ARG A 76 -0.62 -12.51 8.37
C ARG A 76 0.33 -11.33 8.48
N TYR A 77 -0.17 -10.13 8.21
CA TYR A 77 0.65 -8.93 8.27
C TYR A 77 0.55 -8.28 9.65
N LYS A 78 -0.18 -8.93 10.56
CA LYS A 78 -0.35 -8.42 11.91
C LYS A 78 -1.04 -7.06 11.90
N VAL A 79 -2.12 -6.96 11.13
CA VAL A 79 -2.87 -5.72 11.03
C VAL A 79 -4.21 -5.84 11.75
N SER A 80 -4.29 -5.29 12.96
CA SER A 80 -5.52 -5.34 13.74
C SER A 80 -6.69 -4.79 12.94
N THR A 81 -7.58 -5.69 12.51
CA THR A 81 -8.74 -5.29 11.73
C THR A 81 -9.89 -4.86 12.64
N SER A 82 -9.55 -4.12 13.69
CA SER A 82 -10.55 -3.63 14.63
C SER A 82 -10.62 -2.11 14.63
N PRO A 83 -11.80 -1.58 14.96
CA PRO A 83 -12.04 -0.12 14.99
C PRO A 83 -11.30 0.55 16.13
N LEU A 84 -10.60 -0.25 16.94
CA LEU A 84 -9.84 0.27 18.07
C LEU A 84 -8.35 0.31 17.76
N THR A 85 -8.00 0.88 16.62
CA THR A 85 -6.61 0.98 16.21
C THR A 85 -6.44 1.91 15.01
N LYS A 86 -5.19 2.24 14.69
CA LYS A 86 -4.91 3.12 13.56
C LYS A 86 -4.11 2.38 12.49
N GLN A 87 -4.50 1.14 12.22
CA GLN A 87 -3.81 0.33 11.21
C GLN A 87 -4.68 0.17 9.97
N LEU A 88 -5.55 1.15 9.73
CA LEU A 88 -6.43 1.12 8.56
C LEU A 88 -6.89 2.53 8.19
N PRO A 89 -6.54 2.96 6.98
CA PRO A 89 -5.76 2.15 6.03
C PRO A 89 -4.32 1.96 6.49
N THR A 90 -3.55 1.23 5.69
CA THR A 90 -2.15 0.98 6.00
C THR A 90 -1.33 0.75 4.74
N LEU A 91 -0.13 1.33 4.70
CA LEU A 91 0.75 1.20 3.55
C LEU A 91 2.07 0.54 3.95
N ILE A 92 2.50 -0.44 3.15
CA ILE A 92 3.75 -1.13 3.42
C ILE A 92 4.62 -1.20 2.17
N LEU A 93 5.88 -0.77 2.30
CA LEU A 93 6.81 -0.78 1.19
C LEU A 93 7.67 -2.04 1.21
N PHE A 94 7.51 -2.88 0.20
CA PHE A 94 8.27 -4.12 0.10
C PHE A 94 9.32 -4.03 -1.01
N GLN A 95 10.59 -4.07 -0.61
CA GLN A 95 11.69 -3.99 -1.56
C GLN A 95 12.56 -5.24 -1.50
N GLY A 96 12.37 -6.15 -2.45
CA GLY A 96 13.15 -7.37 -2.49
C GLY A 96 12.57 -8.45 -1.58
N GLY A 97 11.26 -8.41 -1.40
CA GLY A 97 10.60 -9.39 -0.55
C GLY A 97 10.89 -9.17 0.92
N LYS A 98 11.13 -7.92 1.30
CA LYS A 98 11.41 -7.57 2.69
C LYS A 98 10.67 -6.32 3.10
N GLU A 99 10.19 -6.29 4.34
CA GLU A 99 9.46 -5.14 4.86
C GLU A 99 10.41 -3.98 5.12
N ALA A 100 10.56 -3.11 4.12
CA ALA A 100 11.44 -1.95 4.24
C ALA A 100 10.88 -0.94 5.24
N MET A 101 9.57 -0.70 5.16
CA MET A 101 8.91 0.25 6.05
C MET A 101 7.39 0.11 5.98
N ARG A 102 6.70 0.78 6.87
CA ARG A 102 5.24 0.73 6.91
C ARG A 102 4.66 1.88 7.72
N ARG A 103 3.64 2.52 7.19
CA ARG A 103 3.00 3.65 7.87
C ARG A 103 1.54 3.33 8.21
N PRO A 104 1.13 3.72 9.43
CA PRO A 104 2.01 4.42 10.38
C PRO A 104 3.10 3.51 10.93
N GLN A 105 4.09 4.12 11.59
CA GLN A 105 5.19 3.37 12.17
C GLN A 105 4.79 2.74 13.50
N ILE A 106 5.25 1.51 13.74
CA ILE A 106 4.93 0.80 14.97
C ILE A 106 6.01 1.03 16.02
N ASP A 107 5.58 1.22 17.27
CA ASP A 107 6.51 1.44 18.37
C ASP A 107 6.88 0.12 19.04
N LYS A 108 7.80 0.19 20.00
CA LYS A 108 8.23 -1.00 20.73
C LYS A 108 7.04 -1.73 21.35
N LYS A 109 6.09 -0.96 21.87
CA LYS A 109 4.90 -1.52 22.50
C LYS A 109 3.84 -1.85 21.45
N GLY A 110 4.29 -2.09 20.21
CA GLY A 110 3.36 -2.41 19.15
C GLY A 110 2.21 -1.44 19.05
N ARG A 111 2.53 -0.14 19.05
CA ARG A 111 1.52 0.90 18.97
C ARG A 111 1.64 1.69 17.67
N ALA A 112 0.51 1.98 17.04
CA ALA A 112 0.50 2.73 15.80
C ALA A 112 0.57 4.23 16.06
N VAL A 113 1.66 4.85 15.62
CA VAL A 113 1.86 6.28 15.81
C VAL A 113 0.93 7.09 14.89
N SER A 114 0.29 8.10 15.46
CA SER A 114 -0.63 8.95 14.70
C SER A 114 0.08 9.60 13.52
N TRP A 115 -0.03 8.96 12.35
CA TRP A 115 0.60 9.48 11.14
C TRP A 115 -0.45 9.99 10.17
N THR A 116 -0.11 11.07 9.46
CA THR A 116 -1.02 11.67 8.49
C THR A 116 -0.86 11.03 7.12
N PHE A 117 -1.97 10.74 6.46
CA PHE A 117 -1.95 10.13 5.14
C PHE A 117 -2.22 11.16 4.06
N SER A 118 -1.18 11.84 3.60
CA SER A 118 -1.31 12.86 2.57
C SER A 118 -0.64 12.40 1.27
N GLU A 119 -0.61 13.30 0.28
CA GLU A 119 -0.01 12.99 -1.01
C GLU A 119 1.51 13.20 -0.96
N GLU A 120 1.95 14.07 -0.06
CA GLU A 120 3.37 14.35 0.08
C GLU A 120 3.99 13.46 1.16
N ASN A 121 3.51 13.62 2.39
CA ASN A 121 4.02 12.83 3.50
C ASN A 121 4.39 11.42 3.05
N VAL A 122 3.63 10.88 2.11
CA VAL A 122 3.87 9.54 1.60
C VAL A 122 5.08 9.53 0.67
N ILE A 123 4.94 10.17 -0.49
CA ILE A 123 6.03 10.23 -1.47
C ILE A 123 7.35 10.61 -0.80
N ARG A 124 7.25 11.28 0.35
CA ARG A 124 8.44 11.70 1.08
C ARG A 124 9.04 10.52 1.86
N GLU A 125 8.28 10.00 2.81
CA GLU A 125 8.74 8.88 3.63
C GLU A 125 9.01 7.66 2.76
N PHE A 126 7.98 7.22 2.03
CA PHE A 126 8.11 6.06 1.15
C PHE A 126 9.14 6.31 0.05
N ASN A 127 9.48 7.58 -0.15
CA ASN A 127 10.45 7.95 -1.17
C ASN A 127 10.16 7.21 -2.48
N LEU A 128 8.89 7.15 -2.85
CA LEU A 128 8.49 6.49 -4.08
C LEU A 128 9.33 6.96 -5.27
N ASN A 129 9.55 8.28 -5.32
CA ASN A 129 10.34 8.86 -6.41
C ASN A 129 11.59 8.04 -6.67
N GLU A 130 12.27 7.63 -5.61
CA GLU A 130 13.48 6.83 -5.73
C GLU A 130 13.16 5.43 -6.24
N LEU A 131 12.24 4.77 -5.57
CA LEU A 131 11.84 3.41 -5.96
C LEU A 131 11.55 3.34 -7.45
N SER A 132 10.57 4.12 -7.90
CA SER A 132 10.20 4.14 -9.30
C SER A 132 11.20 4.94 -10.13
N GLY A 133 10.99 4.96 -11.44
CA GLY A 133 11.89 5.70 -12.32
C GLY A 133 11.67 7.20 -12.25
N PRO A 134 12.76 7.96 -12.40
CA PRO A 134 12.71 9.43 -12.35
C PRO A 134 12.00 10.02 -13.56
N SER A 135 11.48 9.15 -14.43
CA SER A 135 10.78 9.60 -15.63
C SER A 135 10.01 10.89 -15.36
N SER A 136 10.23 11.89 -16.21
CA SER A 136 9.57 13.17 -16.07
C SER A 136 8.05 12.99 -15.92
N GLY A 137 7.44 12.38 -16.94
CA GLY A 137 6.01 12.16 -16.91
C GLY A 137 5.66 10.69 -16.91
#